data_7UQJ
#
_entry.id   7UQJ
#
_cell.length_a   1.00
_cell.length_b   1.00
_cell.length_c   1.00
_cell.angle_alpha   90.00
_cell.angle_beta   90.00
_cell.angle_gamma   90.00
#
_symmetry.space_group_name_H-M   'P 1'
#
loop_
_entity.id
_entity.type
_entity.pdbx_description
1 polymer 'ATPase histone chaperone YTA7'
2 polymer 'Histone H3'
3 non-polymer "ADENOSINE-5'-DIPHOSPHATE"
4 non-polymer 'PHOSPHOTHIOPHOSPHORIC ACID-ADENYLATE ESTER'
5 non-polymer 'MAGNESIUM ION'
#
loop_
_entity_poly.entity_id
_entity_poly.type
_entity_poly.pdbx_seq_one_letter_code
_entity_poly.pdbx_strand_id
1 'polypeptide(L)'
;HHHHHHHHHHTSGSMDYKDHDGDYKDHDIDYKDDDDKMARNLRNRRGSDVEDASNAKVGYETQIKDENGIIHTTTRSLRK
INYAEIEKVFDFLEDDQVMDKDETPVDVTSDEHHNNNQKGDDEDDDVDLVSPHENARTNEELTNERNLRKRKAHDPEEDD
ESFHEEDVDDDEEEEEADEFEDEYLDEDSKDNNRRRRAADRKFVVPDPDDDEEYDEDDEEGDRISHSASSKRLKRANSRR
TRSSRHPETPPPVRRALRSRTRHSRTSNEENDDENDNSRNEALTLADEIRELQEDSPIREKRFLRERTKPVNYKLPPPLT
ASNAEEFIDKNNNALSFHNPSPARRGRGGWNASQNSGPTRRLFPTGGPFGGNDVTTIFGKNTNFYNQVPSAFSDNNNNKL
ILDSDSSDDEILPLGVTPKTKKENTQKKKKKKPEIADLDPLGVDMNVNFDDIGGLDNYIDQLKEMVALPLLYPELYQNFN
ITPPRGVLFHGPPGTGKTLMARALAASCSSDERKITFFMRKGADILSKWVGEAERQLRLLFEEAKKHQPSIIFFDEIDGL
APVRSSKQEQIHASIVSTLLALMDGMDNRGQVIVIGATNRPDAVDPALRRPGRFDREFYFPLPDVKARFKILQIQTRKWS
SPLSTNFIDKLAFLTKGYGGADLRSLCTEAALISIQRSFPQIYRSNDKLLVDPSKIKVKVSDFMLALKKIVPSSARSTGS
SPQPLPELIKPLLADQLNNLKNKLDYMLNIKDTTFQRNTSLLQNFIDYEEYSGEEEEHDKYGGNEDTSSFRSYEFFESMA
ESQICKPRLLINGPKGNGQQYVGAAILNYLEEFNVQNLDLASLVSESSRTIEAAVVQSFMEAKKRQPSVVFIPNLDIWIN
TIPENVILVLSGLFRSLQSNEKILLLCLAENLDISEVKNGILSDFAFDKNIFQLHKPSKENITRYFSNLIELLKTKPSDI
PMKKRRVKPLPELQKVTSNAAPTNFDENGEPLSEKVVLRRKLKSFQHQDMRLKNVLKIKLSGLMDLFKNRYKRFRKPPID
DAFLVHLFEPETSNDPNWQPAYIKDENMILEVSTGRKFFNMDLDIVEERLWNGYYSEPKQFLKDIELIYRDANTIGDRER
VIKASEMFANAQMGIEEISTPDFIQECKATRQRDLERQELFLEDEEKRAAMELEAKEQSQENILQEPDLKDNKANEFGVA
AGNQLQAQLQTTINTASIVNNSEVPQPIDTNLYKKEIPAAIPSAVDKEKAVIPEDSGANEEYTTELIQATCTSEITTDDD
ERARKEPKENEDSLQTQVTEENFSKIDANTNNINHVKEIQSVNKPNSLHETVEKRERSPIPKEVVEPEQGKKSDKELILT
PEQIKKVSACLIEHCQNFTVSQLEDVHSSVAKIIWKSKSAWDKTGTVDEIIKFLSE
;
A,B,C,D,E,F
2 'polypeptide(L)' MARTKQTARKSTGGKAPRKQLASKA G
#
loop_
_chem_comp.id
_chem_comp.type
_chem_comp.name
_chem_comp.formula
ADP non-polymer ADENOSINE-5'-DIPHOSPHATE 'C10 H15 N5 O10 P2'
AGS non-polymer 'PHOSPHOTHIOPHOSPHORIC ACID-ADENYLATE ESTER' 'C10 H16 N5 O12 P3 S'
MG non-polymer 'MAGNESIUM ION' 'Mg 2'
#
# COMPACT_ATOMS: atom_id res chain seq x y z
N GLU A 434 -18.12 -28.63 -2.45
CA GLU A 434 -17.35 -29.55 -3.26
C GLU A 434 -16.65 -28.79 -4.38
N ILE A 435 -17.02 -27.53 -4.53
CA ILE A 435 -16.60 -26.71 -5.65
C ILE A 435 -15.42 -25.84 -5.18
N ALA A 436 -14.23 -26.30 -5.51
CA ALA A 436 -12.94 -25.69 -5.14
C ALA A 436 -11.87 -26.39 -5.95
N ASP A 437 -10.61 -26.11 -5.63
CA ASP A 437 -9.47 -26.88 -6.17
C ASP A 437 -9.18 -28.02 -5.19
N LEU A 438 -9.89 -29.14 -5.39
CA LEU A 438 -9.83 -30.29 -4.50
C LEU A 438 -9.47 -31.58 -5.23
N ASP A 439 -8.93 -31.50 -6.40
CA ASP A 439 -8.73 -32.74 -7.10
C ASP A 439 -7.37 -33.33 -6.76
N PRO A 440 -7.27 -34.64 -6.60
CA PRO A 440 -5.95 -35.27 -6.50
C PRO A 440 -5.23 -35.20 -7.84
N LEU A 441 -3.96 -34.85 -7.78
CA LEU A 441 -3.10 -34.94 -8.96
C LEU A 441 -2.82 -36.41 -9.26
N GLY A 442 -3.24 -36.87 -10.44
CA GLY A 442 -3.11 -38.27 -10.77
C GLY A 442 -1.69 -38.59 -11.19
N VAL A 443 -0.94 -39.21 -10.31
CA VAL A 443 0.47 -39.47 -10.52
C VAL A 443 0.64 -40.63 -11.49
N ASP A 444 1.82 -40.70 -12.09
CA ASP A 444 2.20 -41.83 -12.93
C ASP A 444 3.21 -42.69 -12.18
N MET A 445 3.10 -44.00 -12.36
CA MET A 445 4.01 -44.95 -11.73
C MET A 445 5.35 -45.05 -12.45
N ASN A 446 5.56 -44.26 -13.50
CA ASN A 446 6.85 -44.16 -14.17
C ASN A 446 7.76 -43.11 -13.53
N VAL A 447 7.46 -42.67 -12.32
CA VAL A 447 8.35 -41.81 -11.55
C VAL A 447 8.54 -42.45 -10.19
N ASN A 448 9.77 -42.81 -9.87
CA ASN A 448 10.10 -43.34 -8.55
C ASN A 448 11.47 -42.79 -8.17
N PHE A 449 12.04 -43.31 -7.08
CA PHE A 449 13.37 -42.89 -6.68
C PHE A 449 14.45 -43.46 -7.57
N ASP A 450 14.10 -44.44 -8.40
CA ASP A 450 15.00 -45.02 -9.37
C ASP A 450 15.17 -44.13 -10.61
N ASP A 451 14.46 -43.02 -10.68
CA ASP A 451 14.60 -42.02 -11.73
C ASP A 451 15.14 -40.70 -11.20
N ILE A 452 15.46 -40.60 -9.93
CA ILE A 452 16.05 -39.41 -9.34
C ILE A 452 17.55 -39.61 -9.25
N GLY A 453 18.29 -38.57 -9.56
CA GLY A 453 19.75 -38.61 -9.50
C GLY A 453 20.30 -37.68 -8.45
N GLY A 454 21.15 -38.20 -7.59
CA GLY A 454 22.01 -37.39 -6.75
C GLY A 454 21.45 -36.94 -5.42
N LEU A 455 20.35 -37.51 -4.95
CA LEU A 455 19.67 -37.00 -3.77
C LEU A 455 19.30 -38.12 -2.81
N ASP A 456 20.24 -39.02 -2.50
CA ASP A 456 19.87 -40.25 -1.80
C ASP A 456 19.62 -40.07 -0.31
N ASN A 457 20.22 -39.05 0.30
CA ASN A 457 19.99 -38.82 1.72
C ASN A 457 18.56 -38.37 1.98
N TYR A 458 18.02 -37.53 1.10
CA TYR A 458 16.65 -37.05 1.31
C TYR A 458 15.65 -38.14 0.99
N ILE A 459 16.00 -39.07 0.11
CA ILE A 459 15.12 -40.21 -0.14
C ILE A 459 15.09 -41.11 1.08
N ASP A 460 16.25 -41.36 1.69
CA ASP A 460 16.29 -42.20 2.88
C ASP A 460 15.61 -41.53 4.07
N GLN A 461 15.65 -40.19 4.13
CA GLN A 461 14.91 -39.48 5.16
C GLN A 461 13.42 -39.42 4.87
N LEU A 462 13.07 -39.52 3.59
CA LEU A 462 11.65 -39.52 3.20
C LEU A 462 11.01 -40.89 3.35
N LYS A 463 11.79 -41.96 3.44
CA LYS A 463 11.21 -43.27 3.66
C LYS A 463 10.65 -43.39 5.07
N GLU A 464 11.37 -42.83 6.06
CA GLU A 464 10.91 -42.90 7.43
C GLU A 464 9.78 -41.90 7.69
N MET A 465 9.56 -40.97 6.76
CA MET A 465 8.53 -39.97 6.97
C MET A 465 7.16 -40.47 6.54
N VAL A 466 7.06 -41.08 5.36
CA VAL A 466 5.77 -41.52 4.86
C VAL A 466 5.69 -43.03 4.75
N ALA A 467 6.71 -43.68 4.20
CA ALA A 467 6.59 -45.05 3.73
C ALA A 467 6.68 -46.04 4.89
N LEU A 468 7.67 -45.85 5.75
CA LEU A 468 7.84 -46.75 6.88
C LEU A 468 6.79 -46.65 7.99
N PRO A 469 6.20 -45.47 8.33
CA PRO A 469 5.04 -45.51 9.24
C PRO A 469 3.82 -46.22 8.68
N LEU A 470 3.65 -46.27 7.35
CA LEU A 470 2.59 -47.07 6.78
C LEU A 470 2.97 -48.55 6.78
N LEU A 471 4.24 -48.84 6.48
CA LEU A 471 4.67 -50.23 6.35
C LEU A 471 4.94 -50.87 7.69
N TYR A 472 5.58 -50.17 8.62
CA TYR A 472 5.85 -50.65 9.98
C TYR A 472 5.18 -49.77 11.01
N PRO A 473 3.86 -49.85 11.18
CA PRO A 473 3.24 -49.06 12.26
C PRO A 473 3.45 -49.66 13.62
N GLU A 474 3.86 -50.92 13.71
CA GLU A 474 4.15 -51.54 15.00
C GLU A 474 5.42 -50.99 15.66
N LEU A 475 6.33 -50.43 14.89
CA LEU A 475 7.60 -49.95 15.42
C LEU A 475 7.56 -48.50 15.87
N TYR A 476 6.85 -47.65 15.13
CA TYR A 476 6.65 -46.27 15.54
C TYR A 476 5.78 -46.18 16.79
N GLN A 477 4.90 -47.16 16.98
CA GLN A 477 4.08 -47.19 18.18
C GLN A 477 4.84 -47.70 19.40
N ASN A 478 5.97 -48.37 19.20
CA ASN A 478 6.71 -48.91 20.34
C ASN A 478 7.44 -47.81 21.09
N PHE A 479 7.91 -46.79 20.38
CA PHE A 479 8.46 -45.62 21.04
C PHE A 479 7.42 -44.52 21.19
N ASN A 480 6.19 -44.76 20.73
CA ASN A 480 5.09 -43.80 20.73
C ASN A 480 5.48 -42.50 20.04
N ILE A 481 6.25 -42.62 18.97
CA ILE A 481 6.73 -41.47 18.21
C ILE A 481 5.80 -41.27 17.04
N THR A 482 5.71 -40.04 16.59
CA THR A 482 5.03 -39.70 15.36
C THR A 482 6.06 -39.19 14.37
N PRO A 483 6.05 -39.64 13.11
CA PRO A 483 7.03 -39.15 12.14
C PRO A 483 6.78 -37.69 11.78
N PRO A 484 7.78 -36.99 11.25
CA PRO A 484 7.57 -35.59 10.83
C PRO A 484 6.63 -35.51 9.63
N ARG A 485 5.54 -34.79 9.82
CA ARG A 485 4.53 -34.63 8.79
C ARG A 485 4.81 -33.46 7.87
N GLY A 486 5.98 -32.85 7.97
CA GLY A 486 6.29 -31.66 7.19
C GLY A 486 7.73 -31.63 6.78
N VAL A 487 7.98 -31.14 5.56
CA VAL A 487 9.32 -30.99 5.04
C VAL A 487 9.29 -29.87 4.00
N LEU A 488 10.29 -29.01 4.02
CA LEU A 488 10.45 -27.95 3.04
C LEU A 488 11.57 -28.30 2.08
N PHE A 489 11.24 -28.50 0.81
CA PHE A 489 12.23 -28.67 -0.25
C PHE A 489 12.63 -27.28 -0.71
N HIS A 490 13.92 -26.94 -0.65
CA HIS A 490 14.35 -25.62 -1.09
C HIS A 490 15.62 -25.70 -1.93
N GLY A 491 15.64 -24.96 -3.04
CA GLY A 491 16.78 -24.95 -3.91
C GLY A 491 16.48 -24.26 -5.23
N PRO A 492 17.50 -24.12 -6.08
CA PRO A 492 17.33 -23.46 -7.39
C PRO A 492 16.37 -24.22 -8.29
N PRO A 493 15.78 -23.56 -9.29
CA PRO A 493 14.77 -24.23 -10.12
C PRO A 493 15.37 -25.29 -11.03
N GLY A 494 14.60 -26.37 -11.20
CA GLY A 494 15.05 -27.49 -12.00
C GLY A 494 16.03 -28.42 -11.32
N THR A 495 15.90 -28.61 -10.01
CA THR A 495 16.79 -29.53 -9.29
C THR A 495 16.02 -30.71 -8.71
N GLY A 496 14.71 -30.77 -8.90
CA GLY A 496 13.99 -31.99 -8.65
C GLY A 496 13.16 -32.02 -7.40
N LYS A 497 12.66 -30.87 -6.95
CA LYS A 497 11.80 -30.85 -5.76
C LYS A 497 10.43 -31.43 -6.07
N THR A 498 9.84 -30.99 -7.19
CA THR A 498 8.60 -31.54 -7.69
C THR A 498 8.73 -33.02 -8.05
N LEU A 499 9.86 -33.40 -8.64
CA LEU A 499 10.11 -34.79 -8.97
C LEU A 499 10.23 -35.66 -7.72
N MET A 500 10.88 -35.13 -6.68
CA MET A 500 11.00 -35.85 -5.42
C MET A 500 9.65 -36.05 -4.75
N ALA A 501 8.76 -35.04 -4.83
CA ALA A 501 7.42 -35.20 -4.27
C ALA A 501 6.58 -36.21 -5.08
N ARG A 502 6.68 -36.16 -6.40
CA ARG A 502 5.89 -37.06 -7.23
C ARG A 502 6.39 -38.50 -7.12
N ALA A 503 7.70 -38.68 -6.92
CA ALA A 503 8.25 -40.00 -6.70
C ALA A 503 7.90 -40.51 -5.31
N LEU A 504 7.78 -39.60 -4.34
CA LEU A 504 7.31 -39.96 -3.02
C LEU A 504 5.89 -40.46 -3.05
N ALA A 505 5.04 -39.83 -3.85
CA ALA A 505 3.69 -40.32 -4.06
C ALA A 505 3.65 -41.67 -4.74
N ALA A 506 4.47 -41.90 -5.76
CA ALA A 506 4.43 -43.16 -6.46
C ALA A 506 5.40 -44.19 -5.87
N SER A 507 5.90 -43.95 -4.67
CA SER A 507 6.77 -44.90 -3.99
C SER A 507 6.02 -45.92 -3.14
N CYS A 508 5.18 -45.46 -2.22
CA CYS A 508 4.36 -46.35 -1.40
C CYS A 508 2.91 -46.29 -1.86
N SER A 509 2.67 -46.25 -3.17
CA SER A 509 1.33 -46.38 -3.71
C SER A 509 1.30 -47.74 -4.40
N SER A 510 1.02 -48.76 -3.59
CA SER A 510 1.05 -50.16 -3.99
C SER A 510 0.37 -50.95 -2.88
N ASP A 511 0.20 -52.26 -3.11
CA ASP A 511 -0.52 -53.17 -2.21
C ASP A 511 -1.92 -52.65 -1.88
N GLU A 512 -2.64 -52.29 -2.95
CA GLU A 512 -3.96 -51.61 -2.95
C GLU A 512 -4.05 -50.48 -1.92
N ARG A 513 -2.95 -49.73 -1.78
CA ARG A 513 -2.81 -48.66 -0.79
C ARG A 513 -2.09 -47.49 -1.47
N LYS A 514 -2.88 -46.61 -2.07
CA LYS A 514 -2.34 -45.49 -2.83
C LYS A 514 -2.00 -44.32 -1.92
N ILE A 515 -1.19 -43.41 -2.44
CA ILE A 515 -0.92 -42.13 -1.81
C ILE A 515 -1.61 -41.06 -2.63
N THR A 516 -2.63 -40.45 -2.06
CA THR A 516 -3.37 -39.41 -2.75
C THR A 516 -2.56 -38.12 -2.77
N PHE A 517 -2.29 -37.61 -3.97
CA PHE A 517 -1.36 -36.50 -4.16
C PHE A 517 -2.16 -35.24 -4.49
N PHE A 518 -2.10 -34.26 -3.60
CA PHE A 518 -2.60 -32.92 -3.89
C PHE A 518 -1.41 -32.02 -4.16
N MET A 519 -1.47 -31.28 -5.26
CA MET A 519 -0.43 -30.30 -5.54
C MET A 519 -1.07 -28.95 -5.79
N ARG A 520 -0.72 -27.98 -4.96
CA ARG A 520 -1.15 -26.61 -5.11
C ARG A 520 0.06 -25.75 -5.47
N LYS A 521 -0.19 -24.47 -5.70
CA LYS A 521 0.86 -23.57 -6.13
C LYS A 521 0.64 -22.19 -5.51
N GLY A 522 1.73 -21.50 -5.22
CA GLY A 522 1.66 -20.15 -4.69
C GLY A 522 1.48 -19.07 -5.73
N ALA A 523 1.38 -19.45 -7.00
CA ALA A 523 1.22 -18.52 -8.11
C ALA A 523 -0.19 -18.51 -8.69
N ASP A 524 -1.18 -19.03 -7.97
CA ASP A 524 -2.55 -19.05 -8.48
C ASP A 524 -3.17 -17.66 -8.37
N ILE A 525 -4.11 -17.37 -9.27
CA ILE A 525 -4.79 -16.09 -9.23
C ILE A 525 -5.71 -15.99 -8.02
N LEU A 526 -6.27 -17.10 -7.56
CA LEU A 526 -7.13 -17.13 -6.40
C LEU A 526 -6.38 -17.45 -5.11
N SER A 527 -5.05 -17.51 -5.15
CA SER A 527 -4.29 -17.83 -3.95
C SER A 527 -4.20 -16.66 -2.99
N LYS A 528 -4.15 -15.43 -3.51
CA LYS A 528 -4.12 -14.23 -2.71
C LYS A 528 -5.50 -13.59 -2.60
N TRP A 529 -6.53 -14.35 -2.99
CA TRP A 529 -7.91 -13.91 -2.93
C TRP A 529 -8.41 -14.07 -1.49
N VAL A 530 -8.37 -12.98 -0.74
CA VAL A 530 -8.73 -12.97 0.68
C VAL A 530 -10.23 -13.25 0.83
N GLY A 531 -10.56 -14.07 1.81
CA GLY A 531 -11.90 -14.61 1.97
C GLY A 531 -12.09 -15.93 1.25
N GLU A 532 -11.65 -16.03 0.00
CA GLU A 532 -11.79 -17.28 -0.73
C GLU A 532 -10.65 -18.23 -0.46
N ALA A 533 -9.42 -17.72 -0.32
CA ALA A 533 -8.25 -18.59 -0.23
C ALA A 533 -8.21 -19.39 1.07
N GLU A 534 -8.79 -18.83 2.14
CA GLU A 534 -8.89 -19.59 3.39
C GLU A 534 -9.89 -20.73 3.26
N ARG A 535 -11.00 -20.50 2.55
CA ARG A 535 -11.97 -21.54 2.28
C ARG A 535 -11.36 -22.66 1.44
N GLN A 536 -10.56 -22.30 0.43
CA GLN A 536 -9.92 -23.30 -0.42
C GLN A 536 -8.87 -24.10 0.35
N LEU A 537 -8.16 -23.44 1.27
CA LEU A 537 -7.14 -24.13 2.07
C LEU A 537 -7.78 -25.07 3.09
N ARG A 538 -8.86 -24.63 3.72
CA ARG A 538 -9.57 -25.49 4.67
C ARG A 538 -10.21 -26.66 3.97
N LEU A 539 -10.67 -26.47 2.74
CA LEU A 539 -11.28 -27.57 1.99
C LEU A 539 -10.20 -28.52 1.48
N LEU A 540 -9.02 -28.00 1.12
CA LEU A 540 -7.90 -28.84 0.75
C LEU A 540 -7.44 -29.70 1.91
N PHE A 541 -7.36 -29.13 3.10
CA PHE A 541 -6.90 -29.91 4.24
C PHE A 541 -7.99 -30.87 4.74
N GLU A 542 -9.27 -30.53 4.54
CA GLU A 542 -10.35 -31.49 4.79
C GLU A 542 -10.26 -32.68 3.85
N GLU A 543 -10.09 -32.44 2.56
CA GLU A 543 -9.99 -33.52 1.58
C GLU A 543 -8.67 -34.26 1.65
N ALA A 544 -7.64 -33.69 2.25
CA ALA A 544 -6.40 -34.42 2.46
C ALA A 544 -6.48 -35.28 3.71
N LYS A 545 -7.20 -34.82 4.74
CA LYS A 545 -7.50 -35.68 5.87
C LYS A 545 -8.43 -36.82 5.48
N LYS A 546 -9.31 -36.59 4.49
CA LYS A 546 -10.31 -37.58 4.12
C LYS A 546 -9.70 -38.76 3.36
N HIS A 547 -8.86 -38.49 2.36
CA HIS A 547 -8.02 -39.52 1.75
C HIS A 547 -6.76 -39.64 2.59
N GLN A 548 -6.71 -40.66 3.45
CA GLN A 548 -5.89 -40.55 4.66
C GLN A 548 -4.38 -40.55 4.42
N PRO A 549 -3.74 -41.51 3.68
CA PRO A 549 -2.33 -41.25 3.36
C PRO A 549 -2.24 -40.27 2.20
N SER A 550 -1.88 -39.04 2.52
CA SER A 550 -1.96 -37.93 1.58
C SER A 550 -0.61 -37.24 1.50
N ILE A 551 -0.43 -36.49 0.42
CA ILE A 551 0.71 -35.61 0.26
C ILE A 551 0.15 -34.31 -0.30
N ILE A 552 0.36 -33.21 0.42
CA ILE A 552 0.11 -31.89 -0.14
C ILE A 552 1.44 -31.26 -0.49
N PHE A 553 1.60 -30.85 -1.74
CA PHE A 553 2.83 -30.26 -2.23
C PHE A 553 2.52 -28.82 -2.65
N PHE A 554 3.15 -27.86 -2.02
CA PHE A 554 3.00 -26.45 -2.36
C PHE A 554 4.20 -26.01 -3.19
N ASP A 555 3.97 -25.74 -4.48
CA ASP A 555 5.05 -25.55 -5.44
C ASP A 555 5.86 -24.29 -5.18
N GLU A 556 5.23 -23.21 -4.75
CA GLU A 556 5.96 -21.99 -4.41
C GLU A 556 5.36 -21.46 -3.11
N ILE A 557 5.86 -21.98 -1.99
CA ILE A 557 5.21 -21.74 -0.70
C ILE A 557 5.42 -20.31 -0.22
N ASP A 558 6.50 -19.65 -0.67
CA ASP A 558 6.70 -18.24 -0.34
C ASP A 558 5.75 -17.32 -1.10
N GLY A 559 5.06 -17.83 -2.11
CA GLY A 559 3.98 -17.10 -2.73
C GLY A 559 2.75 -17.17 -1.86
N LEU A 560 2.62 -18.29 -1.14
CA LEU A 560 1.46 -18.49 -0.27
C LEU A 560 1.73 -18.01 1.16
N ALA A 561 2.91 -18.31 1.70
CA ALA A 561 3.26 -17.91 3.06
C ALA A 561 4.54 -17.07 3.05
N PRO A 562 4.45 -15.80 2.69
CA PRO A 562 5.64 -14.93 2.70
C PRO A 562 5.91 -14.43 4.13
N VAL A 563 6.99 -13.67 4.26
CA VAL A 563 7.31 -13.08 5.55
C VAL A 563 6.34 -11.95 5.85
N ARG A 564 5.73 -11.99 7.05
CA ARG A 564 4.79 -10.94 7.42
C ARG A 564 5.49 -9.61 7.69
N SER A 565 6.78 -9.65 8.00
CA SER A 565 7.57 -8.43 8.16
C SER A 565 8.33 -8.16 6.86
N SER A 566 7.56 -7.87 5.82
CA SER A 566 8.09 -7.54 4.50
C SER A 566 7.58 -6.17 4.07
N LYS A 567 8.04 -5.75 2.90
CA LYS A 567 7.81 -4.39 2.43
C LYS A 567 7.20 -4.37 1.04
N GLN A 568 6.21 -5.22 0.82
CA GLN A 568 5.23 -5.04 -0.23
C GLN A 568 3.88 -4.89 0.44
N GLU A 569 2.96 -4.14 -0.20
CA GLU A 569 1.67 -3.91 0.43
C GLU A 569 0.77 -5.14 0.42
N GLN A 570 0.71 -5.88 -0.68
CA GLN A 570 -0.09 -7.10 -0.81
C GLN A 570 0.57 -8.19 0.02
N ILE A 571 0.06 -8.35 1.25
CA ILE A 571 0.45 -9.40 2.19
C ILE A 571 -0.78 -9.77 3.00
N HIS A 572 -1.20 -11.03 2.92
CA HIS A 572 -2.37 -11.47 3.70
C HIS A 572 -1.91 -12.28 4.89
N ALA A 573 -1.98 -11.70 6.09
CA ALA A 573 -1.56 -12.38 7.31
C ALA A 573 -2.56 -13.43 7.78
N SER A 574 -3.84 -13.28 7.42
CA SER A 574 -4.84 -14.25 7.83
C SER A 574 -4.70 -15.55 7.06
N ILE A 575 -4.28 -15.45 5.79
CA ILE A 575 -4.01 -16.64 4.98
C ILE A 575 -2.87 -17.45 5.59
N VAL A 576 -1.84 -16.75 6.06
CA VAL A 576 -0.67 -17.41 6.62
C VAL A 576 -0.98 -17.99 7.99
N SER A 577 -1.81 -17.32 8.77
CA SER A 577 -2.22 -17.88 10.07
C SER A 577 -3.12 -19.09 9.89
N THR A 578 -3.96 -19.10 8.85
CA THR A 578 -4.73 -20.29 8.51
C THR A 578 -3.83 -21.43 8.05
N LEU A 579 -2.78 -21.11 7.29
CA LEU A 579 -1.85 -22.15 6.87
C LEU A 579 -1.05 -22.68 8.05
N LEU A 580 -0.75 -21.80 9.02
CA LEU A 580 -0.05 -22.20 10.23
C LEU A 580 -0.88 -23.16 11.06
N ALA A 581 -2.12 -22.81 11.33
CA ALA A 581 -2.89 -23.63 12.25
C ALA A 581 -3.52 -24.84 11.58
N LEU A 582 -3.67 -24.85 10.24
CA LEU A 582 -4.25 -26.02 9.59
C LEU A 582 -3.27 -27.20 9.51
N MET A 583 -1.99 -26.94 9.26
CA MET A 583 -1.03 -28.03 9.29
C MET A 583 -0.54 -28.26 10.72
N ASP A 584 -0.55 -29.51 11.15
CA ASP A 584 -0.20 -29.81 12.52
C ASP A 584 0.40 -31.21 12.59
N GLY A 585 1.71 -31.27 12.83
CA GLY A 585 2.38 -32.54 12.96
C GLY A 585 2.33 -33.08 14.36
N MET A 586 1.83 -32.26 15.28
CA MET A 586 1.66 -32.67 16.68
C MET A 586 0.21 -33.01 16.98
N ASP A 587 -0.73 -32.15 16.59
CA ASP A 587 -2.13 -32.53 16.58
C ASP A 587 -2.39 -33.61 15.53
N ASN A 588 -2.84 -34.78 15.99
CA ASN A 588 -2.90 -35.98 15.16
C ASN A 588 -4.03 -35.86 14.14
N ARG A 589 -3.69 -35.24 13.00
CA ARG A 589 -4.60 -35.23 11.86
C ARG A 589 -4.66 -36.60 11.20
N GLY A 590 -3.52 -37.22 10.96
CA GLY A 590 -3.44 -38.52 10.35
C GLY A 590 -2.16 -38.65 9.58
N GLN A 591 -2.22 -39.44 8.52
CA GLN A 591 -1.06 -39.70 7.68
C GLN A 591 -0.96 -38.70 6.53
N VAL A 592 -1.03 -37.43 6.86
CA VAL A 592 -0.97 -36.34 5.87
C VAL A 592 0.43 -35.74 5.93
N ILE A 593 1.18 -35.93 4.87
CA ILE A 593 2.48 -35.31 4.71
C ILE A 593 2.27 -33.98 4.00
N VAL A 594 2.86 -32.91 4.53
CA VAL A 594 2.80 -31.60 3.91
C VAL A 594 4.21 -31.29 3.40
N ILE A 595 4.32 -30.92 2.13
CA ILE A 595 5.59 -30.60 1.48
C ILE A 595 5.48 -29.21 0.89
N GLY A 596 6.47 -28.37 1.15
CA GLY A 596 6.52 -27.08 0.48
C GLY A 596 7.76 -26.94 -0.35
N ALA A 597 7.67 -26.33 -1.52
CA ALA A 597 8.83 -26.11 -2.36
C ALA A 597 9.03 -24.63 -2.59
N THR A 598 10.30 -24.20 -2.60
CA THR A 598 10.63 -22.79 -2.70
C THR A 598 12.06 -22.68 -3.17
N ASN A 599 12.45 -21.48 -3.60
CA ASN A 599 13.80 -21.30 -4.12
C ASN A 599 14.80 -21.05 -2.99
N ARG A 600 14.42 -20.22 -2.03
CA ARG A 600 15.21 -20.03 -0.82
C ARG A 600 14.23 -20.00 0.34
N PRO A 601 14.58 -20.62 1.47
CA PRO A 601 13.67 -20.65 2.62
C PRO A 601 13.57 -19.33 3.38
N ASP A 602 14.31 -18.29 2.97
CA ASP A 602 14.23 -16.99 3.61
C ASP A 602 12.90 -16.31 3.35
N ALA A 603 12.40 -16.38 2.13
CA ALA A 603 11.19 -15.69 1.75
C ALA A 603 9.94 -16.30 2.37
N VAL A 604 10.02 -17.56 2.81
CA VAL A 604 8.97 -18.19 3.57
C VAL A 604 8.94 -17.61 4.98
N ASP A 605 7.74 -17.59 5.58
CA ASP A 605 7.54 -17.09 6.94
C ASP A 605 8.35 -17.92 7.93
N PRO A 606 9.14 -17.29 8.82
CA PRO A 606 9.81 -18.06 9.88
C PRO A 606 8.88 -18.63 10.94
N ALA A 607 7.57 -18.45 10.84
CA ALA A 607 6.62 -19.19 11.66
C ALA A 607 6.35 -20.57 11.12
N LEU A 608 6.68 -20.82 9.86
CA LEU A 608 6.40 -22.10 9.21
C LEU A 608 7.61 -23.03 9.22
N ARG A 609 8.73 -22.59 9.80
CA ARG A 609 9.93 -23.40 9.91
C ARG A 609 10.10 -23.70 11.40
N ARG A 610 9.36 -24.71 11.86
CA ARG A 610 9.16 -25.01 13.26
C ARG A 610 8.84 -26.49 13.35
N PRO A 611 9.14 -27.14 14.49
CA PRO A 611 8.92 -28.59 14.63
C PRO A 611 7.50 -29.09 14.37
N GLY A 612 6.48 -28.26 14.54
CA GLY A 612 5.14 -28.73 14.24
C GLY A 612 4.80 -28.67 12.77
N ARG A 613 5.34 -27.68 12.07
CA ARG A 613 4.90 -27.35 10.72
C ARG A 613 5.82 -27.93 9.66
N PHE A 614 7.06 -27.46 9.60
CA PHE A 614 8.09 -28.03 8.73
C PHE A 614 9.24 -28.41 9.64
N ASP A 615 9.26 -29.69 10.02
CA ASP A 615 10.34 -30.24 10.83
C ASP A 615 11.67 -30.14 10.11
N ARG A 616 11.71 -30.59 8.86
CA ARG A 616 12.95 -30.75 8.11
C ARG A 616 12.94 -29.81 6.92
N GLU A 617 14.13 -29.40 6.51
CA GLU A 617 14.33 -28.65 5.28
C GLU A 617 15.45 -29.33 4.52
N PHE A 618 15.23 -29.59 3.24
CA PHE A 618 16.19 -30.27 2.39
C PHE A 618 16.60 -29.34 1.26
N TYR A 619 17.90 -29.13 1.13
CA TYR A 619 18.44 -28.30 0.06
C TYR A 619 18.68 -29.15 -1.17
N PHE A 620 18.00 -28.82 -2.24
CA PHE A 620 18.13 -29.47 -3.54
C PHE A 620 19.09 -28.65 -4.39
N PRO A 621 20.37 -29.00 -4.46
CA PRO A 621 21.33 -28.13 -5.13
C PRO A 621 21.37 -28.36 -6.64
N LEU A 622 22.05 -27.45 -7.32
CA LEU A 622 22.48 -27.73 -8.68
C LEU A 622 23.44 -28.91 -8.64
N PRO A 623 23.21 -29.95 -9.43
CA PRO A 623 24.00 -31.18 -9.28
C PRO A 623 25.43 -31.00 -9.72
N ASP A 624 26.34 -31.66 -9.00
CA ASP A 624 27.76 -31.66 -9.32
C ASP A 624 28.02 -32.64 -10.45
N VAL A 625 29.32 -32.90 -10.71
CA VAL A 625 29.71 -33.64 -11.91
C VAL A 625 29.30 -35.10 -11.81
N LYS A 626 29.41 -35.68 -10.61
CA LYS A 626 28.96 -37.05 -10.41
C LYS A 626 27.45 -37.17 -10.49
N ALA A 627 26.73 -36.22 -9.89
CA ALA A 627 25.28 -36.24 -9.96
C ALA A 627 24.77 -35.89 -11.34
N ARG A 628 25.53 -35.10 -12.10
CA ARG A 628 25.14 -34.83 -13.47
C ARG A 628 25.37 -36.04 -14.36
N PHE A 629 26.44 -36.80 -14.09
CA PHE A 629 26.63 -38.10 -14.76
C PHE A 629 25.48 -39.04 -14.45
N LYS A 630 25.05 -39.08 -13.18
CA LYS A 630 23.95 -39.95 -12.78
C LYS A 630 22.63 -39.54 -13.42
N ILE A 631 22.35 -38.23 -13.51
CA ILE A 631 21.11 -37.77 -14.14
C ILE A 631 21.13 -38.04 -15.64
N LEU A 632 22.25 -37.76 -16.31
CA LEU A 632 22.35 -38.03 -17.75
C LEU A 632 22.37 -39.51 -18.04
N GLN A 633 22.73 -40.35 -17.06
CA GLN A 633 22.57 -41.78 -17.23
C GLN A 633 21.11 -42.18 -17.05
N ILE A 634 20.38 -41.42 -16.24
CA ILE A 634 18.95 -41.70 -16.05
C ILE A 634 18.14 -41.25 -17.27
N GLN A 635 18.54 -40.13 -17.89
CA GLN A 635 17.77 -39.59 -19.00
C GLN A 635 17.99 -40.35 -20.32
N THR A 636 18.99 -41.23 -20.39
CA THR A 636 19.29 -41.94 -21.63
C THR A 636 19.20 -43.45 -21.51
N ARG A 637 18.86 -43.99 -20.34
CA ARG A 637 18.92 -45.44 -20.16
C ARG A 637 17.80 -46.18 -20.89
N LYS A 638 16.77 -45.48 -21.34
CA LYS A 638 15.69 -46.07 -22.11
C LYS A 638 15.74 -45.68 -23.58
N TRP A 639 16.93 -45.59 -24.14
CA TRP A 639 17.14 -45.32 -25.54
C TRP A 639 17.35 -46.63 -26.28
N SER A 640 17.43 -46.55 -27.61
CA SER A 640 17.74 -47.73 -28.40
C SER A 640 19.21 -48.07 -28.30
N SER A 641 20.08 -47.16 -28.72
CA SER A 641 21.52 -47.26 -28.50
C SER A 641 21.90 -46.12 -27.59
N PRO A 642 21.89 -46.32 -26.28
CA PRO A 642 22.26 -45.24 -25.36
C PRO A 642 23.74 -44.89 -25.45
N LEU A 643 24.06 -43.74 -24.86
CA LEU A 643 25.40 -43.19 -24.91
C LEU A 643 26.37 -44.06 -24.11
N SER A 644 27.63 -44.04 -24.52
CA SER A 644 28.65 -44.76 -23.78
C SER A 644 28.96 -44.05 -22.47
N THR A 645 29.73 -44.73 -21.62
CA THR A 645 30.11 -44.18 -20.30
C THR A 645 31.03 -42.96 -20.50
N ASN A 646 32.02 -43.08 -21.37
CA ASN A 646 32.97 -41.97 -21.65
C ASN A 646 32.21 -40.78 -22.23
N PHE A 647 31.25 -41.03 -23.12
CA PHE A 647 30.46 -39.95 -23.76
C PHE A 647 29.66 -39.21 -22.68
N ILE A 648 29.04 -39.96 -21.76
CA ILE A 648 28.24 -39.38 -20.65
C ILE A 648 29.14 -38.55 -19.73
N ASP A 649 30.35 -39.04 -19.45
CA ASP A 649 31.29 -38.32 -18.56
C ASP A 649 31.63 -36.96 -19.18
N LYS A 650 31.85 -36.92 -20.49
CA LYS A 650 32.17 -35.66 -21.22
C LYS A 650 30.96 -34.72 -21.14
N LEU A 651 29.75 -35.26 -21.32
CA LEU A 651 28.50 -34.45 -21.28
C LEU A 651 28.31 -33.85 -19.89
N ALA A 652 28.60 -34.63 -18.85
CA ALA A 652 28.45 -34.15 -17.45
C ALA A 652 29.39 -32.96 -17.22
N PHE A 653 30.62 -33.04 -17.75
CA PHE A 653 31.62 -31.96 -17.59
C PHE A 653 31.17 -30.70 -18.34
N LEU A 654 30.73 -30.84 -19.59
CA LEU A 654 30.33 -29.69 -20.40
C LEU A 654 29.00 -29.09 -19.99
N THR A 655 28.37 -29.60 -18.94
CA THR A 655 27.10 -29.04 -18.53
C THR A 655 27.21 -28.40 -17.16
N LYS A 656 28.26 -27.60 -16.95
CA LYS A 656 28.42 -26.91 -15.67
C LYS A 656 27.40 -25.78 -15.55
N GLY A 657 26.78 -25.70 -14.37
CA GLY A 657 25.74 -24.73 -14.14
C GLY A 657 24.36 -25.20 -14.52
N TYR A 658 24.17 -26.50 -14.73
CA TYR A 658 22.91 -27.08 -15.18
C TYR A 658 22.19 -27.74 -14.01
N GLY A 659 20.87 -27.68 -14.05
CA GLY A 659 20.03 -28.53 -13.23
C GLY A 659 19.58 -29.75 -14.00
N GLY A 660 18.86 -30.63 -13.29
CA GLY A 660 18.41 -31.86 -13.91
C GLY A 660 17.34 -31.63 -14.98
N ALA A 661 16.57 -30.55 -14.83
CA ALA A 661 15.60 -30.18 -15.86
C ALA A 661 16.29 -29.70 -17.12
N ASP A 662 17.42 -29.01 -16.95
CA ASP A 662 18.21 -28.59 -18.10
C ASP A 662 18.90 -29.76 -18.78
N LEU A 663 19.27 -30.80 -18.02
CA LEU A 663 19.82 -32.00 -18.64
C LEU A 663 18.73 -32.80 -19.36
N ARG A 664 17.50 -32.77 -18.85
CA ARG A 664 16.39 -33.38 -19.57
C ARG A 664 16.14 -32.66 -20.89
N SER A 665 16.16 -31.32 -20.86
CA SER A 665 16.02 -30.54 -22.08
C SER A 665 17.18 -30.78 -23.03
N LEU A 666 18.38 -31.01 -22.47
CA LEU A 666 19.55 -31.34 -23.28
C LEU A 666 19.37 -32.64 -24.04
N CYS A 667 18.96 -33.71 -23.35
CA CYS A 667 18.80 -35.00 -24.00
C CYS A 667 17.67 -34.98 -25.02
N THR A 668 16.57 -34.26 -24.73
CA THR A 668 15.50 -34.18 -25.72
C THR A 668 15.88 -33.34 -26.93
N GLU A 669 16.55 -32.20 -26.75
CA GLU A 669 16.96 -31.41 -27.90
C GLU A 669 18.04 -32.11 -28.73
N ALA A 670 18.94 -32.86 -28.08
CA ALA A 670 19.94 -33.60 -28.84
C ALA A 670 19.31 -34.73 -29.65
N ALA A 671 18.35 -35.45 -29.06
CA ALA A 671 17.65 -36.49 -29.82
C ALA A 671 16.84 -35.90 -30.97
N LEU A 672 16.18 -34.77 -30.76
CA LEU A 672 15.38 -34.14 -31.81
C LEU A 672 16.27 -33.59 -32.92
N ILE A 673 17.44 -33.07 -32.56
CA ILE A 673 18.41 -32.61 -33.55
C ILE A 673 18.94 -33.78 -34.36
N SER A 674 19.16 -34.92 -33.71
CA SER A 674 19.61 -36.14 -34.40
C SER A 674 18.59 -36.61 -35.44
N ILE A 675 17.31 -36.65 -35.05
CA ILE A 675 16.25 -37.02 -35.99
C ILE A 675 16.13 -35.98 -37.10
N GLN A 676 16.25 -34.70 -36.75
CA GLN A 676 16.08 -33.62 -37.71
C GLN A 676 17.23 -33.53 -38.71
N ARG A 677 18.42 -33.98 -38.31
CA ARG A 677 19.56 -33.99 -39.21
C ARG A 677 19.54 -35.21 -40.11
N SER A 678 19.18 -36.38 -39.57
CA SER A 678 19.25 -37.60 -40.38
C SER A 678 18.14 -37.67 -41.44
N PHE A 679 16.94 -37.15 -41.16
CA PHE A 679 15.82 -37.24 -42.10
C PHE A 679 15.02 -35.94 -42.09
N PRO A 680 15.56 -34.86 -42.68
CA PRO A 680 14.89 -33.55 -42.56
C PRO A 680 13.65 -33.42 -43.43
N GLN A 681 13.57 -34.20 -44.50
CA GLN A 681 12.50 -34.07 -45.48
C GLN A 681 11.13 -34.48 -44.93
N ILE A 682 11.10 -35.12 -43.75
CA ILE A 682 9.84 -35.42 -43.06
C ILE A 682 9.21 -34.21 -42.39
N TYR A 683 9.92 -33.09 -42.32
CA TYR A 683 9.38 -31.93 -41.61
C TYR A 683 8.48 -31.04 -42.47
N ARG A 684 8.21 -31.41 -43.72
CA ARG A 684 7.35 -30.60 -44.57
C ARG A 684 6.21 -31.38 -45.19
N SER A 685 6.40 -32.67 -45.44
CA SER A 685 5.43 -33.47 -46.16
C SER A 685 4.40 -34.05 -45.19
N ASN A 686 3.13 -33.97 -45.56
CA ASN A 686 2.09 -34.69 -44.85
C ASN A 686 1.76 -36.00 -45.59
N ASP A 687 2.77 -36.87 -45.72
CA ASP A 687 2.58 -38.13 -46.51
C ASP A 687 3.11 -39.37 -45.78
N LYS A 688 3.61 -39.22 -44.54
CA LYS A 688 4.13 -40.41 -43.78
C LYS A 688 5.16 -41.17 -44.61
N LEU A 689 6.14 -40.45 -45.17
CA LEU A 689 7.23 -41.03 -46.01
C LEU A 689 7.97 -42.16 -45.26
N LEU A 690 8.34 -43.22 -46.00
CA LEU A 690 9.06 -44.40 -45.45
C LEU A 690 10.47 -43.97 -45.02
N VAL A 691 10.96 -44.48 -43.89
CA VAL A 691 12.31 -44.10 -43.39
C VAL A 691 12.95 -45.31 -42.70
N ASP A 692 14.20 -45.16 -42.24
CA ASP A 692 14.93 -46.20 -41.55
C ASP A 692 15.06 -45.79 -40.09
N PRO A 693 14.35 -46.44 -39.16
CA PRO A 693 14.51 -46.12 -37.73
C PRO A 693 15.79 -46.65 -37.11
N SER A 694 16.54 -47.48 -37.82
CA SER A 694 17.81 -48.00 -37.32
C SER A 694 19.00 -47.11 -37.63
N LYS A 695 18.81 -46.08 -38.46
CA LYS A 695 19.92 -45.20 -38.82
C LYS A 695 20.22 -44.17 -37.74
N ILE A 696 19.21 -43.74 -36.97
CA ILE A 696 19.36 -42.60 -36.06
C ILE A 696 20.28 -42.93 -34.88
N LYS A 697 21.49 -42.38 -34.93
CA LYS A 697 22.45 -42.48 -33.84
C LYS A 697 22.83 -41.07 -33.45
N VAL A 698 22.73 -40.75 -32.16
CA VAL A 698 23.06 -39.42 -31.69
C VAL A 698 24.56 -39.25 -31.72
N LYS A 699 25.04 -38.24 -32.43
CA LYS A 699 26.46 -38.00 -32.56
C LYS A 699 26.86 -36.85 -31.64
N VAL A 700 28.16 -36.55 -31.61
CA VAL A 700 28.69 -35.51 -30.76
C VAL A 700 28.30 -34.13 -31.28
N SER A 701 28.04 -34.01 -32.59
CA SER A 701 27.58 -32.75 -33.13
C SER A 701 26.18 -32.39 -32.65
N ASP A 702 25.31 -33.37 -32.39
CA ASP A 702 23.97 -33.08 -31.90
C ASP A 702 24.01 -32.53 -30.49
N PHE A 703 24.82 -33.12 -29.62
CA PHE A 703 24.99 -32.58 -28.28
C PHE A 703 25.75 -31.27 -28.29
N MET A 704 26.66 -31.06 -29.25
CA MET A 704 27.34 -29.78 -29.32
C MET A 704 26.42 -28.67 -29.83
N LEU A 705 25.44 -29.01 -30.68
CA LEU A 705 24.43 -28.05 -31.12
C LEU A 705 23.27 -27.93 -30.17
N ALA A 706 23.14 -28.84 -29.20
CA ALA A 706 22.13 -28.68 -28.18
C ALA A 706 22.63 -27.83 -27.02
N LEU A 707 23.95 -27.73 -26.85
CA LEU A 707 24.48 -26.91 -25.76
C LEU A 707 24.34 -25.42 -26.05
N LYS A 708 24.28 -25.03 -27.32
CA LYS A 708 24.05 -23.64 -27.68
C LYS A 708 22.58 -23.26 -27.65
N LYS A 709 21.68 -24.23 -27.73
CA LYS A 709 20.25 -23.97 -27.75
C LYS A 709 19.63 -23.87 -26.37
N ILE A 710 20.40 -24.17 -25.32
CA ILE A 710 19.84 -24.39 -24.01
C ILE A 710 20.56 -23.51 -23.00
N VAL A 711 19.86 -22.48 -22.54
CA VAL A 711 20.34 -21.65 -21.43
C VAL A 711 20.09 -22.41 -20.12
N PRO A 712 21.08 -22.50 -19.23
CA PRO A 712 21.01 -23.48 -18.14
C PRO A 712 20.07 -23.12 -17.00
N SER A 713 19.16 -22.16 -17.17
CA SER A 713 18.22 -21.65 -16.17
C SER A 713 18.91 -21.01 -14.95
N SER A 714 20.24 -20.94 -14.97
CA SER A 714 21.07 -20.34 -13.95
C SER A 714 22.00 -19.30 -14.53
N ALA A 715 21.92 -19.07 -15.85
CA ALA A 715 22.43 -17.83 -16.40
C ALA A 715 21.53 -16.66 -16.02
N ARG A 716 20.27 -16.93 -15.71
CA ARG A 716 19.43 -16.01 -14.96
C ARG A 716 19.85 -16.07 -13.49
N SER A 717 20.89 -15.29 -13.19
CA SER A 717 21.53 -15.23 -11.88
C SER A 717 22.53 -14.09 -11.91
N THR A 718 22.92 -13.64 -10.73
CA THR A 718 23.92 -12.59 -10.61
C THR A 718 25.32 -13.22 -10.64
N GLY A 719 26.17 -12.71 -11.50
CA GLY A 719 27.58 -13.10 -11.46
C GLY A 719 27.84 -14.38 -12.22
N SER A 720 28.33 -15.39 -11.51
CA SER A 720 28.67 -16.68 -12.12
C SER A 720 28.21 -17.80 -11.22
N SER A 721 27.71 -18.86 -11.85
CA SER A 721 27.44 -20.10 -11.14
C SER A 721 28.75 -20.69 -10.65
N PRO A 722 28.73 -21.41 -9.53
CA PRO A 722 29.92 -22.15 -9.11
C PRO A 722 30.25 -23.23 -10.13
N GLN A 723 31.41 -23.06 -10.75
CA GLN A 723 31.85 -23.90 -11.85
C GLN A 723 33.36 -23.96 -11.79
N PRO A 724 33.99 -24.99 -12.36
CA PRO A 724 35.44 -25.05 -12.36
C PRO A 724 36.03 -23.95 -13.22
N LEU A 725 37.31 -23.71 -13.01
CA LEU A 725 38.04 -22.67 -13.70
C LEU A 725 38.03 -22.98 -15.19
N PRO A 726 37.55 -22.08 -16.04
CA PRO A 726 37.30 -22.45 -17.44
C PRO A 726 38.57 -22.73 -18.20
N GLU A 727 38.44 -23.59 -19.21
CA GLU A 727 39.57 -24.34 -19.75
C GLU A 727 40.58 -23.46 -20.47
N LEU A 728 40.15 -22.33 -21.02
CA LEU A 728 41.08 -21.41 -21.67
C LEU A 728 41.99 -20.75 -20.65
N ILE A 729 41.42 -20.17 -19.59
CA ILE A 729 42.24 -19.47 -18.60
C ILE A 729 42.81 -20.38 -17.54
N LYS A 730 42.59 -21.69 -17.63
CA LYS A 730 43.18 -22.60 -16.66
C LYS A 730 44.71 -22.65 -16.65
N PRO A 731 45.46 -22.39 -17.74
CA PRO A 731 46.90 -22.13 -17.55
C PRO A 731 47.20 -20.96 -16.65
N LEU A 732 46.35 -19.94 -16.62
CA LEU A 732 46.71 -18.68 -15.97
C LEU A 732 46.54 -18.73 -14.47
N LEU A 733 45.63 -19.56 -13.95
CA LEU A 733 45.24 -19.43 -12.55
C LEU A 733 45.30 -20.72 -11.74
N ALA A 734 45.47 -21.89 -12.36
CA ALA A 734 45.19 -23.16 -11.67
C ALA A 734 46.14 -23.42 -10.53
N ASP A 735 47.44 -23.19 -10.74
CA ASP A 735 48.39 -23.33 -9.65
C ASP A 735 48.13 -22.29 -8.57
N GLN A 736 47.74 -21.08 -8.97
CA GLN A 736 47.32 -20.07 -8.02
C GLN A 736 46.10 -20.55 -7.26
N LEU A 737 45.13 -21.12 -7.99
CA LEU A 737 43.95 -21.68 -7.37
C LEU A 737 44.30 -22.86 -6.48
N ASN A 738 45.38 -23.57 -6.83
CA ASN A 738 45.83 -24.69 -6.01
C ASN A 738 46.25 -24.22 -4.63
N ASN A 739 46.97 -23.09 -4.56
CA ASN A 739 47.35 -22.56 -3.26
C ASN A 739 46.14 -22.17 -2.45
N LEU A 740 45.11 -21.65 -3.14
CA LEU A 740 43.88 -21.29 -2.45
C LEU A 740 43.20 -22.50 -1.88
N LYS A 741 43.21 -23.61 -2.63
CA LYS A 741 42.62 -24.83 -2.11
C LYS A 741 43.45 -25.37 -0.97
N ASN A 742 44.77 -25.23 -1.07
CA ASN A 742 45.61 -25.66 0.04
C ASN A 742 45.58 -24.69 1.19
N LYS A 743 45.03 -23.50 1.02
CA LYS A 743 44.76 -22.67 2.17
C LYS A 743 43.41 -22.96 2.78
N LEU A 744 42.47 -23.51 2.02
CA LEU A 744 41.14 -23.71 2.57
C LEU A 744 41.02 -24.98 3.37
N ASP A 745 41.51 -26.11 2.86
CA ASP A 745 41.40 -27.36 3.60
C ASP A 745 42.31 -27.40 4.82
N TYR A 746 43.32 -26.55 4.89
CA TYR A 746 43.98 -26.37 6.19
C TYR A 746 43.08 -25.61 7.14
N MET A 747 42.45 -24.54 6.66
CA MET A 747 41.66 -23.63 7.45
C MET A 747 40.31 -24.21 7.81
N LEU A 748 39.76 -25.09 6.98
CA LEU A 748 38.41 -25.59 7.18
C LEU A 748 38.33 -27.08 7.40
N ASN A 749 39.46 -27.80 7.30
CA ASN A 749 39.53 -29.26 7.38
C ASN A 749 38.60 -29.94 6.37
N ILE A 750 38.79 -29.60 5.10
CA ILE A 750 38.05 -30.22 4.01
C ILE A 750 38.51 -31.66 3.78
N LYS A 751 39.80 -31.95 4.02
CA LYS A 751 40.42 -33.21 3.60
C LYS A 751 39.81 -34.42 4.29
N ASP A 752 39.62 -34.31 5.61
CA ASP A 752 39.02 -35.43 6.37
C ASP A 752 37.51 -35.42 6.12
N THR A 753 37.01 -34.36 5.50
CA THR A 753 35.57 -34.15 5.23
C THR A 753 34.81 -34.08 6.57
N THR A 754 35.48 -33.58 7.62
CA THR A 754 34.86 -33.42 8.95
C THR A 754 34.21 -34.74 9.40
N PHE A 755 34.97 -35.84 9.32
CA PHE A 755 34.47 -37.19 9.68
C PHE A 755 33.24 -37.50 8.81
N GLN A 756 33.40 -37.26 7.50
CA GLN A 756 32.38 -37.45 6.46
C GLN A 756 31.12 -36.62 6.73
N ARG A 757 31.27 -35.30 6.57
CA ARG A 757 30.17 -34.38 6.83
C ARG A 757 29.06 -34.44 5.76
N ASN A 758 29.22 -35.28 4.73
CA ASN A 758 28.07 -35.73 3.94
C ASN A 758 27.48 -36.95 4.63
N THR A 759 26.96 -36.76 5.84
CA THR A 759 26.65 -37.85 6.76
C THR A 759 25.37 -38.53 6.29
N SER A 760 25.53 -39.59 5.51
CA SER A 760 24.47 -40.55 5.26
C SER A 760 24.53 -41.54 6.41
N LEU A 761 23.75 -41.25 7.45
CA LEU A 761 23.75 -42.05 8.67
C LEU A 761 23.31 -43.48 8.42
N LEU A 762 22.44 -43.70 7.42
CA LEU A 762 22.00 -45.05 7.10
C LEU A 762 23.14 -45.88 6.52
N GLN A 763 23.93 -45.29 5.62
CA GLN A 763 25.02 -46.06 5.02
C GLN A 763 26.17 -46.29 6.00
N ASN A 764 26.40 -45.36 6.93
CA ASN A 764 27.34 -45.64 8.01
C ASN A 764 26.82 -46.74 8.93
N PHE A 765 25.50 -46.74 9.17
CA PHE A 765 24.89 -47.81 9.96
C PHE A 765 24.86 -49.13 9.21
N ILE A 766 25.05 -49.12 7.90
CA ILE A 766 25.12 -50.34 7.10
C ILE A 766 26.55 -50.83 6.98
N ASP A 767 27.48 -49.93 6.65
CA ASP A 767 28.86 -50.35 6.42
C ASP A 767 29.59 -50.62 7.73
N TYR A 768 29.70 -49.61 8.56
CA TYR A 768 30.58 -49.63 9.72
C TYR A 768 29.86 -50.17 10.94
N GLU A 769 30.57 -50.95 11.74
CA GLU A 769 30.07 -51.44 13.01
C GLU A 769 30.50 -50.50 14.12
N GLU A 770 29.82 -50.57 15.25
CA GLU A 770 30.03 -49.63 16.34
C GLU A 770 31.30 -49.98 17.12
N TYR A 771 31.62 -49.13 18.09
CA TYR A 771 32.83 -49.31 18.89
C TYR A 771 32.68 -50.49 19.84
N SER A 772 33.81 -51.00 20.32
CA SER A 772 33.79 -52.06 21.32
C SER A 772 34.25 -51.55 22.69
N GLY A 773 34.81 -50.35 22.74
CA GLY A 773 35.22 -49.75 23.99
C GLY A 773 34.11 -48.98 24.68
N SER A 792 30.25 -40.04 28.61
CA SER A 792 30.67 -38.65 28.68
C SER A 792 32.13 -38.48 28.29
N TYR A 793 32.60 -39.32 27.37
CA TYR A 793 33.92 -39.12 26.78
C TYR A 793 33.80 -38.40 25.43
N GLU A 794 33.08 -37.29 25.46
CA GLU A 794 33.00 -36.36 24.33
C GLU A 794 34.07 -35.29 24.42
N PHE A 795 35.18 -35.61 25.08
CA PHE A 795 36.39 -34.83 24.99
C PHE A 795 36.87 -34.73 23.56
N PHE A 796 36.78 -35.83 22.79
CA PHE A 796 37.25 -35.82 21.41
C PHE A 796 36.29 -35.14 20.47
N GLU A 797 35.01 -35.09 20.81
CA GLU A 797 34.07 -34.24 20.10
C GLU A 797 34.47 -32.78 20.22
N SER A 798 34.93 -32.40 21.40
CA SER A 798 35.32 -31.03 21.67
C SER A 798 36.63 -30.66 20.99
N MET A 799 37.64 -31.53 21.05
CA MET A 799 38.89 -31.26 20.35
C MET A 799 38.76 -31.43 18.85
N ALA A 800 37.77 -32.17 18.39
CA ALA A 800 37.50 -32.26 16.96
C ALA A 800 36.80 -31.01 16.46
N GLU A 801 35.94 -30.42 17.29
CA GLU A 801 35.34 -29.15 16.94
C GLU A 801 36.30 -27.99 17.08
N SER A 802 37.32 -28.11 17.94
CA SER A 802 38.23 -27.01 18.18
C SER A 802 39.24 -26.76 17.07
N GLN A 803 39.26 -27.57 16.02
CA GLN A 803 40.21 -27.32 14.95
C GLN A 803 39.81 -26.14 14.08
N ILE A 804 38.54 -25.76 14.07
CA ILE A 804 38.04 -24.58 13.40
C ILE A 804 38.20 -23.39 14.35
N CYS A 805 38.84 -22.32 13.88
CA CYS A 805 38.86 -21.08 14.64
C CYS A 805 38.78 -19.92 13.66
N LYS A 806 37.57 -19.38 13.48
CA LYS A 806 37.24 -18.19 12.70
C LYS A 806 37.80 -18.24 11.30
N PRO A 807 37.25 -19.03 10.39
CA PRO A 807 37.79 -19.07 9.04
C PRO A 807 37.48 -17.82 8.24
N ARG A 808 38.47 -16.97 8.04
CA ARG A 808 38.36 -15.79 7.21
C ARG A 808 39.36 -15.91 6.08
N LEU A 809 38.96 -15.51 4.89
CA LEU A 809 39.88 -15.50 3.76
C LEU A 809 39.51 -14.34 2.86
N LEU A 810 40.45 -13.41 2.69
CA LEU A 810 40.31 -12.29 1.78
C LEU A 810 41.29 -12.49 0.64
N ILE A 811 40.77 -12.72 -0.55
CA ILE A 811 41.60 -12.86 -1.74
C ILE A 811 41.72 -11.48 -2.35
N ASN A 812 42.95 -11.01 -2.53
CA ASN A 812 43.21 -9.68 -3.03
C ASN A 812 44.10 -9.76 -4.27
N GLY A 813 43.96 -8.79 -5.16
CA GLY A 813 44.75 -8.78 -6.37
C GLY A 813 44.56 -7.50 -7.15
N PRO A 814 45.20 -7.40 -8.31
CA PRO A 814 45.04 -6.19 -9.14
C PRO A 814 43.68 -6.14 -9.80
N LYS A 815 43.44 -5.05 -10.52
CA LYS A 815 42.21 -4.90 -11.29
C LYS A 815 42.21 -5.87 -12.45
N GLY A 816 41.20 -6.74 -12.49
CA GLY A 816 41.04 -7.68 -13.58
C GLY A 816 42.03 -8.81 -13.62
N ASN A 817 42.36 -9.39 -12.47
CA ASN A 817 43.20 -10.57 -12.40
C ASN A 817 42.39 -11.85 -12.28
N GLY A 818 41.21 -11.88 -12.86
CA GLY A 818 40.41 -13.08 -12.87
C GLY A 818 39.80 -13.44 -11.54
N GLN A 819 39.42 -12.44 -10.73
CA GLN A 819 38.80 -12.71 -9.45
C GLN A 819 37.42 -13.33 -9.61
N GLN A 820 36.72 -13.02 -10.71
CA GLN A 820 35.41 -13.59 -10.93
C GLN A 820 35.49 -15.08 -11.26
N TYR A 821 36.61 -15.55 -11.80
CA TYR A 821 36.83 -16.97 -12.02
C TYR A 821 37.28 -17.68 -10.77
N VAL A 822 38.15 -17.02 -10.00
CA VAL A 822 38.67 -17.59 -8.76
C VAL A 822 37.55 -17.81 -7.77
N GLY A 823 36.63 -16.86 -7.65
CA GLY A 823 35.53 -17.01 -6.71
C GLY A 823 34.57 -18.11 -7.07
N ALA A 824 34.25 -18.25 -8.36
CA ALA A 824 33.38 -19.33 -8.80
C ALA A 824 34.07 -20.68 -8.69
N ALA A 825 35.38 -20.72 -8.91
CA ALA A 825 36.10 -21.99 -8.77
C ALA A 825 36.20 -22.41 -7.32
N ILE A 826 36.34 -21.46 -6.40
CA ILE A 826 36.43 -21.78 -4.99
C ILE A 826 35.07 -22.21 -4.46
N LEU A 827 34.00 -21.53 -4.90
CA LEU A 827 32.66 -21.95 -4.54
C LEU A 827 32.30 -23.30 -5.13
N ASN A 828 32.86 -23.65 -6.29
CA ASN A 828 32.72 -25.00 -6.83
C ASN A 828 33.50 -26.01 -6.01
N TYR A 829 34.66 -25.62 -5.49
CA TYR A 829 35.42 -26.54 -4.65
C TYR A 829 34.71 -26.79 -3.31
N LEU A 830 33.97 -25.81 -2.84
CA LEU A 830 33.16 -25.85 -1.62
C LEU A 830 31.71 -26.20 -1.91
N GLU A 831 31.45 -27.30 -2.62
CA GLU A 831 30.09 -27.64 -3.02
C GLU A 831 29.20 -28.15 -1.89
N GLU A 832 29.79 -28.72 -0.84
CA GLU A 832 28.97 -29.29 0.21
C GLU A 832 28.65 -28.30 1.31
N PHE A 833 28.98 -27.04 1.10
CA PHE A 833 28.73 -25.95 2.02
C PHE A 833 27.36 -25.35 1.75
N ASN A 834 27.05 -24.31 2.51
CA ASN A 834 25.84 -23.52 2.34
C ASN A 834 26.32 -22.12 1.98
N VAL A 835 26.22 -21.78 0.70
CA VAL A 835 26.72 -20.49 0.22
C VAL A 835 25.68 -19.40 0.44
N GLN A 836 26.10 -18.25 0.95
CA GLN A 836 25.27 -17.06 1.01
C GLN A 836 25.98 -15.93 0.29
N ASN A 837 25.45 -15.52 -0.86
CA ASN A 837 26.00 -14.42 -1.62
C ASN A 837 25.51 -13.11 -1.03
N LEU A 838 26.43 -12.29 -0.54
CA LEU A 838 26.12 -10.95 -0.06
C LEU A 838 26.52 -9.88 -1.08
N ASP A 839 26.61 -10.23 -2.35
CA ASP A 839 26.89 -9.19 -3.32
C ASP A 839 25.64 -8.35 -3.55
N LEU A 840 25.89 -7.06 -3.79
CA LEU A 840 24.83 -6.02 -3.94
C LEU A 840 23.75 -6.45 -4.94
N ALA A 841 24.11 -7.23 -5.97
CA ALA A 841 23.08 -7.66 -6.94
C ALA A 841 22.04 -8.50 -6.21
N SER A 842 22.49 -9.44 -5.37
CA SER A 842 21.61 -10.35 -4.59
C SER A 842 20.82 -9.57 -3.52
N LEU A 843 21.47 -8.64 -2.83
CA LEU A 843 20.82 -7.88 -1.72
C LEU A 843 19.66 -7.02 -2.23
N VAL A 844 19.86 -6.34 -3.36
CA VAL A 844 18.82 -5.44 -3.96
C VAL A 844 18.00 -6.24 -4.98
N SER A 845 18.34 -7.52 -5.18
CA SER A 845 17.61 -8.35 -6.18
C SER A 845 16.14 -8.53 -5.73
N GLU A 846 15.88 -8.36 -4.43
CA GLU A 846 14.50 -8.52 -3.90
C GLU A 846 14.06 -7.19 -3.25
N SER A 847 12.88 -6.70 -3.65
CA SER A 847 12.32 -5.44 -3.10
C SER A 847 11.45 -5.75 -1.87
N SER A 848 11.30 -7.04 -1.56
CA SER A 848 10.47 -7.51 -0.41
C SER A 848 11.04 -7.01 0.92
N ARG A 849 12.37 -7.03 1.08
CA ARG A 849 12.99 -6.60 2.37
C ARG A 849 14.16 -5.64 2.12
N THR A 850 14.55 -4.89 3.16
CA THR A 850 15.66 -3.89 3.12
C THR A 850 17.02 -4.61 3.13
N ILE A 851 18.10 -3.89 2.82
CA ILE A 851 19.40 -4.56 2.74
C ILE A 851 20.09 -4.73 4.08
N GLU A 852 19.47 -4.33 5.19
CA GLU A 852 19.94 -4.82 6.48
C GLU A 852 19.25 -6.13 6.83
N ALA A 853 17.94 -6.21 6.58
CA ALA A 853 17.21 -7.45 6.82
C ALA A 853 17.66 -8.54 5.87
N ALA A 854 18.10 -8.17 4.67
CA ALA A 854 18.69 -9.13 3.75
C ALA A 854 19.99 -9.71 4.29
N VAL A 855 20.88 -8.87 4.80
CA VAL A 855 22.17 -9.33 5.30
C VAL A 855 22.00 -10.15 6.58
N VAL A 856 21.13 -9.64 7.47
CA VAL A 856 20.84 -10.34 8.76
C VAL A 856 20.26 -11.71 8.42
N GLN A 857 19.27 -11.76 7.54
CA GLN A 857 18.62 -13.04 7.14
C GLN A 857 19.64 -13.96 6.47
N SER A 858 20.50 -13.40 5.60
CA SER A 858 21.52 -14.23 4.91
C SER A 858 22.48 -14.85 5.94
N PHE A 859 22.93 -14.05 6.91
CA PHE A 859 23.85 -14.55 7.96
C PHE A 859 23.15 -15.60 8.82
N MET A 860 21.87 -15.37 9.16
CA MET A 860 21.11 -16.33 10.00
C MET A 860 21.00 -17.66 9.26
N GLU A 861 20.76 -17.62 7.95
CA GLU A 861 20.66 -18.87 7.13
C GLU A 861 22.01 -19.58 7.16
N ALA A 862 23.11 -18.82 7.07
CA ALA A 862 24.47 -19.42 7.09
C ALA A 862 24.75 -20.01 8.48
N LYS A 863 24.12 -19.44 9.51
CA LYS A 863 24.28 -19.91 10.87
C LYS A 863 23.40 -21.12 11.15
N LYS A 864 22.27 -21.24 10.46
CA LYS A 864 21.39 -22.40 10.65
C LYS A 864 22.03 -23.68 10.11
N ARG A 865 22.22 -23.76 8.79
CA ARG A 865 22.86 -24.91 8.17
C ARG A 865 24.36 -24.68 8.27
N GLN A 866 25.02 -25.42 9.16
CA GLN A 866 26.23 -24.96 9.80
C GLN A 866 27.51 -24.96 8.96
N PRO A 867 27.87 -26.02 8.17
CA PRO A 867 29.03 -25.84 7.29
C PRO A 867 28.64 -24.91 6.16
N SER A 868 29.19 -23.71 6.15
CA SER A 868 28.62 -22.65 5.34
C SER A 868 29.64 -21.57 5.11
N VAL A 869 29.46 -20.86 4.00
CA VAL A 869 30.35 -19.80 3.58
C VAL A 869 29.51 -18.55 3.32
N VAL A 870 29.94 -17.44 3.90
CA VAL A 870 29.41 -16.13 3.54
C VAL A 870 30.33 -15.57 2.47
N PHE A 871 29.80 -15.38 1.28
CA PHE A 871 30.60 -15.02 0.11
C PHE A 871 30.32 -13.56 -0.25
N ILE A 872 31.36 -12.74 -0.24
CA ILE A 872 31.24 -11.34 -0.63
C ILE A 872 32.19 -11.07 -1.78
N PRO A 873 31.74 -11.13 -3.03
CA PRO A 873 32.60 -10.75 -4.15
C PRO A 873 32.54 -9.26 -4.43
N ASN A 874 33.61 -8.76 -5.04
CA ASN A 874 33.86 -7.33 -5.26
C ASN A 874 33.73 -6.56 -3.94
N LEU A 875 34.67 -6.85 -3.01
CA LEU A 875 34.60 -6.25 -1.69
C LEU A 875 34.92 -4.76 -1.74
N ASP A 876 35.74 -4.34 -2.70
CA ASP A 876 36.04 -2.93 -2.89
C ASP A 876 34.80 -2.13 -3.32
N ILE A 877 33.97 -2.70 -4.17
CA ILE A 877 32.71 -2.06 -4.51
C ILE A 877 31.73 -2.19 -3.37
N TRP A 878 31.80 -3.30 -2.63
CA TRP A 878 30.87 -3.57 -1.54
C TRP A 878 30.99 -2.57 -0.41
N ILE A 879 32.23 -2.22 -0.03
CA ILE A 879 32.40 -1.33 1.11
C ILE A 879 32.05 0.12 0.81
N ASN A 880 31.92 0.50 -0.46
CA ASN A 880 31.47 1.83 -0.83
C ASN A 880 29.99 1.89 -1.17
N THR A 881 29.45 0.85 -1.80
CA THR A 881 28.08 0.86 -2.27
C THR A 881 27.10 0.53 -1.14
N ILE A 882 27.52 -0.28 -0.19
CA ILE A 882 26.63 -0.68 0.90
C ILE A 882 26.81 0.37 2.00
N PRO A 883 25.77 0.64 2.81
CA PRO A 883 25.91 1.58 3.92
C PRO A 883 26.90 1.10 4.96
N GLU A 884 27.48 2.06 5.68
CA GLU A 884 28.37 1.76 6.78
C GLU A 884 27.66 1.10 7.95
N ASN A 885 26.34 1.20 8.04
CA ASN A 885 25.62 0.53 9.12
C ASN A 885 25.52 -0.96 8.87
N VAL A 886 25.43 -1.37 7.60
CA VAL A 886 25.29 -2.78 7.28
C VAL A 886 26.59 -3.53 7.57
N ILE A 887 27.73 -2.89 7.31
CA ILE A 887 29.02 -3.51 7.56
C ILE A 887 29.22 -3.74 9.06
N LEU A 888 28.73 -2.82 9.88
CA LEU A 888 28.92 -2.98 11.31
C LEU A 888 27.88 -3.90 11.93
N VAL A 889 26.68 -3.97 11.34
CA VAL A 889 25.73 -5.01 11.70
C VAL A 889 26.31 -6.39 11.43
N LEU A 890 26.90 -6.58 10.24
CA LEU A 890 27.53 -7.86 9.91
C LEU A 890 28.77 -8.13 10.76
N SER A 891 29.51 -7.10 11.13
CA SER A 891 30.71 -7.31 11.94
C SER A 891 30.35 -7.67 13.37
N GLY A 892 29.23 -7.15 13.88
CA GLY A 892 28.75 -7.62 15.16
C GLY A 892 28.12 -8.99 15.09
N LEU A 893 27.60 -9.37 13.93
CA LEU A 893 27.11 -10.73 13.77
C LEU A 893 28.26 -11.73 13.69
N PHE A 894 29.36 -11.35 13.06
CA PHE A 894 30.53 -12.21 13.01
C PHE A 894 31.30 -12.19 14.32
N ARG A 895 31.12 -11.16 15.12
CA ARG A 895 31.73 -11.15 16.44
C ARG A 895 30.96 -11.98 17.45
N SER A 896 29.67 -12.18 17.24
CA SER A 896 28.81 -12.90 18.17
C SER A 896 28.88 -14.41 18.02
N LEU A 897 29.75 -14.91 17.15
CA LEU A 897 29.85 -16.34 16.92
C LEU A 897 30.87 -16.96 17.85
N GLN A 898 30.55 -18.13 18.38
CA GLN A 898 31.55 -18.98 19.00
C GLN A 898 32.58 -19.39 17.96
N SER A 899 33.86 -19.38 18.38
CA SER A 899 34.99 -19.41 17.46
C SER A 899 35.05 -20.66 16.60
N ASN A 900 34.51 -21.77 17.07
CA ASN A 900 34.56 -23.00 16.30
C ASN A 900 33.37 -23.19 15.38
N GLU A 901 32.50 -22.20 15.24
CA GLU A 901 31.38 -22.31 14.32
C GLU A 901 31.89 -22.21 12.89
N LYS A 902 31.52 -23.18 12.07
CA LYS A 902 32.12 -23.38 10.76
C LYS A 902 31.44 -22.51 9.70
N ILE A 903 31.53 -21.20 9.90
CA ILE A 903 31.02 -20.21 8.96
C ILE A 903 32.22 -19.48 8.40
N LEU A 904 32.55 -19.73 7.14
CA LEU A 904 33.67 -19.09 6.49
C LEU A 904 33.22 -17.75 5.93
N LEU A 905 34.03 -16.73 6.12
CA LEU A 905 33.81 -15.44 5.48
C LEU A 905 34.81 -15.33 4.34
N LEU A 906 34.32 -15.47 3.12
CA LEU A 906 35.16 -15.47 1.94
C LEU A 906 34.91 -14.22 1.13
N CYS A 907 35.92 -13.36 1.03
CA CYS A 907 35.81 -12.12 0.29
C CYS A 907 36.77 -12.14 -0.89
N LEU A 908 36.45 -11.37 -1.92
CA LEU A 908 37.35 -11.16 -3.06
C LEU A 908 37.32 -9.69 -3.45
N ALA A 909 38.50 -9.07 -3.54
CA ALA A 909 38.54 -7.63 -3.90
C ALA A 909 39.63 -7.36 -4.96
N GLU A 910 39.59 -6.17 -5.56
CA GLU A 910 40.59 -5.77 -6.59
C GLU A 910 41.33 -4.51 -6.12
N ASN A 911 42.65 -4.64 -5.88
CA ASN A 911 43.49 -3.50 -5.45
C ASN A 911 42.97 -2.87 -4.15
N LEU A 912 42.50 -3.70 -3.21
CA LEU A 912 41.98 -3.18 -1.91
C LEU A 912 43.16 -2.68 -1.07
N ASP A 913 43.01 -1.50 -0.44
CA ASP A 913 44.09 -0.94 0.42
C ASP A 913 44.13 -1.80 1.70
N ILE A 914 45.31 -2.29 2.09
CA ILE A 914 45.37 -3.16 3.25
C ILE A 914 45.12 -2.38 4.54
N SER A 915 45.29 -1.06 4.50
CA SER A 915 44.92 -0.23 5.65
C SER A 915 43.42 -0.23 5.89
N GLU A 916 42.62 -0.54 4.86
CA GLU A 916 41.18 -0.62 5.06
C GLU A 916 40.81 -1.84 5.88
N VAL A 917 41.57 -2.94 5.77
CA VAL A 917 41.25 -4.09 6.60
C VAL A 917 41.98 -4.07 7.93
N LYS A 918 43.05 -3.29 8.06
CA LYS A 918 43.71 -3.19 9.36
C LYS A 918 43.23 -2.03 10.21
N ASN A 919 42.64 -1.00 9.62
CA ASN A 919 42.36 0.25 10.32
C ASN A 919 40.96 0.78 10.13
N GLY A 920 40.24 0.36 9.10
CA GLY A 920 38.98 0.97 8.77
C GLY A 920 37.78 0.10 9.00
N ILE A 921 36.90 0.01 8.01
CA ILE A 921 35.59 -0.55 8.24
C ILE A 921 35.59 -2.08 8.16
N LEU A 922 36.69 -2.69 7.74
CA LEU A 922 36.81 -4.14 7.78
C LEU A 922 37.79 -4.61 8.85
N SER A 923 37.96 -3.83 9.91
CA SER A 923 38.91 -4.18 10.95
C SER A 923 38.30 -5.11 11.98
N ASP A 924 36.99 -5.04 12.17
CA ASP A 924 36.33 -5.96 13.09
C ASP A 924 36.38 -7.39 12.60
N PHE A 925 36.25 -7.62 11.30
CA PHE A 925 36.51 -8.92 10.71
C PHE A 925 37.98 -9.27 10.85
N ALA A 926 38.27 -10.56 10.96
CA ALA A 926 39.62 -10.99 11.27
C ALA A 926 40.42 -11.24 10.00
N PHE A 927 40.51 -10.22 9.16
CA PHE A 927 41.35 -10.28 7.95
C PHE A 927 42.76 -9.84 8.27
N ASP A 928 43.38 -10.55 9.21
CA ASP A 928 44.65 -10.13 9.80
C ASP A 928 45.83 -10.79 9.10
N LYS A 929 45.90 -12.12 9.14
CA LYS A 929 46.98 -12.88 8.56
C LYS A 929 46.48 -13.92 7.57
N ASN A 930 45.32 -13.70 6.99
CA ASN A 930 44.71 -14.59 6.02
C ASN A 930 44.22 -13.81 4.81
N ILE A 931 45.11 -12.97 4.29
CA ILE A 931 44.86 -12.21 3.07
C ILE A 931 45.69 -12.86 1.97
N PHE A 932 45.03 -13.58 1.08
CA PHE A 932 45.68 -14.18 -0.09
C PHE A 932 45.93 -13.11 -1.14
N GLN A 933 47.01 -13.28 -1.89
CA GLN A 933 47.37 -12.36 -2.96
C GLN A 933 47.30 -13.08 -4.29
N LEU A 934 46.34 -12.72 -5.13
CA LEU A 934 46.40 -13.08 -6.54
C LEU A 934 47.43 -12.17 -7.19
N HIS A 935 48.52 -12.74 -7.66
CA HIS A 935 49.43 -11.95 -8.48
C HIS A 935 49.25 -12.31 -9.94
N LYS A 936 49.90 -11.53 -10.78
CA LYS A 936 49.80 -11.70 -12.21
C LYS A 936 50.46 -13.00 -12.62
N PRO A 937 50.02 -13.62 -13.71
CA PRO A 937 50.61 -14.89 -14.13
C PRO A 937 52.06 -14.74 -14.56
N SER A 938 52.81 -15.83 -14.41
CA SER A 938 54.24 -15.85 -14.68
C SER A 938 54.45 -16.13 -16.16
N LYS A 939 55.72 -16.25 -16.59
CA LYS A 939 56.02 -16.48 -17.99
C LYS A 939 55.60 -17.86 -18.44
N GLU A 940 55.63 -18.84 -17.54
CA GLU A 940 55.27 -20.20 -17.92
C GLU A 940 53.76 -20.34 -18.09
N ASN A 941 52.99 -19.67 -17.23
CA ASN A 941 51.53 -19.67 -17.36
C ASN A 941 51.11 -18.97 -18.64
N ILE A 942 51.79 -17.88 -18.99
CA ILE A 942 51.47 -17.15 -20.22
C ILE A 942 51.84 -17.97 -21.45
N THR A 943 52.99 -18.65 -21.39
CA THR A 943 53.44 -19.47 -22.51
C THR A 943 52.55 -20.68 -22.70
N ARG A 944 51.99 -21.23 -21.62
CA ARG A 944 51.04 -22.32 -21.79
C ARG A 944 49.66 -21.83 -22.16
N TYR A 945 49.35 -20.57 -21.83
CA TYR A 945 48.07 -19.98 -22.18
C TYR A 945 48.00 -19.68 -23.67
N PHE A 946 49.11 -19.25 -24.25
CA PHE A 946 49.20 -18.94 -25.66
C PHE A 946 49.63 -20.13 -26.50
N SER A 947 49.35 -21.34 -26.08
CA SER A 947 49.71 -22.52 -26.85
C SER A 947 48.56 -23.04 -27.68
N ASN A 948 47.33 -22.96 -27.18
CA ASN A 948 46.17 -23.33 -27.97
C ASN A 948 45.95 -22.38 -29.14
N LEU A 949 46.26 -21.12 -28.99
CA LEU A 949 46.13 -20.24 -30.16
C LEU A 949 47.19 -20.67 -31.15
N ILE A 950 48.46 -20.75 -30.76
CA ILE A 950 49.49 -21.14 -31.72
C ILE A 950 49.14 -22.49 -32.36
N GLU A 951 48.45 -23.36 -31.62
CA GLU A 951 47.91 -24.58 -32.21
C GLU A 951 46.85 -24.27 -33.25
N LEU A 952 46.07 -23.21 -33.05
CA LEU A 952 45.13 -22.78 -34.07
C LEU A 952 45.83 -22.21 -35.30
N LEU A 953 46.96 -21.53 -35.09
CA LEU A 953 47.67 -20.92 -36.20
C LEU A 953 48.22 -21.96 -37.15
N LYS A 954 48.66 -23.10 -36.63
CA LYS A 954 49.23 -24.15 -37.47
C LYS A 954 48.22 -25.23 -37.83
N THR A 955 46.93 -25.02 -37.56
CA THR A 955 45.90 -25.94 -38.01
C THR A 955 45.69 -25.76 -39.51
N LYS A 956 45.80 -26.85 -40.26
CA LYS A 956 45.64 -26.81 -41.71
C LYS A 956 44.17 -26.56 -42.08
N PRO A 957 43.93 -25.85 -43.19
CA PRO A 957 42.56 -25.46 -43.56
C PRO A 957 41.61 -26.59 -43.94
N SER A 958 42.01 -27.86 -43.87
CA SER A 958 41.01 -28.92 -43.95
C SER A 958 40.36 -29.19 -42.61
N ASP A 959 41.11 -29.02 -41.52
CA ASP A 959 40.67 -29.43 -40.19
C ASP A 959 39.80 -28.39 -39.49
N ILE A 960 39.28 -27.41 -40.21
CA ILE A 960 38.42 -26.37 -39.62
C ILE A 960 37.02 -26.55 -40.19
N PRO A 961 36.04 -26.96 -39.37
CA PRO A 961 34.71 -27.29 -39.90
C PRO A 961 33.96 -26.07 -40.41
N MET A 962 33.65 -26.08 -41.70
CA MET A 962 32.85 -25.05 -42.34
C MET A 962 31.59 -25.70 -42.91
N LYS A 963 30.67 -24.87 -43.36
CA LYS A 963 29.45 -25.36 -43.98
C LYS A 963 29.64 -25.40 -45.50
N LYS A 964 29.47 -26.58 -46.08
CA LYS A 964 29.53 -26.79 -47.51
C LYS A 964 28.13 -26.65 -48.09
N ARG A 965 27.94 -27.12 -49.32
CA ARG A 965 26.64 -27.13 -49.95
C ARG A 965 26.20 -28.57 -50.19
N ARG A 966 24.89 -28.75 -50.38
CA ARG A 966 24.30 -30.07 -50.61
C ARG A 966 23.99 -30.27 -52.09
N VAL A 967 25.04 -30.56 -52.86
CA VAL A 967 24.82 -30.96 -54.25
C VAL A 967 24.25 -32.37 -54.25
N LYS A 968 23.24 -32.57 -55.11
CA LYS A 968 22.33 -33.73 -55.14
C LYS A 968 21.70 -33.89 -53.75
N PRO A 969 20.71 -33.05 -53.38
CA PRO A 969 20.38 -32.84 -51.95
C PRO A 969 19.89 -34.04 -51.14
N LEU A 970 18.76 -34.64 -51.53
CA LEU A 970 18.17 -35.67 -50.69
C LEU A 970 17.86 -36.90 -51.51
N PRO A 971 17.99 -38.09 -50.92
CA PRO A 971 17.40 -39.29 -51.53
C PRO A 971 15.90 -39.27 -51.34
N GLU A 972 15.18 -38.61 -52.24
CA GLU A 972 13.75 -38.32 -52.06
C GLU A 972 12.91 -39.58 -51.99
N LEU A 973 11.95 -39.59 -51.06
CA LEU A 973 11.20 -40.80 -50.70
C LEU A 973 9.70 -40.64 -50.90
N GLN A 974 9.02 -41.77 -51.05
CA GLN A 974 7.55 -41.81 -51.29
C GLN A 974 6.81 -42.05 -49.98
N LYS A 975 5.49 -42.23 -50.03
CA LYS A 975 4.63 -42.44 -48.83
C LYS A 975 4.80 -43.85 -48.26
N VAL A 976 4.31 -44.04 -47.02
CA VAL A 976 4.37 -45.33 -46.27
C VAL A 976 5.75 -45.98 -46.45
N GLU A 1356 50.71 -29.76 -45.93
CA GLU A 1356 50.60 -28.87 -47.09
C GLU A 1356 50.68 -27.41 -46.64
N LEU A 1357 50.58 -27.18 -45.33
CA LEU A 1357 50.72 -25.85 -44.76
C LEU A 1357 52.13 -25.31 -44.96
N ILE A 1358 52.21 -24.00 -45.21
CA ILE A 1358 53.50 -23.30 -45.52
C ILE A 1358 53.96 -22.50 -44.30
N LEU A 1359 53.56 -22.93 -43.10
CA LEU A 1359 53.95 -22.26 -41.86
C LEU A 1359 55.30 -22.82 -41.43
N THR A 1360 56.31 -21.95 -41.44
CA THR A 1360 57.66 -22.35 -41.10
C THR A 1360 57.77 -22.59 -39.59
N PRO A 1361 58.51 -23.61 -39.15
CA PRO A 1361 58.72 -23.80 -37.70
C PRO A 1361 59.51 -22.69 -37.02
N GLU A 1362 60.05 -21.72 -37.76
CA GLU A 1362 60.65 -20.54 -37.17
C GLU A 1362 59.61 -19.46 -36.86
N GLN A 1363 58.59 -19.33 -37.73
CA GLN A 1363 57.61 -18.25 -37.57
C GLN A 1363 56.73 -18.48 -36.34
N ILE A 1364 56.48 -19.74 -36.00
CA ILE A 1364 55.84 -20.10 -34.74
C ILE A 1364 56.62 -19.54 -33.56
N LYS A 1365 57.94 -19.78 -33.55
CA LYS A 1365 58.82 -19.27 -32.51
C LYS A 1365 58.89 -17.75 -32.50
N LYS A 1366 58.82 -17.13 -33.68
CA LYS A 1366 58.93 -15.68 -33.77
C LYS A 1366 57.69 -14.99 -33.24
N VAL A 1367 56.51 -15.54 -33.51
CA VAL A 1367 55.30 -14.94 -32.96
C VAL A 1367 55.13 -15.32 -31.49
N SER A 1368 55.65 -16.47 -31.07
CA SER A 1368 55.63 -16.87 -29.67
C SER A 1368 56.60 -16.07 -28.83
N ALA A 1369 57.66 -15.53 -29.42
CA ALA A 1369 58.59 -14.72 -28.67
C ALA A 1369 58.06 -13.32 -28.44
N CYS A 1370 57.09 -12.87 -29.22
CA CYS A 1370 56.55 -11.53 -29.07
C CYS A 1370 55.18 -11.49 -28.44
N LEU A 1371 54.43 -12.60 -28.46
CA LEU A 1371 53.24 -12.70 -27.63
C LEU A 1371 53.59 -12.59 -26.15
N ILE A 1372 54.68 -13.22 -25.74
CA ILE A 1372 55.11 -13.18 -24.35
C ILE A 1372 55.70 -11.82 -24.01
N GLU A 1373 56.48 -11.26 -24.93
CA GLU A 1373 57.14 -9.98 -24.67
C GLU A 1373 56.14 -8.83 -24.66
N HIS A 1374 55.07 -8.94 -25.44
CA HIS A 1374 54.04 -7.90 -25.40
C HIS A 1374 53.23 -8.00 -24.12
N CYS A 1375 53.02 -9.22 -23.61
CA CYS A 1375 52.24 -9.44 -22.39
C CYS A 1375 53.16 -9.45 -21.17
N GLN A 1376 53.88 -8.36 -20.99
CA GLN A 1376 54.85 -8.24 -19.91
C GLN A 1376 54.19 -7.57 -18.71
N ASN A 1377 54.05 -8.34 -17.62
CA ASN A 1377 53.38 -7.94 -16.39
C ASN A 1377 51.94 -7.52 -16.66
N PHE A 1378 51.19 -8.43 -17.30
CA PHE A 1378 49.78 -8.25 -17.60
C PHE A 1378 48.95 -9.03 -16.60
N THR A 1379 47.75 -8.52 -16.31
CA THR A 1379 46.78 -9.25 -15.53
C THR A 1379 46.05 -10.23 -16.46
N VAL A 1380 45.06 -10.95 -15.93
CA VAL A 1380 44.38 -11.97 -16.71
C VAL A 1380 43.52 -11.34 -17.80
N SER A 1381 42.84 -10.24 -17.48
CA SER A 1381 41.94 -9.64 -18.45
C SER A 1381 42.68 -8.97 -19.60
N GLN A 1382 43.86 -8.41 -19.34
CA GLN A 1382 44.71 -7.89 -20.41
C GLN A 1382 45.18 -9.02 -21.32
N LEU A 1383 45.51 -10.17 -20.74
CA LEU A 1383 45.89 -11.34 -21.51
C LEU A 1383 44.74 -11.85 -22.34
N GLU A 1384 43.51 -11.81 -21.82
CA GLU A 1384 42.37 -12.22 -22.60
C GLU A 1384 42.06 -11.25 -23.74
N ASP A 1385 42.33 -9.96 -23.53
CA ASP A 1385 42.19 -8.99 -24.61
C ASP A 1385 43.16 -9.26 -25.75
N VAL A 1386 44.44 -9.51 -25.41
CA VAL A 1386 45.44 -9.88 -26.40
C VAL A 1386 45.07 -11.19 -27.09
N HIS A 1387 44.60 -12.15 -26.31
CA HIS A 1387 44.29 -13.46 -26.85
C HIS A 1387 43.07 -13.42 -27.76
N SER A 1388 42.10 -12.57 -27.44
CA SER A 1388 40.91 -12.48 -28.28
C SER A 1388 41.19 -11.78 -29.58
N SER A 1389 42.02 -10.73 -29.55
CA SER A 1389 42.38 -10.05 -30.78
C SER A 1389 43.25 -10.92 -31.68
N VAL A 1390 44.22 -11.64 -31.12
CA VAL A 1390 45.05 -12.52 -31.93
C VAL A 1390 44.22 -13.71 -32.43
N ALA A 1391 43.27 -14.20 -31.65
CA ALA A 1391 42.38 -15.25 -32.15
C ALA A 1391 41.47 -14.75 -33.26
N LYS A 1392 41.12 -13.46 -33.25
CA LYS A 1392 40.34 -12.90 -34.35
C LYS A 1392 41.18 -12.77 -35.62
N ILE A 1393 42.43 -12.31 -35.46
CA ILE A 1393 43.37 -12.22 -36.58
C ILE A 1393 43.63 -13.59 -37.19
N ILE A 1394 43.74 -14.62 -36.36
CA ILE A 1394 44.02 -15.97 -36.86
C ILE A 1394 42.78 -16.57 -37.51
N TRP A 1395 41.64 -16.52 -36.83
CA TRP A 1395 40.39 -17.10 -37.34
C TRP A 1395 39.86 -16.35 -38.55
N LYS A 1396 40.36 -15.14 -38.80
CA LYS A 1396 40.09 -14.42 -40.04
C LYS A 1396 40.55 -15.23 -41.25
N SER A 1397 41.85 -15.46 -41.37
CA SER A 1397 42.40 -16.22 -42.48
C SER A 1397 42.52 -17.69 -42.10
N LYS A 1398 41.39 -18.31 -41.87
CA LYS A 1398 41.35 -19.71 -41.49
C LYS A 1398 41.39 -20.65 -42.68
N SER A 1399 41.13 -20.15 -43.88
CA SER A 1399 41.14 -20.97 -45.07
C SER A 1399 42.41 -20.82 -45.87
N ALA A 1400 43.29 -19.89 -45.49
CA ALA A 1400 44.54 -19.70 -46.21
C ALA A 1400 45.50 -20.82 -45.89
N TRP A 1401 46.09 -21.41 -46.93
CA TRP A 1401 47.06 -22.47 -46.75
C TRP A 1401 48.46 -21.96 -46.46
N ASP A 1402 48.72 -20.70 -46.73
CA ASP A 1402 50.01 -20.07 -46.45
C ASP A 1402 49.78 -19.03 -45.37
N LYS A 1403 50.14 -19.37 -44.13
CA LYS A 1403 50.01 -18.45 -43.02
C LYS A 1403 51.29 -17.62 -42.89
N THR A 1404 51.55 -16.81 -43.91
CA THR A 1404 52.62 -15.82 -43.88
C THR A 1404 52.08 -14.41 -43.81
N GLY A 1405 50.92 -14.18 -44.43
CA GLY A 1405 50.21 -12.93 -44.24
C GLY A 1405 49.44 -12.87 -42.95
N THR A 1406 49.39 -13.97 -42.20
CA THR A 1406 48.73 -14.01 -40.90
C THR A 1406 49.72 -13.71 -39.78
N VAL A 1407 50.94 -14.27 -39.85
CA VAL A 1407 51.93 -14.08 -38.81
C VAL A 1407 52.34 -12.63 -38.68
N ASP A 1408 52.54 -11.94 -39.81
CA ASP A 1408 52.98 -10.56 -39.73
C ASP A 1408 51.86 -9.62 -39.33
N GLU A 1409 50.61 -10.02 -39.49
CA GLU A 1409 49.50 -9.30 -38.86
C GLU A 1409 49.62 -9.37 -37.34
N ILE A 1410 50.03 -10.51 -36.81
CA ILE A 1410 50.16 -10.66 -35.37
C ILE A 1410 51.39 -9.90 -34.87
N ILE A 1411 52.48 -9.89 -35.64
CA ILE A 1411 53.63 -9.08 -35.25
C ILE A 1411 53.29 -7.60 -35.32
N LYS A 1412 52.45 -7.20 -36.28
CA LYS A 1412 52.03 -5.81 -36.39
C LYS A 1412 51.13 -5.41 -35.24
N PHE A 1413 50.25 -6.30 -34.79
CA PHE A 1413 49.36 -5.97 -33.67
C PHE A 1413 50.15 -5.79 -32.40
N LEU A 1414 51.08 -6.70 -32.10
CA LEU A 1414 51.75 -6.74 -30.81
C LEU A 1414 52.97 -5.83 -30.79
N SER A 1415 52.79 -4.59 -31.22
CA SER A 1415 53.88 -3.63 -31.31
C SER A 1415 53.36 -2.19 -31.26
N ASP B 444 -6.92 -36.48 16.69
CA ASP B 444 -6.21 -35.92 17.84
C ASP B 444 -6.07 -36.95 18.96
N MET B 445 -4.96 -36.88 19.69
CA MET B 445 -4.64 -37.87 20.69
C MET B 445 -5.42 -37.57 21.97
N ASN B 446 -5.59 -38.58 22.82
CA ASN B 446 -6.04 -38.32 24.18
C ASN B 446 -4.87 -37.76 24.97
N VAL B 447 -5.12 -36.69 25.71
CA VAL B 447 -4.15 -36.12 26.62
C VAL B 447 -4.88 -35.81 27.91
N ASN B 448 -4.11 -35.67 28.98
CA ASN B 448 -4.64 -35.09 30.19
C ASN B 448 -3.59 -34.15 30.76
N PHE B 449 -3.75 -33.73 32.00
CA PHE B 449 -2.84 -32.76 32.58
C PHE B 449 -1.49 -33.35 32.93
N ASP B 450 -1.35 -34.66 32.93
CA ASP B 450 -0.09 -35.30 33.26
C ASP B 450 0.80 -35.52 32.04
N ASP B 451 0.35 -35.18 30.85
CA ASP B 451 1.21 -35.10 29.68
C ASP B 451 1.76 -33.70 29.46
N ILE B 452 1.68 -32.84 30.46
CA ILE B 452 2.17 -31.47 30.39
C ILE B 452 3.12 -31.25 31.55
N GLY B 453 4.29 -30.73 31.26
CA GLY B 453 5.34 -30.58 32.25
C GLY B 453 5.67 -29.12 32.52
N GLY B 454 5.60 -28.74 33.79
CA GLY B 454 6.13 -27.46 34.19
C GLY B 454 5.25 -26.28 33.92
N LEU B 455 3.95 -26.48 33.80
CA LEU B 455 2.98 -25.41 33.69
C LEU B 455 1.89 -25.61 34.71
N ASP B 456 2.29 -25.97 35.93
CA ASP B 456 1.34 -26.39 36.94
C ASP B 456 0.65 -25.23 37.62
N ASN B 457 1.18 -24.02 37.48
CA ASN B 457 0.48 -22.85 37.97
C ASN B 457 -0.78 -22.58 37.16
N TYR B 458 -0.69 -22.72 35.84
CA TYR B 458 -1.81 -22.41 34.97
C TYR B 458 -2.88 -23.48 34.98
N ILE B 459 -2.53 -24.72 35.32
CA ILE B 459 -3.52 -25.79 35.38
C ILE B 459 -4.46 -25.56 36.55
N ASP B 460 -3.95 -24.99 37.64
CA ASP B 460 -4.80 -24.64 38.77
C ASP B 460 -5.71 -23.46 38.47
N GLN B 461 -5.23 -22.50 37.70
CA GLN B 461 -6.08 -21.39 37.27
C GLN B 461 -7.12 -21.84 36.26
N LEU B 462 -6.82 -22.85 35.46
CA LEU B 462 -7.81 -23.38 34.54
C LEU B 462 -8.89 -24.19 35.25
N LYS B 463 -8.52 -24.87 36.34
CA LYS B 463 -9.48 -25.66 37.12
C LYS B 463 -10.59 -24.82 37.71
N GLU B 464 -10.27 -23.61 38.17
CA GLU B 464 -11.29 -22.75 38.74
C GLU B 464 -12.11 -22.03 37.69
N MET B 465 -11.84 -22.25 36.41
CA MET B 465 -12.61 -21.64 35.37
C MET B 465 -13.38 -22.63 34.52
N VAL B 466 -13.06 -23.92 34.56
CA VAL B 466 -13.80 -24.86 33.73
C VAL B 466 -14.43 -25.99 34.53
N ALA B 467 -13.86 -26.35 35.68
CA ALA B 467 -14.23 -27.60 36.36
C ALA B 467 -14.80 -27.36 37.74
N LEU B 468 -14.18 -26.49 38.53
CA LEU B 468 -14.80 -26.02 39.76
C LEU B 468 -16.17 -25.35 39.60
N PRO B 469 -16.49 -24.58 38.55
CA PRO B 469 -17.87 -24.10 38.44
C PRO B 469 -18.88 -25.19 38.12
N LEU B 470 -18.45 -26.30 37.53
CA LEU B 470 -19.37 -27.41 37.30
C LEU B 470 -19.62 -28.20 38.57
N LEU B 471 -18.56 -28.50 39.31
CA LEU B 471 -18.67 -29.31 40.51
C LEU B 471 -19.39 -28.58 41.64
N TYR B 472 -18.96 -27.36 41.94
CA TYR B 472 -19.46 -26.57 43.06
C TYR B 472 -20.04 -25.27 42.53
N PRO B 473 -21.24 -25.30 41.93
CA PRO B 473 -21.85 -24.03 41.51
C PRO B 473 -22.29 -23.17 42.68
N GLU B 474 -22.57 -23.76 43.83
CA GLU B 474 -22.99 -23.01 45.00
C GLU B 474 -21.86 -22.23 45.63
N LEU B 475 -20.62 -22.64 45.44
CA LEU B 475 -19.49 -21.86 45.94
C LEU B 475 -19.31 -20.58 45.14
N TYR B 476 -19.64 -20.62 43.87
CA TYR B 476 -19.54 -19.45 43.00
C TYR B 476 -20.71 -18.50 43.18
N GLN B 477 -21.94 -19.01 43.29
CA GLN B 477 -23.05 -18.09 43.53
C GLN B 477 -23.25 -17.75 45.00
N ASN B 478 -22.32 -18.14 45.88
CA ASN B 478 -22.28 -17.55 47.22
C ASN B 478 -21.79 -16.12 47.16
N PHE B 479 -20.78 -15.89 46.31
CA PHE B 479 -20.24 -14.52 46.13
C PHE B 479 -20.94 -13.85 44.94
N ASN B 480 -21.83 -14.60 44.27
CA ASN B 480 -22.58 -14.10 43.07
C ASN B 480 -21.58 -13.62 42.01
N ILE B 481 -20.52 -14.41 41.77
CA ILE B 481 -19.45 -14.04 40.80
C ILE B 481 -19.47 -15.03 39.63
N THR B 482 -19.53 -14.51 38.41
CA THR B 482 -19.50 -15.37 37.20
C THR B 482 -18.07 -15.91 37.05
N PRO B 483 -17.87 -17.22 36.78
CA PRO B 483 -16.51 -17.77 36.63
C PRO B 483 -15.84 -17.19 35.39
N PRO B 484 -14.50 -16.93 35.41
CA PRO B 484 -13.81 -16.42 34.22
C PRO B 484 -13.93 -17.49 33.14
N ARG B 485 -14.22 -17.09 31.90
CA ARG B 485 -14.42 -18.08 30.81
C ARG B 485 -13.62 -17.68 29.56
N GLY B 486 -12.60 -16.83 29.72
CA GLY B 486 -11.82 -16.45 28.58
C GLY B 486 -10.38 -16.31 28.97
N VAL B 487 -9.51 -17.01 28.26
CA VAL B 487 -8.10 -16.98 28.55
C VAL B 487 -7.32 -16.95 27.24
N LEU B 488 -6.27 -16.15 27.20
CA LEU B 488 -5.39 -16.02 26.06
C LEU B 488 -4.05 -16.67 26.39
N PHE B 489 -3.75 -17.77 25.71
CA PHE B 489 -2.46 -18.45 25.89
C PHE B 489 -1.46 -17.84 24.94
N HIS B 490 -0.39 -17.25 25.46
CA HIS B 490 0.54 -16.59 24.56
C HIS B 490 1.97 -16.86 24.97
N GLY B 491 2.85 -16.89 24.00
CA GLY B 491 4.24 -17.11 24.28
C GLY B 491 4.98 -17.59 23.06
N PRO B 492 6.17 -18.12 23.22
CA PRO B 492 6.92 -18.65 22.09
C PRO B 492 6.26 -19.90 21.54
N PRO B 493 6.51 -20.24 20.29
CA PRO B 493 5.95 -21.48 19.74
C PRO B 493 6.54 -22.72 20.36
N GLY B 494 5.76 -23.79 20.32
CA GLY B 494 6.21 -25.06 20.85
C GLY B 494 6.22 -25.18 22.35
N THR B 495 5.45 -24.37 23.06
CA THR B 495 5.48 -24.34 24.52
C THR B 495 4.24 -24.91 25.18
N GLY B 496 3.36 -25.56 24.42
CA GLY B 496 2.27 -26.28 25.01
C GLY B 496 0.96 -25.54 25.13
N LYS B 497 0.65 -24.64 24.19
CA LYS B 497 -0.61 -23.92 24.23
C LYS B 497 -1.76 -24.76 23.69
N THR B 498 -1.58 -25.39 22.53
CA THR B 498 -2.58 -26.30 22.00
C THR B 498 -2.71 -27.54 22.87
N LEU B 499 -1.60 -28.01 23.45
CA LEU B 499 -1.63 -29.17 24.32
C LEU B 499 -2.43 -28.89 25.58
N MET B 500 -2.26 -27.70 26.16
CA MET B 500 -3.06 -27.31 27.31
C MET B 500 -4.53 -27.16 26.95
N ALA B 501 -4.81 -26.64 25.76
CA ALA B 501 -6.20 -26.50 25.33
C ALA B 501 -6.88 -27.84 25.10
N ARG B 502 -6.12 -28.86 24.66
CA ARG B 502 -6.71 -30.17 24.46
C ARG B 502 -6.83 -30.92 25.77
N ALA B 503 -5.87 -30.73 26.67
CA ALA B 503 -5.90 -31.42 27.95
C ALA B 503 -6.99 -30.88 28.84
N LEU B 504 -7.32 -29.60 28.69
CA LEU B 504 -8.46 -29.03 29.42
C LEU B 504 -9.77 -29.68 29.02
N ALA B 505 -9.98 -29.90 27.73
CA ALA B 505 -11.17 -30.58 27.25
C ALA B 505 -11.22 -32.03 27.68
N ALA B 506 -10.12 -32.76 27.54
CA ALA B 506 -10.15 -34.17 27.88
C ALA B 506 -9.93 -34.45 29.36
N SER B 507 -9.77 -33.43 30.20
CA SER B 507 -9.64 -33.67 31.63
C SER B 507 -10.97 -33.64 32.36
N CYS B 508 -11.72 -32.54 32.26
CA CYS B 508 -13.00 -32.41 32.93
C CYS B 508 -14.08 -33.28 32.29
N SER B 509 -13.88 -33.72 31.05
CA SER B 509 -14.80 -34.67 30.42
C SER B 509 -14.73 -36.01 31.14
N SER B 510 -15.90 -36.55 31.50
CA SER B 510 -15.98 -37.76 32.31
C SER B 510 -17.24 -38.52 31.94
N ASP B 511 -17.66 -39.41 32.84
CA ASP B 511 -18.94 -40.11 32.73
C ASP B 511 -20.12 -39.15 32.70
N GLU B 512 -20.23 -38.27 33.71
CA GLU B 512 -21.40 -37.41 33.83
C GLU B 512 -21.44 -36.26 32.85
N ARG B 513 -20.51 -35.31 32.94
CA ARG B 513 -20.51 -34.16 32.08
C ARG B 513 -19.50 -34.36 30.97
N LYS B 514 -19.91 -34.04 29.75
CA LYS B 514 -19.00 -34.00 28.62
C LYS B 514 -18.70 -32.56 28.28
N ILE B 515 -17.43 -32.24 28.17
CA ILE B 515 -16.98 -30.92 27.72
C ILE B 515 -16.79 -31.03 26.22
N THR B 516 -17.63 -30.35 25.47
CA THR B 516 -17.56 -30.40 24.01
C THR B 516 -16.47 -29.44 23.54
N PHE B 517 -15.49 -29.96 22.82
CA PHE B 517 -14.35 -29.16 22.38
C PHE B 517 -14.59 -28.71 20.95
N PHE B 518 -14.37 -27.42 20.70
CA PHE B 518 -14.48 -26.82 19.38
C PHE B 518 -13.13 -26.20 19.08
N MET B 519 -12.58 -26.50 17.93
CA MET B 519 -11.30 -25.92 17.54
C MET B 519 -11.44 -25.20 16.21
N ARG B 520 -10.92 -23.98 16.14
CA ARG B 520 -10.83 -23.22 14.91
C ARG B 520 -9.38 -22.93 14.61
N LYS B 521 -9.03 -22.93 13.35
CA LYS B 521 -7.69 -22.59 12.93
C LYS B 521 -7.67 -21.10 12.64
N GLY B 522 -6.51 -20.51 12.34
CA GLY B 522 -6.47 -19.07 12.42
C GLY B 522 -7.02 -18.35 11.21
N ALA B 523 -8.30 -17.95 11.32
CA ALA B 523 -9.16 -17.47 10.23
C ALA B 523 -9.35 -18.52 9.15
N ASP B 524 -9.84 -19.70 9.53
CA ASP B 524 -10.41 -20.63 8.57
C ASP B 524 -11.92 -20.53 8.47
N ILE B 525 -12.50 -19.51 9.11
CA ILE B 525 -13.95 -19.36 9.11
C ILE B 525 -14.37 -18.48 7.95
N LEU B 526 -13.41 -17.99 7.17
CA LEU B 526 -13.65 -16.90 6.24
C LEU B 526 -14.08 -17.42 4.88
N SER B 527 -15.21 -16.95 4.41
CA SER B 527 -15.66 -17.09 3.04
C SER B 527 -15.48 -15.75 2.34
N LYS B 528 -15.77 -15.73 1.05
CA LYS B 528 -15.68 -14.48 0.29
C LYS B 528 -16.69 -13.45 0.75
N TRP B 529 -17.95 -13.83 0.90
CA TRP B 529 -18.91 -12.91 1.45
C TRP B 529 -18.79 -12.96 2.95
N VAL B 530 -18.60 -11.79 3.55
CA VAL B 530 -18.34 -11.73 4.98
C VAL B 530 -19.56 -12.16 5.77
N GLY B 531 -20.76 -12.03 5.19
CA GLY B 531 -21.98 -12.46 5.86
C GLY B 531 -22.07 -13.94 6.14
N GLU B 532 -21.50 -14.78 5.26
CA GLU B 532 -21.43 -16.20 5.57
C GLU B 532 -20.43 -16.49 6.69
N ALA B 533 -19.34 -15.74 6.77
CA ALA B 533 -18.41 -15.91 7.87
C ALA B 533 -19.02 -15.45 9.19
N GLU B 534 -19.87 -14.42 9.14
CA GLU B 534 -20.66 -14.01 10.30
C GLU B 534 -21.56 -15.15 10.73
N ARG B 535 -22.23 -15.78 9.76
CA ARG B 535 -23.16 -16.86 10.09
C ARG B 535 -22.42 -18.07 10.62
N GLN B 536 -21.18 -18.28 10.19
CA GLN B 536 -20.44 -19.43 10.68
C GLN B 536 -19.92 -19.20 12.10
N LEU B 537 -19.45 -17.99 12.43
CA LEU B 537 -19.11 -17.69 13.82
C LEU B 537 -20.34 -17.72 14.71
N ARG B 538 -21.47 -17.26 14.19
CA ARG B 538 -22.71 -17.23 14.96
C ARG B 538 -23.23 -18.63 15.20
N LEU B 539 -23.13 -19.50 14.19
CA LEU B 539 -23.53 -20.89 14.35
C LEU B 539 -22.56 -21.67 15.22
N LEU B 540 -21.27 -21.27 15.21
CA LEU B 540 -20.30 -21.86 16.12
C LEU B 540 -20.65 -21.57 17.57
N PHE B 541 -20.94 -20.32 17.90
CA PHE B 541 -21.30 -20.01 19.28
C PHE B 541 -22.67 -20.56 19.66
N GLU B 542 -23.58 -20.69 18.68
CA GLU B 542 -24.89 -21.27 18.97
C GLU B 542 -24.78 -22.76 19.26
N GLU B 543 -23.96 -23.49 18.52
CA GLU B 543 -23.77 -24.89 18.84
C GLU B 543 -22.84 -25.12 20.02
N ALA B 544 -21.99 -24.16 20.36
CA ALA B 544 -21.27 -24.24 21.63
C ALA B 544 -22.20 -24.02 22.80
N LYS B 545 -23.25 -23.22 22.61
CA LYS B 545 -24.25 -23.03 23.65
C LYS B 545 -25.23 -24.21 23.75
N LYS B 546 -25.45 -24.91 22.63
CA LYS B 546 -26.38 -26.07 22.62
C LYS B 546 -25.78 -27.18 23.49
N HIS B 547 -24.48 -27.45 23.34
CA HIS B 547 -23.78 -28.33 24.30
C HIS B 547 -23.19 -27.35 25.33
N GLN B 548 -23.94 -27.06 26.39
CA GLN B 548 -23.59 -25.96 27.33
C GLN B 548 -22.21 -26.14 27.97
N PRO B 549 -21.80 -27.33 28.45
CA PRO B 549 -20.45 -27.47 28.99
C PRO B 549 -19.63 -27.56 27.71
N SER B 550 -18.80 -26.55 27.43
CA SER B 550 -18.03 -26.55 26.16
C SER B 550 -16.82 -25.63 26.25
N ILE B 551 -15.94 -25.72 25.26
CA ILE B 551 -14.69 -24.98 25.11
C ILE B 551 -14.53 -24.68 23.64
N ILE B 552 -14.25 -23.43 23.30
CA ILE B 552 -13.84 -23.05 21.96
C ILE B 552 -12.37 -22.66 22.01
N PHE B 553 -11.58 -23.24 21.12
CA PHE B 553 -10.17 -22.91 21.00
C PHE B 553 -9.98 -22.17 19.69
N PHE B 554 -9.43 -20.97 19.76
CA PHE B 554 -9.07 -20.21 18.57
C PHE B 554 -7.55 -20.25 18.50
N ASP B 555 -7.02 -21.09 17.64
CA ASP B 555 -5.58 -21.17 17.46
C ASP B 555 -5.15 -20.07 16.51
N GLU B 556 -4.09 -19.35 16.88
CA GLU B 556 -3.60 -18.16 16.17
C GLU B 556 -4.72 -17.14 15.94
N ILE B 557 -5.30 -16.66 17.04
CA ILE B 557 -6.44 -15.75 16.97
C ILE B 557 -6.03 -14.35 16.51
N ASP B 558 -4.74 -14.04 16.47
CA ASP B 558 -4.32 -12.80 15.84
C ASP B 558 -4.54 -12.81 14.35
N GLY B 559 -4.57 -13.99 13.73
CA GLY B 559 -4.93 -14.10 12.32
C GLY B 559 -6.42 -14.00 12.08
N LEU B 560 -7.22 -14.33 13.09
CA LEU B 560 -8.67 -14.14 12.96
C LEU B 560 -9.06 -12.72 13.36
N ALA B 561 -8.50 -12.23 14.45
CA ALA B 561 -8.95 -10.98 15.05
C ALA B 561 -7.80 -10.01 15.25
N PRO B 562 -7.35 -9.31 14.21
CA PRO B 562 -6.35 -8.27 14.38
C PRO B 562 -6.99 -7.01 14.96
N VAL B 563 -6.13 -6.03 15.28
CA VAL B 563 -6.60 -4.73 15.71
C VAL B 563 -7.37 -4.07 14.57
N ARG B 564 -8.59 -3.62 14.87
CA ARG B 564 -9.48 -3.08 13.84
C ARG B 564 -8.95 -1.75 13.32
N SER B 565 -9.04 -1.57 12.01
CA SER B 565 -8.62 -0.33 11.37
C SER B 565 -9.44 -0.11 10.11
N SER B 566 -9.57 1.16 9.72
CA SER B 566 -10.20 1.49 8.44
C SER B 566 -9.26 1.32 7.26
N LYS B 567 -7.95 1.24 7.48
CA LYS B 567 -6.97 1.07 6.41
C LYS B 567 -6.66 -0.40 6.18
N GLN B 568 -7.73 -1.17 6.03
CA GLN B 568 -7.72 -2.61 5.99
C GLN B 568 -9.12 -3.00 5.58
N GLU B 569 -9.28 -4.24 5.13
CA GLU B 569 -10.54 -4.65 4.54
C GLU B 569 -11.64 -4.81 5.57
N GLN B 570 -12.87 -4.54 5.15
CA GLN B 570 -14.01 -4.49 6.06
C GLN B 570 -14.41 -5.87 6.55
N ILE B 571 -13.94 -6.94 5.90
CA ILE B 571 -14.20 -8.30 6.38
C ILE B 571 -13.57 -8.51 7.75
N HIS B 572 -12.40 -7.94 7.99
CA HIS B 572 -11.69 -8.14 9.24
C HIS B 572 -12.34 -7.36 10.39
N ALA B 573 -12.73 -6.12 10.14
CA ALA B 573 -13.43 -5.36 11.18
C ALA B 573 -14.82 -5.92 11.44
N SER B 574 -15.47 -6.47 10.41
CA SER B 574 -16.77 -7.11 10.59
C SER B 574 -16.67 -8.37 11.43
N ILE B 575 -15.66 -9.21 11.20
CA ILE B 575 -15.56 -10.43 11.99
C ILE B 575 -15.13 -10.12 13.42
N VAL B 576 -14.32 -9.08 13.62
CA VAL B 576 -13.97 -8.73 14.99
C VAL B 576 -15.17 -8.15 15.73
N SER B 577 -16.02 -7.42 15.03
CA SER B 577 -17.23 -6.88 15.65
C SER B 577 -18.19 -7.98 16.07
N THR B 578 -18.41 -8.98 15.20
CA THR B 578 -19.32 -10.04 15.60
C THR B 578 -18.69 -10.97 16.63
N LEU B 579 -17.37 -11.06 16.66
CA LEU B 579 -16.72 -11.85 17.70
C LEU B 579 -16.85 -11.17 19.06
N LEU B 580 -16.66 -9.85 19.09
CA LEU B 580 -16.85 -9.07 20.30
C LEU B 580 -18.28 -9.11 20.79
N ALA B 581 -19.25 -9.18 19.90
CA ALA B 581 -20.62 -9.22 20.37
C ALA B 581 -21.11 -10.62 20.66
N LEU B 582 -20.40 -11.65 20.20
CA LEU B 582 -20.75 -13.01 20.58
C LEU B 582 -20.10 -13.43 21.87
N MET B 583 -18.96 -12.85 22.23
CA MET B 583 -18.33 -13.23 23.49
C MET B 583 -18.96 -12.54 24.69
N ASP B 584 -19.10 -11.21 24.64
CA ASP B 584 -19.82 -10.46 25.68
C ASP B 584 -20.77 -9.51 24.99
N GLY B 585 -21.98 -9.98 24.75
CA GLY B 585 -23.03 -9.16 24.21
C GLY B 585 -24.18 -9.06 25.17
N MET B 586 -25.34 -8.66 24.67
CA MET B 586 -26.44 -8.35 25.55
C MET B 586 -27.10 -9.58 26.14
N ASP B 587 -26.85 -10.75 25.57
CA ASP B 587 -27.38 -12.00 26.08
C ASP B 587 -26.23 -12.90 26.54
N ASN B 588 -26.55 -13.82 27.43
CA ASN B 588 -25.57 -14.78 27.93
C ASN B 588 -25.17 -15.75 26.83
N ARG B 589 -23.87 -16.02 26.72
CA ARG B 589 -23.39 -16.96 25.73
C ARG B 589 -23.43 -18.40 26.20
N GLY B 590 -23.78 -18.63 27.45
CA GLY B 590 -23.81 -19.96 28.01
C GLY B 590 -22.52 -20.26 28.73
N GLN B 591 -22.32 -21.55 29.05
CA GLN B 591 -21.10 -22.01 29.69
C GLN B 591 -20.00 -22.29 28.69
N VAL B 592 -19.72 -21.33 27.83
CA VAL B 592 -18.76 -21.51 26.75
C VAL B 592 -17.45 -20.86 27.17
N ILE B 593 -16.40 -21.65 27.24
CA ILE B 593 -15.07 -21.15 27.57
C ILE B 593 -14.34 -20.87 26.27
N VAL B 594 -13.85 -19.66 26.10
CA VAL B 594 -13.15 -19.28 24.89
C VAL B 594 -11.67 -19.20 25.19
N ILE B 595 -10.87 -19.98 24.49
CA ILE B 595 -9.43 -20.00 24.64
C ILE B 595 -8.82 -19.52 23.33
N GLY B 596 -7.81 -18.69 23.42
CA GLY B 596 -7.12 -18.20 22.24
C GLY B 596 -5.63 -18.37 22.40
N ALA B 597 -4.97 -18.80 21.34
CA ALA B 597 -3.53 -18.90 21.35
C ALA B 597 -2.98 -17.91 20.34
N THR B 598 -1.80 -17.38 20.63
CA THR B 598 -1.13 -16.42 19.76
C THR B 598 0.34 -16.42 20.17
N ASN B 599 1.19 -16.02 19.24
CA ASN B 599 2.59 -15.82 19.60
C ASN B 599 2.86 -14.42 20.10
N ARG B 600 2.18 -13.42 19.56
CA ARG B 600 2.25 -12.05 20.06
C ARG B 600 0.84 -11.62 20.46
N PRO B 601 0.60 -11.33 21.74
CA PRO B 601 -0.76 -10.94 22.16
C PRO B 601 -1.16 -9.54 21.76
N ASP B 602 -0.22 -8.67 21.40
CA ASP B 602 -0.55 -7.27 21.15
C ASP B 602 -1.12 -7.06 19.75
N ALA B 603 -1.19 -8.09 18.93
CA ALA B 603 -1.80 -7.95 17.62
C ALA B 603 -3.26 -8.35 17.61
N VAL B 604 -3.76 -8.87 18.72
CA VAL B 604 -5.19 -9.05 18.93
C VAL B 604 -5.80 -7.69 19.22
N ASP B 605 -7.07 -7.53 18.83
CA ASP B 605 -7.80 -6.29 19.09
C ASP B 605 -7.95 -6.09 20.60
N PRO B 606 -7.73 -4.87 21.11
CA PRO B 606 -7.71 -4.68 22.57
C PRO B 606 -9.07 -4.74 23.23
N ALA B 607 -10.17 -4.71 22.47
CA ALA B 607 -11.47 -4.90 23.09
C ALA B 607 -11.73 -6.35 23.39
N LEU B 608 -10.95 -7.24 22.80
CA LEU B 608 -10.93 -8.66 23.08
C LEU B 608 -10.02 -9.02 24.23
N ARG B 609 -9.36 -8.06 24.86
CA ARG B 609 -8.55 -8.33 26.03
C ARG B 609 -9.13 -7.49 27.14
N ARG B 610 -10.24 -7.96 27.69
CA ARG B 610 -10.91 -7.31 28.81
C ARG B 610 -11.78 -8.35 29.48
N PRO B 611 -11.99 -8.23 30.79
CA PRO B 611 -12.80 -9.23 31.51
C PRO B 611 -14.21 -9.36 30.97
N GLY B 612 -14.61 -10.61 30.74
CA GLY B 612 -15.90 -10.97 30.12
C GLY B 612 -15.59 -11.85 28.92
N ARG B 613 -14.59 -11.44 28.15
CA ARG B 613 -14.05 -12.19 26.99
C ARG B 613 -12.52 -12.21 27.15
N PHE B 614 -11.89 -13.41 27.16
CA PHE B 614 -10.42 -13.50 27.32
C PHE B 614 -9.96 -12.72 28.57
N ASP B 615 -10.63 -12.96 29.70
CA ASP B 615 -10.34 -12.27 30.99
C ASP B 615 -8.88 -12.39 31.42
N ARG B 616 -8.29 -13.59 31.30
CA ARG B 616 -6.94 -13.84 31.79
C ARG B 616 -6.00 -14.11 30.63
N GLU B 617 -4.72 -13.80 30.83
CA GLU B 617 -3.69 -14.04 29.82
C GLU B 617 -2.55 -14.80 30.46
N PHE B 618 -2.27 -15.99 29.94
CA PHE B 618 -1.25 -16.88 30.48
C PHE B 618 -0.06 -16.85 29.53
N TYR B 619 1.09 -16.42 30.03
CA TYR B 619 2.32 -16.49 29.26
C TYR B 619 2.96 -17.85 29.45
N PHE B 620 3.18 -18.57 28.36
CA PHE B 620 3.73 -19.92 28.33
C PHE B 620 5.20 -19.79 28.04
N PRO B 621 6.09 -19.87 29.02
CA PRO B 621 7.49 -19.59 28.77
C PRO B 621 8.22 -20.82 28.24
N LEU B 622 9.40 -20.57 27.69
CA LEU B 622 10.30 -21.66 27.36
C LEU B 622 10.76 -22.34 28.65
N PRO B 623 10.72 -23.67 28.71
CA PRO B 623 10.94 -24.36 29.99
C PRO B 623 12.36 -24.26 30.52
N ASP B 624 12.45 -24.27 31.85
CA ASP B 624 13.71 -24.24 32.57
C ASP B 624 14.31 -25.64 32.61
N VAL B 625 15.30 -25.86 33.48
CA VAL B 625 15.90 -27.19 33.57
C VAL B 625 14.92 -28.20 34.17
N LYS B 626 14.16 -27.79 35.19
CA LYS B 626 13.24 -28.69 35.86
C LYS B 626 12.11 -29.13 34.94
N ALA B 627 11.56 -28.20 34.16
CA ALA B 627 10.48 -28.57 33.27
C ALA B 627 10.96 -29.30 32.04
N ARG B 628 12.20 -29.04 31.60
CA ARG B 628 12.71 -29.83 30.48
C ARG B 628 13.00 -31.25 30.88
N PHE B 629 13.48 -31.43 32.12
CA PHE B 629 13.57 -32.75 32.75
C PHE B 629 12.20 -33.44 32.76
N LYS B 630 11.16 -32.76 33.24
CA LYS B 630 9.84 -33.37 33.31
C LYS B 630 9.26 -33.66 31.93
N ILE B 631 9.55 -32.83 30.92
CA ILE B 631 9.06 -33.08 29.58
C ILE B 631 9.77 -34.29 28.97
N LEU B 632 11.06 -34.46 29.24
CA LEU B 632 11.77 -35.63 28.75
C LEU B 632 11.28 -36.91 29.43
N GLN B 633 10.93 -36.83 30.72
CA GLN B 633 10.30 -37.98 31.38
C GLN B 633 8.92 -38.28 30.80
N ILE B 634 8.17 -37.25 30.41
CA ILE B 634 6.85 -37.45 29.83
C ILE B 634 6.97 -38.11 28.46
N GLN B 635 7.96 -37.71 27.67
CA GLN B 635 8.10 -38.25 26.33
C GLN B 635 8.63 -39.68 26.36
N THR B 636 9.44 -40.03 27.34
CA THR B 636 10.10 -41.33 27.34
C THR B 636 9.40 -42.37 28.21
N ARG B 637 8.28 -42.04 28.87
CA ARG B 637 7.74 -42.96 29.86
C ARG B 637 7.02 -44.16 29.24
N LYS B 638 6.62 -44.07 27.98
CA LYS B 638 6.02 -45.21 27.30
C LYS B 638 7.02 -46.04 26.53
N TRP B 639 8.31 -45.74 26.65
CA TRP B 639 9.34 -46.51 25.99
C TRP B 639 9.52 -47.86 26.69
N SER B 640 9.99 -48.85 25.94
CA SER B 640 10.15 -50.20 26.47
C SER B 640 11.28 -50.25 27.48
N SER B 641 12.46 -49.76 27.08
CA SER B 641 13.59 -49.65 27.99
C SER B 641 13.80 -48.19 28.33
N PRO B 642 13.65 -47.77 29.59
CA PRO B 642 13.64 -46.34 29.91
C PRO B 642 15.05 -45.80 30.12
N LEU B 643 15.12 -44.48 30.11
CA LEU B 643 16.36 -43.77 30.38
C LEU B 643 16.57 -43.62 31.87
N SER B 644 17.83 -43.65 32.28
CA SER B 644 18.15 -43.41 33.67
C SER B 644 17.98 -41.94 34.00
N THR B 645 18.09 -41.61 35.29
CA THR B 645 17.84 -40.26 35.74
C THR B 645 19.06 -39.36 35.48
N ASN B 646 20.26 -39.94 35.55
CA ASN B 646 21.46 -39.14 35.33
C ASN B 646 21.59 -38.72 33.87
N PHE B 647 21.23 -39.60 32.94
CA PHE B 647 21.30 -39.19 31.55
C PHE B 647 20.15 -38.27 31.17
N ILE B 648 18.98 -38.45 31.79
CA ILE B 648 17.88 -37.57 31.44
C ILE B 648 18.07 -36.19 32.08
N ASP B 649 18.86 -36.08 33.15
CA ASP B 649 19.23 -34.77 33.66
C ASP B 649 20.38 -34.17 32.87
N LYS B 650 21.27 -35.02 32.34
CA LYS B 650 22.27 -34.54 31.39
C LYS B 650 21.60 -34.02 30.12
N LEU B 651 20.52 -34.67 29.68
CA LEU B 651 19.73 -34.19 28.55
C LEU B 651 19.01 -32.89 28.87
N ALA B 652 18.48 -32.78 30.09
CA ALA B 652 17.86 -31.54 30.53
C ALA B 652 18.84 -30.37 30.54
N PHE B 653 20.11 -30.63 30.85
CA PHE B 653 21.08 -29.54 30.80
C PHE B 653 21.64 -29.32 29.40
N LEU B 654 21.60 -30.35 28.54
CA LEU B 654 22.13 -30.22 27.20
C LEU B 654 21.14 -29.58 26.24
N THR B 655 19.88 -29.47 26.62
CA THR B 655 18.82 -28.97 25.74
C THR B 655 18.35 -27.60 26.17
N LYS B 656 19.27 -26.73 26.57
CA LYS B 656 18.94 -25.35 26.87
C LYS B 656 18.51 -24.64 25.61
N GLY B 657 17.38 -23.93 25.68
CA GLY B 657 16.81 -23.26 24.52
C GLY B 657 15.75 -24.06 23.81
N TYR B 658 15.50 -25.29 24.24
CA TYR B 658 14.52 -26.14 23.58
C TYR B 658 13.15 -25.89 24.19
N GLY B 659 12.16 -25.68 23.33
CA GLY B 659 10.78 -25.75 23.75
C GLY B 659 10.31 -27.18 23.76
N GLY B 660 9.03 -27.37 24.09
CA GLY B 660 8.49 -28.70 24.20
C GLY B 660 8.33 -29.41 22.87
N ALA B 661 8.05 -28.66 21.80
CA ALA B 661 8.02 -29.24 20.47
C ALA B 661 9.41 -29.65 20.00
N ASP B 662 10.43 -28.89 20.44
CA ASP B 662 11.80 -29.25 20.17
C ASP B 662 12.18 -30.54 20.89
N LEU B 663 11.77 -30.71 22.15
CA LEU B 663 12.11 -31.91 22.89
C LEU B 663 11.35 -33.13 22.38
N ARG B 664 10.12 -32.92 21.91
CA ARG B 664 9.38 -34.01 21.28
C ARG B 664 10.03 -34.46 19.99
N SER B 665 10.46 -33.51 19.17
CA SER B 665 11.14 -33.88 17.93
C SER B 665 12.53 -34.45 18.20
N LEU B 666 13.16 -34.06 19.31
CA LEU B 666 14.44 -34.64 19.70
C LEU B 666 14.29 -36.10 20.09
N CYS B 667 13.29 -36.41 20.91
CA CYS B 667 13.06 -37.81 21.29
C CYS B 667 12.61 -38.65 20.10
N THR B 668 11.84 -38.07 19.19
CA THR B 668 11.45 -38.76 17.97
C THR B 668 12.64 -39.06 17.08
N GLU B 669 13.53 -38.08 16.88
CA GLU B 669 14.70 -38.30 16.05
C GLU B 669 15.70 -39.25 16.69
N ALA B 670 15.80 -39.28 18.02
CA ALA B 670 16.66 -40.26 18.67
C ALA B 670 16.13 -41.67 18.50
N ALA B 671 14.82 -41.86 18.60
CA ALA B 671 14.25 -43.18 18.35
C ALA B 671 14.39 -43.60 16.90
N LEU B 672 14.28 -42.66 15.97
CA LEU B 672 14.46 -42.98 14.55
C LEU B 672 15.91 -43.31 14.23
N ILE B 673 16.87 -42.63 14.87
CA ILE B 673 18.28 -42.96 14.66
C ILE B 673 18.59 -44.33 15.24
N SER B 674 17.96 -44.69 16.36
CA SER B 674 18.13 -46.03 16.90
C SER B 674 17.51 -47.09 15.98
N ILE B 675 16.40 -46.78 15.32
CA ILE B 675 15.82 -47.70 14.34
C ILE B 675 16.75 -47.86 13.14
N GLN B 676 17.32 -46.76 12.63
CA GLN B 676 18.30 -46.82 11.54
C GLN B 676 19.54 -47.60 11.92
N ARG B 677 19.94 -47.54 13.19
CA ARG B 677 21.12 -48.26 13.65
C ARG B 677 20.85 -49.76 13.83
N SER B 678 19.67 -50.11 14.33
CA SER B 678 19.43 -51.50 14.66
C SER B 678 19.10 -52.34 13.43
N PHE B 679 18.02 -51.99 12.73
CA PHE B 679 17.60 -52.68 11.52
C PHE B 679 17.64 -51.71 10.35
N PRO B 680 18.78 -51.55 9.69
CA PRO B 680 18.83 -50.63 8.54
C PRO B 680 18.18 -51.17 7.29
N GLN B 681 17.97 -52.50 7.23
CA GLN B 681 17.50 -53.18 6.03
C GLN B 681 16.13 -52.73 5.57
N ILE B 682 15.29 -52.25 6.50
CA ILE B 682 13.97 -51.76 6.13
C ILE B 682 14.03 -50.49 5.28
N TYR B 683 15.16 -49.78 5.26
CA TYR B 683 15.26 -48.60 4.43
C TYR B 683 15.68 -48.92 3.00
N ARG B 684 15.99 -50.18 2.70
CA ARG B 684 16.46 -50.56 1.39
C ARG B 684 15.67 -51.69 0.73
N SER B 685 14.46 -52.01 1.21
CA SER B 685 13.64 -53.02 0.58
C SER B 685 12.28 -52.46 0.20
N ASN B 686 11.72 -53.02 -0.89
CA ASN B 686 10.44 -52.58 -1.44
C ASN B 686 9.30 -52.89 -0.48
N ASP B 687 9.30 -54.06 0.14
CA ASP B 687 8.18 -54.57 0.92
C ASP B 687 8.57 -54.81 2.37
N LYS B 688 7.67 -55.48 3.09
CA LYS B 688 7.83 -55.68 4.52
C LYS B 688 8.83 -56.77 4.82
N LEU B 689 9.75 -56.49 5.73
CA LEU B 689 10.62 -57.50 6.30
C LEU B 689 10.11 -57.83 7.70
N LEU B 690 10.86 -58.67 8.40
CA LEU B 690 10.52 -59.07 9.76
C LEU B 690 11.52 -58.47 10.73
N VAL B 691 11.02 -57.65 11.66
CA VAL B 691 11.83 -57.08 12.73
C VAL B 691 11.17 -57.43 14.06
N ASP B 692 11.98 -57.39 15.12
CA ASP B 692 11.44 -57.64 16.45
C ASP B 692 11.63 -56.37 17.27
N PRO B 693 10.62 -55.96 18.03
CA PRO B 693 10.74 -54.74 18.85
C PRO B 693 11.62 -54.91 20.08
N SER B 694 12.02 -56.14 20.40
CA SER B 694 12.83 -56.40 21.59
C SER B 694 14.25 -55.87 21.46
N LYS B 695 14.75 -55.65 20.24
CA LYS B 695 16.17 -55.37 20.07
C LYS B 695 16.49 -53.88 20.09
N ILE B 696 15.57 -53.03 19.64
CA ILE B 696 15.86 -51.61 19.50
C ILE B 696 15.78 -50.94 20.86
N LYS B 697 16.89 -50.37 21.30
CA LYS B 697 16.90 -49.55 22.49
C LYS B 697 17.69 -48.27 22.20
N VAL B 698 17.12 -47.15 22.60
CA VAL B 698 17.66 -45.83 22.27
C VAL B 698 18.83 -45.55 23.21
N LYS B 699 20.02 -45.45 22.65
CA LYS B 699 21.23 -45.24 23.43
C LYS B 699 21.59 -43.76 23.47
N VAL B 700 22.61 -43.43 24.27
CA VAL B 700 23.04 -42.05 24.47
C VAL B 700 23.62 -41.46 23.18
N SER B 701 24.31 -42.28 22.40
CA SER B 701 24.90 -41.80 21.15
C SER B 701 23.83 -41.41 20.12
N ASP B 702 22.68 -42.08 20.15
CA ASP B 702 21.55 -41.65 19.34
C ASP B 702 21.04 -40.28 19.75
N PHE B 703 21.02 -40.00 21.06
CA PHE B 703 20.61 -38.67 21.52
C PHE B 703 21.64 -37.62 21.19
N MET B 704 22.92 -37.99 21.17
CA MET B 704 23.95 -37.03 20.76
C MET B 704 23.84 -36.69 19.27
N LEU B 705 23.58 -37.70 18.43
CA LEU B 705 23.38 -37.45 17.01
C LEU B 705 22.09 -36.68 16.75
N ALA B 706 21.08 -36.85 17.59
CA ALA B 706 19.85 -36.08 17.44
C ALA B 706 20.05 -34.65 17.91
N LEU B 707 20.84 -34.45 18.97
CA LEU B 707 21.20 -33.12 19.41
C LEU B 707 22.02 -32.37 18.38
N LYS B 708 22.78 -33.10 17.55
CA LYS B 708 23.51 -32.44 16.47
C LYS B 708 22.59 -31.84 15.42
N LYS B 709 21.50 -32.51 15.05
CA LYS B 709 20.70 -32.09 13.91
C LYS B 709 19.40 -31.38 14.27
N ILE B 710 18.98 -31.40 15.53
CA ILE B 710 17.77 -30.72 15.96
C ILE B 710 18.14 -29.30 16.35
N VAL B 711 17.51 -28.32 15.72
CA VAL B 711 17.72 -26.91 16.05
C VAL B 711 16.49 -26.31 16.72
N PRO B 712 16.63 -25.75 17.92
CA PRO B 712 15.47 -25.18 18.61
C PRO B 712 15.10 -23.80 18.07
N SER B 713 13.90 -23.37 18.48
CA SER B 713 13.38 -22.08 18.02
C SER B 713 14.03 -20.91 18.74
N SER B 714 14.86 -21.16 19.75
CA SER B 714 15.74 -20.11 20.26
C SER B 714 16.98 -19.96 19.38
N ALA B 715 17.48 -21.07 18.86
CA ALA B 715 18.71 -21.05 18.05
C ALA B 715 18.42 -20.63 16.61
N ARG B 716 17.16 -20.61 16.22
CA ARG B 716 16.81 -20.11 14.90
C ARG B 716 16.22 -18.72 14.93
N SER B 717 16.17 -18.06 16.09
CA SER B 717 15.95 -16.63 16.19
C SER B 717 17.26 -15.88 15.95
N THR B 718 17.24 -14.55 16.09
CA THR B 718 18.40 -13.75 15.72
C THR B 718 19.23 -13.25 16.89
N GLY B 719 18.68 -13.19 18.10
CA GLY B 719 19.45 -12.76 19.24
C GLY B 719 20.41 -13.84 19.72
N SER B 720 21.18 -13.49 20.76
CA SER B 720 22.13 -14.39 21.36
C SER B 720 21.42 -15.55 22.05
N SER B 721 22.10 -16.68 22.12
CA SER B 721 21.55 -17.89 22.72
C SER B 721 22.21 -18.13 24.06
N PRO B 722 21.46 -18.17 25.16
CA PRO B 722 22.04 -18.27 26.52
C PRO B 722 22.63 -19.64 26.83
N GLN B 723 23.69 -19.98 26.16
CA GLN B 723 24.34 -21.24 26.42
C GLN B 723 25.23 -21.14 27.66
N PRO B 724 25.50 -22.26 28.33
CA PRO B 724 26.56 -22.27 29.33
C PRO B 724 27.92 -22.10 28.68
N LEU B 725 28.90 -21.85 29.52
CA LEU B 725 30.26 -21.64 29.06
C LEU B 725 30.78 -22.93 28.44
N PRO B 726 31.34 -22.87 27.22
CA PRO B 726 31.80 -24.09 26.56
C PRO B 726 32.97 -24.71 27.30
N GLU B 727 33.01 -26.05 27.26
CA GLU B 727 33.89 -26.82 28.13
C GLU B 727 35.37 -26.62 27.85
N LEU B 728 35.73 -26.08 26.69
CA LEU B 728 37.13 -25.85 26.39
C LEU B 728 37.64 -24.55 27.00
N ILE B 729 36.89 -23.45 26.82
CA ILE B 729 37.32 -22.16 27.32
C ILE B 729 36.89 -21.92 28.75
N LYS B 730 36.20 -22.89 29.35
CA LYS B 730 35.82 -22.77 30.76
C LYS B 730 36.99 -22.57 31.71
N PRO B 731 38.17 -23.21 31.56
CA PRO B 731 39.32 -22.78 32.37
C PRO B 731 39.82 -21.38 32.09
N LEU B 732 39.53 -20.79 30.93
CA LEU B 732 40.05 -19.47 30.63
C LEU B 732 39.20 -18.38 31.26
N LEU B 733 37.91 -18.60 31.43
CA LEU B 733 37.02 -17.54 31.83
C LEU B 733 36.11 -17.86 33.00
N ALA B 734 36.22 -19.08 33.54
CA ALA B 734 35.40 -19.54 34.68
C ALA B 734 35.64 -18.64 35.89
N ASP B 735 36.91 -18.33 36.18
CA ASP B 735 37.22 -17.46 37.35
C ASP B 735 36.58 -16.09 37.15
N GLN B 736 36.78 -15.47 35.98
CA GLN B 736 36.20 -14.13 35.72
C GLN B 736 34.66 -14.21 35.71
N LEU B 737 34.12 -15.26 35.09
CA LEU B 737 32.64 -15.47 35.00
C LEU B 737 32.05 -15.64 36.41
N ASN B 738 32.76 -16.35 37.29
CA ASN B 738 32.26 -16.59 38.67
C ASN B 738 32.09 -15.25 39.40
N ASN B 739 33.04 -14.33 39.25
CA ASN B 739 32.96 -13.00 39.89
C ASN B 739 31.67 -12.32 39.45
N LEU B 740 31.34 -12.44 38.17
CA LEU B 740 30.14 -11.86 37.57
C LEU B 740 28.87 -12.47 38.17
N LYS B 741 28.90 -13.76 38.47
CA LYS B 741 27.74 -14.39 39.09
C LYS B 741 27.54 -13.89 40.52
N ASN B 742 28.63 -13.56 41.21
CA ASN B 742 28.51 -12.96 42.53
C ASN B 742 27.98 -11.54 42.46
N LYS B 743 28.43 -10.77 41.47
CA LYS B 743 27.93 -9.41 41.28
C LYS B 743 26.45 -9.39 40.93
N LEU B 744 26.01 -10.34 40.12
CA LEU B 744 24.60 -10.42 39.76
C LEU B 744 23.76 -10.95 40.90
N ASP B 745 24.29 -11.85 41.72
CA ASP B 745 23.62 -12.25 42.95
C ASP B 745 23.44 -11.08 43.90
N TYR B 746 24.45 -10.23 43.98
CA TYR B 746 24.34 -9.08 44.85
C TYR B 746 23.29 -8.09 44.35
N MET B 747 23.44 -7.62 43.12
CA MET B 747 22.55 -6.57 42.65
C MET B 747 21.14 -7.06 42.32
N LEU B 748 20.94 -8.33 42.00
CA LEU B 748 19.63 -8.76 41.55
C LEU B 748 18.88 -9.61 42.56
N ASN B 749 19.49 -9.91 43.71
CA ASN B 749 18.89 -10.67 44.81
C ASN B 749 18.41 -12.05 44.36
N ILE B 750 19.31 -12.77 43.71
CA ILE B 750 18.94 -14.09 43.21
C ILE B 750 19.04 -15.12 44.33
N LYS B 751 19.90 -14.87 45.31
CA LYS B 751 20.12 -15.82 46.39
C LYS B 751 19.18 -15.66 47.57
N ASP B 752 18.29 -14.67 47.54
CA ASP B 752 17.38 -14.52 48.69
C ASP B 752 16.20 -15.45 48.57
N THR B 753 15.28 -15.14 47.65
CA THR B 753 14.00 -15.83 47.41
C THR B 753 13.30 -16.28 48.69
N THR B 754 13.03 -15.31 49.58
CA THR B 754 12.36 -15.58 50.84
C THR B 754 10.97 -15.00 50.93
N PHE B 755 10.62 -14.01 50.12
CA PHE B 755 9.24 -13.59 49.98
C PHE B 755 8.61 -14.01 48.67
N GLN B 756 9.28 -13.75 47.56
CA GLN B 756 8.73 -14.08 46.24
C GLN B 756 9.15 -15.50 45.83
N ARG B 757 8.57 -16.47 46.53
CA ARG B 757 8.70 -17.88 46.17
C ARG B 757 7.41 -18.41 45.59
N ASN B 758 6.58 -17.51 45.03
CA ASN B 758 5.26 -17.87 44.51
C ASN B 758 5.43 -18.60 43.18
N THR B 759 5.64 -19.92 43.27
CA THR B 759 5.51 -20.79 42.11
C THR B 759 4.07 -20.78 41.61
N SER B 760 3.14 -21.12 42.47
CA SER B 760 1.71 -21.00 42.20
C SER B 760 1.08 -20.41 43.45
N LEU B 761 0.00 -19.66 43.25
CA LEU B 761 -0.69 -19.07 44.39
C LEU B 761 -1.39 -20.13 45.23
N LEU B 762 -1.82 -21.23 44.61
CA LEU B 762 -2.43 -22.32 45.38
C LEU B 762 -1.39 -23.09 46.16
N GLN B 763 -0.19 -23.25 45.61
CA GLN B 763 0.80 -24.14 46.20
C GLN B 763 1.36 -23.59 47.52
N ASN B 764 1.37 -22.27 47.67
CA ASN B 764 1.66 -21.69 48.98
C ASN B 764 0.51 -21.88 49.96
N PHE B 765 -0.71 -22.10 49.48
CA PHE B 765 -1.80 -22.41 50.38
C PHE B 765 -1.84 -23.88 50.76
N ILE B 766 -1.14 -24.72 49.99
CA ILE B 766 -1.20 -26.17 50.20
C ILE B 766 -0.27 -26.58 51.33
N ASP B 767 0.97 -26.12 51.30
CA ASP B 767 1.94 -26.53 52.32
C ASP B 767 2.14 -25.50 53.42
N TYR B 768 2.09 -24.21 53.13
CA TYR B 768 2.32 -23.20 54.16
C TYR B 768 1.02 -22.86 54.89
N GLU B 769 1.12 -21.90 55.79
CA GLU B 769 0.00 -21.48 56.62
C GLU B 769 -0.17 -19.96 56.54
N GLU B 770 -1.42 -19.52 56.50
CA GLU B 770 -1.72 -18.09 56.40
C GLU B 770 -1.39 -17.38 57.70
N TYR B 771 -0.79 -16.20 57.56
CA TYR B 771 -0.17 -15.50 58.69
C TYR B 771 -1.22 -14.84 59.58
N SER B 772 -1.32 -15.33 60.82
CA SER B 772 -2.25 -14.78 61.81
C SER B 772 -1.60 -13.63 62.58
N TYR B 793 1.96 -6.98 58.66
CA TYR B 793 2.10 -5.56 58.36
C TYR B 793 2.11 -5.39 56.85
N GLU B 794 2.86 -6.30 56.21
CA GLU B 794 3.08 -6.34 54.75
C GLU B 794 3.62 -5.03 54.21
N PHE B 795 4.46 -4.37 55.02
CA PHE B 795 5.40 -3.38 54.58
C PHE B 795 6.76 -4.02 54.40
N PHE B 796 6.92 -5.22 54.97
CA PHE B 796 8.10 -6.04 54.83
C PHE B 796 8.32 -6.45 53.38
N GLU B 797 7.26 -6.62 52.61
CA GLU B 797 7.43 -6.88 51.19
C GLU B 797 7.97 -5.65 50.46
N SER B 798 7.70 -4.45 50.97
CA SER B 798 8.26 -3.26 50.34
C SER B 798 9.73 -3.11 50.67
N MET B 799 10.14 -3.54 51.86
CA MET B 799 11.57 -3.59 52.15
C MET B 799 12.26 -4.77 51.47
N ALA B 800 11.50 -5.77 51.03
CA ALA B 800 12.08 -6.80 50.19
C ALA B 800 12.26 -6.32 48.75
N GLU B 801 11.24 -5.67 48.19
CA GLU B 801 11.35 -5.06 46.86
C GLU B 801 12.35 -3.94 46.82
N SER B 802 12.63 -3.30 47.96
CA SER B 802 13.56 -2.20 48.02
C SER B 802 15.03 -2.58 47.94
N GLN B 803 15.36 -3.86 47.83
CA GLN B 803 16.77 -4.21 47.70
C GLN B 803 17.26 -4.03 46.28
N ILE B 804 16.36 -4.14 45.31
CA ILE B 804 16.67 -3.76 43.94
C ILE B 804 16.65 -2.25 43.84
N CYS B 805 17.70 -1.66 43.29
CA CYS B 805 17.69 -0.22 43.08
C CYS B 805 17.73 0.17 41.61
N LYS B 806 18.73 -0.23 40.86
CA LYS B 806 18.77 0.06 39.43
C LYS B 806 19.75 -0.90 38.82
N PRO B 807 19.36 -2.14 38.54
CA PRO B 807 20.36 -3.14 38.14
C PRO B 807 20.92 -2.89 36.76
N ARG B 808 22.13 -2.36 36.74
CA ARG B 808 22.88 -2.07 35.53
C ARG B 808 24.20 -2.79 35.66
N LEU B 809 24.76 -3.21 34.53
CA LEU B 809 26.06 -3.88 34.53
C LEU B 809 26.64 -3.81 33.13
N LEU B 810 27.76 -3.13 32.99
CA LEU B 810 28.51 -3.09 31.75
C LEU B 810 29.77 -3.92 31.93
N ILE B 811 29.92 -4.94 31.10
CA ILE B 811 31.11 -5.79 31.10
C ILE B 811 31.98 -5.32 29.96
N ASN B 812 33.11 -4.70 30.29
CA ASN B 812 34.05 -4.24 29.31
C ASN B 812 35.30 -5.11 29.33
N GLY B 813 36.04 -5.12 28.24
CA GLY B 813 37.29 -5.83 28.19
C GLY B 813 38.05 -5.53 26.92
N PRO B 814 39.22 -6.14 26.75
CA PRO B 814 39.97 -5.95 25.50
C PRO B 814 39.31 -6.66 24.34
N LYS B 815 39.85 -6.40 23.15
CA LYS B 815 39.28 -6.88 21.91
C LYS B 815 39.45 -8.40 21.79
N GLY B 816 38.33 -9.10 21.65
CA GLY B 816 38.38 -10.54 21.47
C GLY B 816 38.55 -11.35 22.72
N ASN B 817 38.24 -10.78 23.89
CA ASN B 817 38.45 -11.46 25.16
C ASN B 817 37.20 -12.22 25.61
N GLY B 818 36.62 -13.00 24.71
CA GLY B 818 35.54 -13.92 25.05
C GLY B 818 34.27 -13.29 25.57
N GLN B 819 33.92 -12.09 25.10
CA GLN B 819 32.69 -11.46 25.55
C GLN B 819 31.46 -12.17 25.01
N GLN B 820 31.56 -12.79 23.84
CA GLN B 820 30.43 -13.50 23.27
C GLN B 820 30.11 -14.78 24.05
N TYR B 821 31.07 -15.32 24.79
CA TYR B 821 30.82 -16.45 25.67
C TYR B 821 30.32 -16.00 27.02
N VAL B 822 30.82 -14.88 27.51
CA VAL B 822 30.49 -14.40 28.85
C VAL B 822 29.06 -13.90 28.89
N GLY B 823 28.64 -13.18 27.85
CA GLY B 823 27.26 -12.70 27.80
C GLY B 823 26.25 -13.82 27.74
N ALA B 824 26.54 -14.84 26.94
CA ALA B 824 25.67 -16.01 26.86
C ALA B 824 25.68 -16.80 28.15
N ALA B 825 26.82 -16.90 28.83
CA ALA B 825 26.88 -17.64 30.08
C ALA B 825 26.13 -16.92 31.20
N ILE B 826 26.15 -15.59 31.19
CA ILE B 826 25.38 -14.81 32.14
C ILE B 826 23.89 -14.94 31.87
N LEU B 827 23.48 -14.90 30.62
CA LEU B 827 22.06 -15.11 30.32
C LEU B 827 21.63 -16.55 30.61
N ASN B 828 22.57 -17.50 30.58
CA ASN B 828 22.29 -18.84 31.08
C ASN B 828 22.10 -18.84 32.59
N TYR B 829 22.86 -18.00 33.29
CA TYR B 829 22.75 -17.94 34.74
C TYR B 829 21.43 -17.32 35.19
N LEU B 830 20.85 -16.43 34.39
CA LEU B 830 19.59 -15.78 34.73
C LEU B 830 18.46 -16.52 34.03
N GLU B 831 18.18 -17.71 34.55
CA GLU B 831 17.20 -18.62 33.96
C GLU B 831 15.78 -18.08 34.07
N GLU B 832 15.43 -17.45 35.19
CA GLU B 832 14.11 -16.92 35.44
C GLU B 832 13.78 -15.68 34.59
N PHE B 833 14.80 -15.03 34.03
CA PHE B 833 14.65 -13.70 33.47
C PHE B 833 14.17 -13.76 32.03
N ASN B 834 13.46 -12.72 31.63
CA ASN B 834 12.96 -12.58 30.27
C ASN B 834 13.99 -11.79 29.48
N VAL B 835 14.77 -12.47 28.66
CA VAL B 835 15.83 -11.80 27.91
C VAL B 835 15.22 -11.08 26.72
N GLN B 836 15.36 -9.76 26.70
CA GLN B 836 15.02 -8.94 25.55
C GLN B 836 16.32 -8.47 24.92
N ASN B 837 16.49 -8.70 23.62
CA ASN B 837 17.73 -8.45 22.93
C ASN B 837 17.70 -7.12 22.19
N LEU B 838 18.74 -6.32 22.37
CA LEU B 838 18.88 -5.06 21.65
C LEU B 838 20.13 -5.02 20.78
N ASP B 839 20.62 -6.18 20.35
CA ASP B 839 21.69 -6.15 19.37
C ASP B 839 21.14 -5.68 18.03
N LEU B 840 22.05 -5.25 17.16
CA LEU B 840 21.68 -4.59 15.92
C LEU B 840 20.91 -5.50 15.00
N ALA B 841 21.29 -6.77 14.93
CA ALA B 841 20.61 -7.70 14.05
C ALA B 841 19.22 -8.05 14.54
N SER B 842 18.89 -7.73 15.80
CA SER B 842 17.53 -7.96 16.29
C SER B 842 16.63 -6.78 16.04
N LEU B 843 17.19 -5.59 15.88
CA LEU B 843 16.41 -4.43 15.54
C LEU B 843 16.20 -4.30 14.04
N VAL B 844 17.23 -4.54 13.23
CA VAL B 844 17.14 -4.39 11.79
C VAL B 844 16.66 -5.68 11.12
N SER B 845 16.19 -6.67 11.89
CA SER B 845 15.73 -7.92 11.32
C SER B 845 14.40 -7.78 10.61
N GLU B 846 13.39 -7.26 11.30
CA GLU B 846 12.09 -7.03 10.68
C GLU B 846 12.20 -5.83 9.75
N SER B 847 11.67 -5.98 8.55
CA SER B 847 11.92 -4.99 7.51
C SER B 847 10.89 -3.87 7.53
N SER B 848 9.67 -4.16 7.99
CA SER B 848 8.62 -3.18 8.11
C SER B 848 8.64 -2.46 9.46
N ARG B 849 9.56 -2.81 10.34
CA ARG B 849 9.67 -2.24 11.67
C ARG B 849 10.89 -1.35 11.72
N THR B 850 10.69 -0.10 12.09
CA THR B 850 11.83 0.81 12.20
C THR B 850 12.62 0.52 13.47
N ILE B 851 13.79 1.14 13.54
CA ILE B 851 14.76 0.92 14.66
C ILE B 851 14.22 1.50 15.98
N GLU B 852 13.76 2.75 15.98
CA GLU B 852 13.25 3.36 17.24
C GLU B 852 12.04 2.55 17.71
N ALA B 853 11.13 2.19 16.80
CA ALA B 853 9.94 1.41 17.19
C ALA B 853 10.38 0.05 17.72
N ALA B 854 11.36 -0.59 17.09
CA ALA B 854 11.82 -1.92 17.55
C ALA B 854 12.38 -1.79 18.97
N VAL B 855 13.18 -0.75 19.22
CA VAL B 855 13.78 -0.56 20.58
C VAL B 855 12.66 -0.35 21.60
N VAL B 856 11.66 0.47 21.23
CA VAL B 856 10.54 0.75 22.18
C VAL B 856 9.79 -0.55 22.46
N GLN B 857 9.53 -1.36 21.43
CA GLN B 857 8.80 -2.64 21.58
C GLN B 857 9.59 -3.58 22.49
N SER B 858 10.91 -3.63 22.29
CA SER B 858 11.80 -4.50 23.10
C SER B 858 11.72 -4.07 24.57
N PHE B 859 11.77 -2.75 24.82
CA PHE B 859 11.67 -2.27 26.22
C PHE B 859 10.29 -2.58 26.81
N MET B 860 9.23 -2.44 26.00
CA MET B 860 7.84 -2.69 26.46
C MET B 860 7.72 -4.14 26.92
N GLU B 861 8.15 -5.10 26.10
CA GLU B 861 8.07 -6.49 26.53
C GLU B 861 8.97 -6.80 27.71
N ALA B 862 10.05 -6.06 27.91
CA ALA B 862 10.81 -6.22 29.15
C ALA B 862 10.05 -5.68 30.35
N LYS B 863 9.34 -4.58 30.17
CA LYS B 863 8.59 -3.95 31.25
C LYS B 863 7.35 -4.76 31.62
N LYS B 864 6.74 -5.40 30.63
CA LYS B 864 5.52 -6.17 30.86
C LYS B 864 5.80 -7.46 31.62
N ARG B 865 6.93 -8.09 31.37
CA ARG B 865 7.28 -9.37 31.97
C ARG B 865 8.56 -9.23 32.79
N GLN B 866 8.43 -8.80 34.05
CA GLN B 866 9.59 -8.74 34.92
C GLN B 866 9.65 -9.98 35.78
N PRO B 867 10.85 -10.44 36.18
CA PRO B 867 12.24 -10.00 35.97
C PRO B 867 12.72 -10.19 34.55
N SER B 868 13.44 -9.22 34.03
CA SER B 868 13.80 -9.22 32.63
C SER B 868 15.16 -8.60 32.45
N VAL B 869 15.79 -8.94 31.33
CA VAL B 869 17.10 -8.42 30.95
C VAL B 869 16.89 -7.61 29.68
N VAL B 870 17.48 -6.44 29.62
CA VAL B 870 17.64 -5.72 28.37
C VAL B 870 19.10 -5.89 27.97
N PHE B 871 19.35 -6.74 26.99
CA PHE B 871 20.68 -7.24 26.68
C PHE B 871 21.20 -6.55 25.42
N ILE B 872 22.33 -5.87 25.53
CA ILE B 872 22.99 -5.22 24.40
C ILE B 872 24.40 -5.76 24.25
N PRO B 873 24.63 -6.80 23.47
CA PRO B 873 26.00 -7.16 23.16
C PRO B 873 26.57 -6.21 22.11
N ASN B 874 27.90 -6.19 22.02
CA ASN B 874 28.67 -5.35 21.11
C ASN B 874 28.27 -3.88 21.28
N LEU B 875 28.42 -3.40 22.50
CA LEU B 875 28.00 -2.04 22.81
C LEU B 875 28.87 -1.00 22.13
N ASP B 876 30.14 -1.32 21.87
CA ASP B 876 31.02 -0.38 21.17
C ASP B 876 30.60 -0.22 19.72
N ILE B 877 30.14 -1.29 19.08
CA ILE B 877 29.53 -1.17 17.76
C ILE B 877 28.17 -0.50 17.87
N TRP B 878 27.42 -0.81 18.93
CA TRP B 878 26.05 -0.37 19.08
C TRP B 878 25.94 1.14 19.19
N ILE B 879 26.82 1.79 19.96
CA ILE B 879 26.77 3.24 20.02
C ILE B 879 27.35 3.90 18.77
N ASN B 880 27.99 3.13 17.89
CA ASN B 880 28.47 3.63 16.62
C ASN B 880 27.44 3.55 15.51
N THR B 881 26.55 2.56 15.51
CA THR B 881 25.60 2.51 14.41
C THR B 881 24.24 3.07 14.77
N ILE B 882 23.76 2.78 15.97
CA ILE B 882 22.47 3.30 16.45
C ILE B 882 22.54 4.82 16.49
N PRO B 883 21.58 5.51 15.87
CA PRO B 883 21.58 6.97 15.94
C PRO B 883 21.28 7.45 17.35
N GLU B 884 21.84 8.61 17.67
CA GLU B 884 21.87 9.10 19.05
C GLU B 884 20.48 9.37 19.60
N ASN B 885 19.51 9.67 18.75
CA ASN B 885 18.15 9.84 19.23
C ASN B 885 17.41 8.52 19.44
N VAL B 886 18.08 7.38 19.37
CA VAL B 886 17.47 6.13 19.83
C VAL B 886 18.10 5.79 21.17
N ILE B 887 19.35 6.17 21.36
CA ILE B 887 19.99 6.05 22.67
C ILE B 887 19.31 6.97 23.67
N LEU B 888 18.89 8.17 23.24
CA LEU B 888 18.12 9.04 24.11
C LEU B 888 16.72 8.51 24.39
N VAL B 889 16.10 7.83 23.44
CA VAL B 889 14.79 7.22 23.69
C VAL B 889 14.91 6.09 24.69
N LEU B 890 15.96 5.26 24.57
CA LEU B 890 16.17 4.19 25.52
C LEU B 890 16.57 4.71 26.89
N SER B 891 17.33 5.79 26.95
CA SER B 891 17.70 6.38 28.23
C SER B 891 16.49 7.00 28.91
N GLY B 892 15.58 7.59 28.14
CA GLY B 892 14.36 8.10 28.73
C GLY B 892 13.41 7.00 29.14
N LEU B 893 13.47 5.85 28.46
CA LEU B 893 12.67 4.70 28.88
C LEU B 893 13.17 4.13 30.20
N PHE B 894 14.49 4.02 30.36
CA PHE B 894 15.05 3.57 31.62
C PHE B 894 14.94 4.59 32.73
N ARG B 895 14.85 5.87 32.38
CA ARG B 895 14.74 6.94 33.36
C ARG B 895 13.34 7.11 33.91
N SER B 896 12.36 6.46 33.30
CA SER B 896 10.98 6.51 33.74
C SER B 896 10.57 5.26 34.51
N LEU B 897 11.54 4.49 34.97
CA LEU B 897 11.29 3.27 35.73
C LEU B 897 11.36 3.55 37.22
N GLN B 898 10.46 2.92 37.96
CA GLN B 898 10.59 2.86 39.40
C GLN B 898 11.85 2.08 39.76
N SER B 899 12.46 2.46 40.88
CA SER B 899 13.74 1.87 41.26
C SER B 899 13.61 0.40 41.60
N ASN B 900 12.53 -0.01 42.24
CA ASN B 900 12.36 -1.40 42.61
C ASN B 900 12.06 -2.33 41.43
N GLU B 901 12.02 -1.83 40.19
CA GLU B 901 11.65 -2.62 39.03
C GLU B 901 12.82 -3.43 38.53
N LYS B 902 12.64 -4.74 38.44
CA LYS B 902 13.71 -5.68 38.11
C LYS B 902 13.82 -5.82 36.59
N ILE B 903 14.40 -4.80 35.98
CA ILE B 903 14.79 -4.81 34.59
C ILE B 903 16.28 -4.56 34.56
N LEU B 904 17.06 -5.61 34.32
CA LEU B 904 18.50 -5.49 34.30
C LEU B 904 18.94 -4.92 32.95
N LEU B 905 19.80 -3.92 33.00
CA LEU B 905 20.43 -3.43 31.78
C LEU B 905 21.83 -4.00 31.72
N LEU B 906 22.02 -4.96 30.82
CA LEU B 906 23.26 -5.70 30.73
C LEU B 906 23.86 -5.47 29.36
N CYS B 907 24.95 -4.71 29.31
CA CYS B 907 25.66 -4.41 28.08
C CYS B 907 27.05 -5.02 28.16
N LEU B 908 27.52 -5.56 27.04
CA LEU B 908 28.87 -6.08 26.93
C LEU B 908 29.58 -5.34 25.82
N ALA B 909 30.77 -4.84 26.14
CA ALA B 909 31.47 -3.96 25.26
C ALA B 909 32.87 -4.51 25.01
N GLU B 910 33.52 -3.94 24.02
CA GLU B 910 34.80 -4.46 23.57
C GLU B 910 35.71 -3.28 23.27
N ASN B 911 36.68 -3.06 24.17
CA ASN B 911 37.58 -1.91 24.19
C ASN B 911 36.83 -0.59 24.21
N LEU B 912 35.70 -0.56 24.91
CA LEU B 912 34.99 0.68 25.16
C LEU B 912 35.77 1.54 26.15
N ASP B 913 35.81 2.83 25.89
CA ASP B 913 36.44 3.73 26.84
C ASP B 913 35.51 3.97 28.03
N ILE B 914 36.06 4.62 29.05
CA ILE B 914 35.23 5.05 30.16
C ILE B 914 34.61 6.41 29.84
N SER B 915 35.06 7.06 28.76
CA SER B 915 34.70 8.44 28.51
C SER B 915 33.32 8.59 27.89
N GLU B 916 32.79 7.54 27.26
CA GLU B 916 31.40 7.63 26.82
C GLU B 916 30.44 7.28 27.94
N VAL B 917 30.96 6.85 29.09
CA VAL B 917 30.17 6.45 30.23
C VAL B 917 30.04 7.63 31.20
N LYS B 918 31.13 8.35 31.42
CA LYS B 918 31.09 9.46 32.37
C LYS B 918 30.40 10.70 31.81
N ASN B 919 30.87 11.23 30.69
CA ASN B 919 30.27 12.44 30.14
C ASN B 919 29.90 12.27 28.67
N GLY B 920 29.73 11.04 28.23
CA GLY B 920 29.39 10.79 26.84
C GLY B 920 27.94 10.46 26.61
N ILE B 921 27.68 9.49 25.75
CA ILE B 921 26.33 9.15 25.36
C ILE B 921 25.63 8.28 26.40
N LEU B 922 26.38 7.41 27.08
CA LEU B 922 25.83 6.50 28.07
C LEU B 922 25.89 7.05 29.48
N SER B 923 25.88 8.37 29.63
CA SER B 923 25.86 8.96 30.96
C SER B 923 24.48 8.88 31.59
N ASP B 924 23.42 8.84 30.80
CA ASP B 924 22.07 8.80 31.33
C ASP B 924 21.69 7.40 31.82
N PHE B 925 22.50 6.39 31.52
CA PHE B 925 22.21 5.00 31.86
C PHE B 925 22.81 4.58 33.19
N ALA B 926 23.74 5.37 33.72
CA ALA B 926 24.31 5.23 35.07
C ALA B 926 25.04 3.89 35.26
N PHE B 927 26.08 3.69 34.43
CA PHE B 927 27.08 2.66 34.69
C PHE B 927 28.21 3.27 35.51
N ASP B 928 27.87 3.74 36.70
CA ASP B 928 28.86 4.44 37.51
C ASP B 928 29.80 3.47 38.22
N LYS B 929 29.27 2.68 39.15
CA LYS B 929 30.07 1.69 39.86
C LYS B 929 29.75 0.28 39.40
N ASN B 930 29.04 0.16 38.29
CA ASN B 930 28.62 -1.12 37.75
C ASN B 930 29.39 -1.52 36.50
N ILE B 931 30.66 -1.13 36.41
CA ILE B 931 31.50 -1.49 35.27
C ILE B 931 32.43 -2.61 35.71
N PHE B 932 32.25 -3.77 35.11
CA PHE B 932 33.13 -4.91 35.33
C PHE B 932 34.11 -5.03 34.17
N GLN B 933 35.37 -5.28 34.50
CA GLN B 933 36.44 -5.42 33.51
C GLN B 933 36.79 -6.90 33.35
N LEU B 934 36.50 -7.46 32.18
CA LEU B 934 37.03 -8.76 31.79
C LEU B 934 38.51 -8.57 31.49
N HIS B 935 39.38 -9.15 32.30
CA HIS B 935 40.79 -9.03 32.00
C HIS B 935 41.28 -10.28 31.27
N LYS B 936 42.52 -10.21 30.80
CA LYS B 936 43.11 -11.32 30.09
C LYS B 936 43.39 -12.47 31.04
N PRO B 937 43.24 -13.72 30.59
CA PRO B 937 43.40 -14.86 31.50
C PRO B 937 44.84 -15.04 31.97
N SER B 938 44.98 -15.60 33.17
CA SER B 938 46.24 -15.71 33.85
C SER B 938 47.04 -16.91 33.33
N LYS B 939 48.28 -17.03 33.81
CA LYS B 939 49.15 -18.12 33.37
C LYS B 939 48.64 -19.48 33.85
N GLU B 940 48.00 -19.52 35.01
CA GLU B 940 47.43 -20.77 35.49
C GLU B 940 46.21 -21.19 34.69
N ASN B 941 45.38 -20.21 34.28
CA ASN B 941 44.26 -20.50 33.40
C ASN B 941 44.72 -21.01 32.05
N ILE B 942 45.81 -20.45 31.53
CA ILE B 942 46.39 -20.91 30.27
C ILE B 942 46.95 -22.33 30.41
N THR B 943 47.54 -22.65 31.57
CA THR B 943 48.02 -24.00 31.82
C THR B 943 46.88 -25.01 31.85
N ARG B 944 45.81 -24.68 32.57
CA ARG B 944 44.63 -25.55 32.59
C ARG B 944 43.96 -25.66 31.24
N TYR B 945 44.06 -24.61 30.42
CA TYR B 945 43.50 -24.62 29.07
C TYR B 945 44.26 -25.58 28.16
N PHE B 946 45.58 -25.48 28.16
CA PHE B 946 46.40 -26.31 27.29
C PHE B 946 46.63 -27.71 27.81
N SER B 947 46.20 -28.01 29.04
CA SER B 947 46.30 -29.37 29.56
C SER B 947 45.43 -30.34 28.79
N ASN B 948 44.28 -29.90 28.27
CA ASN B 948 43.46 -30.79 27.45
C ASN B 948 44.10 -31.07 26.11
N LEU B 949 44.82 -30.10 25.57
CA LEU B 949 45.58 -30.28 24.34
C LEU B 949 46.68 -31.32 24.52
N ILE B 950 47.41 -31.21 25.62
CA ILE B 950 48.48 -32.18 25.85
C ILE B 950 47.90 -33.53 26.32
N GLU B 951 46.70 -33.54 26.88
CA GLU B 951 46.04 -34.80 27.17
C GLU B 951 45.58 -35.49 25.90
N LEU B 952 45.20 -34.72 24.89
CA LEU B 952 44.93 -35.31 23.57
C LEU B 952 46.22 -35.78 22.90
N LEU B 953 47.33 -35.09 23.15
CA LEU B 953 48.62 -35.55 22.65
C LEU B 953 49.04 -36.86 23.32
N LYS B 954 48.71 -37.04 24.59
CA LYS B 954 49.09 -38.25 25.32
C LYS B 954 48.17 -39.43 25.08
N THR B 955 47.14 -39.27 24.26
CA THR B 955 46.17 -40.34 24.06
C THR B 955 46.71 -41.34 23.05
N LYS B 956 46.73 -42.61 23.44
CA LYS B 956 47.20 -43.66 22.55
C LYS B 956 46.19 -43.90 21.43
N PRO B 957 46.66 -44.28 20.23
CA PRO B 957 45.74 -44.47 19.09
C PRO B 957 44.74 -45.61 19.27
N SER B 958 44.94 -46.49 20.24
CA SER B 958 43.88 -47.41 20.63
C SER B 958 42.67 -46.68 21.22
N ASP B 959 42.88 -45.57 21.94
CA ASP B 959 41.78 -44.90 22.63
C ASP B 959 40.96 -43.99 21.72
N ILE B 960 41.58 -43.43 20.68
CA ILE B 960 40.92 -42.53 19.73
C ILE B 960 39.88 -43.31 18.95
N PRO B 961 38.63 -42.85 18.89
CA PRO B 961 37.56 -43.65 18.26
C PRO B 961 37.69 -43.67 16.75
N MET B 962 38.19 -44.77 16.22
CA MET B 962 38.07 -45.06 14.80
C MET B 962 36.66 -45.55 14.50
N LYS B 963 36.08 -44.98 13.46
CA LYS B 963 34.85 -45.53 12.89
C LYS B 963 35.29 -46.81 12.19
N LYS B 964 35.31 -47.91 12.93
CA LYS B 964 35.85 -49.14 12.39
C LYS B 964 34.85 -49.80 11.45
N ARG B 965 35.38 -50.44 10.42
CA ARG B 965 34.53 -51.14 9.48
C ARG B 965 34.03 -52.44 10.08
N ARG B 966 33.14 -53.10 9.34
CA ARG B 966 32.56 -54.34 9.81
C ARG B 966 33.38 -55.53 9.33
N VAL B 967 33.32 -56.61 10.10
CA VAL B 967 33.99 -57.86 9.73
C VAL B 967 33.10 -58.75 8.87
N LYS B 968 31.79 -58.66 9.02
CA LYS B 968 30.80 -59.40 8.25
C LYS B 968 29.86 -58.43 7.57
N PRO B 969 28.94 -58.91 6.74
CA PRO B 969 27.73 -58.13 6.47
C PRO B 969 26.74 -58.24 7.63
N LEU B 970 25.57 -57.72 7.40
CA LEU B 970 24.54 -57.73 8.43
C LEU B 970 23.54 -58.83 8.13
N PRO B 971 23.01 -59.52 9.15
CA PRO B 971 22.17 -60.70 8.88
C PRO B 971 20.80 -60.32 8.35
N GLU B 972 20.28 -61.19 7.48
CA GLU B 972 19.11 -60.89 6.68
C GLU B 972 17.83 -60.95 7.50
N LEU B 973 16.86 -60.12 7.12
CA LEU B 973 15.54 -60.11 7.73
C LEU B 973 14.52 -60.63 6.72
N GLN B 974 13.83 -61.70 7.09
CA GLN B 974 12.94 -62.40 6.17
C GLN B 974 11.65 -61.62 5.97
N LYS B 975 10.84 -62.07 5.01
CA LYS B 975 9.62 -61.38 4.60
C LYS B 975 8.53 -61.58 5.65
N VAL B 976 7.34 -61.05 5.37
CA VAL B 976 6.24 -61.14 6.31
C VAL B 976 5.43 -62.41 6.07
N LYS B 1355 50.93 -51.43 21.75
CA LYS B 1355 52.35 -51.23 22.03
C LYS B 1355 52.58 -50.08 23.02
N GLU B 1356 53.63 -49.31 22.82
CA GLU B 1356 53.97 -48.22 23.74
C GLU B 1356 54.03 -46.91 22.96
N LEU B 1357 53.10 -46.02 23.27
CA LEU B 1357 53.09 -44.67 22.72
C LEU B 1357 54.23 -43.88 23.36
N ILE B 1358 55.34 -43.76 22.65
CA ILE B 1358 56.55 -43.21 23.26
C ILE B 1358 56.47 -41.68 23.34
N LEU B 1359 56.54 -41.16 24.57
CA LEU B 1359 56.40 -39.73 24.81
C LEU B 1359 57.02 -39.43 26.18
N THR B 1360 58.24 -38.93 26.18
CA THR B 1360 58.92 -38.69 27.45
C THR B 1360 58.42 -37.41 28.11
N PRO B 1361 58.23 -37.43 29.44
CA PRO B 1361 57.66 -36.25 30.11
C PRO B 1361 58.64 -35.11 30.35
N GLU B 1362 59.85 -35.14 29.79
CA GLU B 1362 60.66 -33.93 29.68
C GLU B 1362 60.39 -33.21 28.38
N GLN B 1363 59.95 -33.96 27.36
CA GLN B 1363 59.53 -33.42 26.08
C GLN B 1363 58.16 -32.75 26.20
N ILE B 1364 57.27 -33.37 26.98
CA ILE B 1364 55.97 -32.79 27.34
C ILE B 1364 56.16 -31.50 28.13
N LYS B 1365 57.14 -31.48 29.03
CA LYS B 1365 57.44 -30.26 29.75
C LYS B 1365 57.97 -29.17 28.81
N LYS B 1366 58.67 -29.56 27.75
CA LYS B 1366 59.18 -28.58 26.79
C LYS B 1366 58.06 -27.96 25.96
N VAL B 1367 57.11 -28.78 25.49
CA VAL B 1367 56.01 -28.22 24.71
C VAL B 1367 55.08 -27.39 25.60
N SER B 1368 54.89 -27.80 26.88
CA SER B 1368 54.18 -26.95 27.84
C SER B 1368 54.86 -25.61 28.04
N ALA B 1369 56.19 -25.62 28.20
CA ALA B 1369 56.90 -24.38 28.48
C ALA B 1369 56.89 -23.44 27.29
N CYS B 1370 56.98 -23.98 26.07
CA CYS B 1370 56.91 -23.11 24.90
C CYS B 1370 55.48 -22.64 24.61
N LEU B 1371 54.47 -23.43 24.96
CA LEU B 1371 53.09 -22.97 24.83
C LEU B 1371 52.80 -21.82 25.78
N ILE B 1372 53.32 -21.90 27.01
CA ILE B 1372 53.13 -20.80 27.96
C ILE B 1372 53.93 -19.57 27.54
N GLU B 1373 55.17 -19.78 27.08
CA GLU B 1373 56.02 -18.67 26.68
C GLU B 1373 55.49 -17.97 25.43
N HIS B 1374 54.82 -18.70 24.55
CA HIS B 1374 54.23 -18.08 23.37
C HIS B 1374 53.06 -17.18 23.74
N CYS B 1375 52.16 -17.68 24.58
CA CYS B 1375 50.91 -17.00 24.91
C CYS B 1375 51.15 -16.13 26.13
N GLN B 1376 51.78 -14.99 25.90
CA GLN B 1376 52.03 -14.01 26.93
C GLN B 1376 51.16 -12.78 26.68
N ASN B 1377 50.29 -12.48 27.63
CA ASN B 1377 49.27 -11.43 27.53
C ASN B 1377 48.38 -11.63 26.29
N PHE B 1378 47.78 -12.80 26.20
CA PHE B 1378 46.86 -13.08 25.12
C PHE B 1378 45.43 -12.94 25.60
N THR B 1379 44.54 -12.57 24.69
CA THR B 1379 43.11 -12.56 24.94
C THR B 1379 42.59 -13.98 24.69
N VAL B 1380 41.29 -14.20 24.89
CA VAL B 1380 40.72 -15.54 24.75
C VAL B 1380 40.78 -16.01 23.30
N SER B 1381 40.55 -15.11 22.35
CA SER B 1381 40.54 -15.50 20.94
C SER B 1381 41.95 -15.74 20.42
N GLN B 1382 42.92 -14.97 20.91
CA GLN B 1382 44.33 -15.23 20.58
C GLN B 1382 44.80 -16.56 21.13
N LEU B 1383 44.24 -17.01 22.25
CA LEU B 1383 44.57 -18.32 22.78
C LEU B 1383 43.88 -19.41 21.98
N GLU B 1384 42.67 -19.14 21.51
CA GLU B 1384 41.96 -20.15 20.74
C GLU B 1384 42.58 -20.36 19.37
N ASP B 1385 43.24 -19.34 18.83
CA ASP B 1385 43.97 -19.53 17.58
C ASP B 1385 45.15 -20.49 17.78
N VAL B 1386 45.91 -20.32 18.86
CA VAL B 1386 47.02 -21.21 19.17
C VAL B 1386 46.52 -22.62 19.46
N HIS B 1387 45.44 -22.73 20.21
CA HIS B 1387 44.87 -24.04 20.54
C HIS B 1387 44.33 -24.73 19.29
N SER B 1388 43.81 -23.97 18.33
CA SER B 1388 43.31 -24.58 17.11
C SER B 1388 44.44 -25.06 16.21
N SER B 1389 45.51 -24.26 16.07
CA SER B 1389 46.63 -24.71 15.24
C SER B 1389 47.35 -25.90 15.83
N VAL B 1390 47.56 -25.91 17.14
CA VAL B 1390 48.20 -27.05 17.78
C VAL B 1390 47.28 -28.27 17.79
N ALA B 1391 45.96 -28.07 17.88
CA ALA B 1391 45.06 -29.21 17.81
C ALA B 1391 45.00 -29.76 16.39
N LYS B 1392 45.19 -28.92 15.38
CA LYS B 1392 45.30 -29.40 14.00
C LYS B 1392 46.55 -30.26 13.81
N ILE B 1393 47.68 -29.80 14.36
CA ILE B 1393 48.93 -30.56 14.29
C ILE B 1393 48.80 -31.89 15.03
N ILE B 1394 48.13 -31.90 16.17
CA ILE B 1394 48.02 -33.13 16.95
C ILE B 1394 47.05 -34.10 16.30
N TRP B 1395 45.94 -33.60 15.73
CA TRP B 1395 44.98 -34.45 15.05
C TRP B 1395 45.50 -34.98 13.72
N LYS B 1396 46.54 -34.37 13.14
CA LYS B 1396 47.24 -35.00 12.01
C LYS B 1396 47.69 -36.40 12.36
N SER B 1397 48.52 -36.51 13.39
CA SER B 1397 49.12 -37.78 13.82
C SER B 1397 48.30 -38.44 14.91
N LYS B 1398 47.02 -38.68 14.65
CA LYS B 1398 46.17 -39.28 15.67
C LYS B 1398 46.38 -40.78 15.79
N SER B 1399 47.00 -41.41 14.79
CA SER B 1399 47.23 -42.85 14.82
C SER B 1399 48.70 -43.22 14.95
N ALA B 1400 49.60 -42.26 14.95
CA ALA B 1400 51.01 -42.53 15.14
C ALA B 1400 51.28 -42.96 16.58
N TRP B 1401 52.25 -43.86 16.75
CA TRP B 1401 52.66 -44.27 18.08
C TRP B 1401 53.95 -43.60 18.54
N ASP B 1402 54.73 -43.06 17.61
CA ASP B 1402 55.88 -42.22 17.96
C ASP B 1402 55.40 -40.78 17.88
N LYS B 1403 55.28 -40.13 19.03
CA LYS B 1403 54.83 -38.75 19.09
C LYS B 1403 56.00 -37.79 19.15
N THR B 1404 57.12 -38.14 18.51
CA THR B 1404 58.29 -37.27 18.53
C THR B 1404 58.14 -36.15 17.52
N GLY B 1405 57.89 -36.49 16.26
CA GLY B 1405 57.78 -35.49 15.21
C GLY B 1405 56.58 -34.58 15.35
N THR B 1406 55.52 -35.07 15.98
CA THR B 1406 54.41 -34.20 16.37
C THR B 1406 54.86 -33.13 17.34
N VAL B 1407 55.62 -33.51 18.38
CA VAL B 1407 56.19 -32.55 19.32
C VAL B 1407 57.10 -31.56 18.61
N ASP B 1408 57.93 -32.05 17.68
CA ASP B 1408 58.83 -31.14 16.96
C ASP B 1408 58.06 -30.18 16.06
N GLU B 1409 56.93 -30.62 15.51
CA GLU B 1409 56.12 -29.72 14.70
C GLU B 1409 55.41 -28.68 15.55
N ILE B 1410 54.99 -29.06 16.76
CA ILE B 1410 54.35 -28.10 17.65
C ILE B 1410 55.34 -27.05 18.13
N ILE B 1411 56.58 -27.45 18.43
CA ILE B 1411 57.57 -26.46 18.83
C ILE B 1411 58.04 -25.65 17.61
N LYS B 1412 57.96 -26.23 16.41
CA LYS B 1412 58.31 -25.47 15.22
C LYS B 1412 57.25 -24.43 14.89
N PHE B 1413 55.97 -24.71 15.19
CA PHE B 1413 54.92 -23.73 14.92
C PHE B 1413 55.03 -22.53 15.86
N LEU B 1414 55.16 -22.79 17.16
CA LEU B 1414 55.21 -21.72 18.17
C LEU B 1414 56.57 -21.04 18.19
N SER B 1415 56.94 -20.43 17.06
CA SER B 1415 58.25 -19.84 16.86
C SER B 1415 58.22 -18.93 15.64
N LEU C 438 -29.26 -24.57 30.58
CA LEU C 438 -29.17 -23.35 31.36
C LEU C 438 -27.82 -23.19 32.05
N ASP C 439 -27.31 -21.97 32.02
CA ASP C 439 -26.14 -21.52 32.75
C ASP C 439 -26.58 -20.84 34.04
N PRO C 440 -26.45 -21.48 35.20
CA PRO C 440 -26.87 -20.82 36.44
C PRO C 440 -25.90 -19.77 36.92
N LEU C 441 -24.64 -19.80 36.47
CA LEU C 441 -23.62 -18.84 36.91
C LEU C 441 -23.35 -17.76 35.87
N GLY C 442 -24.17 -17.65 34.85
CA GLY C 442 -23.93 -16.70 33.79
C GLY C 442 -24.36 -15.30 34.14
N VAL C 443 -24.33 -14.43 33.12
CA VAL C 443 -24.75 -13.05 33.27
C VAL C 443 -26.27 -13.03 33.47
N ASP C 444 -26.73 -12.25 34.44
CA ASP C 444 -28.16 -12.17 34.67
C ASP C 444 -28.78 -11.09 33.79
N MET C 445 -29.87 -11.45 33.13
CA MET C 445 -30.57 -10.56 32.22
C MET C 445 -31.51 -9.61 32.91
N ASN C 446 -31.92 -9.93 34.14
CA ASN C 446 -32.80 -9.08 34.92
C ASN C 446 -31.99 -8.12 35.78
N VAL C 447 -31.16 -7.34 35.11
CA VAL C 447 -30.41 -6.27 35.74
C VAL C 447 -31.28 -5.02 35.71
N ASN C 448 -31.43 -4.39 36.86
CA ASN C 448 -32.13 -3.12 36.88
C ASN C 448 -31.16 -1.97 36.71
N PHE C 449 -31.71 -0.76 36.63
CA PHE C 449 -30.90 0.42 36.40
C PHE C 449 -30.10 0.85 37.62
N ASP C 450 -30.30 0.22 38.78
CA ASP C 450 -29.54 0.55 39.98
C ASP C 450 -28.35 -0.37 40.18
N ASP C 451 -28.16 -1.36 39.32
CA ASP C 451 -26.91 -2.10 39.25
C ASP C 451 -25.94 -1.51 38.25
N ILE C 452 -26.11 -0.25 37.88
CA ILE C 452 -25.16 0.49 37.07
C ILE C 452 -24.66 1.67 37.89
N GLY C 453 -23.35 1.76 38.05
CA GLY C 453 -22.78 2.81 38.86
C GLY C 453 -22.06 3.87 38.07
N GLY C 454 -22.44 5.13 38.31
CA GLY C 454 -21.74 6.25 37.73
C GLY C 454 -22.32 6.80 36.46
N LEU C 455 -23.48 6.32 36.04
CA LEU C 455 -24.05 6.70 34.75
C LEU C 455 -25.46 7.22 34.93
N ASP C 456 -25.65 8.11 35.91
CA ASP C 456 -27.00 8.49 36.31
C ASP C 456 -27.61 9.59 35.46
N ASN C 457 -26.81 10.38 34.76
CA ASN C 457 -27.39 11.32 33.80
C ASN C 457 -27.97 10.58 32.62
N TYR C 458 -27.27 9.54 32.15
CA TYR C 458 -27.67 8.83 30.96
C TYR C 458 -28.90 7.97 31.17
N ILE C 459 -29.15 7.54 32.40
CA ILE C 459 -30.35 6.76 32.66
C ILE C 459 -31.59 7.66 32.62
N ASP C 460 -31.48 8.87 33.17
CA ASP C 460 -32.56 9.83 33.05
C ASP C 460 -32.76 10.30 31.62
N GLN C 461 -31.66 10.53 30.88
CA GLN C 461 -31.78 10.90 29.48
C GLN C 461 -32.31 9.78 28.62
N LEU C 462 -32.11 8.53 29.01
CA LEU C 462 -32.70 7.40 28.31
C LEU C 462 -34.18 7.28 28.60
N LYS C 463 -34.60 7.57 29.83
CA LYS C 463 -35.98 7.34 30.21
C LYS C 463 -36.92 8.43 29.72
N GLU C 464 -36.41 9.46 29.05
CA GLU C 464 -37.26 10.40 28.34
C GLU C 464 -37.27 10.13 26.84
N MET C 465 -36.64 9.06 26.39
CA MET C 465 -36.73 8.61 25.02
C MET C 465 -37.60 7.37 24.89
N VAL C 466 -37.58 6.48 25.87
CA VAL C 466 -38.29 5.21 25.78
C VAL C 466 -39.61 5.25 26.54
N ALA C 467 -39.71 6.07 27.59
CA ALA C 467 -40.84 5.99 28.50
C ALA C 467 -41.74 7.21 28.43
N LEU C 468 -41.15 8.38 28.55
CA LEU C 468 -41.88 9.63 28.65
C LEU C 468 -42.63 10.07 27.39
N PRO C 469 -42.22 9.73 26.15
CA PRO C 469 -43.15 9.94 25.03
C PRO C 469 -44.35 9.02 25.05
N LEU C 470 -44.24 7.86 25.69
CA LEU C 470 -45.38 6.97 25.80
C LEU C 470 -46.36 7.44 26.85
N LEU C 471 -45.88 7.83 28.03
CA LEU C 471 -46.74 8.29 29.10
C LEU C 471 -47.35 9.64 28.82
N TYR C 472 -46.60 10.57 28.22
CA TYR C 472 -47.05 11.95 28.01
C TYR C 472 -46.88 12.34 26.55
N PRO C 473 -47.72 11.84 25.66
CA PRO C 473 -47.60 12.24 24.25
C PRO C 473 -48.01 13.67 24.00
N GLU C 474 -48.86 14.25 24.85
CA GLU C 474 -49.37 15.59 24.64
C GLU C 474 -48.36 16.68 24.97
N LEU C 475 -47.33 16.39 25.77
CA LEU C 475 -46.31 17.38 26.06
C LEU C 475 -45.44 17.64 24.84
N TYR C 476 -45.13 16.58 24.10
CA TYR C 476 -44.42 16.72 22.84
C TYR C 476 -45.33 17.31 21.78
N GLN C 477 -46.63 17.05 21.87
CA GLN C 477 -47.62 17.71 21.03
C GLN C 477 -47.84 19.17 21.39
N ASN C 478 -47.47 19.59 22.60
CA ASN C 478 -47.64 20.98 23.01
C ASN C 478 -46.62 21.87 22.33
N PHE C 479 -45.44 21.35 22.11
CA PHE C 479 -44.50 21.92 21.17
C PHE C 479 -44.72 21.20 19.85
N ASN C 480 -43.84 21.37 18.88
CA ASN C 480 -43.97 20.56 17.67
C ASN C 480 -42.83 19.58 17.61
N ILE C 481 -42.34 19.20 18.75
CA ILE C 481 -41.09 18.47 18.83
C ILE C 481 -41.35 16.98 18.63
N THR C 482 -40.44 16.37 17.93
CA THR C 482 -40.25 14.94 17.86
C THR C 482 -39.24 14.54 18.92
N PRO C 483 -39.51 13.47 19.65
CA PRO C 483 -38.56 13.02 20.67
C PRO C 483 -37.29 12.51 20.04
N PRO C 484 -36.16 12.61 20.73
CA PRO C 484 -34.94 12.02 20.18
C PRO C 484 -35.02 10.51 20.26
N ARG C 485 -34.98 9.84 19.12
CA ARG C 485 -35.14 8.40 19.09
C ARG C 485 -33.85 7.70 18.67
N GLY C 486 -32.72 8.35 18.82
CA GLY C 486 -31.49 7.75 18.41
C GLY C 486 -30.34 8.15 19.31
N VAL C 487 -29.62 7.16 19.81
CA VAL C 487 -28.53 7.41 20.72
C VAL C 487 -27.38 6.46 20.38
N LEU C 488 -26.17 6.99 20.37
CA LEU C 488 -24.99 6.19 20.18
C LEU C 488 -24.23 6.12 21.48
N PHE C 489 -24.13 4.93 22.06
CA PHE C 489 -23.28 4.73 23.23
C PHE C 489 -21.86 4.57 22.73
N HIS C 490 -20.92 5.29 23.31
CA HIS C 490 -19.53 5.06 22.95
C HIS C 490 -18.64 5.34 24.14
N GLY C 491 -17.50 4.64 24.15
CA GLY C 491 -16.52 4.72 25.25
C GLY C 491 -15.66 3.47 25.29
N PRO C 492 -14.75 3.32 26.27
CA PRO C 492 -13.88 2.15 26.35
C PRO C 492 -14.65 0.84 26.66
N PRO C 493 -14.13 -0.34 26.26
CA PRO C 493 -14.82 -1.61 26.49
C PRO C 493 -15.00 -1.93 27.99
N GLY C 494 -16.14 -2.54 28.33
CA GLY C 494 -16.45 -2.92 29.72
C GLY C 494 -17.01 -1.77 30.53
N THR C 495 -17.30 -0.64 29.88
CA THR C 495 -17.82 0.57 30.57
C THR C 495 -19.31 0.40 30.84
N GLY C 496 -19.90 -0.71 30.40
CA GLY C 496 -21.34 -0.94 30.65
C GLY C 496 -22.25 -0.51 29.52
N LYS C 497 -21.69 -0.26 28.32
CA LYS C 497 -22.53 0.15 27.17
C LYS C 497 -23.54 -0.96 26.87
N THR C 498 -23.08 -2.22 26.89
CA THR C 498 -23.99 -3.38 26.65
C THR C 498 -24.78 -3.63 27.95
N LEU C 499 -24.23 -3.19 29.08
CA LEU C 499 -24.95 -3.31 30.33
C LEU C 499 -26.12 -2.34 30.39
N MET C 500 -25.97 -1.14 29.81
CA MET C 500 -27.09 -0.20 29.79
C MET C 500 -28.19 -0.67 28.85
N ALA C 501 -27.80 -1.25 27.72
CA ALA C 501 -28.81 -1.83 26.82
C ALA C 501 -29.47 -3.04 27.45
N ARG C 502 -28.74 -3.81 28.26
CA ARG C 502 -29.33 -4.97 28.92
C ARG C 502 -30.29 -4.57 30.01
N ALA C 503 -29.93 -3.56 30.81
CA ALA C 503 -30.83 -3.02 31.82
C ALA C 503 -32.05 -2.39 31.20
N LEU C 504 -31.88 -1.76 30.03
CA LEU C 504 -33.03 -1.20 29.33
C LEU C 504 -33.95 -2.27 28.78
N ALA C 505 -33.40 -3.34 28.23
CA ALA C 505 -34.22 -4.44 27.74
C ALA C 505 -34.91 -5.17 28.86
N ALA C 506 -34.31 -5.20 30.05
CA ALA C 506 -34.99 -5.73 31.21
C ALA C 506 -36.11 -4.79 31.66
N SER C 507 -35.90 -3.48 31.53
CA SER C 507 -36.92 -2.50 31.89
C SER C 507 -38.12 -2.57 30.96
N CYS C 508 -37.91 -2.78 29.66
CA CYS C 508 -39.00 -2.93 28.70
C CYS C 508 -39.67 -4.29 28.75
N SER C 509 -39.11 -5.25 29.48
CA SER C 509 -39.73 -6.56 29.69
C SER C 509 -40.53 -6.58 30.97
N SER C 510 -41.22 -5.47 31.22
CA SER C 510 -42.11 -5.30 32.41
C SER C 510 -43.54 -5.00 31.96
N ASP C 511 -44.49 -5.01 32.89
CA ASP C 511 -45.94 -4.78 32.61
C ASP C 511 -46.26 -3.29 32.43
N GLU C 512 -47.43 -3.02 31.83
CA GLU C 512 -48.07 -1.69 31.60
C GLU C 512 -47.49 -0.94 30.39
N ARG C 513 -46.55 -1.55 29.66
CA ARG C 513 -45.95 -0.92 28.45
C ARG C 513 -45.20 -1.99 27.64
N LYS C 514 -45.73 -2.35 26.48
CA LYS C 514 -45.11 -3.39 25.69
C LYS C 514 -44.12 -2.70 24.75
N ILE C 515 -42.84 -2.90 24.98
CA ILE C 515 -41.79 -2.39 24.13
C ILE C 515 -40.97 -3.58 23.64
N THR C 516 -41.07 -3.87 22.35
CA THR C 516 -40.29 -4.95 21.76
C THR C 516 -38.84 -4.52 21.64
N PHE C 517 -37.94 -5.42 21.95
CA PHE C 517 -36.50 -5.16 21.87
C PHE C 517 -35.91 -6.05 20.80
N PHE C 518 -35.19 -5.45 19.87
CA PHE C 518 -34.50 -6.16 18.80
C PHE C 518 -33.03 -5.98 19.05
N MET C 519 -32.35 -7.07 19.37
CA MET C 519 -30.91 -7.05 19.62
C MET C 519 -30.18 -7.54 18.38
N ARG C 520 -29.25 -6.73 17.88
CA ARG C 520 -28.48 -7.06 16.71
C ARG C 520 -27.00 -6.99 17.07
N LYS C 521 -26.25 -8.02 16.71
CA LYS C 521 -24.81 -8.00 16.92
C LYS C 521 -24.16 -7.33 15.71
N GLY C 522 -22.83 -7.20 15.74
CA GLY C 522 -22.15 -6.49 14.69
C GLY C 522 -22.17 -7.22 13.35
N ALA C 523 -22.99 -6.70 12.43
CA ALA C 523 -23.16 -7.21 11.06
C ALA C 523 -23.68 -8.65 11.04
N ASP C 524 -24.63 -8.97 11.92
CA ASP C 524 -25.38 -10.20 11.76
C ASP C 524 -26.49 -10.07 10.73
N ILE C 525 -26.79 -8.85 10.28
CA ILE C 525 -27.88 -8.64 9.34
C ILE C 525 -27.46 -8.96 7.91
N LEU C 526 -26.17 -9.13 7.65
CA LEU C 526 -25.69 -9.56 6.35
C LEU C 526 -26.17 -10.96 6.06
N SER C 527 -26.92 -11.14 4.98
CA SER C 527 -27.42 -12.45 4.64
C SER C 527 -26.30 -13.30 4.04
N LYS C 528 -26.65 -14.55 3.72
CA LYS C 528 -25.69 -15.47 3.12
C LYS C 528 -25.31 -15.05 1.71
N TRP C 529 -26.16 -14.27 1.04
CA TRP C 529 -25.93 -13.74 -0.29
C TRP C 529 -25.75 -12.24 -0.18
N VAL C 530 -25.55 -11.58 -1.33
CA VAL C 530 -25.29 -10.14 -1.26
C VAL C 530 -26.52 -9.33 -1.65
N GLY C 531 -27.42 -9.91 -2.46
CA GLY C 531 -28.64 -9.20 -2.77
C GLY C 531 -29.64 -9.10 -1.64
N GLU C 532 -29.47 -9.86 -0.56
CA GLU C 532 -30.49 -9.95 0.47
C GLU C 532 -30.14 -9.21 1.75
N ALA C 533 -28.87 -8.78 1.89
CA ALA C 533 -28.39 -8.16 3.12
C ALA C 533 -29.18 -6.92 3.48
N GLU C 534 -29.28 -5.96 2.56
CA GLU C 534 -30.12 -4.79 2.76
C GLU C 534 -31.59 -5.17 2.84
N ARG C 535 -31.99 -6.23 2.14
CA ARG C 535 -33.35 -6.73 2.28
C ARG C 535 -33.60 -7.26 3.68
N GLN C 536 -32.58 -7.80 4.32
CA GLN C 536 -32.68 -8.16 5.73
C GLN C 536 -32.85 -6.92 6.60
N LEU C 537 -32.06 -5.88 6.31
CA LEU C 537 -31.99 -4.73 7.20
C LEU C 537 -33.30 -3.97 7.19
N ARG C 538 -33.86 -3.77 5.98
CA ARG C 538 -35.20 -3.23 5.81
C ARG C 538 -36.24 -4.05 6.54
N LEU C 539 -36.11 -5.37 6.45
CA LEU C 539 -37.05 -6.28 7.12
C LEU C 539 -37.03 -6.06 8.62
N LEU C 540 -35.84 -5.82 9.18
CA LEU C 540 -35.71 -5.51 10.59
C LEU C 540 -36.52 -4.28 10.95
N PHE C 541 -36.36 -3.21 10.16
CA PHE C 541 -37.08 -1.98 10.47
C PHE C 541 -38.56 -2.15 10.23
N GLU C 542 -38.92 -2.87 9.16
CA GLU C 542 -40.36 -3.14 8.87
C GLU C 542 -40.97 -3.84 10.09
N GLU C 543 -40.30 -4.89 10.58
CA GLU C 543 -40.75 -5.64 11.78
C GLU C 543 -40.72 -4.69 12.99
N ALA C 544 -39.68 -3.86 13.07
CA ALA C 544 -39.54 -2.87 14.15
C ALA C 544 -40.71 -1.89 14.09
N LYS C 545 -41.12 -1.46 12.88
CA LYS C 545 -42.29 -0.55 12.72
C LYS C 545 -43.58 -1.27 13.11
N LYS C 546 -43.67 -2.58 12.83
CA LYS C 546 -44.86 -3.44 13.14
C LYS C 546 -45.14 -3.37 14.65
N HIS C 547 -44.36 -4.07 15.47
CA HIS C 547 -44.50 -3.84 16.94
C HIS C 547 -44.18 -2.35 17.01
N GLN C 548 -45.13 -1.53 17.47
CA GLN C 548 -44.94 -0.11 17.14
C GLN C 548 -44.05 0.65 18.11
N PRO C 549 -44.08 0.42 19.46
CA PRO C 549 -42.92 0.84 20.26
C PRO C 549 -41.83 -0.21 20.26
N SER C 550 -40.76 0.06 19.53
CA SER C 550 -39.66 -0.89 19.42
C SER C 550 -38.37 -0.20 19.78
N ILE C 551 -37.40 -1.00 20.18
CA ILE C 551 -36.02 -0.57 20.33
C ILE C 551 -35.16 -1.52 19.52
N ILE C 552 -34.32 -0.98 18.65
CA ILE C 552 -33.29 -1.76 17.98
C ILE C 552 -31.96 -1.40 18.61
N PHE C 553 -31.28 -2.38 19.19
CA PHE C 553 -29.94 -2.20 19.70
C PHE C 553 -28.97 -2.78 18.69
N PHE C 554 -28.13 -1.93 18.13
CA PHE C 554 -27.06 -2.35 17.23
C PHE C 554 -25.79 -2.39 18.05
N ASP C 555 -25.43 -3.56 18.55
CA ASP C 555 -24.17 -3.71 19.24
C ASP C 555 -23.05 -3.82 18.21
N GLU C 556 -21.92 -3.16 18.50
CA GLU C 556 -20.76 -3.03 17.62
C GLU C 556 -21.16 -2.50 16.25
N ILE C 557 -21.75 -1.30 16.24
CA ILE C 557 -22.33 -0.76 15.02
C ILE C 557 -21.28 -0.29 14.03
N ASP C 558 -20.02 -0.11 14.45
CA ASP C 558 -18.97 0.23 13.50
C ASP C 558 -18.63 -0.93 12.57
N GLY C 559 -18.94 -2.16 12.95
CA GLY C 559 -18.80 -3.28 12.07
C GLY C 559 -19.97 -3.50 11.15
N LEU C 560 -21.08 -2.81 11.42
CA LEU C 560 -22.24 -2.84 10.54
C LEU C 560 -22.22 -1.67 9.57
N ALA C 561 -21.90 -0.48 10.06
CA ALA C 561 -21.99 0.74 9.27
C ALA C 561 -20.70 1.55 9.35
N PRO C 562 -19.69 1.19 8.58
CA PRO C 562 -18.46 1.97 8.56
C PRO C 562 -18.60 3.19 7.65
N VAL C 563 -17.54 4.00 7.62
CA VAL C 563 -17.51 5.18 6.76
C VAL C 563 -17.54 4.74 5.30
N ARG C 564 -18.47 5.30 4.53
CA ARG C 564 -18.68 4.94 3.13
C ARG C 564 -17.45 5.26 2.30
N SER C 565 -16.94 4.26 1.61
CA SER C 565 -15.69 4.35 0.88
C SER C 565 -15.89 3.70 -0.48
N SER C 566 -15.36 4.36 -1.51
CA SER C 566 -15.43 3.80 -2.86
C SER C 566 -14.33 2.81 -3.11
N LYS C 567 -13.29 2.82 -2.27
CA LYS C 567 -12.21 1.86 -2.38
C LYS C 567 -12.40 0.65 -1.49
N GLN C 568 -13.49 0.56 -0.74
CA GLN C 568 -13.63 -0.55 0.21
C GLN C 568 -14.35 -1.73 -0.42
N GLU C 569 -15.65 -1.57 -0.65
CA GLU C 569 -16.64 -2.55 -1.09
C GLU C 569 -17.93 -1.79 -1.29
N GLN C 570 -18.65 -2.12 -2.35
CA GLN C 570 -19.89 -1.38 -2.56
C GLN C 570 -21.00 -1.92 -1.69
N ILE C 571 -20.87 -3.14 -1.18
CA ILE C 571 -21.92 -3.65 -0.31
C ILE C 571 -21.86 -2.94 1.05
N HIS C 572 -20.68 -2.55 1.51
CA HIS C 572 -20.60 -1.89 2.80
C HIS C 572 -20.98 -0.43 2.71
N ALA C 573 -21.07 0.13 1.51
CA ALA C 573 -21.66 1.45 1.35
C ALA C 573 -23.14 1.38 1.04
N SER C 574 -23.58 0.31 0.39
CA SER C 574 -25.00 0.16 0.11
C SER C 574 -25.79 -0.23 1.35
N ILE C 575 -25.18 -0.93 2.29
CA ILE C 575 -25.85 -1.22 3.55
C ILE C 575 -25.99 0.05 4.37
N VAL C 576 -24.97 0.90 4.37
CA VAL C 576 -25.03 2.19 5.05
C VAL C 576 -26.08 3.09 4.42
N SER C 577 -26.16 3.12 3.09
CA SER C 577 -27.19 3.91 2.42
C SER C 577 -28.60 3.40 2.72
N THR C 578 -28.76 2.08 2.82
CA THR C 578 -30.05 1.53 3.20
C THR C 578 -30.41 1.91 4.64
N LEU C 579 -29.44 1.86 5.55
CA LEU C 579 -29.68 2.23 6.94
C LEU C 579 -30.00 3.71 7.09
N LEU C 580 -29.29 4.56 6.34
CA LEU C 580 -29.52 5.99 6.32
C LEU C 580 -30.92 6.32 5.82
N ALA C 581 -31.36 5.67 4.75
CA ALA C 581 -32.71 5.93 4.26
C ALA C 581 -33.77 5.20 5.06
N LEU C 582 -33.39 4.32 5.98
CA LEU C 582 -34.39 3.70 6.84
C LEU C 582 -34.59 4.44 8.16
N MET C 583 -33.56 5.10 8.66
CA MET C 583 -33.74 5.81 9.92
C MET C 583 -34.50 7.12 9.74
N ASP C 584 -34.36 7.65 8.54
CA ASP C 584 -35.17 8.81 8.13
C ASP C 584 -35.08 8.93 6.62
N GLY C 585 -36.05 8.30 5.95
CA GLY C 585 -36.21 8.55 4.54
C GLY C 585 -37.34 9.52 4.39
N MET C 586 -38.15 9.38 3.35
CA MET C 586 -39.30 10.24 3.23
C MET C 586 -40.40 9.86 4.20
N ASP C 587 -40.65 8.58 4.39
CA ASP C 587 -41.71 8.17 5.28
C ASP C 587 -41.20 8.04 6.70
N ASN C 588 -42.12 7.97 7.65
CA ASN C 588 -41.75 7.80 9.03
C ASN C 588 -41.34 6.36 9.30
N ARG C 589 -40.28 6.19 10.08
CA ARG C 589 -39.84 4.87 10.51
C ARG C 589 -40.67 4.33 11.67
N GLY C 590 -41.56 5.13 12.22
CA GLY C 590 -42.37 4.71 13.33
C GLY C 590 -41.80 5.17 14.65
N GLN C 591 -42.28 4.54 15.71
CA GLN C 591 -41.79 4.81 17.05
C GLN C 591 -40.74 3.76 17.42
N VAL C 592 -39.65 3.80 16.67
CA VAL C 592 -38.57 2.85 16.79
C VAL C 592 -37.35 3.62 17.28
N ILE C 593 -36.84 3.24 18.43
CA ILE C 593 -35.65 3.86 19.01
C ILE C 593 -34.45 3.04 18.61
N VAL C 594 -33.50 3.66 17.93
CA VAL C 594 -32.32 2.96 17.47
C VAL C 594 -31.16 3.31 18.39
N ILE C 595 -30.55 2.29 18.98
CA ILE C 595 -29.40 2.46 19.85
C ILE C 595 -28.20 1.77 19.23
N GLY C 596 -27.09 2.49 19.11
CA GLY C 596 -25.86 1.89 18.67
C GLY C 596 -24.88 1.84 19.81
N ALA C 597 -23.82 1.06 19.68
CA ALA C 597 -22.80 0.96 20.71
C ALA C 597 -21.48 0.65 20.06
N THR C 598 -20.45 1.45 20.36
CA THR C 598 -19.12 1.27 19.79
C THR C 598 -18.08 1.65 20.81
N ASN C 599 -16.84 1.29 20.55
CA ASN C 599 -15.74 2.00 21.19
C ASN C 599 -14.92 2.76 20.17
N ARG C 600 -15.30 2.73 18.90
CA ARG C 600 -14.70 3.58 17.87
C ARG C 600 -15.80 4.30 17.12
N PRO C 601 -16.28 5.44 17.64
CA PRO C 601 -17.38 6.15 17.00
C PRO C 601 -17.01 6.88 15.72
N ASP C 602 -15.74 7.22 15.52
CA ASP C 602 -15.33 7.86 14.28
C ASP C 602 -15.28 6.87 13.12
N ALA C 603 -15.35 5.58 13.39
CA ALA C 603 -15.50 4.57 12.36
C ALA C 603 -16.94 4.31 11.99
N VAL C 604 -17.85 5.16 12.39
CA VAL C 604 -19.24 5.14 11.95
C VAL C 604 -19.40 6.25 10.91
N ASP C 605 -20.21 6.01 9.89
CA ASP C 605 -20.42 6.98 8.83
C ASP C 605 -21.03 8.26 9.38
N PRO C 606 -20.49 9.43 9.04
CA PRO C 606 -20.90 10.67 9.70
C PRO C 606 -22.30 11.13 9.36
N ALA C 607 -22.94 10.56 8.35
CA ALA C 607 -24.33 10.87 8.07
C ALA C 607 -25.28 10.20 9.06
N LEU C 608 -24.83 9.07 9.63
CA LEU C 608 -25.66 8.25 10.56
C LEU C 608 -25.81 8.97 11.90
N ARG C 609 -24.75 9.66 12.33
CA ARG C 609 -24.77 10.41 13.61
C ARG C 609 -25.38 11.80 13.34
N ARG C 610 -26.69 11.84 13.09
CA ARG C 610 -27.44 13.08 12.77
C ARG C 610 -28.78 13.04 13.51
N PRO C 611 -29.30 14.17 14.04
CA PRO C 611 -30.60 14.18 14.71
C PRO C 611 -31.66 13.60 13.76
N GLY C 612 -32.32 12.51 14.19
CA GLY C 612 -33.31 11.79 13.38
C GLY C 612 -32.87 10.36 13.12
N ARG C 613 -31.64 10.03 13.51
CA ARG C 613 -31.09 8.65 13.41
C ARG C 613 -30.42 8.33 14.75
N PHE C 614 -29.32 9.02 15.05
CA PHE C 614 -28.58 8.90 16.33
C PHE C 614 -28.32 10.31 16.83
N ASP C 615 -29.38 10.98 17.32
CA ASP C 615 -29.31 12.38 17.79
C ASP C 615 -28.28 12.53 18.92
N ARG C 616 -28.45 11.77 20.00
CA ARG C 616 -27.58 11.86 21.16
C ARG C 616 -26.41 10.91 21.02
N GLU C 617 -25.29 11.32 21.59
CA GLU C 617 -24.11 10.48 21.73
C GLU C 617 -23.76 10.47 23.20
N PHE C 618 -23.82 9.31 23.83
CA PHE C 618 -23.54 9.15 25.24
C PHE C 618 -22.13 8.63 25.39
N TYR C 619 -21.28 9.39 26.06
CA TYR C 619 -19.91 8.97 26.29
C TYR C 619 -19.81 8.27 27.65
N PHE C 620 -19.35 7.03 27.64
CA PHE C 620 -19.24 6.17 28.82
C PHE C 620 -17.79 6.18 29.24
N PRO C 621 -17.40 6.97 30.23
CA PRO C 621 -15.99 7.07 30.57
C PRO C 621 -15.54 5.96 31.51
N LEU C 622 -14.23 5.75 31.56
CA LEU C 622 -13.64 4.98 32.63
C LEU C 622 -13.99 5.66 33.95
N PRO C 623 -14.56 4.93 34.92
CA PRO C 623 -15.23 5.58 36.04
C PRO C 623 -14.25 6.24 36.99
N ASP C 624 -14.72 7.33 37.60
CA ASP C 624 -13.93 8.08 38.56
C ASP C 624 -14.07 7.41 39.93
N VAL C 625 -13.54 8.06 40.98
CA VAL C 625 -13.39 7.41 42.27
C VAL C 625 -14.74 7.13 42.90
N LYS C 626 -15.68 8.07 42.76
CA LYS C 626 -17.02 7.85 43.29
C LYS C 626 -17.72 6.72 42.56
N ALA C 627 -17.53 6.62 41.25
CA ALA C 627 -18.18 5.56 40.51
C ALA C 627 -17.45 4.24 40.68
N ARG C 628 -16.13 4.24 40.87
CA ARG C 628 -15.44 3.00 41.17
C ARG C 628 -15.83 2.49 42.54
N PHE C 629 -16.03 3.40 43.49
CA PHE C 629 -16.63 3.06 44.78
C PHE C 629 -18.00 2.43 44.61
N LYS C 630 -18.86 3.03 43.78
CA LYS C 630 -20.23 2.56 43.67
C LYS C 630 -20.31 1.22 42.94
N ILE C 631 -19.46 1.00 41.94
CA ILE C 631 -19.40 -0.30 41.28
C ILE C 631 -18.84 -1.35 42.23
N LEU C 632 -17.85 -0.97 43.06
CA LEU C 632 -17.32 -1.91 44.04
C LEU C 632 -18.31 -2.23 45.14
N GLN C 633 -19.24 -1.32 45.43
CA GLN C 633 -20.35 -1.62 46.32
C GLN C 633 -21.40 -2.48 45.66
N ILE C 634 -21.65 -2.30 44.36
CA ILE C 634 -22.64 -3.09 43.64
C ILE C 634 -22.19 -4.55 43.53
N GLN C 635 -20.89 -4.76 43.28
CA GLN C 635 -20.39 -6.13 43.15
C GLN C 635 -20.43 -6.88 44.47
N THR C 636 -20.03 -6.23 45.56
CA THR C 636 -20.00 -6.83 46.88
C THR C 636 -21.18 -6.36 47.73
N ARG C 637 -22.39 -6.71 47.31
CA ARG C 637 -23.56 -6.34 48.09
C ARG C 637 -24.46 -7.50 48.50
N LYS C 638 -24.41 -8.63 47.80
CA LYS C 638 -25.03 -9.85 48.28
C LYS C 638 -24.01 -10.78 48.92
N TRP C 639 -22.82 -10.28 49.21
CA TRP C 639 -21.81 -11.08 49.85
C TRP C 639 -22.21 -11.34 51.30
N SER C 640 -21.69 -12.45 51.85
CA SER C 640 -22.10 -12.90 53.17
C SER C 640 -21.59 -11.95 54.23
N SER C 641 -20.27 -11.83 54.34
CA SER C 641 -19.64 -10.88 55.25
C SER C 641 -19.16 -9.70 54.42
N PRO C 642 -19.71 -8.51 54.59
CA PRO C 642 -19.48 -7.44 53.62
C PRO C 642 -18.10 -6.80 53.79
N LEU C 643 -17.67 -6.11 52.74
CA LEU C 643 -16.53 -5.25 52.85
C LEU C 643 -16.91 -3.99 53.61
N SER C 644 -15.98 -3.51 54.43
CA SER C 644 -16.18 -2.22 55.10
C SER C 644 -16.01 -1.08 54.11
N THR C 645 -16.64 0.05 54.43
CA THR C 645 -16.71 1.19 53.52
C THR C 645 -15.35 1.88 53.38
N ASN C 646 -14.54 1.85 54.44
CA ASN C 646 -13.20 2.41 54.36
C ASN C 646 -12.30 1.56 53.46
N PHE C 647 -12.52 0.26 53.47
CA PHE C 647 -11.77 -0.62 52.57
C PHE C 647 -12.23 -0.45 51.13
N ILE C 648 -13.51 -0.18 50.90
CA ILE C 648 -13.96 0.06 49.54
C ILE C 648 -13.42 1.39 49.04
N ASP C 649 -13.24 2.36 49.94
CA ASP C 649 -12.55 3.60 49.59
C ASP C 649 -11.11 3.35 49.16
N LYS C 650 -10.38 2.53 49.93
CA LYS C 650 -9.00 2.23 49.56
C LYS C 650 -8.92 1.41 48.27
N LEU C 651 -9.94 0.57 48.01
CA LEU C 651 -9.96 -0.19 46.77
C LEU C 651 -10.28 0.71 45.58
N ALA C 652 -11.13 1.70 45.78
CA ALA C 652 -11.42 2.65 44.72
C ALA C 652 -10.21 3.53 44.43
N PHE C 653 -9.40 3.79 45.45
CA PHE C 653 -8.18 4.56 45.21
C PHE C 653 -7.11 3.73 44.51
N LEU C 654 -7.00 2.45 44.90
CA LEU C 654 -5.93 1.63 44.33
C LEU C 654 -6.23 1.22 42.90
N THR C 655 -7.49 1.07 42.57
CA THR C 655 -7.93 0.80 41.21
C THR C 655 -8.06 2.12 40.49
N LYS C 656 -7.36 2.27 39.37
CA LYS C 656 -7.50 3.47 38.55
C LYS C 656 -7.13 3.10 37.12
N GLY C 657 -7.98 3.47 36.17
CA GLY C 657 -7.95 2.86 34.88
C GLY C 657 -8.74 1.58 34.82
N TYR C 658 -9.33 1.16 35.93
CA TYR C 658 -10.25 0.05 35.94
C TYR C 658 -11.59 0.52 35.43
N GLY C 659 -12.15 -0.19 34.45
CA GLY C 659 -13.54 -0.05 34.10
C GLY C 659 -14.39 -0.90 35.02
N GLY C 660 -15.69 -0.93 34.73
CA GLY C 660 -16.59 -1.76 35.51
C GLY C 660 -16.32 -3.23 35.34
N ALA C 661 -15.90 -3.64 34.13
CA ALA C 661 -15.50 -5.01 33.86
C ALA C 661 -14.29 -5.42 34.67
N ASP C 662 -13.32 -4.52 34.82
CA ASP C 662 -12.12 -4.80 35.57
C ASP C 662 -12.38 -4.80 37.06
N LEU C 663 -13.36 -4.02 37.53
CA LEU C 663 -13.72 -4.06 38.94
C LEU C 663 -14.46 -5.34 39.29
N ARG C 664 -15.33 -5.80 38.40
CA ARG C 664 -15.97 -7.09 38.61
C ARG C 664 -14.96 -8.23 38.55
N SER C 665 -13.95 -8.11 37.70
CA SER C 665 -12.88 -9.11 37.68
C SER C 665 -12.04 -9.06 38.93
N LEU C 666 -11.83 -7.87 39.51
CA LEU C 666 -11.13 -7.77 40.78
C LEU C 666 -11.88 -8.46 41.90
N CYS C 667 -13.19 -8.26 41.97
CA CYS C 667 -13.98 -8.92 43.01
C CYS C 667 -14.03 -10.42 42.80
N THR C 668 -14.09 -10.86 41.54
CA THR C 668 -14.11 -12.28 41.23
C THR C 668 -12.79 -12.96 41.60
N GLU C 669 -11.66 -12.32 41.28
CA GLU C 669 -10.37 -12.90 41.63
C GLU C 669 -10.13 -12.88 43.12
N ALA C 670 -10.62 -11.86 43.83
CA ALA C 670 -10.52 -11.86 45.28
C ALA C 670 -11.35 -12.99 45.90
N ALA C 671 -12.54 -13.23 45.36
CA ALA C 671 -13.37 -14.33 45.86
C ALA C 671 -12.75 -15.69 45.54
N LEU C 672 -12.10 -15.82 44.38
CA LEU C 672 -11.48 -17.08 44.03
C LEU C 672 -10.22 -17.35 44.83
N ILE C 673 -9.44 -16.30 45.13
CA ILE C 673 -8.28 -16.46 46.01
C ILE C 673 -8.72 -16.78 47.43
N SER C 674 -9.86 -16.22 47.88
CA SER C 674 -10.37 -16.55 49.21
C SER C 674 -10.85 -17.99 49.27
N ILE C 675 -11.45 -18.49 48.20
CA ILE C 675 -11.83 -19.90 48.16
C ILE C 675 -10.58 -20.79 48.18
N GLN C 676 -9.57 -20.45 47.39
CA GLN C 676 -8.44 -21.37 47.31
C GLN C 676 -7.44 -21.24 48.44
N ARG C 677 -7.53 -20.23 49.31
CA ARG C 677 -6.85 -20.35 50.60
C ARG C 677 -7.76 -20.89 51.70
N SER C 678 -9.08 -20.79 51.52
CA SER C 678 -9.98 -21.42 52.48
C SER C 678 -9.98 -22.93 52.34
N PHE C 679 -10.31 -23.45 51.16
CA PHE C 679 -10.39 -24.89 50.92
C PHE C 679 -9.52 -25.26 49.73
N PRO C 680 -8.22 -25.46 49.94
CA PRO C 680 -7.35 -25.83 48.82
C PRO C 680 -7.47 -27.28 48.39
N GLN C 681 -8.27 -28.08 49.08
CA GLN C 681 -8.38 -29.50 48.79
C GLN C 681 -9.15 -29.78 47.51
N ILE C 682 -10.12 -28.95 47.17
CA ILE C 682 -10.97 -29.16 46.01
C ILE C 682 -10.27 -28.93 44.69
N TYR C 683 -9.03 -28.46 44.71
CA TYR C 683 -8.24 -28.31 43.50
C TYR C 683 -7.44 -29.57 43.18
N ARG C 684 -7.25 -30.47 44.14
CA ARG C 684 -6.45 -31.66 43.95
C ARG C 684 -7.28 -32.93 43.91
N SER C 685 -8.59 -32.81 43.70
CA SER C 685 -9.48 -33.95 43.75
C SER C 685 -10.56 -33.78 42.70
N ASN C 686 -10.68 -34.77 41.80
CA ASN C 686 -11.65 -34.67 40.72
C ASN C 686 -13.08 -34.89 41.22
N ASP C 687 -13.26 -35.74 42.22
CA ASP C 687 -14.58 -35.98 42.78
C ASP C 687 -14.92 -34.88 43.78
N LYS C 688 -16.22 -34.61 43.90
CA LYS C 688 -16.70 -33.50 44.70
C LYS C 688 -16.54 -33.80 46.18
N LEU C 689 -15.91 -32.89 46.90
CA LEU C 689 -15.78 -32.98 48.35
C LEU C 689 -16.92 -32.19 48.99
N LEU C 690 -17.03 -32.32 50.32
CA LEU C 690 -18.06 -31.63 51.07
C LEU C 690 -17.50 -30.30 51.57
N VAL C 691 -18.05 -29.20 51.04
CA VAL C 691 -17.57 -27.85 51.25
C VAL C 691 -18.74 -26.96 51.63
N ASP C 692 -18.60 -26.22 52.74
CA ASP C 692 -19.59 -25.20 53.00
C ASP C 692 -19.06 -23.81 52.68
N PRO C 693 -19.75 -23.04 51.85
CA PRO C 693 -19.34 -21.65 51.59
C PRO C 693 -19.83 -20.66 52.65
N SER C 694 -19.73 -21.06 53.91
CA SER C 694 -20.01 -20.21 55.05
C SER C 694 -18.77 -19.95 55.90
N LYS C 695 -17.76 -20.82 55.80
CA LYS C 695 -16.44 -20.56 56.34
C LYS C 695 -15.57 -19.73 55.40
N ILE C 696 -16.06 -19.38 54.23
CA ILE C 696 -15.28 -18.61 53.28
C ILE C 696 -15.63 -17.14 53.47
N LYS C 697 -14.67 -16.35 53.90
CA LYS C 697 -14.82 -14.91 54.03
C LYS C 697 -13.69 -14.25 53.27
N VAL C 698 -14.03 -13.38 52.33
CA VAL C 698 -13.03 -12.68 51.54
C VAL C 698 -12.37 -11.63 52.43
N LYS C 699 -11.08 -11.81 52.69
CA LYS C 699 -10.34 -10.90 53.55
C LYS C 699 -9.71 -9.78 52.73
N VAL C 700 -8.94 -8.93 53.39
CA VAL C 700 -8.33 -7.78 52.72
C VAL C 700 -7.13 -8.21 51.91
N SER C 701 -6.34 -9.16 52.42
CA SER C 701 -5.15 -9.61 51.69
C SER C 701 -5.52 -10.41 50.44
N ASP C 702 -6.74 -10.94 50.37
CA ASP C 702 -7.20 -11.57 49.14
C ASP C 702 -7.39 -10.53 48.05
N PHE C 703 -7.94 -9.36 48.40
CA PHE C 703 -8.04 -8.25 47.46
C PHE C 703 -6.68 -7.68 47.09
N MET C 704 -5.74 -7.67 48.03
CA MET C 704 -4.40 -7.21 47.69
C MET C 704 -3.68 -8.16 46.75
N LEU C 705 -3.89 -9.46 46.93
CA LEU C 705 -3.34 -10.44 46.00
C LEU C 705 -4.02 -10.36 44.65
N ALA C 706 -5.32 -10.04 44.60
CA ALA C 706 -5.99 -9.84 43.33
C ALA C 706 -5.48 -8.58 42.61
N LEU C 707 -5.22 -7.51 43.37
CA LEU C 707 -4.68 -6.29 42.78
C LEU C 707 -3.27 -6.48 42.27
N LYS C 708 -2.52 -7.41 42.85
CA LYS C 708 -1.21 -7.72 42.28
C LYS C 708 -1.28 -8.39 40.92
N LYS C 709 -2.41 -9.00 40.56
CA LYS C 709 -2.46 -9.84 39.36
C LYS C 709 -3.40 -9.33 38.27
N ILE C 710 -4.27 -8.37 38.55
CA ILE C 710 -5.21 -7.87 37.56
C ILE C 710 -4.52 -6.77 36.77
N VAL C 711 -4.42 -6.96 35.47
CA VAL C 711 -4.05 -5.90 34.53
C VAL C 711 -5.34 -5.35 33.96
N PRO C 712 -5.69 -4.09 34.19
CA PRO C 712 -6.90 -3.53 33.59
C PRO C 712 -6.77 -3.43 32.08
N SER C 713 -7.92 -3.42 31.41
CA SER C 713 -7.96 -3.45 29.95
C SER C 713 -7.40 -2.19 29.32
N SER C 714 -7.39 -1.07 30.04
CA SER C 714 -6.72 0.14 29.60
C SER C 714 -5.22 0.13 29.88
N ALA C 715 -4.64 -1.03 30.18
CA ALA C 715 -3.20 -1.15 30.40
C ALA C 715 -2.66 -2.44 29.82
N ARG C 716 -3.49 -3.22 29.15
CA ARG C 716 -3.01 -4.46 28.56
C ARG C 716 -2.22 -4.21 27.29
N SER C 717 -2.64 -3.24 26.49
CA SER C 717 -1.93 -2.96 25.25
C SER C 717 -0.67 -2.15 25.50
N THR C 718 -0.81 -1.03 26.21
CA THR C 718 0.36 -0.29 26.65
C THR C 718 0.95 -0.96 27.89
N GLY C 719 1.82 -0.25 28.59
CA GLY C 719 2.51 -0.87 29.70
C GLY C 719 1.67 -1.12 30.92
N SER C 720 1.30 -0.05 31.62
CA SER C 720 0.56 -0.13 32.86
C SER C 720 -0.17 1.19 33.06
N SER C 721 -0.65 1.40 34.27
CA SER C 721 -1.29 2.63 34.65
C SER C 721 -0.34 3.47 35.51
N PRO C 722 -0.51 4.80 35.52
CA PRO C 722 0.20 5.61 36.51
C PRO C 722 -0.29 5.27 37.90
N GLN C 723 0.63 5.24 38.85
CA GLN C 723 0.28 4.84 40.20
C GLN C 723 0.51 6.00 41.16
N PRO C 724 -0.08 5.98 42.36
CA PRO C 724 0.25 6.98 43.37
C PRO C 724 1.70 6.86 43.82
N LEU C 725 2.12 7.85 44.59
CA LEU C 725 3.47 7.90 45.15
C LEU C 725 3.64 6.71 46.07
N PRO C 726 4.63 5.84 45.85
CA PRO C 726 4.72 4.60 46.64
C PRO C 726 5.09 4.88 48.09
N GLU C 727 4.77 3.91 48.95
CA GLU C 727 4.77 4.13 50.39
C GLU C 727 6.16 4.32 50.96
N LEU C 728 7.20 3.84 50.29
CA LEU C 728 8.55 3.98 50.79
C LEU C 728 9.11 5.37 50.57
N ILE C 729 8.79 6.00 49.43
CA ILE C 729 9.36 7.29 49.09
C ILE C 729 8.42 8.44 49.42
N LYS C 730 7.22 8.15 49.93
CA LYS C 730 6.34 9.19 50.46
C LYS C 730 6.99 10.17 51.44
N PRO C 731 7.92 9.79 52.34
CA PRO C 731 8.62 10.83 53.12
C PRO C 731 9.47 11.77 52.30
N LEU C 732 10.04 11.31 51.19
CA LEU C 732 10.93 12.16 50.40
C LEU C 732 10.15 13.15 49.54
N LEU C 733 9.00 12.76 49.01
CA LEU C 733 8.35 13.57 48.01
C LEU C 733 6.93 13.99 48.35
N ALA C 734 6.39 13.63 49.52
CA ALA C 734 5.01 13.98 49.82
C ALA C 734 4.85 15.47 50.10
N ASP C 735 5.86 16.09 50.70
CA ASP C 735 5.75 17.51 51.02
C ASP C 735 5.89 18.38 49.77
N GLN C 736 6.65 17.96 48.78
CA GLN C 736 6.70 18.69 47.53
C GLN C 736 5.51 18.39 46.65
N LEU C 737 5.03 17.14 46.66
CA LEU C 737 3.86 16.77 45.90
C LEU C 737 2.60 17.45 46.41
N ASN C 738 2.53 17.74 47.71
CA ASN C 738 1.38 18.47 48.24
C ASN C 738 1.35 19.90 47.74
N ASN C 739 2.51 20.56 47.67
CA ASN C 739 2.59 21.91 47.11
C ASN C 739 2.22 21.91 45.64
N LEU C 740 2.65 20.87 44.92
CA LEU C 740 2.27 20.72 43.53
C LEU C 740 0.77 20.51 43.36
N LYS C 741 0.16 19.72 44.24
CA LYS C 741 -1.26 19.42 44.12
C LYS C 741 -2.10 20.64 44.44
N ASN C 742 -1.67 21.43 45.42
CA ASN C 742 -2.34 22.69 45.72
C ASN C 742 -2.23 23.67 44.57
N LYS C 743 -1.03 23.80 43.99
CA LYS C 743 -0.85 24.67 42.83
C LYS C 743 -1.68 24.21 41.64
N LEU C 744 -1.80 22.91 41.46
CA LEU C 744 -2.53 22.37 40.35
C LEU C 744 -4.03 22.51 40.50
N ASP C 745 -4.58 22.35 41.69
CA ASP C 745 -6.02 22.57 41.79
C ASP C 745 -6.38 24.03 41.99
N TYR C 746 -5.43 24.89 42.35
CA TYR C 746 -5.66 26.31 42.21
C TYR C 746 -5.70 26.71 40.76
N MET C 747 -4.75 26.23 39.95
CA MET C 747 -4.63 26.59 38.55
C MET C 747 -5.76 26.00 37.72
N LEU C 748 -6.21 24.80 38.04
CA LEU C 748 -7.20 24.13 37.21
C LEU C 748 -8.60 24.13 37.79
N ASN C 749 -8.80 24.70 38.99
CA ASN C 749 -10.08 24.77 39.69
C ASN C 749 -10.72 23.39 39.87
N ILE C 750 -9.94 22.48 40.44
CA ILE C 750 -10.44 21.13 40.64
C ILE C 750 -11.28 21.05 41.90
N LYS C 751 -10.87 21.75 42.95
CA LYS C 751 -11.43 21.56 44.28
C LYS C 751 -12.83 22.12 44.44
N ASP C 752 -13.22 23.14 43.67
CA ASP C 752 -14.51 23.78 43.92
C ASP C 752 -15.66 23.03 43.25
N THR C 753 -15.72 23.08 41.92
CA THR C 753 -16.81 22.53 41.07
C THR C 753 -18.20 22.86 41.60
N THR C 754 -18.47 24.17 41.75
CA THR C 754 -19.81 24.57 42.14
C THR C 754 -20.81 24.50 41.00
N PHE C 755 -20.34 24.31 39.76
CA PHE C 755 -21.19 24.20 38.58
C PHE C 755 -21.22 22.79 38.02
N GLN C 756 -20.06 22.15 37.95
CA GLN C 756 -19.92 20.86 37.30
C GLN C 756 -19.98 19.74 38.34
N ARG C 757 -19.67 18.51 37.90
CA ARG C 757 -19.66 17.26 38.67
C ARG C 757 -21.02 16.89 39.23
N ASN C 758 -22.10 17.27 38.55
CA ASN C 758 -23.44 16.88 38.95
C ASN C 758 -23.68 15.41 38.60
N THR C 759 -24.17 14.66 39.59
CA THR C 759 -24.44 13.24 39.42
C THR C 759 -25.63 12.97 38.51
N SER C 760 -26.66 13.81 38.57
CA SER C 760 -27.71 13.84 37.55
C SER C 760 -28.36 15.21 37.60
N LEU C 761 -28.53 15.83 36.43
CA LEU C 761 -29.16 17.15 36.36
C LEU C 761 -30.64 17.10 36.74
N LEU C 762 -31.27 15.93 36.63
CA LEU C 762 -32.65 15.77 37.07
C LEU C 762 -32.77 15.89 38.59
N GLN C 763 -31.82 15.31 39.32
CA GLN C 763 -31.77 15.54 40.76
C GLN C 763 -31.40 16.98 41.10
N ASN C 764 -30.71 17.68 40.19
CA ASN C 764 -30.43 19.10 40.38
C ASN C 764 -31.67 19.94 40.16
N PHE C 765 -32.58 19.48 39.31
CA PHE C 765 -33.87 20.15 39.18
C PHE C 765 -34.77 19.83 40.35
N ILE C 766 -34.59 18.65 40.95
CA ILE C 766 -35.44 18.25 42.07
C ILE C 766 -35.00 18.93 43.35
N ASP C 767 -33.72 18.88 43.67
CA ASP C 767 -33.20 19.25 44.96
C ASP C 767 -32.67 20.67 45.02
N TYR C 768 -32.76 21.42 43.93
CA TYR C 768 -32.25 22.78 43.96
C TYR C 768 -33.24 23.72 43.29
N GLU C 769 -33.51 24.84 43.95
CA GLU C 769 -34.50 25.78 43.50
C GLU C 769 -34.02 26.49 42.25
N GLU C 770 -34.96 27.07 41.51
CA GLU C 770 -34.61 27.80 40.31
C GLU C 770 -34.46 29.29 40.63
N TYR C 771 -33.65 29.98 39.82
CA TYR C 771 -33.32 31.36 40.10
C TYR C 771 -34.46 32.30 39.72
N SER C 772 -35.10 32.04 38.58
CA SER C 772 -36.24 32.81 38.03
C SER C 772 -35.96 34.31 37.90
N TYR C 793 -28.21 37.62 31.20
CA TYR C 793 -27.54 37.53 32.49
C TYR C 793 -27.08 36.11 32.78
N GLU C 794 -26.48 35.47 31.79
CA GLU C 794 -25.76 34.22 32.03
C GLU C 794 -24.29 34.44 31.75
N PHE C 795 -23.76 35.59 32.22
CA PHE C 795 -22.33 35.80 32.20
C PHE C 795 -21.69 35.37 33.50
N PHE C 796 -22.47 34.94 34.48
CA PHE C 796 -21.85 34.31 35.65
C PHE C 796 -21.20 33.00 35.27
N GLU C 797 -21.74 32.31 34.28
CA GLU C 797 -21.02 31.24 33.61
C GLU C 797 -19.73 31.73 32.97
N SER C 798 -19.74 32.92 32.37
CA SER C 798 -18.55 33.44 31.70
C SER C 798 -17.46 33.79 32.71
N MET C 799 -17.83 34.41 33.83
CA MET C 799 -16.90 34.63 34.93
C MET C 799 -16.43 33.34 35.58
N ALA C 800 -17.25 32.29 35.55
CA ALA C 800 -16.84 31.04 36.16
C ALA C 800 -15.85 30.29 35.28
N GLU C 801 -16.10 30.28 33.97
CA GLU C 801 -15.16 29.68 33.03
C GLU C 801 -13.96 30.57 32.77
N SER C 802 -13.98 31.84 33.20
CA SER C 802 -12.85 32.74 33.08
C SER C 802 -11.73 32.47 34.06
N GLN C 803 -11.86 31.47 34.92
CA GLN C 803 -10.85 31.18 35.91
C GLN C 803 -9.79 30.21 35.41
N ILE C 804 -9.74 29.95 34.11
CA ILE C 804 -8.73 29.11 33.50
C ILE C 804 -8.11 29.96 32.41
N CYS C 805 -6.84 30.34 32.58
CA CYS C 805 -6.21 31.12 31.52
C CYS C 805 -5.27 30.30 30.65
N LYS C 806 -4.21 29.78 31.20
CA LYS C 806 -3.34 28.96 30.36
C LYS C 806 -2.73 27.96 31.31
N PRO C 807 -3.30 26.78 31.46
CA PRO C 807 -2.71 25.81 32.39
C PRO C 807 -1.40 25.24 31.88
N ARG C 808 -0.31 25.71 32.44
CA ARG C 808 1.02 25.20 32.14
C ARG C 808 1.68 24.85 33.45
N LEU C 809 2.53 23.84 33.43
CA LEU C 809 3.32 23.49 34.62
C LEU C 809 4.55 22.74 34.16
N LEU C 810 5.72 23.30 34.42
CA LEU C 810 6.98 22.63 34.17
C LEU C 810 7.61 22.33 35.52
N ILE C 811 7.82 21.06 35.81
CA ILE C 811 8.45 20.64 37.05
C ILE C 811 9.90 20.34 36.75
N ASN C 812 10.80 21.19 37.23
CA ASN C 812 12.22 21.10 36.97
C ASN C 812 12.93 20.68 38.26
N GLY C 813 14.03 19.93 38.10
CA GLY C 813 14.77 19.46 39.24
C GLY C 813 16.07 18.80 38.85
N PRO C 814 16.81 18.29 39.84
CA PRO C 814 18.08 17.62 39.58
C PRO C 814 17.97 16.29 38.84
N LYS C 815 19.12 15.66 38.61
CA LYS C 815 19.23 14.57 37.65
C LYS C 815 18.61 13.27 38.17
N GLY C 816 18.33 13.17 39.46
CA GLY C 816 17.78 11.93 39.94
C GLY C 816 16.72 12.07 41.00
N ASN C 817 15.92 13.12 40.93
CA ASN C 817 15.13 13.58 42.05
C ASN C 817 13.69 13.07 42.03
N GLY C 818 13.46 11.87 41.50
CA GLY C 818 12.14 11.28 41.55
C GLY C 818 11.09 11.92 40.69
N GLN C 819 11.47 12.38 39.50
CA GLN C 819 10.53 13.00 38.59
C GLN C 819 9.53 12.01 38.01
N GLN C 820 9.89 10.73 37.92
CA GLN C 820 8.94 9.73 37.42
C GLN C 820 7.82 9.48 38.43
N TYR C 821 8.17 9.54 39.72
CA TYR C 821 7.19 9.37 40.78
C TYR C 821 6.26 10.57 40.88
N VAL C 822 6.81 11.77 40.78
CA VAL C 822 6.02 13.00 40.81
C VAL C 822 5.07 13.08 39.63
N GLY C 823 5.55 12.69 38.44
CA GLY C 823 4.68 12.68 37.28
C GLY C 823 3.56 11.68 37.36
N ALA C 824 3.85 10.47 37.85
CA ALA C 824 2.82 9.46 37.98
C ALA C 824 1.81 9.82 39.07
N ALA C 825 2.28 10.43 40.16
CA ALA C 825 1.37 10.81 41.24
C ALA C 825 0.47 11.96 40.84
N ILE C 826 0.99 12.88 40.03
CA ILE C 826 0.15 13.96 39.52
C ILE C 826 -0.86 13.43 38.51
N LEU C 827 -0.46 12.47 37.68
CA LEU C 827 -1.42 11.87 36.75
C LEU C 827 -2.46 11.02 37.46
N ASN C 828 -2.20 10.59 38.70
CA ASN C 828 -3.26 9.99 39.51
C ASN C 828 -4.15 11.03 40.16
N TYR C 829 -3.58 12.17 40.54
CA TYR C 829 -4.40 13.20 41.16
C TYR C 829 -5.44 13.76 40.19
N LEU C 830 -5.16 13.74 38.89
CA LEU C 830 -6.05 14.29 37.88
C LEU C 830 -6.85 13.15 37.28
N GLU C 831 -8.04 12.94 37.84
CA GLU C 831 -8.81 11.73 37.59
C GLU C 831 -9.80 11.92 36.45
N GLU C 832 -10.47 13.05 36.41
CA GLU C 832 -11.38 13.40 35.32
C GLU C 832 -10.65 13.67 34.02
N PHE C 833 -9.36 14.00 34.08
CA PHE C 833 -8.61 14.50 32.95
C PHE C 833 -8.27 13.37 32.00
N ASN C 834 -8.00 13.74 30.76
CA ASN C 834 -7.75 12.82 29.65
C ASN C 834 -6.27 12.95 29.27
N VAL C 835 -5.46 12.02 29.73
CA VAL C 835 -4.01 12.16 29.58
C VAL C 835 -3.60 11.76 28.18
N GLN C 836 -2.89 12.64 27.49
CA GLN C 836 -2.20 12.33 26.26
C GLN C 836 -0.72 12.37 26.53
N ASN C 837 -0.02 11.30 26.20
CA ASN C 837 1.38 11.12 26.56
C ASN C 837 2.24 11.44 25.35
N LEU C 838 2.98 12.53 25.44
CA LEU C 838 3.83 12.99 24.34
C LEU C 838 5.27 12.58 24.54
N ASP C 839 5.53 11.52 25.30
CA ASP C 839 6.88 11.06 25.46
C ASP C 839 7.38 10.43 24.16
N LEU C 840 8.70 10.33 24.07
CA LEU C 840 9.36 9.78 22.89
C LEU C 840 8.94 8.35 22.63
N ALA C 841 8.81 7.56 23.69
CA ALA C 841 8.35 6.18 23.59
C ALA C 841 6.91 6.05 23.13
N SER C 842 6.12 7.12 23.16
CA SER C 842 4.79 7.07 22.58
C SER C 842 4.76 7.53 21.14
N LEU C 843 5.61 8.47 20.76
CA LEU C 843 5.61 9.00 19.41
C LEU C 843 6.30 8.03 18.45
N VAL C 844 7.47 7.52 18.82
CA VAL C 844 8.24 6.66 17.92
C VAL C 844 7.75 5.22 17.94
N SER C 845 6.84 4.86 18.84
CA SER C 845 6.31 3.49 18.84
C SER C 845 5.20 3.31 17.81
N GLU C 846 5.51 3.69 16.58
CA GLU C 846 4.67 3.44 15.42
C GLU C 846 5.58 3.58 14.21
N SER C 847 5.84 2.48 13.52
CA SER C 847 6.55 2.59 12.26
C SER C 847 5.66 3.24 11.20
N SER C 848 4.35 2.99 11.28
CA SER C 848 3.44 3.48 10.25
C SER C 848 3.24 4.99 10.33
N ARG C 849 2.85 5.49 11.51
CA ARG C 849 2.59 6.91 11.66
C ARG C 849 3.87 7.69 11.89
N THR C 850 3.87 8.94 11.44
CA THR C 850 4.98 9.84 11.65
C THR C 850 4.90 10.39 13.06
N ILE C 851 5.99 10.96 13.56
CA ILE C 851 5.94 11.65 14.84
C ILE C 851 5.61 13.12 14.67
N GLU C 852 5.27 13.55 13.46
CA GLU C 852 4.52 14.79 13.31
C GLU C 852 3.03 14.54 13.41
N ALA C 853 2.52 13.48 12.81
CA ALA C 853 1.11 13.13 12.92
C ALA C 853 0.73 12.63 14.29
N ALA C 854 1.64 11.98 15.00
CA ALA C 854 1.35 11.47 16.33
C ALA C 854 1.20 12.59 17.34
N VAL C 855 2.04 13.62 17.24
CA VAL C 855 1.91 14.80 18.08
C VAL C 855 0.59 15.52 17.79
N VAL C 856 0.23 15.61 16.52
CA VAL C 856 -0.98 16.31 16.15
C VAL C 856 -2.22 15.49 16.50
N GLN C 857 -2.18 14.17 16.30
CA GLN C 857 -3.33 13.36 16.66
C GLN C 857 -3.51 13.29 18.17
N SER C 858 -2.40 13.33 18.92
CA SER C 858 -2.53 13.32 20.37
C SER C 858 -3.03 14.65 20.91
N PHE C 859 -2.60 15.77 20.32
CA PHE C 859 -3.17 17.06 20.73
C PHE C 859 -4.63 17.16 20.34
N MET C 860 -5.02 16.66 19.17
CA MET C 860 -6.42 16.76 18.79
C MET C 860 -7.28 15.82 19.62
N GLU C 861 -6.68 14.74 20.14
CA GLU C 861 -7.39 13.89 21.08
C GLU C 861 -7.52 14.56 22.45
N ALA C 862 -6.52 15.36 22.85
CA ALA C 862 -6.68 16.17 24.05
C ALA C 862 -7.72 17.26 23.87
N LYS C 863 -7.74 17.90 22.72
CA LYS C 863 -8.65 19.02 22.46
C LYS C 863 -10.09 18.57 22.29
N LYS C 864 -10.31 17.38 21.73
CA LYS C 864 -11.67 16.91 21.48
C LYS C 864 -12.38 16.51 22.76
N ARG C 865 -11.65 16.00 23.73
CA ARG C 865 -12.26 15.47 24.95
C ARG C 865 -11.61 16.11 26.16
N GLN C 866 -12.13 17.26 26.55
CA GLN C 866 -11.63 18.09 27.62
C GLN C 866 -12.39 17.81 28.91
N PRO C 867 -11.76 17.96 30.10
CA PRO C 867 -10.40 18.34 30.47
C PRO C 867 -9.35 17.33 30.05
N SER C 868 -8.15 17.78 29.78
CA SER C 868 -7.13 16.91 29.25
C SER C 868 -5.76 17.44 29.65
N VAL C 869 -4.81 16.51 29.71
CA VAL C 869 -3.44 16.81 30.04
C VAL C 869 -2.59 16.41 28.85
N VAL C 870 -1.70 17.28 28.43
CA VAL C 870 -0.65 16.91 27.50
C VAL C 870 0.60 16.71 28.35
N PHE C 871 0.99 15.46 28.53
CA PHE C 871 1.99 15.08 29.51
C PHE C 871 3.28 14.80 28.77
N ILE C 872 4.30 15.63 28.99
CA ILE C 872 5.62 15.38 28.40
C ILE C 872 6.62 15.08 29.50
N PRO C 873 6.89 13.81 29.78
CA PRO C 873 7.98 13.49 30.70
C PRO C 873 9.31 13.51 29.97
N ASN C 874 10.38 13.66 30.75
CA ASN C 874 11.75 13.75 30.27
C ASN C 874 11.89 14.86 29.22
N LEU C 875 11.47 16.07 29.61
CA LEU C 875 11.43 17.16 28.65
C LEU C 875 12.83 17.59 28.24
N ASP C 876 13.82 17.41 29.11
CA ASP C 876 15.19 17.72 28.73
C ASP C 876 15.72 16.76 27.68
N ILE C 877 15.26 15.52 27.71
CA ILE C 877 15.52 14.60 26.60
C ILE C 877 14.67 14.96 25.40
N TRP C 878 13.37 15.18 25.63
CA TRP C 878 12.37 15.42 24.60
C TRP C 878 12.68 16.64 23.75
N ILE C 879 13.41 17.61 24.29
CA ILE C 879 13.92 18.70 23.46
C ILE C 879 14.94 18.18 22.46
N ASN C 880 15.91 17.40 22.94
CA ASN C 880 17.07 17.01 22.14
C ASN C 880 16.72 15.99 21.07
N THR C 881 15.78 15.09 21.34
CA THR C 881 15.47 14.07 20.32
C THR C 881 14.13 14.24 19.63
N ILE C 882 13.46 15.37 19.78
CA ILE C 882 12.37 15.71 18.86
C ILE C 882 12.86 16.83 17.94
N PRO C 883 12.64 16.74 16.62
CA PRO C 883 13.10 17.79 15.72
C PRO C 883 12.36 19.10 15.95
N GLU C 884 13.10 20.18 15.70
CA GLU C 884 12.74 21.55 16.10
C GLU C 884 11.36 21.97 15.60
N ASN C 885 11.01 21.56 14.38
CA ASN C 885 9.74 22.02 13.83
C ASN C 885 8.57 21.28 14.44
N VAL C 886 8.77 20.08 14.99
CA VAL C 886 7.68 19.40 15.68
C VAL C 886 7.32 20.12 16.97
N ILE C 887 8.33 20.68 17.64
CA ILE C 887 8.06 21.52 18.80
C ILE C 887 7.40 22.81 18.37
N LEU C 888 7.73 23.31 17.18
CA LEU C 888 6.99 24.47 16.67
C LEU C 888 5.55 24.12 16.26
N VAL C 889 5.33 22.91 15.75
CA VAL C 889 3.96 22.49 15.30
C VAL C 889 3.02 22.34 16.50
N LEU C 890 3.49 21.71 17.58
CA LEU C 890 2.66 21.51 18.80
C LEU C 890 2.28 22.88 19.39
N SER C 891 3.24 23.80 19.42
CA SER C 891 3.01 25.16 19.97
C SER C 891 1.87 25.84 19.20
N GLY C 892 1.80 25.63 17.88
CA GLY C 892 0.75 26.21 17.04
C GLY C 892 -0.63 25.72 17.43
N LEU C 893 -0.76 24.42 17.72
CA LEU C 893 -2.07 23.83 18.12
C LEU C 893 -2.53 24.45 19.44
N PHE C 894 -1.61 24.65 20.38
CA PHE C 894 -1.94 25.24 21.70
C PHE C 894 -2.42 26.69 21.57
N ARG C 895 -1.84 27.47 20.66
CA ARG C 895 -2.29 28.89 20.54
C ARG C 895 -3.61 28.96 19.75
N SER C 896 -3.98 27.90 19.04
CA SER C 896 -5.26 27.88 18.33
C SER C 896 -6.45 27.79 19.26
N LEU C 897 -6.23 27.40 20.50
CA LEU C 897 -7.25 27.16 21.55
C LEU C 897 -7.64 28.46 22.22
N GLN C 898 -8.76 28.50 22.90
CA GLN C 898 -9.23 29.67 23.68
C GLN C 898 -8.63 29.65 25.09
N SER C 899 -8.26 30.78 25.76
CA SER C 899 -7.70 30.74 27.09
C SER C 899 -8.48 29.83 28.03
N ASN C 900 -9.80 29.86 27.96
CA ASN C 900 -10.56 29.04 28.89
C ASN C 900 -10.57 27.54 28.54
N GLU C 901 -9.85 27.09 27.53
CA GLU C 901 -9.75 25.67 27.24
C GLU C 901 -8.95 24.99 28.33
N LYS C 902 -9.52 23.93 28.88
CA LYS C 902 -8.96 23.26 30.05
C LYS C 902 -8.03 22.13 29.63
N ILE C 903 -7.02 22.50 28.86
CA ILE C 903 -6.01 21.56 28.38
C ILE C 903 -4.71 21.95 29.06
N LEU C 904 -4.31 21.14 30.03
CA LEU C 904 -3.10 21.42 30.79
C LEU C 904 -1.88 20.88 30.05
N LEU C 905 -0.82 21.66 30.03
CA LEU C 905 0.45 21.22 29.51
C LEU C 905 1.37 21.01 30.70
N LEU C 906 1.59 19.75 31.04
CA LEU C 906 2.37 19.38 32.20
C LEU C 906 3.67 18.75 31.73
N CYS C 907 4.79 19.33 32.13
CA CYS C 907 6.10 18.88 31.68
C CYS C 907 6.97 18.57 32.88
N LEU C 908 7.82 17.57 32.75
CA LEU C 908 8.80 17.21 33.76
C LEU C 908 10.19 17.21 33.14
N ALA C 909 11.16 17.73 33.85
CA ALA C 909 12.49 17.85 33.28
C ALA C 909 13.55 17.73 34.36
N GLU C 910 14.71 17.25 33.95
CA GLU C 910 15.88 17.13 34.82
C GLU C 910 16.95 18.09 34.32
N ASN C 911 17.32 19.05 35.18
CA ASN C 911 18.38 20.03 34.95
C ASN C 911 18.14 20.86 33.68
N LEU C 912 16.87 21.09 33.35
CA LEU C 912 16.53 22.01 32.29
C LEU C 912 16.62 23.42 32.83
N ASP C 913 17.38 24.28 32.15
CA ASP C 913 17.65 25.61 32.67
C ASP C 913 16.47 26.54 32.43
N ILE C 914 16.66 27.80 32.79
CA ILE C 914 15.68 28.83 32.46
C ILE C 914 16.04 29.50 31.13
N SER C 915 17.26 29.29 30.62
CA SER C 915 17.66 29.83 29.32
C SER C 915 16.93 29.16 28.17
N GLU C 916 16.44 27.93 28.34
CA GLU C 916 15.60 27.33 27.32
C GLU C 916 14.17 27.83 27.39
N VAL C 917 13.69 28.12 28.60
CA VAL C 917 12.32 28.54 28.80
C VAL C 917 12.11 30.00 28.44
N LYS C 918 13.02 30.88 28.88
CA LYS C 918 12.88 32.31 28.58
C LYS C 918 13.06 32.59 27.10
N ASN C 919 14.23 32.26 26.56
CA ASN C 919 14.56 32.56 25.17
C ASN C 919 15.13 31.31 24.50
N GLY C 920 14.23 30.47 24.01
CA GLY C 920 14.62 29.22 23.40
C GLY C 920 13.48 28.57 22.65
N ILE C 921 13.56 27.26 22.43
CA ILE C 921 12.51 26.57 21.69
C ILE C 921 11.26 26.39 22.56
N LEU C 922 11.40 26.34 23.88
CA LEU C 922 10.27 26.26 24.80
C LEU C 922 9.74 27.62 25.22
N SER C 923 9.95 28.65 24.43
CA SER C 923 9.50 29.99 24.77
C SER C 923 8.08 30.25 24.32
N ASP C 924 7.60 29.51 23.33
CA ASP C 924 6.27 29.72 22.80
C ASP C 924 5.19 29.06 23.66
N PHE C 925 5.56 28.09 24.47
CA PHE C 925 4.71 27.68 25.59
C PHE C 925 4.95 28.64 26.75
N ALA C 926 3.89 29.23 27.25
CA ALA C 926 4.02 30.26 28.27
C ALA C 926 4.33 29.61 29.61
N PHE C 927 5.60 29.31 29.82
CA PHE C 927 6.06 28.67 31.04
C PHE C 927 6.72 29.65 32.00
N ASP C 928 6.34 30.94 31.97
CA ASP C 928 7.15 31.94 32.65
C ASP C 928 6.96 31.91 34.17
N LYS C 929 5.69 31.82 34.61
CA LYS C 929 5.38 31.79 36.07
C LYS C 929 5.23 30.34 36.54
N ASN C 930 4.86 29.44 35.63
CA ASN C 930 4.65 28.01 35.96
C ASN C 930 5.98 27.25 35.87
N ILE C 931 6.89 27.49 36.81
CA ILE C 931 8.21 26.81 36.84
C ILE C 931 8.48 26.27 38.25
N PHE C 932 7.81 25.17 38.61
CA PHE C 932 7.97 24.54 39.95
C PHE C 932 9.27 23.75 40.04
N GLN C 933 10.18 24.16 40.94
CA GLN C 933 11.45 23.51 41.16
C GLN C 933 11.31 22.40 42.20
N LEU C 934 11.63 21.17 41.82
CA LEU C 934 11.78 20.08 42.77
C LEU C 934 13.09 20.22 43.53
N HIS C 935 13.02 20.47 44.83
CA HIS C 935 14.22 20.47 45.62
C HIS C 935 14.65 19.03 45.93
N LYS C 936 15.89 18.90 46.36
CA LYS C 936 16.35 17.66 46.95
C LYS C 936 15.69 17.48 48.30
N PRO C 937 15.56 16.25 48.80
CA PRO C 937 14.93 16.05 50.11
C PRO C 937 15.71 16.68 51.24
N SER C 938 14.99 17.39 52.10
CA SER C 938 15.58 18.01 53.27
C SER C 938 15.86 16.96 54.33
N LYS C 939 16.57 17.37 55.39
CA LYS C 939 17.07 16.42 56.40
C LYS C 939 15.95 15.77 57.19
N GLU C 940 14.82 16.45 57.38
CA GLU C 940 13.70 15.81 58.06
C GLU C 940 13.08 14.73 57.21
N ASN C 941 13.04 14.95 55.89
CA ASN C 941 12.52 13.95 54.98
C ASN C 941 13.46 12.75 54.91
N ILE C 942 14.77 13.00 54.94
CA ILE C 942 15.74 11.91 54.95
C ILE C 942 15.68 11.12 56.25
N THR C 943 15.44 11.82 57.36
CA THR C 943 15.34 11.17 58.66
C THR C 943 14.11 10.29 58.74
N ARG C 944 12.98 10.76 58.21
CA ARG C 944 11.80 9.90 58.16
C ARG C 944 11.91 8.79 57.11
N TYR C 945 12.68 8.99 56.05
CA TYR C 945 12.93 7.94 55.08
C TYR C 945 13.70 6.79 55.70
N PHE C 946 14.75 7.11 56.44
CA PHE C 946 15.62 6.09 57.00
C PHE C 946 15.12 5.55 58.33
N SER C 947 14.15 6.20 58.98
CA SER C 947 13.60 5.62 60.20
C SER C 947 12.77 4.38 59.91
N ASN C 948 12.17 4.28 58.74
CA ASN C 948 11.47 3.04 58.35
C ASN C 948 12.42 1.88 58.09
N LEU C 949 13.70 2.16 57.89
CA LEU C 949 14.74 1.17 57.67
C LEU C 949 15.43 0.79 58.98
N ILE C 950 15.61 1.77 59.87
CA ILE C 950 16.06 1.45 61.22
C ILE C 950 14.99 0.67 61.97
N GLU C 951 13.72 0.89 61.67
CA GLU C 951 12.64 0.04 62.17
C GLU C 951 12.79 -1.40 61.69
N LEU C 952 13.29 -1.62 60.48
CA LEU C 952 13.61 -2.98 60.04
C LEU C 952 14.83 -3.54 60.78
N LEU C 953 15.78 -2.68 61.16
CA LEU C 953 16.92 -3.17 61.92
C LEU C 953 16.49 -3.70 63.28
N LYS C 954 15.50 -3.09 63.92
CA LYS C 954 15.06 -3.47 65.25
C LYS C 954 13.73 -4.23 65.25
N THR C 955 13.47 -5.05 64.24
CA THR C 955 12.30 -5.92 64.30
C THR C 955 12.69 -7.22 65.00
N LYS C 956 11.71 -7.89 65.56
CA LYS C 956 11.96 -9.18 66.19
C LYS C 956 11.89 -10.26 65.11
N PRO C 957 12.84 -11.21 65.11
CA PRO C 957 12.77 -12.32 64.14
C PRO C 957 11.54 -13.20 64.27
N SER C 958 10.88 -13.19 65.42
CA SER C 958 9.58 -13.83 65.55
C SER C 958 8.46 -13.05 64.89
N ASP C 959 8.70 -11.80 64.47
CA ASP C 959 7.63 -10.98 63.93
C ASP C 959 7.75 -10.70 62.43
N ILE C 960 8.85 -11.09 61.78
CA ILE C 960 8.88 -10.98 60.31
C ILE C 960 7.90 -12.00 59.74
N PRO C 961 7.06 -11.63 58.77
CA PRO C 961 6.10 -12.60 58.22
C PRO C 961 6.74 -13.61 57.28
N MET C 962 7.66 -14.39 57.82
CA MET C 962 8.08 -15.64 57.21
C MET C 962 7.02 -16.66 57.64
N LYS C 963 6.11 -16.98 56.72
CA LYS C 963 5.07 -17.93 57.04
C LYS C 963 5.61 -19.34 56.90
N LYS C 964 5.23 -20.22 57.82
CA LYS C 964 5.89 -21.50 58.01
C LYS C 964 5.08 -22.63 57.37
N ARG C 965 5.77 -23.75 57.11
CA ARG C 965 5.13 -24.91 56.53
C ARG C 965 4.15 -25.55 57.50
N ARG C 966 3.14 -26.22 56.95
CA ARG C 966 2.24 -27.04 57.76
C ARG C 966 3.01 -28.27 58.19
N VAL C 967 3.23 -28.42 59.51
CA VAL C 967 3.92 -29.59 60.00
C VAL C 967 3.03 -30.82 59.89
N LYS C 968 1.72 -30.63 59.95
CA LYS C 968 0.67 -31.64 59.88
C LYS C 968 0.01 -31.61 58.51
N PRO C 969 -0.56 -32.74 58.06
CA PRO C 969 -1.26 -32.74 56.76
C PRO C 969 -2.54 -31.92 56.78
N LEU C 970 -3.09 -31.70 55.59
CA LEU C 970 -4.25 -30.86 55.44
C LEU C 970 -5.48 -31.52 56.08
N PRO C 971 -6.31 -30.74 56.76
CA PRO C 971 -7.48 -31.32 57.44
C PRO C 971 -8.51 -31.82 56.44
N GLU C 972 -8.25 -33.04 55.97
CA GLU C 972 -8.78 -33.57 54.71
C GLU C 972 -10.30 -33.63 54.70
N LEU C 973 -10.87 -33.21 53.56
CA LEU C 973 -12.30 -33.13 53.40
C LEU C 973 -12.87 -34.47 52.96
N GLN C 974 -14.10 -34.72 53.37
CA GLN C 974 -14.78 -35.94 52.97
C GLN C 974 -15.40 -35.76 51.60
N LYS C 975 -15.43 -36.84 50.83
CA LYS C 975 -16.20 -36.85 49.60
C LYS C 975 -17.70 -36.85 49.92
N VAL C 976 -18.50 -36.49 48.94
CA VAL C 976 -19.95 -36.49 49.09
C VAL C 976 -20.55 -37.39 48.01
N THR C 977 -21.64 -38.05 48.35
CA THR C 977 -22.30 -38.99 47.43
C THR C 977 -23.81 -38.78 47.41
N LYS C 1355 13.78 -14.75 73.79
CA LYS C 1355 15.03 -14.02 73.62
C LYS C 1355 14.73 -12.59 73.20
N GLU C 1356 15.77 -11.79 72.99
CA GLU C 1356 15.63 -10.40 72.58
C GLU C 1356 16.80 -9.96 71.71
N LEU C 1357 16.63 -8.83 71.05
CA LEU C 1357 17.63 -8.28 70.15
C LEU C 1357 18.72 -7.59 70.95
N ILE C 1358 19.98 -7.95 70.70
CA ILE C 1358 21.08 -7.22 71.31
C ILE C 1358 21.32 -6.00 70.41
N LEU C 1359 20.57 -4.94 70.67
CA LEU C 1359 20.62 -3.73 69.86
C LEU C 1359 20.53 -2.55 70.83
N THR C 1360 21.67 -1.98 71.13
CA THR C 1360 21.72 -0.83 72.02
C THR C 1360 21.08 0.37 71.33
N PRO C 1361 20.27 1.15 72.04
CA PRO C 1361 19.72 2.38 71.45
C PRO C 1361 20.78 3.40 71.06
N GLU C 1362 21.94 3.38 71.71
CA GLU C 1362 23.07 4.17 71.25
C GLU C 1362 23.57 3.69 69.90
N GLN C 1363 23.50 2.38 69.63
CA GLN C 1363 23.86 1.87 68.32
C GLN C 1363 22.88 2.33 67.25
N ILE C 1364 21.59 2.39 67.61
CA ILE C 1364 20.56 2.90 66.72
C ILE C 1364 20.82 4.36 66.40
N LYS C 1365 21.19 5.16 67.40
CA LYS C 1365 21.44 6.56 67.14
C LYS C 1365 22.73 6.76 66.36
N LYS C 1366 23.70 5.87 66.53
CA LYS C 1366 24.95 5.97 65.79
C LYS C 1366 24.75 5.62 64.31
N VAL C 1367 23.99 4.54 64.04
CA VAL C 1367 23.74 4.18 62.65
C VAL C 1367 22.82 5.19 61.99
N SER C 1368 21.92 5.82 62.76
CA SER C 1368 21.08 6.86 62.19
C SER C 1368 21.89 8.13 61.90
N ALA C 1369 22.84 8.47 62.76
CA ALA C 1369 23.67 9.65 62.54
C ALA C 1369 24.57 9.48 61.32
N CYS C 1370 25.20 8.32 61.18
CA CYS C 1370 26.06 8.14 60.00
C CYS C 1370 25.24 7.95 58.73
N LEU C 1371 24.05 7.38 58.85
CA LEU C 1371 23.17 7.23 57.70
C LEU C 1371 22.65 8.58 57.22
N ILE C 1372 22.40 9.52 58.14
CA ILE C 1372 22.01 10.86 57.72
C ILE C 1372 23.19 11.61 57.13
N GLU C 1373 24.30 11.72 57.87
CA GLU C 1373 25.39 12.58 57.43
C GLU C 1373 26.20 11.97 56.28
N HIS C 1374 25.92 10.73 55.88
CA HIS C 1374 26.40 10.25 54.60
C HIS C 1374 25.64 10.90 53.45
N CYS C 1375 24.31 10.96 53.58
CA CYS C 1375 23.42 11.43 52.53
C CYS C 1375 23.14 12.92 52.70
N GLN C 1376 24.20 13.71 52.73
CA GLN C 1376 24.12 15.15 52.82
C GLN C 1376 24.06 15.69 51.40
N ASN C 1377 22.94 16.35 51.07
CA ASN C 1377 22.61 16.82 49.71
C ASN C 1377 22.61 15.67 48.70
N PHE C 1378 21.72 14.72 48.92
CA PHE C 1378 21.43 13.67 47.96
C PHE C 1378 20.10 13.91 47.30
N THR C 1379 19.97 13.43 46.06
CA THR C 1379 18.70 13.45 45.36
C THR C 1379 17.91 12.21 45.75
N VAL C 1380 16.76 11.98 45.14
CA VAL C 1380 15.91 10.87 45.57
C VAL C 1380 16.51 9.54 45.15
N SER C 1381 17.07 9.45 43.95
CA SER C 1381 17.61 8.18 43.48
C SER C 1381 18.92 7.82 44.20
N GLN C 1382 19.72 8.80 44.60
CA GLN C 1382 20.88 8.52 45.43
C GLN C 1382 20.48 7.99 46.81
N LEU C 1383 19.42 8.54 47.38
CA LEU C 1383 18.91 8.04 48.64
C LEU C 1383 18.34 6.65 48.49
N GLU C 1384 17.73 6.35 47.36
CA GLU C 1384 17.23 5.00 47.10
C GLU C 1384 18.38 4.01 46.92
N ASP C 1385 19.51 4.48 46.41
CA ASP C 1385 20.70 3.65 46.30
C ASP C 1385 21.26 3.29 47.68
N VAL C 1386 21.42 4.29 48.54
CA VAL C 1386 21.89 4.07 49.92
C VAL C 1386 20.92 3.18 50.68
N HIS C 1387 19.62 3.42 50.52
CA HIS C 1387 18.60 2.66 51.22
C HIS C 1387 18.54 1.22 50.74
N SER C 1388 18.78 0.98 49.45
CA SER C 1388 18.79 -0.38 48.93
C SER C 1388 19.99 -1.17 49.45
N SER C 1389 21.15 -0.52 49.54
CA SER C 1389 22.34 -1.19 50.05
C SER C 1389 22.19 -1.54 51.53
N VAL C 1390 21.73 -0.57 52.34
CA VAL C 1390 21.53 -0.84 53.75
C VAL C 1390 20.38 -1.81 54.01
N ALA C 1391 19.35 -1.83 53.14
CA ALA C 1391 18.29 -2.82 53.30
C ALA C 1391 18.77 -4.21 52.94
N LYS C 1392 19.73 -4.32 52.02
CA LYS C 1392 20.36 -5.61 51.76
C LYS C 1392 21.14 -6.11 52.97
N ILE C 1393 21.95 -5.23 53.56
CA ILE C 1393 22.75 -5.59 54.74
C ILE C 1393 21.85 -5.99 55.91
N ILE C 1394 20.72 -5.30 56.07
CA ILE C 1394 19.81 -5.63 57.15
C ILE C 1394 19.03 -6.91 56.83
N TRP C 1395 18.74 -7.14 55.56
CA TRP C 1395 18.01 -8.35 55.19
C TRP C 1395 18.87 -9.60 55.19
N LYS C 1396 20.20 -9.48 55.27
CA LYS C 1396 21.00 -10.68 55.48
C LYS C 1396 20.78 -11.24 56.88
N SER C 1397 21.00 -10.44 57.90
CA SER C 1397 20.81 -10.88 59.29
C SER C 1397 19.38 -10.62 59.74
N LYS C 1398 18.43 -11.21 59.02
CA LYS C 1398 17.03 -11.05 59.35
C LYS C 1398 16.54 -12.04 60.38
N SER C 1399 17.30 -13.11 60.62
CA SER C 1399 16.97 -14.09 61.63
C SER C 1399 17.79 -13.94 62.90
N ALA C 1400 18.94 -13.28 62.84
CA ALA C 1400 19.85 -13.16 63.96
C ALA C 1400 19.24 -12.33 65.08
N TRP C 1401 19.33 -12.84 66.30
CA TRP C 1401 18.94 -12.11 67.49
C TRP C 1401 20.05 -11.19 67.98
N ASP C 1402 21.21 -11.26 67.36
CA ASP C 1402 22.30 -10.34 67.63
C ASP C 1402 22.47 -9.46 66.39
N LYS C 1403 21.89 -8.26 66.44
CA LYS C 1403 22.04 -7.28 65.38
C LYS C 1403 23.27 -6.41 65.55
N THR C 1404 24.28 -6.88 66.26
CA THR C 1404 25.46 -6.09 66.57
C THR C 1404 26.51 -6.18 65.48
N GLY C 1405 26.55 -7.27 64.73
CA GLY C 1405 27.44 -7.36 63.59
C GLY C 1405 26.89 -6.57 62.42
N THR C 1406 25.56 -6.51 62.36
CA THR C 1406 24.86 -5.75 61.31
C THR C 1406 25.18 -4.27 61.39
N VAL C 1407 25.22 -3.71 62.60
CA VAL C 1407 25.39 -2.27 62.78
C VAL C 1407 26.80 -1.84 62.40
N ASP C 1408 27.81 -2.61 62.82
CA ASP C 1408 29.16 -2.32 62.40
C ASP C 1408 29.40 -2.63 60.93
N GLU C 1409 28.64 -3.55 60.35
CA GLU C 1409 28.70 -3.79 58.92
C GLU C 1409 28.15 -2.60 58.14
N ILE C 1410 27.08 -1.98 58.64
CA ILE C 1410 26.51 -0.80 58.00
C ILE C 1410 27.48 0.37 58.09
N ILE C 1411 28.10 0.56 59.27
CA ILE C 1411 29.05 1.65 59.42
C ILE C 1411 30.31 1.40 58.60
N LYS C 1412 30.73 0.14 58.46
CA LYS C 1412 31.81 -0.23 57.57
C LYS C 1412 31.45 0.04 56.12
N PHE C 1413 30.19 -0.14 55.75
CA PHE C 1413 29.75 0.14 54.39
C PHE C 1413 29.75 1.63 54.09
N LEU C 1414 29.03 2.42 54.90
CA LEU C 1414 28.79 3.83 54.58
C LEU C 1414 30.05 4.66 54.68
N SER C 1415 30.79 4.52 55.77
CA SER C 1415 31.98 5.32 56.00
C SER C 1415 33.13 4.91 55.08
N LEU D 438 -51.16 5.27 16.19
CA LEU D 438 -49.99 4.69 15.52
C LEU D 438 -49.02 5.79 15.21
N ASP D 439 -48.10 6.02 16.14
CA ASP D 439 -47.08 7.07 16.11
C ASP D 439 -47.67 8.46 15.85
N PRO D 440 -48.25 9.10 16.87
CA PRO D 440 -48.72 10.48 16.71
C PRO D 440 -47.61 11.53 16.79
N LEU D 441 -46.35 11.13 16.95
CA LEU D 441 -45.25 12.05 17.22
C LEU D 441 -44.15 11.95 16.17
N GLY D 442 -44.50 11.65 14.92
CA GLY D 442 -43.49 11.49 13.89
C GLY D 442 -43.29 12.75 13.08
N VAL D 443 -42.51 12.59 12.01
CA VAL D 443 -42.34 13.67 11.04
C VAL D 443 -43.65 13.92 10.29
N ASP D 444 -43.79 15.14 9.77
CA ASP D 444 -45.01 15.48 9.08
C ASP D 444 -44.94 15.00 7.63
N MET D 445 -45.91 14.16 7.25
CA MET D 445 -45.99 13.64 5.90
C MET D 445 -46.82 14.51 4.98
N ASN D 446 -47.33 15.63 5.46
CA ASN D 446 -47.90 16.67 4.62
C ASN D 446 -47.26 17.99 4.99
N VAL D 447 -45.93 17.98 5.02
CA VAL D 447 -45.14 19.18 5.21
C VAL D 447 -45.30 20.08 3.99
N ASN D 448 -45.42 21.38 4.22
CA ASN D 448 -45.55 22.31 3.11
C ASN D 448 -44.19 22.81 2.68
N PHE D 449 -44.16 23.58 1.60
CA PHE D 449 -42.96 24.30 1.23
C PHE D 449 -42.76 25.54 2.09
N ASP D 450 -43.76 25.93 2.87
CA ASP D 450 -43.58 27.03 3.82
C ASP D 450 -42.90 26.60 5.10
N ASP D 451 -42.74 25.29 5.31
CA ASP D 451 -41.98 24.75 6.43
C ASP D 451 -40.51 24.53 6.08
N ILE D 452 -40.05 24.97 4.93
CA ILE D 452 -38.67 24.81 4.50
C ILE D 452 -38.02 26.17 4.44
N GLY D 453 -36.96 26.35 5.21
CA GLY D 453 -36.30 27.64 5.34
C GLY D 453 -34.98 27.65 4.58
N GLY D 454 -34.70 28.76 3.93
CA GLY D 454 -33.40 29.00 3.35
C GLY D 454 -33.19 28.48 1.95
N LEU D 455 -34.19 27.83 1.34
CA LEU D 455 -34.03 27.21 0.04
C LEU D 455 -35.18 27.68 -0.83
N ASP D 456 -35.09 28.89 -1.35
CA ASP D 456 -36.23 29.49 -2.05
C ASP D 456 -36.15 29.35 -3.56
N ASN D 457 -34.96 29.59 -4.11
CA ASN D 457 -34.74 29.38 -5.54
C ASN D 457 -34.90 27.93 -5.93
N TYR D 458 -34.54 26.98 -5.06
CA TYR D 458 -34.70 25.57 -5.39
C TYR D 458 -36.15 25.13 -5.34
N ILE D 459 -36.96 25.71 -4.44
CA ILE D 459 -38.39 25.43 -4.44
C ILE D 459 -39.04 25.98 -5.71
N ASP D 460 -38.65 27.19 -6.11
CA ASP D 460 -39.20 27.76 -7.33
C ASP D 460 -38.70 27.06 -8.59
N GLN D 461 -37.53 26.43 -8.54
CA GLN D 461 -37.08 25.68 -9.70
C GLN D 461 -37.73 24.30 -9.77
N LEU D 462 -37.93 23.66 -8.62
CA LEU D 462 -38.63 22.38 -8.58
C LEU D 462 -40.08 22.51 -9.04
N LYS D 463 -40.76 23.55 -8.57
CA LYS D 463 -42.17 23.74 -8.90
C LYS D 463 -42.40 24.00 -10.38
N GLU D 464 -41.41 24.51 -11.11
CA GLU D 464 -41.57 24.69 -12.54
C GLU D 464 -40.86 23.63 -13.37
N MET D 465 -40.09 22.74 -12.76
CA MET D 465 -39.81 21.48 -13.41
C MET D 465 -41.01 20.57 -13.38
N VAL D 466 -41.85 20.70 -12.35
CA VAL D 466 -42.99 19.82 -12.17
C VAL D 466 -44.22 20.35 -12.89
N ALA D 467 -44.57 21.63 -12.69
CA ALA D 467 -45.86 22.13 -13.12
C ALA D 467 -45.87 22.85 -14.46
N LEU D 468 -44.79 23.53 -14.84
CA LEU D 468 -44.79 24.32 -16.06
C LEU D 468 -44.89 23.51 -17.36
N PRO D 469 -44.21 22.36 -17.54
CA PRO D 469 -44.52 21.57 -18.74
C PRO D 469 -45.86 20.87 -18.70
N LEU D 470 -46.54 20.87 -17.56
CA LEU D 470 -47.86 20.27 -17.44
C LEU D 470 -48.98 21.25 -17.77
N LEU D 471 -48.70 22.55 -17.78
CA LEU D 471 -49.71 23.57 -18.06
C LEU D 471 -49.46 24.30 -19.35
N TYR D 472 -48.23 24.36 -19.82
CA TYR D 472 -47.87 25.10 -21.03
C TYR D 472 -46.94 24.25 -21.89
N PRO D 473 -47.42 23.15 -22.48
CA PRO D 473 -46.54 22.38 -23.36
C PRO D 473 -46.25 23.09 -24.68
N GLU D 474 -47.09 24.05 -25.06
CA GLU D 474 -46.86 24.82 -26.26
C GLU D 474 -45.70 25.80 -26.10
N LEU D 475 -45.33 26.14 -24.87
CA LEU D 475 -44.20 27.03 -24.63
C LEU D 475 -42.88 26.32 -24.79
N TYR D 476 -42.83 25.03 -24.49
CA TYR D 476 -41.67 24.20 -24.78
C TYR D 476 -41.67 23.72 -26.23
N GLN D 477 -42.84 23.56 -26.84
CA GLN D 477 -42.93 23.22 -28.25
C GLN D 477 -42.83 24.44 -29.15
N ASN D 478 -42.77 25.63 -28.57
CA ASN D 478 -42.56 26.84 -29.35
C ASN D 478 -41.11 26.95 -29.78
N PHE D 479 -40.20 26.54 -28.90
CA PHE D 479 -38.83 26.24 -29.25
C PHE D 479 -38.77 24.76 -29.62
N ASN D 480 -37.57 24.20 -29.69
CA ASN D 480 -37.41 22.77 -29.86
C ASN D 480 -36.90 22.15 -28.56
N ILE D 481 -37.25 22.75 -27.44
CA ILE D 481 -36.68 22.38 -26.16
C ILE D 481 -37.51 21.28 -25.52
N THR D 482 -36.85 20.44 -24.76
CA THR D 482 -37.48 19.56 -23.82
C THR D 482 -37.22 20.08 -22.41
N PRO D 483 -38.16 19.92 -21.48
CA PRO D 483 -37.93 20.44 -20.14
C PRO D 483 -36.86 19.62 -19.43
N PRO D 484 -36.07 20.24 -18.55
CA PRO D 484 -35.20 19.47 -17.65
C PRO D 484 -36.03 18.61 -16.73
N ARG D 485 -35.70 17.32 -16.68
CA ARG D 485 -36.47 16.35 -15.91
C ARG D 485 -35.61 15.59 -14.91
N GLY D 486 -34.46 16.12 -14.56
CA GLY D 486 -33.61 15.46 -13.59
C GLY D 486 -32.86 16.42 -12.72
N VAL D 487 -33.00 16.27 -11.40
CA VAL D 487 -32.22 17.00 -10.42
C VAL D 487 -31.47 16.04 -9.53
N LEU D 488 -30.27 16.42 -9.16
CA LEU D 488 -29.52 15.78 -8.10
C LEU D 488 -29.48 16.73 -6.91
N PHE D 489 -30.06 16.32 -5.79
CA PHE D 489 -29.92 17.07 -4.54
C PHE D 489 -28.64 16.63 -3.86
N HIS D 490 -27.75 17.58 -3.57
CA HIS D 490 -26.54 17.19 -2.85
C HIS D 490 -26.15 18.28 -1.88
N GLY D 491 -25.48 17.88 -0.81
CA GLY D 491 -25.08 18.77 0.25
C GLY D 491 -24.72 17.98 1.48
N PRO D 492 -24.42 18.65 2.59
CA PRO D 492 -24.14 17.93 3.84
C PRO D 492 -25.39 17.28 4.39
N PRO D 493 -25.25 16.34 5.32
CA PRO D 493 -26.45 15.76 5.93
C PRO D 493 -27.18 16.77 6.81
N GLY D 494 -28.50 16.63 6.85
CA GLY D 494 -29.34 17.50 7.65
C GLY D 494 -29.62 18.85 7.04
N THR D 495 -29.46 19.01 5.73
CA THR D 495 -29.63 20.30 5.08
C THR D 495 -30.91 20.43 4.28
N GLY D 496 -31.77 19.42 4.27
CA GLY D 496 -33.08 19.58 3.71
C GLY D 496 -33.41 18.84 2.43
N LYS D 497 -32.60 17.86 2.03
CA LYS D 497 -32.79 17.18 0.75
C LYS D 497 -34.03 16.29 0.75
N THR D 498 -34.11 15.39 1.72
CA THR D 498 -35.27 14.53 1.86
C THR D 498 -36.47 15.33 2.36
N LEU D 499 -36.27 16.42 3.10
CA LEU D 499 -37.38 17.27 3.49
C LEU D 499 -38.00 17.95 2.29
N MET D 500 -37.17 18.42 1.36
CA MET D 500 -37.67 19.02 0.14
C MET D 500 -38.39 18.00 -0.73
N ALA D 501 -37.85 16.78 -0.82
CA ALA D 501 -38.53 15.73 -1.57
C ALA D 501 -39.83 15.32 -0.91
N ARG D 502 -39.91 15.38 0.42
CA ARG D 502 -41.14 15.06 1.13
C ARG D 502 -42.19 16.14 0.91
N ALA D 503 -41.78 17.40 0.89
CA ALA D 503 -42.70 18.49 0.61
C ALA D 503 -43.21 18.42 -0.83
N LEU D 504 -42.34 18.03 -1.76
CA LEU D 504 -42.74 17.91 -3.15
C LEU D 504 -43.71 16.75 -3.36
N ALA D 505 -43.51 15.64 -2.67
CA ALA D 505 -44.48 14.56 -2.78
C ALA D 505 -45.79 14.90 -2.10
N ALA D 506 -45.76 15.67 -1.00
CA ALA D 506 -46.99 16.07 -0.37
C ALA D 506 -47.75 17.11 -1.19
N SER D 507 -47.04 17.95 -1.94
CA SER D 507 -47.68 18.89 -2.84
C SER D 507 -48.24 18.19 -4.07
N CYS D 508 -47.56 17.15 -4.57
CA CYS D 508 -48.00 16.39 -5.73
C CYS D 508 -49.31 15.65 -5.52
N SER D 509 -49.70 15.41 -4.27
CA SER D 509 -50.90 14.63 -3.98
C SER D 509 -52.05 15.51 -3.53
N SER D 510 -51.97 16.82 -3.77
CA SER D 510 -53.01 17.76 -3.37
C SER D 510 -53.20 18.91 -4.34
N ASP D 511 -52.70 18.80 -5.58
CA ASP D 511 -53.04 19.74 -6.64
C ASP D 511 -54.12 19.20 -7.58
N GLU D 512 -54.59 17.98 -7.33
CA GLU D 512 -55.69 17.29 -8.02
C GLU D 512 -55.43 17.02 -9.49
N ARG D 513 -54.20 17.15 -9.96
CA ARG D 513 -53.75 16.42 -11.13
C ARG D 513 -52.74 15.39 -10.66
N LYS D 514 -52.83 14.17 -11.17
CA LYS D 514 -52.12 13.05 -10.58
C LYS D 514 -50.68 13.09 -11.02
N ILE D 515 -49.80 13.55 -10.15
CA ILE D 515 -48.37 13.37 -10.31
C ILE D 515 -47.96 12.24 -9.38
N THR D 516 -47.72 11.07 -9.96
CA THR D 516 -47.46 9.89 -9.16
C THR D 516 -46.03 9.94 -8.62
N PHE D 517 -45.87 9.63 -7.35
CA PHE D 517 -44.56 9.72 -6.72
C PHE D 517 -44.07 8.31 -6.42
N PHE D 518 -42.89 7.99 -6.95
CA PHE D 518 -42.25 6.70 -6.72
C PHE D 518 -41.05 6.91 -5.81
N MET D 519 -41.10 6.32 -4.64
CA MET D 519 -40.08 6.47 -3.63
C MET D 519 -39.16 5.27 -3.65
N ARG D 520 -37.87 5.50 -3.81
CA ARG D 520 -36.90 4.43 -3.82
C ARG D 520 -35.77 4.80 -2.89
N LYS D 521 -35.28 3.83 -2.11
CA LYS D 521 -34.37 4.11 -0.99
C LYS D 521 -33.08 3.32 -1.15
N GLY D 522 -32.08 3.95 -1.76
CA GLY D 522 -30.78 3.33 -1.88
C GLY D 522 -30.83 2.24 -2.92
N ALA D 523 -30.27 1.09 -2.58
CA ALA D 523 -30.32 -0.09 -3.45
C ALA D 523 -31.49 -1.00 -3.05
N ASP D 524 -32.70 -0.44 -3.11
CA ASP D 524 -33.94 -1.18 -2.87
C ASP D 524 -34.16 -2.31 -3.87
N ILE D 525 -33.53 -2.25 -5.04
CA ILE D 525 -33.71 -3.22 -6.10
C ILE D 525 -32.79 -4.43 -6.02
N LEU D 526 -31.80 -4.43 -5.11
CA LEU D 526 -30.81 -5.50 -5.08
C LEU D 526 -31.44 -6.83 -4.70
N SER D 527 -31.09 -7.86 -5.47
CA SER D 527 -31.71 -9.17 -5.38
C SER D 527 -30.62 -10.22 -5.53
N LYS D 528 -30.90 -11.43 -5.03
CA LYS D 528 -29.92 -12.50 -5.14
C LYS D 528 -30.08 -13.32 -6.41
N TRP D 529 -31.05 -13.01 -7.26
CA TRP D 529 -31.19 -13.65 -8.55
C TRP D 529 -30.52 -12.81 -9.62
N VAL D 530 -30.00 -13.46 -10.66
CA VAL D 530 -29.28 -12.76 -11.70
C VAL D 530 -30.27 -12.01 -12.59
N GLY D 531 -30.02 -10.73 -12.79
CA GLY D 531 -30.85 -9.96 -13.68
C GLY D 531 -32.20 -9.56 -13.13
N GLU D 532 -32.44 -9.71 -11.83
CA GLU D 532 -33.68 -9.29 -11.21
C GLU D 532 -33.62 -7.86 -10.70
N ALA D 533 -32.42 -7.35 -10.41
CA ALA D 533 -32.26 -5.93 -10.08
C ALA D 533 -32.52 -5.04 -11.29
N GLU D 534 -31.91 -5.38 -12.42
CA GLU D 534 -32.16 -4.69 -13.69
C GLU D 534 -33.61 -4.82 -14.11
N ARG D 535 -34.24 -5.95 -13.82
CA ARG D 535 -35.64 -6.14 -14.14
C ARG D 535 -36.53 -5.27 -13.26
N GLN D 536 -36.18 -5.09 -12.00
CA GLN D 536 -36.93 -4.22 -11.11
C GLN D 536 -36.77 -2.75 -11.50
N LEU D 537 -35.58 -2.36 -11.96
CA LEU D 537 -35.39 -1.01 -12.49
C LEU D 537 -36.21 -0.77 -13.74
N ARG D 538 -36.22 -1.76 -14.65
CA ARG D 538 -37.00 -1.63 -15.86
C ARG D 538 -38.49 -1.56 -15.55
N LEU D 539 -38.95 -2.31 -14.56
CA LEU D 539 -40.35 -2.24 -14.17
C LEU D 539 -40.70 -0.92 -13.52
N LEU D 540 -39.81 -0.38 -12.67
CA LEU D 540 -40.05 0.92 -12.05
C LEU D 540 -40.15 2.03 -13.08
N PHE D 541 -39.26 2.03 -14.07
CA PHE D 541 -39.34 3.07 -15.09
C PHE D 541 -40.51 2.85 -16.05
N GLU D 542 -40.90 1.60 -16.30
CA GLU D 542 -42.08 1.35 -17.12
C GLU D 542 -43.35 1.81 -16.44
N GLU D 543 -43.57 1.36 -15.19
CA GLU D 543 -44.79 1.75 -14.46
C GLU D 543 -44.85 3.29 -14.46
N ALA D 544 -43.68 3.91 -14.51
CA ALA D 544 -43.57 5.38 -14.61
C ALA D 544 -44.15 5.80 -15.96
N LYS D 545 -43.89 5.04 -17.02
CA LYS D 545 -44.42 5.33 -18.38
C LYS D 545 -45.95 5.14 -18.41
N LYS D 546 -46.48 4.17 -17.65
CA LYS D 546 -47.94 3.87 -17.66
C LYS D 546 -48.76 5.09 -17.20
N HIS D 547 -48.33 5.76 -16.12
CA HIS D 547 -49.01 7.00 -15.67
C HIS D 547 -48.06 8.15 -15.99
N GLN D 548 -48.33 8.93 -17.04
CA GLN D 548 -47.35 9.93 -17.53
C GLN D 548 -46.97 10.93 -16.44
N PRO D 549 -47.91 11.47 -15.65
CA PRO D 549 -47.54 12.37 -14.55
C PRO D 549 -46.99 11.53 -13.40
N SER D 550 -45.71 11.12 -13.46
CA SER D 550 -45.10 10.32 -12.38
C SER D 550 -43.71 10.87 -12.04
N ILE D 551 -43.25 10.67 -10.81
CA ILE D 551 -41.94 11.20 -10.35
C ILE D 551 -41.14 10.08 -9.67
N ILE D 552 -39.82 10.01 -9.87
CA ILE D 552 -39.07 8.99 -9.16
C ILE D 552 -38.05 9.68 -8.28
N PHE D 553 -38.14 9.45 -6.98
CA PHE D 553 -37.14 9.95 -6.04
C PHE D 553 -36.24 8.80 -5.64
N PHE D 554 -34.94 8.98 -5.86
CA PHE D 554 -33.92 8.02 -5.45
C PHE D 554 -33.21 8.60 -4.25
N ASP D 555 -33.59 8.16 -3.06
CA ASP D 555 -32.92 8.57 -1.85
C ASP D 555 -31.64 7.78 -1.67
N GLU D 556 -30.55 8.48 -1.32
CA GLU D 556 -29.19 7.95 -1.25
C GLU D 556 -28.81 7.22 -2.54
N ILE D 557 -28.76 7.99 -3.63
CA ILE D 557 -28.50 7.41 -4.94
C ILE D 557 -27.04 7.00 -5.12
N ASP D 558 -26.14 7.46 -4.25
CA ASP D 558 -24.75 7.02 -4.33
C ASP D 558 -24.56 5.59 -3.88
N GLY D 559 -25.56 4.98 -3.26
CA GLY D 559 -25.50 3.59 -2.87
C GLY D 559 -26.17 2.70 -3.88
N LEU D 560 -27.02 3.28 -4.72
CA LEU D 560 -27.61 2.55 -5.83
C LEU D 560 -26.72 2.60 -7.05
N ALA D 561 -26.20 3.78 -7.37
CA ALA D 561 -25.46 4.01 -8.59
C ALA D 561 -24.07 4.55 -8.32
N PRO D 562 -23.15 3.74 -7.85
CA PRO D 562 -21.78 4.21 -7.62
C PRO D 562 -21.02 4.31 -8.93
N VAL D 563 -19.86 4.97 -8.85
CA VAL D 563 -18.94 5.08 -9.98
C VAL D 563 -18.52 3.68 -10.42
N ARG D 564 -18.71 3.40 -11.71
CA ARG D 564 -18.43 2.08 -12.27
C ARG D 564 -16.94 1.79 -12.19
N SER D 565 -16.59 0.74 -11.48
CA SER D 565 -15.21 0.34 -11.29
C SER D 565 -15.09 -1.11 -11.72
N SER D 566 -13.90 -1.48 -12.17
CA SER D 566 -13.67 -2.87 -12.52
C SER D 566 -13.39 -3.73 -11.31
N LYS D 567 -12.99 -3.11 -10.19
CA LYS D 567 -12.65 -3.85 -8.98
C LYS D 567 -13.89 -4.41 -8.29
N GLN D 568 -14.96 -3.63 -8.20
CA GLN D 568 -16.16 -4.11 -7.52
C GLN D 568 -16.93 -5.06 -8.44
N GLU D 569 -18.10 -5.47 -7.99
CA GLU D 569 -18.90 -6.49 -8.66
C GLU D 569 -19.58 -5.94 -9.91
N GLN D 570 -20.15 -6.87 -10.66
CA GLN D 570 -20.80 -6.54 -11.91
C GLN D 570 -22.28 -6.25 -11.73
N ILE D 571 -22.85 -6.56 -10.57
CA ILE D 571 -24.21 -6.16 -10.28
C ILE D 571 -24.30 -4.65 -10.19
N HIS D 572 -23.25 -4.00 -9.66
CA HIS D 572 -23.27 -2.56 -9.47
C HIS D 572 -23.12 -1.81 -10.78
N ALA D 573 -22.11 -2.18 -11.59
CA ALA D 573 -21.95 -1.56 -12.89
C ALA D 573 -23.07 -1.93 -13.84
N SER D 574 -23.70 -3.09 -13.64
CA SER D 574 -24.86 -3.47 -14.45
C SER D 574 -26.09 -2.65 -14.09
N ILE D 575 -26.27 -2.32 -12.81
CA ILE D 575 -27.37 -1.44 -12.41
C ILE D 575 -27.13 -0.02 -12.90
N VAL D 576 -25.88 0.44 -12.87
CA VAL D 576 -25.57 1.78 -13.39
C VAL D 576 -25.80 1.84 -14.89
N SER D 577 -25.43 0.78 -15.63
CA SER D 577 -25.62 0.78 -17.07
C SER D 577 -27.10 0.69 -17.44
N THR D 578 -27.89 -0.04 -16.65
CA THR D 578 -29.33 -0.08 -16.89
C THR D 578 -29.98 1.27 -16.59
N LEU D 579 -29.51 1.96 -15.55
CA LEU D 579 -30.07 3.28 -15.24
C LEU D 579 -29.69 4.31 -16.30
N LEU D 580 -28.49 4.19 -16.86
CA LEU D 580 -28.10 5.04 -17.99
C LEU D 580 -28.99 4.78 -19.21
N ALA D 581 -29.23 3.51 -19.54
CA ALA D 581 -30.08 3.23 -20.70
C ALA D 581 -31.54 3.53 -20.47
N LEU D 582 -32.00 3.59 -19.22
CA LEU D 582 -33.39 3.91 -18.95
C LEU D 582 -33.62 5.40 -18.77
N MET D 583 -32.57 6.18 -18.55
CA MET D 583 -32.79 7.60 -18.36
C MET D 583 -32.65 8.38 -19.67
N ASP D 584 -31.57 8.15 -20.41
CA ASP D 584 -31.44 8.70 -21.76
C ASP D 584 -30.87 7.59 -22.62
N GLY D 585 -31.74 6.78 -23.18
CA GLY D 585 -31.33 5.66 -23.99
C GLY D 585 -31.91 5.78 -25.37
N MET D 586 -32.26 4.65 -26.00
CA MET D 586 -32.85 4.74 -27.33
C MET D 586 -34.32 5.11 -27.24
N ASP D 587 -35.03 4.60 -26.26
CA ASP D 587 -36.44 4.92 -26.12
C ASP D 587 -36.65 6.08 -25.16
N ASN D 588 -37.65 6.91 -25.47
CA ASN D 588 -37.99 8.07 -24.66
C ASN D 588 -38.65 7.62 -23.36
N ARG D 589 -38.23 8.22 -22.25
CA ARG D 589 -38.69 7.74 -20.96
C ARG D 589 -40.02 8.33 -20.52
N GLY D 590 -40.49 9.38 -21.17
CA GLY D 590 -41.77 9.98 -20.84
C GLY D 590 -41.63 11.22 -19.97
N GLN D 591 -42.75 11.59 -19.37
CA GLN D 591 -42.80 12.72 -18.44
C GLN D 591 -42.46 12.28 -17.03
N VAL D 592 -41.29 11.72 -16.86
CA VAL D 592 -40.85 11.14 -15.60
C VAL D 592 -39.72 12.02 -15.08
N ILE D 593 -39.99 12.72 -13.98
CA ILE D 593 -38.95 13.44 -13.29
C ILE D 593 -38.17 12.48 -12.42
N VAL D 594 -36.86 12.57 -12.46
CA VAL D 594 -36.02 11.74 -11.61
C VAL D 594 -35.27 12.65 -10.67
N ILE D 595 -35.38 12.39 -9.38
CA ILE D 595 -34.66 13.13 -8.35
C ILE D 595 -33.77 12.16 -7.62
N GLY D 596 -32.55 12.58 -7.33
CA GLY D 596 -31.63 11.81 -6.52
C GLY D 596 -31.06 12.68 -5.42
N ALA D 597 -31.20 12.23 -4.19
CA ALA D 597 -30.56 12.88 -3.05
C ALA D 597 -29.28 12.12 -2.74
N THR D 598 -28.23 12.85 -2.40
CA THR D 598 -26.98 12.22 -2.04
C THR D 598 -26.21 13.14 -1.12
N ASN D 599 -25.45 12.53 -0.23
CA ASN D 599 -24.44 13.26 0.51
C ASN D 599 -23.11 13.26 -0.24
N ARG D 600 -22.85 12.23 -1.03
CA ARG D 600 -21.62 12.07 -1.79
C ARG D 600 -21.94 12.14 -3.26
N PRO D 601 -21.87 13.32 -3.89
CA PRO D 601 -22.17 13.39 -5.33
C PRO D 601 -21.05 12.87 -6.20
N ASP D 602 -19.81 12.84 -5.72
CA ASP D 602 -18.71 12.28 -6.48
C ASP D 602 -18.58 10.78 -6.30
N ALA D 603 -19.52 10.16 -5.61
CA ALA D 603 -19.71 8.74 -5.65
C ALA D 603 -20.88 8.35 -6.54
N VAL D 604 -21.44 9.30 -7.26
CA VAL D 604 -22.38 9.03 -8.34
C VAL D 604 -21.55 8.89 -9.61
N ASP D 605 -21.98 7.98 -10.49
CA ASP D 605 -21.34 7.79 -11.78
C ASP D 605 -21.37 9.09 -12.58
N PRO D 606 -20.23 9.47 -13.19
CA PRO D 606 -20.19 10.76 -13.89
C PRO D 606 -20.97 10.79 -15.20
N ALA D 607 -21.31 9.64 -15.77
CA ALA D 607 -22.19 9.64 -16.92
C ALA D 607 -23.64 9.86 -16.54
N LEU D 608 -23.97 9.70 -15.27
CA LEU D 608 -25.29 10.05 -14.74
C LEU D 608 -25.44 11.53 -14.43
N ARG D 609 -24.36 12.29 -14.35
CA ARG D 609 -24.45 13.71 -14.10
C ARG D 609 -24.17 14.50 -15.38
N ARG D 610 -25.15 14.48 -16.28
CA ARG D 610 -25.06 15.24 -17.52
C ARG D 610 -26.47 15.48 -18.01
N PRO D 611 -26.70 16.55 -18.77
CA PRO D 611 -28.08 16.88 -19.20
C PRO D 611 -28.74 15.81 -20.04
N GLY D 612 -30.02 15.58 -19.77
CA GLY D 612 -30.75 14.42 -20.24
C GLY D 612 -31.03 13.43 -19.14
N ARG D 613 -30.20 13.41 -18.11
CA ARG D 613 -30.42 12.61 -16.91
C ARG D 613 -29.70 13.28 -15.75
N PHE D 614 -30.44 13.85 -14.81
CA PHE D 614 -29.91 14.80 -13.81
C PHE D 614 -29.23 15.99 -14.50
N ASP D 615 -30.08 16.76 -15.17
CA ASP D 615 -29.67 18.01 -15.78
C ASP D 615 -29.15 18.97 -14.74
N ARG D 616 -29.91 19.17 -13.67
CA ARG D 616 -29.61 20.17 -12.67
C ARG D 616 -29.06 19.53 -11.42
N GLU D 617 -28.27 20.30 -10.68
CA GLU D 617 -27.68 19.83 -9.44
C GLU D 617 -27.89 20.91 -8.39
N PHE D 618 -28.79 20.65 -7.47
CA PHE D 618 -29.14 21.60 -6.42
C PHE D 618 -28.23 21.34 -5.22
N TYR D 619 -27.37 22.29 -4.92
CA TYR D 619 -26.48 22.19 -3.77
C TYR D 619 -27.17 22.81 -2.57
N PHE D 620 -27.53 21.99 -1.61
CA PHE D 620 -28.18 22.33 -0.35
C PHE D 620 -27.09 22.62 0.67
N PRO D 621 -26.78 23.86 0.97
CA PRO D 621 -25.68 24.14 1.89
C PRO D 621 -26.15 24.08 3.35
N LEU D 622 -25.18 24.12 4.24
CA LEU D 622 -25.50 24.45 5.62
C LEU D 622 -26.00 25.88 5.66
N PRO D 623 -27.10 26.14 6.37
CA PRO D 623 -27.75 27.45 6.29
C PRO D 623 -26.90 28.58 6.85
N ASP D 624 -26.98 29.74 6.18
CA ASP D 624 -26.32 30.95 6.61
C ASP D 624 -27.16 31.62 7.70
N VAL D 625 -26.77 32.82 8.13
CA VAL D 625 -27.36 33.46 9.31
C VAL D 625 -28.84 33.75 9.12
N LYS D 626 -29.22 34.27 7.96
CA LYS D 626 -30.62 34.56 7.69
C LYS D 626 -31.43 33.28 7.55
N ALA D 627 -30.84 32.26 6.94
CA ALA D 627 -31.53 30.99 6.77
C ALA D 627 -31.65 30.25 8.09
N ARG D 628 -30.68 30.39 8.99
CA ARG D 628 -30.79 29.80 10.31
C ARG D 628 -31.83 30.51 11.15
N PHE D 629 -31.91 31.84 11.01
CA PHE D 629 -32.99 32.60 11.65
C PHE D 629 -34.36 32.13 11.16
N LYS D 630 -34.50 31.92 9.86
CA LYS D 630 -35.78 31.50 9.31
C LYS D 630 -36.12 30.06 9.69
N ILE D 631 -35.13 29.18 9.78
CA ILE D 631 -35.36 27.81 10.21
C ILE D 631 -35.76 27.76 11.68
N LEU D 632 -35.12 28.58 12.51
CA LEU D 632 -35.52 28.64 13.92
C LEU D 632 -36.88 29.29 14.09
N GLN D 633 -37.27 30.19 13.18
CA GLN D 633 -38.61 30.76 13.21
C GLN D 633 -39.66 29.74 12.81
N ILE D 634 -39.35 28.87 11.85
CA ILE D 634 -40.27 27.78 11.48
C ILE D 634 -40.40 26.79 12.64
N GLN D 635 -39.30 26.49 13.33
CA GLN D 635 -39.35 25.47 14.37
C GLN D 635 -40.12 25.92 15.60
N THR D 636 -39.99 27.19 16.00
CA THR D 636 -40.61 27.71 17.21
C THR D 636 -41.90 28.47 16.89
N ARG D 637 -42.59 28.07 15.83
CA ARG D 637 -43.69 28.85 15.28
C ARG D 637 -45.00 28.57 16.00
N LYS D 638 -45.37 27.30 16.13
CA LYS D 638 -46.59 26.89 16.81
C LYS D 638 -46.40 26.73 18.31
N TRP D 639 -45.32 27.28 18.86
CA TRP D 639 -45.11 27.33 20.29
C TRP D 639 -46.09 28.34 20.87
N SER D 640 -46.77 27.95 21.96
CA SER D 640 -47.81 28.81 22.52
C SER D 640 -47.21 30.02 23.20
N SER D 641 -46.10 29.85 23.90
CA SER D 641 -45.29 30.97 24.34
C SER D 641 -44.24 31.24 23.29
N PRO D 642 -44.33 32.31 22.51
CA PRO D 642 -43.36 32.54 21.44
C PRO D 642 -42.01 33.01 21.96
N LEU D 643 -41.10 33.22 21.02
CA LEU D 643 -39.74 33.65 21.33
C LEU D 643 -39.47 34.99 20.67
N SER D 644 -38.67 35.82 21.33
CA SER D 644 -38.38 37.16 20.83
C SER D 644 -37.50 37.09 19.57
N THR D 645 -37.73 38.03 18.66
CA THR D 645 -36.96 38.11 17.43
C THR D 645 -35.50 38.45 17.71
N ASN D 646 -35.25 39.23 18.76
CA ASN D 646 -33.88 39.49 19.18
C ASN D 646 -33.19 38.22 19.66
N PHE D 647 -33.93 37.33 20.33
CA PHE D 647 -33.34 36.10 20.78
C PHE D 647 -33.16 35.10 19.64
N ILE D 648 -34.03 35.11 18.64
CA ILE D 648 -33.81 34.21 17.53
C ILE D 648 -32.68 34.71 16.65
N ASP D 649 -32.47 36.02 16.59
CA ASP D 649 -31.25 36.54 15.96
C ASP D 649 -30.00 36.19 16.75
N LYS D 650 -30.11 36.17 18.08
CA LYS D 650 -28.98 35.75 18.90
C LYS D 650 -28.67 34.27 18.75
N LEU D 651 -29.71 33.44 18.62
CA LEU D 651 -29.50 32.01 18.42
C LEU D 651 -28.96 31.72 17.03
N ALA D 652 -29.36 32.51 16.04
CA ALA D 652 -28.84 32.31 14.70
C ALA D 652 -27.39 32.75 14.60
N PHE D 653 -27.00 33.79 15.34
CA PHE D 653 -25.60 34.19 15.45
C PHE D 653 -24.72 33.09 16.04
N LEU D 654 -25.26 32.28 16.94
CA LEU D 654 -24.48 31.32 17.71
C LEU D 654 -24.44 29.92 17.11
N THR D 655 -25.05 29.70 15.96
CA THR D 655 -25.20 28.33 15.47
C THR D 655 -24.51 28.13 14.13
N LYS D 656 -23.31 28.64 13.94
CA LYS D 656 -22.60 28.39 12.70
C LYS D 656 -22.15 26.94 12.64
N GLY D 657 -22.43 26.29 11.53
CA GLY D 657 -22.17 24.88 11.37
C GLY D 657 -23.36 24.00 11.68
N TYR D 658 -24.44 24.55 12.21
CA TYR D 658 -25.65 23.78 12.43
C TYR D 658 -26.37 23.61 11.11
N GLY D 659 -26.85 22.40 10.84
CA GLY D 659 -27.77 22.17 9.76
C GLY D 659 -29.19 22.48 10.19
N GLY D 660 -30.14 22.08 9.35
CA GLY D 660 -31.54 22.20 9.75
C GLY D 660 -31.92 21.16 10.79
N ALA D 661 -31.32 19.97 10.69
CA ALA D 661 -31.55 18.91 11.67
C ALA D 661 -31.00 19.30 13.03
N ASP D 662 -29.89 20.01 13.06
CA ASP D 662 -29.29 20.42 14.32
C ASP D 662 -30.10 21.50 15.01
N LEU D 663 -30.70 22.41 14.24
CA LEU D 663 -31.55 23.43 14.86
C LEU D 663 -32.87 22.84 15.31
N ARG D 664 -33.38 21.86 14.59
CA ARG D 664 -34.54 21.11 15.04
C ARG D 664 -34.25 20.42 16.37
N SER D 665 -33.08 19.80 16.49
CA SER D 665 -32.69 19.19 17.76
C SER D 665 -32.40 20.22 18.83
N LEU D 666 -31.97 21.43 18.45
CA LEU D 666 -31.72 22.47 19.45
C LEU D 666 -33.01 22.93 20.09
N CYS D 667 -34.05 23.16 19.27
CA CYS D 667 -35.34 23.51 19.83
C CYS D 667 -35.96 22.35 20.59
N THR D 668 -35.73 21.11 20.12
CA THR D 668 -36.23 19.93 20.82
C THR D 668 -35.61 19.78 22.20
N GLU D 669 -34.28 19.88 22.30
CA GLU D 669 -33.64 19.73 23.59
C GLU D 669 -33.92 20.91 24.50
N ALA D 670 -34.11 22.12 23.95
CA ALA D 670 -34.49 23.26 24.78
C ALA D 670 -35.87 23.07 25.38
N ALA D 671 -36.82 22.60 24.58
CA ALA D 671 -38.14 22.27 25.09
C ALA D 671 -38.11 21.14 26.11
N LEU D 672 -37.24 20.15 25.93
CA LEU D 672 -37.16 19.04 26.87
C LEU D 672 -36.51 19.46 28.17
N ILE D 673 -35.57 20.40 28.13
CA ILE D 673 -35.00 20.94 29.37
C ILE D 673 -36.04 21.77 30.10
N SER D 674 -36.90 22.50 29.37
CA SER D 674 -37.99 23.23 30.02
C SER D 674 -39.01 22.28 30.66
N ILE D 675 -39.30 21.15 30.01
CA ILE D 675 -40.24 20.19 30.57
C ILE D 675 -39.65 19.52 31.81
N GLN D 676 -38.37 19.15 31.73
CA GLN D 676 -37.67 18.52 32.85
C GLN D 676 -37.50 19.46 34.02
N ARG D 677 -37.39 20.76 33.76
CA ARG D 677 -37.28 21.71 34.86
C ARG D 677 -38.63 22.03 35.48
N SER D 678 -39.68 22.11 34.66
CA SER D 678 -40.99 22.43 35.21
C SER D 678 -41.57 21.30 36.04
N PHE D 679 -41.59 20.09 35.47
CA PHE D 679 -42.16 18.91 36.17
C PHE D 679 -41.10 17.82 36.35
N PRO D 680 -40.13 17.98 37.27
CA PRO D 680 -39.09 16.97 37.54
C PRO D 680 -39.63 15.65 38.09
N GLN D 681 -40.77 15.70 38.80
CA GLN D 681 -41.40 14.54 39.47
C GLN D 681 -41.74 13.44 38.45
N ILE D 682 -42.17 13.81 37.24
CA ILE D 682 -42.57 12.80 36.22
C ILE D 682 -41.39 11.87 35.87
N TYR D 683 -40.17 12.39 35.81
CA TYR D 683 -38.98 11.56 35.48
C TYR D 683 -38.68 10.55 36.59
N ARG D 684 -39.42 10.59 37.71
CA ARG D 684 -39.17 9.66 38.80
C ARG D 684 -40.40 8.81 39.12
N SER D 685 -41.38 8.76 38.23
CA SER D 685 -42.58 7.97 38.42
C SER D 685 -42.62 6.84 37.40
N ASN D 686 -43.73 6.09 37.42
CA ASN D 686 -43.94 5.03 36.44
C ASN D 686 -45.32 5.04 35.82
N ASP D 687 -46.26 5.83 36.32
CA ASP D 687 -47.55 6.05 35.68
C ASP D 687 -47.74 7.53 35.42
N LYS D 688 -48.90 7.89 34.87
CA LYS D 688 -49.14 9.27 34.48
C LYS D 688 -49.59 10.10 35.68
N LEU D 689 -49.15 11.37 35.71
CA LEU D 689 -49.25 12.18 36.92
C LEU D 689 -49.97 13.50 36.75
N LEU D 690 -50.73 13.70 35.68
CA LEU D 690 -51.55 14.91 35.44
C LEU D 690 -50.66 16.17 35.42
N VAL D 691 -49.88 16.24 34.36
CA VAL D 691 -49.10 17.43 34.05
C VAL D 691 -50.04 18.47 33.47
N ASP D 692 -49.95 19.70 33.97
CA ASP D 692 -50.61 20.82 33.30
C ASP D 692 -49.78 21.27 32.11
N PRO D 693 -50.29 21.14 30.88
CA PRO D 693 -49.45 21.40 29.70
C PRO D 693 -49.28 22.87 29.38
N SER D 694 -50.01 23.76 30.04
CA SER D 694 -50.06 25.16 29.64
C SER D 694 -49.09 26.02 30.44
N LYS D 695 -48.48 25.49 31.50
CA LYS D 695 -47.60 26.25 32.37
C LYS D 695 -46.13 26.00 32.12
N ILE D 696 -45.77 25.34 31.03
CA ILE D 696 -44.37 25.11 30.69
C ILE D 696 -43.95 26.16 29.66
N LYS D 697 -42.76 26.72 29.86
CA LYS D 697 -42.31 27.88 29.08
C LYS D 697 -40.82 27.75 28.79
N VAL D 698 -40.46 27.77 27.51
CA VAL D 698 -39.06 27.63 27.13
C VAL D 698 -38.36 28.98 27.30
N LYS D 699 -37.38 29.03 28.19
CA LYS D 699 -36.73 30.27 28.56
C LYS D 699 -35.42 30.42 27.79
N VAL D 700 -34.73 31.53 28.03
CA VAL D 700 -33.42 31.76 27.45
C VAL D 700 -32.40 30.80 28.05
N SER D 701 -32.53 30.51 29.35
CA SER D 701 -31.58 29.63 30.03
C SER D 701 -31.67 28.20 29.52
N ASP D 702 -32.86 27.75 29.14
CA ASP D 702 -32.99 26.40 28.61
C ASP D 702 -32.37 26.30 27.23
N PHE D 703 -32.50 27.35 26.42
CA PHE D 703 -31.83 27.37 25.12
C PHE D 703 -30.33 27.45 25.28
N MET D 704 -29.83 28.13 26.31
CA MET D 704 -28.39 28.22 26.50
C MET D 704 -27.82 26.90 27.02
N LEU D 705 -28.56 26.19 27.86
CA LEU D 705 -28.15 24.85 28.26
C LEU D 705 -28.19 23.87 27.09
N ALA D 706 -29.18 24.01 26.21
CA ALA D 706 -29.25 23.13 25.05
C ALA D 706 -28.18 23.48 24.02
N LEU D 707 -27.72 24.73 24.00
CA LEU D 707 -26.59 25.07 23.15
C LEU D 707 -25.30 24.48 23.69
N LYS D 708 -25.11 24.53 25.01
CA LYS D 708 -23.95 23.88 25.63
C LYS D 708 -24.00 22.36 25.48
N LYS D 709 -25.17 21.76 25.34
CA LYS D 709 -25.33 20.32 25.26
C LYS D 709 -24.99 19.73 23.89
N ILE D 710 -25.20 20.47 22.82
CA ILE D 710 -25.40 19.90 21.49
C ILE D 710 -24.16 20.09 20.64
N VAL D 711 -23.69 19.00 20.03
CA VAL D 711 -22.68 19.06 18.98
C VAL D 711 -23.43 18.91 17.66
N PRO D 712 -23.32 19.87 16.75
CA PRO D 712 -23.92 19.68 15.42
C PRO D 712 -23.20 18.59 14.66
N SER D 713 -23.90 18.03 13.66
CA SER D 713 -23.37 16.90 12.93
C SER D 713 -22.17 17.26 12.06
N SER D 714 -21.98 18.53 11.76
CA SER D 714 -20.80 18.95 11.00
C SER D 714 -19.54 18.92 11.84
N ALA D 715 -19.65 18.85 13.17
CA ALA D 715 -18.49 18.94 14.05
C ALA D 715 -18.37 17.74 14.98
N ARG D 716 -19.08 16.66 14.72
CA ARG D 716 -18.95 15.47 15.55
C ARG D 716 -17.60 14.79 15.31
N SER D 717 -17.31 14.49 14.05
CA SER D 717 -16.07 13.83 13.69
C SER D 717 -14.88 14.79 13.80
N THR D 718 -15.00 15.99 13.26
CA THR D 718 -13.92 16.96 13.33
C THR D 718 -13.99 17.71 14.65
N GLY D 719 -13.22 18.78 14.76
CA GLY D 719 -13.40 19.73 15.82
C GLY D 719 -14.56 20.66 15.52
N SER D 720 -14.72 21.65 16.40
CA SER D 720 -15.83 22.58 16.30
C SER D 720 -15.61 23.58 15.16
N SER D 721 -16.64 24.38 14.94
CA SER D 721 -16.59 25.44 13.93
C SER D 721 -15.87 26.66 14.53
N PRO D 722 -15.41 27.61 13.68
CA PRO D 722 -14.90 28.88 14.21
C PRO D 722 -15.97 29.73 14.84
N GLN D 723 -15.86 30.02 16.12
CA GLN D 723 -16.93 30.70 16.82
C GLN D 723 -16.67 32.20 16.86
N PRO D 724 -17.73 33.03 16.99
CA PRO D 724 -17.53 34.49 17.06
C PRO D 724 -16.81 34.92 18.32
N LEU D 725 -16.48 36.20 18.40
CA LEU D 725 -15.64 36.73 19.46
C LEU D 725 -16.30 36.53 20.81
N PRO D 726 -15.60 35.96 21.79
CA PRO D 726 -16.24 35.63 23.07
C PRO D 726 -16.69 36.86 23.83
N GLU D 727 -17.71 36.65 24.66
CA GLU D 727 -18.44 37.76 25.28
C GLU D 727 -17.60 38.51 26.31
N LEU D 728 -16.50 37.91 26.74
CA LEU D 728 -15.67 38.48 27.78
C LEU D 728 -14.61 39.41 27.22
N ILE D 729 -13.86 38.96 26.22
CA ILE D 729 -12.78 39.74 25.63
C ILE D 729 -13.28 40.63 24.50
N LYS D 730 -14.58 40.63 24.24
CA LYS D 730 -15.16 41.48 23.22
C LYS D 730 -14.90 42.98 23.41
N PRO D 731 -14.81 43.54 24.64
CA PRO D 731 -14.24 44.88 24.76
C PRO D 731 -12.82 45.02 24.27
N LEU D 732 -11.99 43.99 24.43
CA LEU D 732 -10.60 44.11 24.03
C LEU D 732 -10.41 44.11 22.53
N LEU D 733 -11.27 43.44 21.78
CA LEU D 733 -11.00 43.20 20.37
C LEU D 733 -12.14 43.57 19.41
N ALA D 734 -13.28 44.04 19.90
CA ALA D 734 -14.42 44.23 19.00
C ALA D 734 -14.23 45.45 18.11
N ASP D 735 -13.53 46.46 18.61
CA ASP D 735 -13.38 47.68 17.83
C ASP D 735 -12.39 47.52 16.69
N GLN D 736 -11.43 46.60 16.80
CA GLN D 736 -10.54 46.27 15.70
C GLN D 736 -11.11 45.19 14.83
N LEU D 737 -11.91 44.29 15.39
CA LEU D 737 -12.62 43.33 14.56
C LEU D 737 -13.60 44.02 13.64
N ASN D 738 -14.21 45.13 14.06
CA ASN D 738 -15.10 45.87 13.17
C ASN D 738 -14.34 46.54 12.05
N ASN D 739 -13.11 46.99 12.30
CA ASN D 739 -12.27 47.51 11.24
C ASN D 739 -11.87 46.42 10.24
N LEU D 740 -11.52 45.24 10.74
CA LEU D 740 -11.20 44.14 9.83
C LEU D 740 -12.43 43.68 9.06
N LYS D 741 -13.60 43.78 9.67
CA LYS D 741 -14.84 43.48 8.96
C LYS D 741 -15.11 44.50 7.88
N ASN D 742 -14.86 45.79 8.15
CA ASN D 742 -15.03 46.83 7.14
C ASN D 742 -14.07 46.63 5.99
N LYS D 743 -12.82 46.29 6.30
CA LYS D 743 -11.82 46.04 5.27
C LYS D 743 -12.16 44.83 4.43
N LEU D 744 -12.73 43.78 5.02
CA LEU D 744 -13.11 42.61 4.24
C LEU D 744 -14.38 42.86 3.41
N ASP D 745 -15.29 43.69 3.90
CA ASP D 745 -16.45 44.07 3.10
C ASP D 745 -16.04 44.89 1.89
N TYR D 746 -15.10 45.81 2.08
CA TYR D 746 -14.59 46.59 0.96
C TYR D 746 -13.80 45.73 -0.01
N MET D 747 -13.00 44.79 0.50
CA MET D 747 -12.14 43.96 -0.30
C MET D 747 -12.90 42.88 -1.07
N LEU D 748 -13.97 42.36 -0.52
CA LEU D 748 -14.58 41.14 -1.03
C LEU D 748 -16.01 41.32 -1.49
N ASN D 749 -16.59 42.51 -1.36
CA ASN D 749 -18.01 42.82 -1.62
C ASN D 749 -18.93 41.90 -0.82
N ILE D 750 -18.80 41.98 0.50
CA ILE D 750 -19.46 41.01 1.38
C ILE D 750 -20.93 41.33 1.50
N LYS D 751 -21.29 42.61 1.39
CA LYS D 751 -22.66 43.06 1.60
C LYS D 751 -23.60 42.70 0.45
N ASP D 752 -23.14 41.92 -0.54
CA ASP D 752 -23.87 41.55 -1.75
C ASP D 752 -24.43 42.79 -2.44
N THR D 753 -23.50 43.61 -2.94
CA THR D 753 -23.85 44.93 -3.46
C THR D 753 -24.70 44.76 -4.72
N THR D 754 -26.02 44.93 -4.53
CA THR D 754 -27.09 44.85 -5.53
C THR D 754 -27.26 43.51 -6.23
N PHE D 755 -26.53 42.47 -5.83
CA PHE D 755 -26.65 41.14 -6.43
C PHE D 755 -26.82 40.12 -5.29
N GLN D 756 -28.04 39.61 -5.13
CA GLN D 756 -28.43 38.85 -3.96
C GLN D 756 -28.18 37.36 -4.12
N ARG D 757 -28.26 36.64 -3.00
CA ARG D 757 -28.14 35.19 -3.00
C ARG D 757 -29.21 34.50 -2.17
N ASN D 758 -29.87 35.22 -1.25
CA ASN D 758 -30.97 34.64 -0.48
C ASN D 758 -32.19 34.35 -1.34
N THR D 759 -32.57 35.29 -2.21
CA THR D 759 -33.85 35.19 -2.89
C THR D 759 -33.71 34.51 -4.23
N SER D 760 -34.86 34.05 -4.74
CA SER D 760 -34.93 33.31 -6.00
C SER D 760 -34.61 34.24 -7.17
N LEU D 761 -34.24 33.60 -8.29
CA LEU D 761 -34.13 34.33 -9.55
C LEU D 761 -35.51 34.75 -10.06
N LEU D 762 -36.54 33.97 -9.72
CA LEU D 762 -37.92 34.31 -10.07
C LEU D 762 -38.37 35.59 -9.38
N GLN D 763 -38.05 35.73 -8.09
CA GLN D 763 -38.44 36.91 -7.35
C GLN D 763 -37.73 38.16 -7.84
N ASN D 764 -36.55 38.00 -8.45
CA ASN D 764 -35.89 39.12 -9.10
C ASN D 764 -36.60 39.55 -10.37
N PHE D 765 -37.49 38.70 -10.91
CA PHE D 765 -38.32 39.07 -12.03
C PHE D 765 -39.71 39.52 -11.61
N ILE D 766 -40.11 39.24 -10.38
CA ILE D 766 -41.46 39.52 -9.89
C ILE D 766 -41.57 40.94 -9.33
N ASP D 767 -40.62 41.34 -8.48
CA ASP D 767 -40.70 42.68 -7.92
C ASP D 767 -39.63 43.65 -8.45
N TYR D 768 -38.79 43.23 -9.39
CA TYR D 768 -37.85 44.14 -10.06
C TYR D 768 -38.13 44.18 -11.56
N GLU D 769 -37.75 45.28 -12.19
CA GLU D 769 -38.15 45.52 -13.56
C GLU D 769 -37.16 44.90 -14.53
N GLU D 770 -37.71 44.27 -15.58
CA GLU D 770 -36.90 43.66 -16.62
C GLU D 770 -36.22 44.73 -17.47
N TYR D 771 -35.05 44.37 -17.96
CA TYR D 771 -34.26 45.24 -18.84
C TYR D 771 -34.51 44.85 -20.28
N SER D 772 -34.66 45.85 -21.14
CA SER D 772 -34.94 45.61 -22.56
C SER D 772 -33.77 46.01 -23.44
N TYR D 793 -25.58 43.63 -24.20
CA TYR D 793 -24.92 44.61 -23.33
C TYR D 793 -24.61 43.97 -21.99
N GLU D 794 -23.53 43.21 -21.95
CA GLU D 794 -23.15 42.46 -20.77
C GLU D 794 -21.72 42.75 -20.38
N PHE D 795 -21.31 44.02 -20.45
CA PHE D 795 -20.09 44.44 -19.80
C PHE D 795 -20.36 45.38 -18.63
N PHE D 796 -21.52 45.28 -18.01
CA PHE D 796 -21.66 45.78 -16.65
C PHE D 796 -21.47 44.69 -15.61
N GLU D 797 -21.79 43.44 -15.95
CA GLU D 797 -21.41 42.32 -15.10
C GLU D 797 -19.90 42.12 -15.13
N SER D 798 -19.27 42.40 -16.26
CA SER D 798 -17.81 42.41 -16.37
C SER D 798 -17.17 43.48 -15.49
N MET D 799 -17.81 44.63 -15.31
CA MET D 799 -17.31 45.61 -14.37
C MET D 799 -17.65 45.26 -12.94
N ALA D 800 -18.65 44.41 -12.73
CA ALA D 800 -18.97 43.96 -11.38
C ALA D 800 -17.96 42.92 -10.90
N GLU D 801 -17.60 41.98 -11.76
CA GLU D 801 -16.49 41.06 -11.49
C GLU D 801 -15.15 41.68 -11.90
N SER D 802 -14.93 42.89 -11.40
CA SER D 802 -13.69 43.60 -11.54
C SER D 802 -13.32 44.36 -10.30
N GLN D 803 -14.18 44.38 -9.29
CA GLN D 803 -13.87 45.03 -8.04
C GLN D 803 -13.04 44.14 -7.16
N ILE D 804 -13.02 42.85 -7.46
CA ILE D 804 -12.21 41.88 -6.75
C ILE D 804 -10.92 41.70 -7.52
N CYS D 805 -9.80 42.07 -6.93
CA CYS D 805 -8.51 41.81 -7.53
C CYS D 805 -7.58 41.32 -6.44
N LYS D 806 -7.23 40.03 -6.49
CA LYS D 806 -6.30 39.30 -5.64
C LYS D 806 -6.52 39.57 -4.16
N PRO D 807 -7.60 39.08 -3.56
CA PRO D 807 -7.88 39.39 -2.15
C PRO D 807 -6.87 38.78 -1.19
N ARG D 808 -6.10 39.63 -0.55
CA ARG D 808 -5.08 39.23 0.40
C ARG D 808 -5.32 40.02 1.68
N LEU D 809 -5.07 39.40 2.83
CA LEU D 809 -5.05 40.14 4.09
C LEU D 809 -4.13 39.43 5.04
N LEU D 810 -3.12 40.13 5.54
CA LEU D 810 -2.25 39.66 6.59
C LEU D 810 -2.53 40.48 7.84
N ILE D 811 -2.94 39.82 8.90
CA ILE D 811 -3.14 40.48 10.18
C ILE D 811 -1.92 40.20 11.03
N ASN D 812 -1.16 41.23 11.32
CA ASN D 812 0.01 41.15 12.17
C ASN D 812 -0.33 41.74 13.53
N GLY D 813 0.46 41.40 14.53
CA GLY D 813 0.30 41.96 15.84
C GLY D 813 1.33 41.46 16.81
N PRO D 814 1.27 41.94 18.06
CA PRO D 814 2.21 41.47 19.09
C PRO D 814 1.96 40.03 19.50
N LYS D 815 2.84 39.49 20.34
CA LYS D 815 2.72 38.10 20.75
C LYS D 815 1.58 37.94 21.75
N GLY D 816 0.69 37.00 21.48
CA GLY D 816 -0.44 36.76 22.35
C GLY D 816 -1.43 37.90 22.38
N ASN D 817 -1.76 38.47 21.23
CA ASN D 817 -2.68 39.59 21.17
C ASN D 817 -4.04 39.20 20.63
N GLY D 818 -4.50 38.00 20.94
CA GLY D 818 -5.85 37.61 20.56
C GLY D 818 -6.02 37.24 19.11
N GLN D 819 -4.94 36.83 18.43
CA GLN D 819 -5.03 36.44 17.02
C GLN D 819 -5.83 35.16 16.84
N GLN D 820 -5.84 34.28 17.82
CA GLN D 820 -6.68 33.10 17.75
C GLN D 820 -8.16 33.43 17.80
N TYR D 821 -8.53 34.53 18.46
CA TYR D 821 -9.93 34.95 18.48
C TYR D 821 -10.29 35.76 17.24
N VAL D 822 -9.35 36.56 16.75
CA VAL D 822 -9.62 37.42 15.61
C VAL D 822 -9.76 36.60 14.34
N GLY D 823 -8.89 35.61 14.15
CA GLY D 823 -9.01 34.73 12.99
C GLY D 823 -10.28 33.91 12.99
N ALA D 824 -10.67 33.39 14.16
CA ALA D 824 -11.86 32.56 14.23
C ALA D 824 -13.13 33.40 14.12
N ALA D 825 -13.07 34.65 14.58
CA ALA D 825 -14.21 35.54 14.41
C ALA D 825 -14.36 35.97 12.95
N ILE D 826 -13.25 36.16 12.25
CA ILE D 826 -13.30 36.50 10.83
C ILE D 826 -13.84 35.33 10.02
N LEU D 827 -13.40 34.11 10.33
CA LEU D 827 -13.92 32.95 9.62
C LEU D 827 -15.36 32.62 10.00
N ASN D 828 -15.81 33.04 11.17
CA ASN D 828 -17.22 33.02 11.50
C ASN D 828 -18.00 34.07 10.73
N TYR D 829 -17.36 35.21 10.42
CA TYR D 829 -18.07 36.28 9.74
C TYR D 829 -18.28 35.99 8.28
N LEU D 830 -17.32 35.35 7.63
CA LEU D 830 -17.42 35.02 6.20
C LEU D 830 -18.29 33.79 6.06
N GLU D 831 -19.58 34.01 5.80
CA GLU D 831 -20.55 32.92 5.82
C GLU D 831 -20.44 32.04 4.58
N GLU D 832 -20.41 32.64 3.39
CA GLU D 832 -20.54 31.86 2.17
C GLU D 832 -19.26 31.15 1.75
N PHE D 833 -18.16 31.38 2.45
CA PHE D 833 -16.85 30.94 2.02
C PHE D 833 -16.56 29.55 2.57
N ASN D 834 -15.96 28.67 1.76
CA ASN D 834 -15.37 27.47 2.34
C ASN D 834 -13.91 27.77 2.70
N VAL D 835 -13.46 27.18 3.81
CA VAL D 835 -12.19 27.55 4.41
C VAL D 835 -11.25 26.37 4.28
N GLN D 836 -10.10 26.59 3.68
CA GLN D 836 -9.06 25.57 3.61
C GLN D 836 -7.97 26.02 4.56
N ASN D 837 -7.79 25.26 5.63
CA ASN D 837 -6.81 25.63 6.64
C ASN D 837 -5.47 25.07 6.20
N LEU D 838 -4.46 25.93 6.15
CA LEU D 838 -3.12 25.55 5.76
C LEU D 838 -2.14 25.64 6.93
N ASP D 839 -2.66 25.53 8.14
CA ASP D 839 -1.82 25.38 9.32
C ASP D 839 -1.26 23.96 9.39
N LEU D 840 -0.35 23.75 10.30
CA LEU D 840 0.27 22.42 10.37
C LEU D 840 -0.71 21.35 10.82
N ALA D 841 -1.55 21.62 11.81
CA ALA D 841 -2.46 20.57 12.27
C ALA D 841 -3.34 20.00 11.17
N SER D 842 -3.37 20.61 9.99
CA SER D 842 -4.17 20.10 8.90
C SER D 842 -3.34 19.54 7.77
N LEU D 843 -2.03 19.78 7.79
CA LEU D 843 -1.13 19.35 6.73
C LEU D 843 -0.39 18.07 7.08
N VAL D 844 -0.03 17.90 8.35
CA VAL D 844 0.69 16.70 8.77
C VAL D 844 -0.26 15.73 9.48
N SER D 845 -1.56 16.05 9.49
CA SER D 845 -2.53 15.25 10.23
C SER D 845 -2.74 13.89 9.57
N GLU D 846 -2.60 13.83 8.25
CA GLU D 846 -2.64 12.57 7.53
C GLU D 846 -1.21 12.17 7.19
N SER D 847 -0.88 10.91 7.42
CA SER D 847 0.42 10.37 7.06
C SER D 847 0.40 9.62 5.73
N SER D 848 -0.76 9.55 5.07
CA SER D 848 -0.86 8.94 3.76
C SER D 848 -0.36 9.86 2.65
N ARG D 849 -0.04 11.11 2.96
CA ARG D 849 0.40 12.06 1.94
C ARG D 849 1.46 13.00 2.50
N THR D 850 2.14 13.67 1.57
CA THR D 850 3.24 14.57 1.85
C THR D 850 2.65 15.90 2.33
N ILE D 851 3.51 16.85 2.71
CA ILE D 851 3.09 18.22 2.94
C ILE D 851 2.50 18.82 1.67
N GLU D 852 3.13 18.54 0.54
CA GLU D 852 2.86 19.25 -0.70
C GLU D 852 1.62 18.71 -1.37
N ALA D 853 1.36 17.42 -1.23
CA ALA D 853 0.11 16.86 -1.72
C ALA D 853 -1.09 17.46 -0.98
N ALA D 854 -0.96 17.68 0.34
CA ALA D 854 -2.06 18.25 1.09
C ALA D 854 -2.19 19.74 0.84
N VAL D 855 -1.07 20.43 0.62
CA VAL D 855 -1.11 21.85 0.29
C VAL D 855 -1.75 22.08 -1.08
N VAL D 856 -1.33 21.30 -2.07
CA VAL D 856 -1.87 21.42 -3.42
C VAL D 856 -3.33 21.00 -3.46
N GLN D 857 -3.70 19.93 -2.77
CA GLN D 857 -5.09 19.53 -2.74
C GLN D 857 -5.95 20.49 -1.95
N SER D 858 -5.38 21.17 -0.96
CA SER D 858 -6.14 22.14 -0.21
C SER D 858 -6.36 23.40 -1.03
N PHE D 859 -5.35 23.83 -1.78
CA PHE D 859 -5.57 24.94 -2.71
C PHE D 859 -6.50 24.54 -3.86
N MET D 860 -6.51 23.27 -4.26
CA MET D 860 -7.39 22.88 -5.34
C MET D 860 -8.82 22.73 -4.88
N GLU D 861 -9.03 22.34 -3.62
CA GLU D 861 -10.36 22.42 -3.05
C GLU D 861 -10.78 23.87 -2.86
N ALA D 862 -9.84 24.77 -2.56
CA ALA D 862 -10.16 26.19 -2.55
C ALA D 862 -10.49 26.72 -3.94
N LYS D 863 -9.84 26.16 -4.95
CA LYS D 863 -10.08 26.60 -6.35
C LYS D 863 -11.45 26.09 -6.81
N LYS D 864 -11.73 24.81 -6.50
CA LYS D 864 -12.90 24.00 -6.97
C LYS D 864 -14.29 24.64 -6.83
N ARG D 865 -14.89 24.56 -5.65
CA ARG D 865 -16.22 25.21 -5.42
C ARG D 865 -15.99 26.60 -4.81
N GLN D 866 -16.24 27.67 -5.59
CA GLN D 866 -16.01 29.08 -5.16
C GLN D 866 -17.15 29.54 -4.24
N PRO D 867 -17.02 30.67 -3.50
CA PRO D 867 -15.71 31.30 -3.23
C PRO D 867 -14.90 30.53 -2.18
N SER D 868 -13.59 30.82 -2.04
CA SER D 868 -12.79 30.03 -1.07
C SER D 868 -11.90 30.83 -0.12
N VAL D 869 -11.51 30.24 1.03
CA VAL D 869 -10.53 31.07 1.79
C VAL D 869 -9.28 30.24 2.10
N VAL D 870 -8.08 30.78 1.86
CA VAL D 870 -6.85 30.01 2.22
C VAL D 870 -6.45 30.59 3.58
N PHE D 871 -6.61 29.81 4.64
CA PHE D 871 -6.45 30.34 5.99
C PHE D 871 -5.12 29.84 6.55
N ILE D 872 -4.21 30.76 6.84
CA ILE D 872 -2.95 30.38 7.46
C ILE D 872 -2.82 31.06 8.83
N PRO D 873 -3.19 30.40 9.92
CA PRO D 873 -2.90 30.96 11.23
C PRO D 873 -1.48 30.64 11.64
N ASN D 874 -0.96 31.46 12.58
CA ASN D 874 0.39 31.38 13.11
C ASN D 874 1.43 31.37 11.99
N LEU D 875 1.37 32.40 11.15
CA LEU D 875 2.18 32.43 9.94
C LEU D 875 3.66 32.59 10.25
N ASP D 876 4.00 33.24 11.36
CA ASP D 876 5.39 33.36 11.76
C ASP D 876 5.98 32.01 12.22
N ILE D 877 5.14 31.07 12.62
CA ILE D 877 5.56 29.68 12.80
C ILE D 877 5.58 28.97 11.45
N TRP D 878 4.61 29.29 10.60
CA TRP D 878 4.40 28.57 9.36
C TRP D 878 5.55 28.78 8.38
N ILE D 879 6.18 29.94 8.36
CA ILE D 879 7.24 30.13 7.39
C ILE D 879 8.56 29.57 7.89
N ASN D 880 8.56 28.96 9.07
CA ASN D 880 9.72 28.29 9.64
C ASN D 880 9.61 26.79 9.65
N THR D 881 8.42 26.24 9.92
CA THR D 881 8.26 24.80 9.85
C THR D 881 8.14 24.30 8.41
N ILE D 882 7.13 24.79 7.71
CA ILE D 882 6.84 24.47 6.30
C ILE D 882 8.07 24.78 5.45
N PRO D 883 8.53 23.85 4.62
CA PRO D 883 9.78 24.05 3.86
C PRO D 883 9.66 25.16 2.83
N GLU D 884 10.83 25.62 2.37
CA GLU D 884 10.88 26.76 1.46
C GLU D 884 10.54 26.39 0.02
N ASN D 885 10.21 25.14 -0.26
CA ASN D 885 9.75 24.71 -1.57
C ASN D 885 8.24 24.79 -1.71
N VAL D 886 7.50 24.49 -0.64
CA VAL D 886 6.05 24.53 -0.72
C VAL D 886 5.50 25.94 -0.42
N ILE D 887 6.32 26.82 0.15
CA ILE D 887 5.99 28.24 0.11
C ILE D 887 5.99 28.74 -1.33
N LEU D 888 6.97 28.31 -2.12
CA LEU D 888 7.02 28.67 -3.54
C LEU D 888 5.97 27.93 -4.35
N VAL D 889 5.64 26.70 -3.99
CA VAL D 889 4.58 25.98 -4.70
C VAL D 889 3.23 26.65 -4.45
N LEU D 890 2.98 27.08 -3.22
CA LEU D 890 1.77 27.83 -2.90
C LEU D 890 1.74 29.18 -3.61
N SER D 891 2.89 29.85 -3.69
CA SER D 891 2.91 31.15 -4.33
C SER D 891 2.75 31.05 -5.84
N GLY D 892 3.19 29.93 -6.42
CA GLY D 892 2.89 29.69 -7.82
C GLY D 892 1.49 29.20 -8.07
N LEU D 893 0.85 28.67 -7.04
CA LEU D 893 -0.56 28.36 -7.18
C LEU D 893 -1.41 29.62 -7.12
N PHE D 894 -0.97 30.63 -6.36
CA PHE D 894 -1.71 31.88 -6.30
C PHE D 894 -1.46 32.77 -7.50
N ARG D 895 -0.30 32.64 -8.13
CA ARG D 895 0.06 33.43 -9.28
C ARG D 895 -0.67 32.98 -10.54
N SER D 896 -1.12 31.75 -10.57
CA SER D 896 -1.85 31.18 -11.70
C SER D 896 -3.34 31.44 -11.63
N LEU D 897 -3.80 32.19 -10.64
CA LEU D 897 -5.21 32.55 -10.55
C LEU D 897 -5.47 33.83 -11.32
N GLN D 898 -6.71 33.95 -11.80
CA GLN D 898 -7.20 35.22 -12.29
C GLN D 898 -7.33 36.20 -11.14
N SER D 899 -7.27 37.49 -11.46
CA SER D 899 -7.37 38.49 -10.39
C SER D 899 -8.78 38.55 -9.82
N ASN D 900 -9.81 38.29 -10.62
CA ASN D 900 -11.17 38.38 -10.12
C ASN D 900 -11.62 37.13 -9.39
N GLU D 901 -10.75 36.15 -9.19
CA GLU D 901 -11.13 34.95 -8.46
C GLU D 901 -11.17 35.25 -6.98
N LYS D 902 -12.19 34.74 -6.30
CA LYS D 902 -12.48 35.11 -4.92
C LYS D 902 -11.87 34.12 -3.94
N ILE D 903 -10.57 33.92 -4.06
CA ILE D 903 -9.84 33.13 -3.08
C ILE D 903 -9.08 34.11 -2.21
N LEU D 904 -9.61 34.36 -1.02
CA LEU D 904 -8.97 35.22 -0.05
C LEU D 904 -7.82 34.46 0.59
N LEU D 905 -6.64 35.04 0.60
CA LEU D 905 -5.55 34.50 1.39
C LEU D 905 -5.52 35.28 2.68
N LEU D 906 -6.02 34.67 3.75
CA LEU D 906 -6.09 35.29 5.06
C LEU D 906 -5.05 34.65 5.97
N CYS D 907 -4.08 35.44 6.39
CA CYS D 907 -3.00 34.94 7.22
C CYS D 907 -2.90 35.79 8.47
N LEU D 908 -2.67 35.15 9.61
CA LEU D 908 -2.45 35.84 10.87
C LEU D 908 -1.07 35.48 11.39
N ALA D 909 -0.31 36.49 11.78
CA ALA D 909 1.04 36.27 12.27
C ALA D 909 1.18 36.88 13.65
N GLU D 910 2.17 36.41 14.39
CA GLU D 910 2.40 36.87 15.75
C GLU D 910 3.80 37.45 15.81
N ASN D 911 3.90 38.78 15.70
CA ASN D 911 5.15 39.54 15.59
C ASN D 911 6.00 39.08 14.40
N LEU D 912 5.50 39.31 13.20
CA LEU D 912 6.25 38.98 11.99
C LEU D 912 7.02 40.18 11.49
N ASP D 913 8.23 39.95 11.01
CA ASP D 913 9.07 41.04 10.55
C ASP D 913 8.55 41.59 9.22
N ILE D 914 8.37 42.91 9.17
CA ILE D 914 7.78 43.55 7.98
C ILE D 914 8.77 43.53 6.83
N SER D 915 10.05 43.29 7.11
CA SER D 915 11.08 43.08 6.11
C SER D 915 11.20 41.64 5.66
N GLU D 916 10.12 40.87 5.81
CA GLU D 916 9.97 39.55 5.20
C GLU D 916 8.86 39.54 4.17
N VAL D 917 7.85 40.40 4.30
CA VAL D 917 6.81 40.54 3.30
C VAL D 917 7.13 41.61 2.25
N LYS D 918 7.97 42.58 2.57
CA LYS D 918 8.34 43.57 1.56
C LYS D 918 9.46 43.03 0.69
N ASN D 919 10.37 42.25 1.26
CA ASN D 919 11.34 41.50 0.45
C ASN D 919 11.70 40.24 1.26
N GLY D 920 11.74 39.10 0.59
CA GLY D 920 12.04 37.87 1.29
C GLY D 920 11.31 36.67 0.76
N ILE D 921 10.68 35.90 1.65
CA ILE D 921 10.04 34.67 1.23
C ILE D 921 8.52 34.84 1.07
N LEU D 922 7.93 35.85 1.69
CA LEU D 922 6.53 36.16 1.49
C LEU D 922 6.35 37.30 0.51
N SER D 923 7.34 37.56 -0.34
CA SER D 923 7.27 38.65 -1.29
C SER D 923 6.36 38.35 -2.46
N ASP D 924 6.36 37.11 -2.95
CA ASP D 924 5.54 36.72 -4.10
C ASP D 924 4.08 36.48 -3.72
N PHE D 925 3.68 36.81 -2.49
CA PHE D 925 2.30 37.05 -2.13
C PHE D 925 2.07 38.55 -2.08
N ALA D 926 0.94 38.98 -2.61
CA ALA D 926 0.66 40.42 -2.67
C ALA D 926 0.24 40.95 -1.30
N PHE D 927 1.21 41.01 -0.38
CA PHE D 927 1.01 41.56 0.95
C PHE D 927 1.61 42.95 1.06
N ASP D 928 1.47 43.77 0.01
CA ASP D 928 2.17 45.05 -0.01
C ASP D 928 1.43 46.08 0.83
N LYS D 929 0.15 46.32 0.52
CA LYS D 929 -0.65 47.27 1.26
C LYS D 929 -1.76 46.61 2.06
N ASN D 930 -1.88 45.30 2.01
CA ASN D 930 -2.93 44.58 2.72
C ASN D 930 -2.40 43.98 4.01
N ILE D 931 -1.94 44.84 4.90
CA ILE D 931 -1.37 44.43 6.17
C ILE D 931 -2.07 45.22 7.26
N PHE D 932 -2.81 44.53 8.11
CA PHE D 932 -3.51 45.13 9.24
C PHE D 932 -2.72 44.85 10.51
N GLN D 933 -2.39 45.92 11.23
CA GLN D 933 -1.69 45.78 12.50
C GLN D 933 -2.73 45.70 13.61
N LEU D 934 -2.69 44.62 14.38
CA LEU D 934 -3.44 44.55 15.63
C LEU D 934 -2.69 45.35 16.68
N HIS D 935 -3.40 46.15 17.45
CA HIS D 935 -2.73 46.87 18.51
C HIS D 935 -3.01 46.20 19.85
N LYS D 936 -2.11 46.43 20.80
CA LYS D 936 -2.45 46.24 22.20
C LYS D 936 -3.62 47.15 22.53
N PRO D 937 -4.61 46.65 23.24
CA PRO D 937 -5.84 47.42 23.46
C PRO D 937 -5.61 48.61 24.37
N SER D 938 -6.27 49.71 24.03
CA SER D 938 -6.03 50.99 24.65
C SER D 938 -6.71 51.06 26.02
N LYS D 939 -6.52 52.20 26.69
CA LYS D 939 -6.87 52.35 28.10
C LYS D 939 -8.37 52.31 28.32
N GLU D 940 -9.16 52.75 27.33
CA GLU D 940 -10.61 52.66 27.46
C GLU D 940 -11.08 51.22 27.36
N ASN D 941 -10.45 50.43 26.48
CA ASN D 941 -10.84 49.04 26.31
C ASN D 941 -10.47 48.22 27.53
N ILE D 942 -9.30 48.48 28.11
CA ILE D 942 -8.88 47.83 29.35
C ILE D 942 -9.80 48.24 30.50
N THR D 943 -10.26 49.51 30.50
CA THR D 943 -11.22 49.95 31.51
C THR D 943 -12.55 49.21 31.39
N ARG D 944 -13.08 49.09 30.18
CA ARG D 944 -14.35 48.40 29.99
C ARG D 944 -14.21 46.89 30.18
N TYR D 945 -13.02 46.35 29.98
CA TYR D 945 -12.78 44.93 30.21
C TYR D 945 -12.82 44.61 31.70
N PHE D 946 -12.10 45.39 32.50
CA PHE D 946 -12.02 45.14 33.93
C PHE D 946 -13.21 45.69 34.69
N SER D 947 -14.14 46.36 34.02
CA SER D 947 -15.37 46.81 34.65
C SER D 947 -16.46 45.77 34.60
N ASN D 948 -16.25 44.66 33.90
CA ASN D 948 -17.11 43.51 34.04
C ASN D 948 -16.69 42.64 35.22
N LEU D 949 -15.48 42.85 35.72
CA LEU D 949 -14.94 42.16 36.88
C LEU D 949 -15.19 42.91 38.17
N ILE D 950 -15.39 44.23 38.10
CA ILE D 950 -15.82 44.99 39.26
C ILE D 950 -17.29 44.73 39.55
N GLU D 951 -18.07 44.43 38.50
CA GLU D 951 -19.47 44.11 38.71
C GLU D 951 -19.67 42.72 39.30
N LEU D 952 -18.65 41.85 39.23
CA LEU D 952 -18.69 40.61 39.98
C LEU D 952 -18.34 40.85 41.45
N LEU D 953 -17.56 41.89 41.72
CA LEU D 953 -17.18 42.21 43.09
C LEU D 953 -18.34 42.82 43.85
N LYS D 954 -19.18 43.61 43.18
CA LYS D 954 -20.28 44.31 43.82
C LYS D 954 -21.59 43.55 43.74
N THR D 955 -21.55 42.27 43.39
CA THR D 955 -22.73 41.42 43.36
C THR D 955 -22.85 40.73 44.72
N LYS D 956 -24.01 40.87 45.35
CA LYS D 956 -24.20 40.37 46.70
C LYS D 956 -24.35 38.84 46.71
N PRO D 957 -24.11 38.17 47.85
CA PRO D 957 -24.26 36.71 47.89
C PRO D 957 -25.68 36.18 47.83
N SER D 958 -26.66 37.03 47.58
CA SER D 958 -28.05 36.59 47.48
C SER D 958 -28.48 36.36 46.04
N ASP D 959 -28.06 37.22 45.10
CA ASP D 959 -28.54 37.12 43.74
C ASP D 959 -27.58 36.38 42.79
N ILE D 960 -26.37 36.08 43.23
CA ILE D 960 -25.49 35.23 42.42
C ILE D 960 -26.07 33.81 42.41
N PRO D 961 -26.24 33.20 41.24
CA PRO D 961 -26.98 31.93 41.18
C PRO D 961 -26.21 30.74 41.73
N MET D 962 -26.56 30.28 42.92
CA MET D 962 -25.98 29.08 43.49
C MET D 962 -27.00 27.96 43.51
N LYS D 963 -26.52 26.78 43.91
CA LYS D 963 -27.40 25.63 44.14
C LYS D 963 -27.92 25.70 45.56
N LYS D 964 -28.88 26.61 45.77
CA LYS D 964 -29.63 26.65 47.01
C LYS D 964 -30.59 25.48 47.02
N ARG D 965 -30.77 24.86 48.19
CA ARG D 965 -31.67 23.72 48.28
C ARG D 965 -33.12 24.19 48.32
N ARG D 966 -34.02 23.22 48.29
CA ARG D 966 -35.43 23.52 48.47
C ARG D 966 -35.71 23.67 49.95
N VAL D 967 -36.29 24.82 50.34
CA VAL D 967 -36.65 25.01 51.74
C VAL D 967 -37.91 24.23 52.08
N LYS D 968 -38.66 23.79 51.06
CA LYS D 968 -39.84 22.97 51.15
C LYS D 968 -39.85 21.97 49.99
N PRO D 969 -40.34 20.75 50.19
CA PRO D 969 -40.11 19.69 49.20
C PRO D 969 -40.97 19.88 47.95
N LEU D 970 -40.69 19.02 46.97
CA LEU D 970 -41.39 19.08 45.70
C LEU D 970 -42.85 18.66 45.89
N PRO D 971 -43.79 19.33 45.21
CA PRO D 971 -45.19 18.92 45.30
C PRO D 971 -45.42 17.63 44.52
N GLU D 972 -46.08 16.67 45.16
CA GLU D 972 -46.57 15.51 44.42
C GLU D 972 -47.72 15.96 43.55
N LEU D 973 -47.88 15.32 42.40
CA LEU D 973 -48.98 15.65 41.52
C LEU D 973 -50.06 14.57 41.58
N GLN D 974 -51.24 14.90 41.08
CA GLN D 974 -52.37 13.99 41.16
C GLN D 974 -52.19 12.83 40.17
N LYS D 975 -52.00 11.64 40.73
CA LYS D 975 -51.66 10.44 39.99
C LYS D 975 -52.88 10.02 39.17
N VAL D 976 -52.70 9.91 37.85
CA VAL D 976 -53.80 9.61 36.93
C VAL D 976 -54.09 8.11 36.95
N THR D 977 -55.34 7.77 37.23
CA THR D 977 -55.78 6.38 37.14
C THR D 977 -56.45 6.09 35.80
N LYS D 1355 -29.81 41.95 54.16
CA LYS D 1355 -28.39 42.10 54.48
C LYS D 1355 -27.72 42.97 53.40
N GLU D 1356 -26.74 43.78 53.81
CA GLU D 1356 -26.18 44.81 52.94
C GLU D 1356 -24.78 44.45 52.47
N LEU D 1357 -24.40 45.01 51.32
CA LEU D 1357 -23.09 44.75 50.73
C LEU D 1357 -22.09 45.78 51.22
N ILE D 1358 -21.12 45.33 52.02
CA ILE D 1358 -20.09 46.22 52.53
C ILE D 1358 -19.09 46.44 51.41
N LEU D 1359 -19.22 47.57 50.71
CA LEU D 1359 -18.30 47.90 49.64
C LEU D 1359 -18.30 49.41 49.48
N THR D 1360 -17.25 50.06 49.96
CA THR D 1360 -17.13 51.50 49.82
C THR D 1360 -16.83 51.81 48.36
N PRO D 1361 -17.43 52.85 47.78
CA PRO D 1361 -17.06 53.28 46.42
C PRO D 1361 -15.60 53.68 46.27
N GLU D 1362 -14.96 54.12 47.35
CA GLU D 1362 -13.50 54.32 47.35
C GLU D 1362 -12.76 53.00 47.15
N GLN D 1363 -13.25 51.91 47.73
CA GLN D 1363 -12.63 50.60 47.56
C GLN D 1363 -12.70 50.14 46.11
N ILE D 1364 -13.90 50.26 45.51
CA ILE D 1364 -14.11 49.93 44.10
C ILE D 1364 -13.23 50.79 43.20
N LYS D 1365 -13.12 52.08 43.51
CA LYS D 1365 -12.29 52.95 42.68
C LYS D 1365 -10.81 52.63 42.84
N LYS D 1366 -10.39 52.24 44.04
CA LYS D 1366 -8.98 51.91 44.25
C LYS D 1366 -8.60 50.61 43.55
N VAL D 1367 -9.50 49.62 43.57
CA VAL D 1367 -9.18 48.36 42.90
C VAL D 1367 -9.25 48.53 41.38
N SER D 1368 -10.12 49.41 40.90
CA SER D 1368 -10.15 49.71 39.47
C SER D 1368 -8.89 50.45 39.02
N ALA D 1369 -8.41 51.40 39.83
CA ALA D 1369 -7.22 52.15 39.46
C ALA D 1369 -5.97 51.27 39.51
N CYS D 1370 -5.90 50.35 40.47
CA CYS D 1370 -4.76 49.43 40.51
C CYS D 1370 -4.82 48.45 39.35
N LEU D 1371 -6.05 48.05 38.95
CA LEU D 1371 -6.22 47.14 37.83
C LEU D 1371 -5.81 47.77 36.51
N ILE D 1372 -6.10 49.05 36.31
CA ILE D 1372 -5.67 49.74 35.09
C ILE D 1372 -4.20 50.13 35.15
N GLU D 1373 -3.71 50.54 36.32
CA GLU D 1373 -2.33 50.98 36.45
C GLU D 1373 -1.36 49.82 36.33
N HIS D 1374 -1.78 48.61 36.67
CA HIS D 1374 -0.91 47.46 36.54
C HIS D 1374 -0.89 46.95 35.11
N CYS D 1375 -2.01 47.05 34.41
CA CYS D 1375 -2.12 46.50 33.06
C CYS D 1375 -1.98 47.59 32.01
N GLN D 1376 -0.79 48.20 31.96
CA GLN D 1376 -0.48 49.18 30.94
C GLN D 1376 0.48 48.56 29.95
N ASN D 1377 0.18 48.72 28.66
CA ASN D 1377 0.88 48.10 27.54
C ASN D 1377 0.91 46.59 27.69
N PHE D 1378 -0.22 46.04 28.11
CA PHE D 1378 -0.46 44.61 28.08
C PHE D 1378 -1.19 44.24 26.80
N THR D 1379 -0.97 43.01 26.38
CA THR D 1379 -1.64 42.41 25.23
C THR D 1379 -2.97 41.81 25.67
N VAL D 1380 -3.61 41.05 24.79
CA VAL D 1380 -4.85 40.38 25.19
C VAL D 1380 -4.54 39.25 26.17
N SER D 1381 -3.43 38.55 25.99
CA SER D 1381 -3.13 37.39 26.83
C SER D 1381 -2.77 37.79 28.25
N GLN D 1382 -2.00 38.87 28.41
CA GLN D 1382 -1.63 39.32 29.74
C GLN D 1382 -2.82 39.89 30.48
N LEU D 1383 -3.71 40.56 29.75
CA LEU D 1383 -4.94 41.07 30.34
C LEU D 1383 -5.86 39.94 30.75
N GLU D 1384 -5.91 38.87 29.96
CA GLU D 1384 -6.68 37.70 30.34
C GLU D 1384 -6.07 36.98 31.53
N ASP D 1385 -4.75 37.01 31.67
CA ASP D 1385 -4.07 36.45 32.84
C ASP D 1385 -4.45 37.20 34.12
N VAL D 1386 -4.42 38.53 34.06
CA VAL D 1386 -4.83 39.34 35.21
C VAL D 1386 -6.30 39.14 35.52
N HIS D 1387 -7.14 39.06 34.48
CA HIS D 1387 -8.56 38.86 34.69
C HIS D 1387 -8.85 37.49 35.29
N SER D 1388 -8.07 36.47 34.91
CA SER D 1388 -8.25 35.15 35.49
C SER D 1388 -7.83 35.11 36.95
N SER D 1389 -6.72 35.76 37.29
CA SER D 1389 -6.26 35.72 38.67
C SER D 1389 -7.16 36.52 39.61
N VAL D 1390 -7.57 37.71 39.17
CA VAL D 1390 -8.48 38.52 39.98
C VAL D 1390 -9.87 37.90 40.04
N ALA D 1391 -10.29 37.19 38.99
CA ALA D 1391 -11.56 36.47 39.07
C ALA D 1391 -11.47 35.27 40.00
N LYS D 1392 -10.30 34.62 40.08
CA LYS D 1392 -10.12 33.55 41.06
C LYS D 1392 -10.22 34.08 42.48
N ILE D 1393 -9.60 35.23 42.74
CA ILE D 1393 -9.67 35.85 44.06
C ILE D 1393 -11.10 36.25 44.41
N ILE D 1394 -11.80 36.88 43.47
CA ILE D 1394 -13.16 37.36 43.71
C ILE D 1394 -14.12 36.18 43.89
N TRP D 1395 -14.01 35.15 43.06
CA TRP D 1395 -14.90 34.01 43.15
C TRP D 1395 -14.59 33.12 44.35
N LYS D 1396 -13.39 33.23 44.92
CA LYS D 1396 -13.07 32.47 46.12
C LYS D 1396 -13.85 32.98 47.33
N SER D 1397 -13.92 34.30 47.50
CA SER D 1397 -14.70 34.89 48.58
C SER D 1397 -16.06 35.35 48.04
N LYS D 1398 -16.85 34.37 47.66
CA LYS D 1398 -18.11 34.60 46.95
C LYS D 1398 -19.26 34.85 47.92
N SER D 1399 -19.34 34.06 48.98
CA SER D 1399 -20.43 34.15 49.95
C SER D 1399 -20.08 35.04 51.14
N ALA D 1400 -19.29 36.08 50.92
CA ALA D 1400 -18.97 37.05 51.95
C ALA D 1400 -19.67 38.36 51.65
N TRP D 1401 -20.12 39.04 52.70
CA TRP D 1401 -20.77 40.33 52.55
C TRP D 1401 -19.81 41.50 52.72
N ASP D 1402 -18.75 41.31 53.50
CA ASP D 1402 -17.72 42.32 53.66
C ASP D 1402 -16.59 42.00 52.67
N LYS D 1403 -16.54 42.76 51.59
CA LYS D 1403 -15.56 42.51 50.53
C LYS D 1403 -14.25 43.25 50.75
N THR D 1404 -13.99 43.71 51.97
CA THR D 1404 -12.73 44.41 52.23
C THR D 1404 -11.56 43.42 52.24
N GLY D 1405 -11.82 42.19 52.68
CA GLY D 1405 -10.81 41.15 52.54
C GLY D 1405 -10.51 40.81 51.10
N THR D 1406 -11.55 40.72 50.26
CA THR D 1406 -11.38 40.49 48.83
C THR D 1406 -10.67 41.64 48.16
N VAL D 1407 -11.03 42.88 48.50
CA VAL D 1407 -10.42 44.06 47.89
C VAL D 1407 -8.95 44.14 48.28
N ASP D 1408 -8.64 43.88 49.55
CA ASP D 1408 -7.24 43.91 49.97
C ASP D 1408 -6.46 42.76 49.37
N GLU D 1409 -7.12 41.64 49.10
CA GLU D 1409 -6.44 40.52 48.45
C GLU D 1409 -6.13 40.82 46.99
N ILE D 1410 -7.02 41.56 46.31
CA ILE D 1410 -6.75 41.95 44.93
C ILE D 1410 -5.64 42.98 44.88
N ILE D 1411 -5.64 43.97 45.78
CA ILE D 1411 -4.57 44.98 45.78
C ILE D 1411 -3.23 44.34 46.16
N LYS D 1412 -3.26 43.35 47.05
CA LYS D 1412 -2.04 42.62 47.39
C LYS D 1412 -1.53 41.80 46.22
N PHE D 1413 -2.43 41.22 45.41
CA PHE D 1413 -1.98 40.45 44.25
C PHE D 1413 -1.40 41.35 43.15
N LEU D 1414 -1.96 42.53 42.94
CA LEU D 1414 -1.53 43.38 41.83
C LEU D 1414 -0.28 44.18 42.14
N SER D 1415 0.45 43.85 43.20
CA SER D 1415 1.59 44.65 43.65
C SER D 1415 2.70 43.77 44.20
N LEU E 441 -43.55 16.24 -26.42
CA LEU E 441 -42.81 16.90 -25.35
C LEU E 441 -41.44 16.28 -25.10
N GLY E 442 -41.34 14.96 -25.28
CA GLY E 442 -40.14 14.22 -24.95
C GLY E 442 -39.11 14.23 -26.06
N VAL E 443 -38.12 13.34 -25.90
CA VAL E 443 -37.04 13.28 -26.87
C VAL E 443 -37.51 12.55 -28.13
N ASP E 444 -36.77 12.75 -29.22
CA ASP E 444 -37.27 12.36 -30.52
C ASP E 444 -37.10 10.87 -30.77
N MET E 445 -37.76 10.39 -31.83
CA MET E 445 -37.50 9.10 -32.43
C MET E 445 -37.40 9.14 -33.94
N ASN E 446 -37.66 10.29 -34.58
CA ASN E 446 -37.44 10.48 -36.01
C ASN E 446 -36.36 11.51 -36.29
N VAL E 447 -35.26 11.46 -35.53
CA VAL E 447 -34.11 12.34 -35.78
C VAL E 447 -33.44 11.92 -37.07
N ASN E 448 -33.13 12.89 -37.93
CA ASN E 448 -32.41 12.62 -39.15
C ASN E 448 -30.93 12.90 -38.93
N PHE E 449 -30.10 12.68 -39.95
CA PHE E 449 -28.66 12.78 -39.79
C PHE E 449 -28.15 14.21 -39.82
N ASP E 450 -29.01 15.17 -40.14
CA ASP E 450 -28.63 16.57 -40.17
C ASP E 450 -28.83 17.27 -38.84
N ASP E 451 -29.46 16.59 -37.88
CA ASP E 451 -29.56 17.08 -36.51
C ASP E 451 -28.32 16.73 -35.69
N ILE E 452 -27.38 16.00 -36.27
CA ILE E 452 -26.12 15.69 -35.61
C ILE E 452 -25.05 16.60 -36.18
N GLY E 453 -24.41 17.37 -35.31
CA GLY E 453 -23.35 18.28 -35.71
C GLY E 453 -21.99 17.77 -35.26
N GLY E 454 -21.00 17.95 -36.10
CA GLY E 454 -19.62 17.71 -35.73
C GLY E 454 -19.09 16.31 -35.98
N LEU E 455 -19.93 15.37 -36.42
CA LEU E 455 -19.49 14.01 -36.68
C LEU E 455 -19.95 13.64 -38.08
N ASP E 456 -19.22 14.09 -39.10
CA ASP E 456 -19.63 13.84 -40.47
C ASP E 456 -18.90 12.68 -41.08
N ASN E 457 -17.65 12.48 -40.68
CA ASN E 457 -16.88 11.31 -41.08
C ASN E 457 -17.54 10.04 -40.58
N TYR E 458 -18.07 10.04 -39.36
CA TYR E 458 -18.66 8.81 -38.82
C TYR E 458 -20.01 8.53 -39.44
N ILE E 459 -20.77 9.56 -39.77
CA ILE E 459 -22.03 9.37 -40.49
C ILE E 459 -21.76 8.81 -41.86
N ASP E 460 -20.71 9.31 -42.54
CA ASP E 460 -20.38 8.77 -43.86
C ASP E 460 -19.86 7.33 -43.78
N GLN E 461 -19.12 7.01 -42.72
CA GLN E 461 -18.62 5.64 -42.56
C GLN E 461 -19.74 4.66 -42.22
N LEU E 462 -20.71 5.08 -41.40
CA LEU E 462 -21.87 4.24 -41.11
C LEU E 462 -22.71 4.01 -42.35
N LYS E 463 -22.90 5.05 -43.16
CA LYS E 463 -23.66 4.91 -44.40
C LYS E 463 -22.96 3.99 -45.37
N GLU E 464 -21.63 4.08 -45.43
CA GLU E 464 -20.82 3.18 -46.25
C GLU E 464 -21.00 1.74 -45.84
N MET E 465 -20.86 1.45 -44.55
CA MET E 465 -20.87 0.05 -44.15
C MET E 465 -22.28 -0.50 -44.03
N VAL E 466 -23.33 0.33 -44.14
CA VAL E 466 -24.67 -0.24 -44.25
C VAL E 466 -25.17 -0.32 -45.68
N ALA E 467 -24.54 0.37 -46.64
CA ALA E 467 -25.02 0.35 -48.02
C ALA E 467 -24.08 -0.32 -49.01
N LEU E 468 -22.79 0.00 -48.98
CA LEU E 468 -21.81 -0.46 -49.98
C LEU E 468 -21.58 -1.97 -50.06
N PRO E 469 -21.53 -2.77 -48.98
CA PRO E 469 -21.44 -4.23 -49.18
C PRO E 469 -22.69 -4.87 -49.78
N LEU E 470 -23.82 -4.15 -49.81
CA LEU E 470 -25.05 -4.71 -50.34
C LEU E 470 -25.13 -4.59 -51.85
N LEU E 471 -24.54 -3.54 -52.42
CA LEU E 471 -24.59 -3.24 -53.84
C LEU E 471 -23.38 -3.73 -54.62
N TYR E 472 -22.18 -3.53 -54.09
CA TYR E 472 -20.94 -3.81 -54.82
C TYR E 472 -20.08 -4.81 -54.05
N PRO E 473 -20.45 -6.10 -54.04
CA PRO E 473 -19.60 -7.08 -53.35
C PRO E 473 -18.35 -7.45 -54.11
N GLU E 474 -18.28 -7.13 -55.40
CA GLU E 474 -17.12 -7.47 -56.21
C GLU E 474 -15.90 -6.65 -55.83
N LEU E 475 -16.11 -5.44 -55.28
CA LEU E 475 -14.99 -4.63 -54.83
C LEU E 475 -14.38 -5.20 -53.57
N TYR E 476 -15.18 -5.87 -52.74
CA TYR E 476 -14.68 -6.58 -51.57
C TYR E 476 -14.12 -7.94 -51.92
N GLN E 477 -14.28 -8.39 -53.16
CA GLN E 477 -13.66 -9.62 -53.64
C GLN E 477 -12.42 -9.35 -54.48
N ASN E 478 -12.40 -8.23 -55.22
CA ASN E 478 -11.23 -7.86 -56.02
C ASN E 478 -10.00 -7.68 -55.14
N PHE E 479 -10.07 -6.79 -54.17
CA PHE E 479 -9.21 -6.89 -53.00
C PHE E 479 -9.80 -8.01 -52.14
N ASN E 480 -8.92 -8.86 -51.61
CA ASN E 480 -9.34 -10.01 -50.76
C ASN E 480 -9.58 -9.52 -49.33
N ILE E 481 -10.65 -8.76 -49.12
CA ILE E 481 -10.97 -8.21 -47.76
C ILE E 481 -12.44 -8.49 -47.44
N THR E 482 -12.78 -8.49 -46.15
CA THR E 482 -14.18 -8.71 -45.68
C THR E 482 -14.68 -7.36 -45.16
N PRO E 483 -15.89 -6.89 -45.56
CA PRO E 483 -16.39 -5.60 -45.09
C PRO E 483 -16.56 -5.63 -43.57
N PRO E 484 -16.19 -4.56 -42.83
CA PRO E 484 -16.34 -4.56 -41.37
C PRO E 484 -17.82 -4.66 -41.01
N ARG E 485 -18.16 -5.55 -40.07
CA ARG E 485 -19.56 -5.75 -39.62
C ARG E 485 -19.70 -5.31 -38.16
N GLY E 486 -18.67 -4.67 -37.60
CA GLY E 486 -18.74 -4.25 -36.18
C GLY E 486 -18.14 -2.87 -35.93
N VAL E 487 -18.88 -2.04 -35.19
CA VAL E 487 -18.46 -0.71 -34.80
C VAL E 487 -18.61 -0.59 -33.30
N LEU E 488 -17.64 0.04 -32.65
CA LEU E 488 -17.75 0.41 -31.26
C LEU E 488 -17.75 1.93 -31.18
N PHE E 489 -18.85 2.51 -30.73
CA PHE E 489 -18.90 3.95 -30.44
C PHE E 489 -18.31 4.18 -29.07
N HIS E 490 -17.38 5.10 -28.94
CA HIS E 490 -16.88 5.40 -27.61
C HIS E 490 -16.48 6.87 -27.52
N GLY E 491 -16.74 7.46 -26.36
CA GLY E 491 -16.39 8.83 -26.10
C GLY E 491 -16.95 9.29 -24.77
N PRO E 492 -16.75 10.56 -24.44
CA PRO E 492 -17.27 11.12 -23.19
C PRO E 492 -18.79 11.17 -23.19
N PRO E 493 -19.41 11.31 -22.02
CA PRO E 493 -20.88 11.39 -21.95
C PRO E 493 -21.46 12.59 -22.68
N GLY E 494 -22.53 12.34 -23.42
CA GLY E 494 -23.27 13.39 -24.08
C GLY E 494 -22.69 13.87 -25.37
N THR E 495 -21.96 13.02 -26.08
CA THR E 495 -21.18 13.43 -27.24
C THR E 495 -21.72 12.93 -28.56
N GLY E 496 -22.77 12.10 -28.56
CA GLY E 496 -23.45 11.80 -29.80
C GLY E 496 -23.69 10.33 -30.13
N LYS E 497 -23.43 9.41 -29.20
CA LYS E 497 -23.42 8.00 -29.54
C LYS E 497 -24.83 7.42 -29.65
N THR E 498 -25.66 7.61 -28.63
CA THR E 498 -27.05 7.19 -28.71
C THR E 498 -27.82 8.05 -29.69
N LEU E 499 -27.36 9.29 -29.93
CA LEU E 499 -27.98 10.12 -30.94
C LEU E 499 -27.71 9.57 -32.34
N MET E 500 -26.48 9.14 -32.61
CA MET E 500 -26.20 8.57 -33.92
C MET E 500 -26.83 7.20 -34.09
N ALA E 501 -26.94 6.43 -33.02
CA ALA E 501 -27.67 5.17 -33.10
C ALA E 501 -29.16 5.41 -33.34
N ARG E 502 -29.73 6.45 -32.74
CA ARG E 502 -31.13 6.80 -32.98
C ARG E 502 -31.35 7.30 -34.40
N ALA E 503 -30.42 8.08 -34.92
CA ALA E 503 -30.52 8.56 -36.29
C ALA E 503 -30.37 7.44 -37.28
N LEU E 504 -29.50 6.46 -37.00
CA LEU E 504 -29.37 5.29 -37.85
C LEU E 504 -30.60 4.40 -37.74
N ALA E 505 -31.21 4.32 -36.57
CA ALA E 505 -32.42 3.55 -36.41
C ALA E 505 -33.59 4.19 -37.12
N ALA E 506 -33.58 5.50 -37.26
CA ALA E 506 -34.60 6.16 -38.08
C ALA E 506 -34.29 6.03 -39.56
N SER E 507 -33.01 6.01 -39.94
CA SER E 507 -32.63 5.84 -41.33
C SER E 507 -32.87 4.40 -41.83
N CYS E 508 -32.83 3.43 -40.92
CA CYS E 508 -33.14 2.05 -41.24
C CYS E 508 -34.58 1.86 -41.67
N SER E 509 -35.49 2.73 -41.22
CA SER E 509 -36.92 2.54 -41.42
C SER E 509 -37.52 3.64 -42.28
N SER E 510 -36.86 4.01 -43.39
CA SER E 510 -37.43 5.00 -44.29
C SER E 510 -37.39 4.63 -45.76
N ASP E 511 -36.38 3.90 -46.23
CA ASP E 511 -36.04 3.87 -47.64
C ASP E 511 -36.71 2.68 -48.34
N GLU E 512 -36.39 2.51 -49.63
CA GLU E 512 -37.05 1.50 -50.44
C GLU E 512 -36.59 0.10 -50.07
N ARG E 513 -35.38 -0.02 -49.54
CA ARG E 513 -34.95 -1.28 -48.93
C ARG E 513 -34.83 -1.08 -47.42
N LYS E 514 -35.21 -2.09 -46.67
CA LYS E 514 -35.43 -1.94 -45.24
C LYS E 514 -34.34 -2.67 -44.46
N ILE E 515 -33.62 -1.94 -43.62
CA ILE E 515 -32.67 -2.53 -42.68
C ILE E 515 -33.38 -2.68 -41.34
N THR E 516 -33.19 -3.81 -40.68
CA THR E 516 -33.90 -4.07 -39.43
C THR E 516 -33.00 -3.72 -38.25
N PHE E 517 -33.47 -2.83 -37.40
CA PHE E 517 -32.73 -2.43 -36.21
C PHE E 517 -33.15 -3.27 -35.03
N PHE E 518 -32.18 -3.88 -34.36
CA PHE E 518 -32.38 -4.69 -33.16
C PHE E 518 -31.69 -3.99 -32.00
N MET E 519 -32.48 -3.49 -31.06
CA MET E 519 -31.96 -2.73 -29.93
C MET E 519 -31.93 -3.62 -28.70
N ARG E 520 -30.77 -3.69 -28.05
CA ARG E 520 -30.64 -4.50 -26.84
C ARG E 520 -29.89 -3.74 -25.76
N LYS E 521 -30.01 -4.27 -24.54
CA LYS E 521 -29.24 -3.83 -23.39
C LYS E 521 -29.13 -5.03 -22.44
N GLY E 522 -28.47 -4.82 -21.29
CA GLY E 522 -28.19 -5.92 -20.38
C GLY E 522 -29.40 -6.48 -19.65
N ALA E 523 -30.50 -5.74 -19.60
CA ALA E 523 -31.66 -6.20 -18.86
C ALA E 523 -32.40 -7.33 -19.57
N ASP E 524 -32.66 -7.17 -20.87
CA ASP E 524 -33.40 -8.18 -21.61
C ASP E 524 -32.50 -9.25 -22.21
N ILE E 525 -31.33 -9.48 -21.63
CA ILE E 525 -30.48 -10.64 -21.92
C ILE E 525 -30.23 -11.46 -20.67
N LEU E 526 -29.83 -10.82 -19.58
CA LEU E 526 -29.50 -11.49 -18.32
C LEU E 526 -30.71 -12.20 -17.73
N SER E 527 -30.54 -13.49 -17.46
CA SER E 527 -31.63 -14.30 -16.94
C SER E 527 -31.14 -15.01 -15.69
N LYS E 528 -32.08 -15.49 -14.89
CA LYS E 528 -31.70 -16.16 -13.66
C LYS E 528 -31.62 -17.67 -13.79
N TRP E 529 -31.88 -18.22 -14.98
CA TRP E 529 -31.81 -19.65 -15.24
C TRP E 529 -30.49 -20.00 -15.94
N VAL E 530 -30.05 -21.24 -15.73
CA VAL E 530 -28.82 -21.72 -16.36
C VAL E 530 -29.03 -21.84 -17.85
N GLY E 531 -28.16 -21.18 -18.62
CA GLY E 531 -28.23 -21.29 -20.06
C GLY E 531 -29.33 -20.54 -20.74
N GLU E 532 -29.88 -19.49 -20.11
CA GLU E 532 -30.94 -18.73 -20.75
C GLU E 532 -30.48 -17.36 -21.26
N ALA E 533 -29.43 -16.79 -20.66
CA ALA E 533 -28.87 -15.55 -21.20
C ALA E 533 -28.22 -15.79 -22.56
N GLU E 534 -27.40 -16.83 -22.66
CA GLU E 534 -26.72 -17.17 -23.90
C GLU E 534 -27.71 -17.60 -24.97
N ARG E 535 -28.79 -18.27 -24.57
CA ARG E 535 -29.86 -18.61 -25.50
C ARG E 535 -30.54 -17.36 -26.04
N GLN E 536 -30.70 -16.32 -25.22
CA GLN E 536 -31.32 -15.09 -25.68
C GLN E 536 -30.40 -14.34 -26.65
N LEU E 537 -29.09 -14.39 -26.41
CA LEU E 537 -28.14 -13.86 -27.36
C LEU E 537 -28.18 -14.60 -28.69
N ARG E 538 -28.28 -15.92 -28.65
CA ARG E 538 -28.34 -16.70 -29.87
C ARG E 538 -29.64 -16.48 -30.62
N LEU E 539 -30.75 -16.32 -29.92
CA LEU E 539 -32.01 -15.99 -30.58
C LEU E 539 -31.98 -14.62 -31.21
N LEU E 540 -31.25 -13.67 -30.59
CA LEU E 540 -31.07 -12.36 -31.20
C LEU E 540 -30.27 -12.45 -32.50
N PHE E 541 -29.14 -13.15 -32.48
CA PHE E 541 -28.32 -13.23 -33.68
C PHE E 541 -28.99 -14.06 -34.78
N GLU E 542 -29.72 -15.11 -34.43
CA GLU E 542 -30.44 -15.88 -35.44
C GLU E 542 -31.59 -15.09 -36.03
N GLU E 543 -32.31 -14.32 -35.20
CA GLU E 543 -33.40 -13.52 -35.71
C GLU E 543 -32.91 -12.36 -36.57
N ALA E 544 -31.70 -11.86 -36.28
CA ALA E 544 -31.13 -10.83 -37.13
C ALA E 544 -30.62 -11.38 -38.45
N LYS E 545 -30.12 -12.61 -38.45
CA LYS E 545 -29.76 -13.27 -39.70
C LYS E 545 -30.98 -13.56 -40.55
N LYS E 546 -32.12 -13.88 -39.91
CA LYS E 546 -33.35 -14.13 -40.65
C LYS E 546 -33.84 -12.87 -41.37
N HIS E 547 -33.80 -11.72 -40.69
CA HIS E 547 -34.08 -10.44 -41.32
C HIS E 547 -32.75 -9.83 -41.75
N GLN E 548 -32.21 -10.35 -42.85
CA GLN E 548 -30.77 -10.36 -43.07
C GLN E 548 -30.09 -9.00 -43.22
N PRO E 549 -30.64 -7.97 -43.92
CA PRO E 549 -30.02 -6.65 -43.78
C PRO E 549 -30.35 -6.07 -42.43
N SER E 550 -29.39 -6.03 -41.51
CA SER E 550 -29.74 -5.85 -40.11
C SER E 550 -28.66 -5.12 -39.33
N ILE E 551 -29.09 -4.31 -38.37
CA ILE E 551 -28.22 -3.69 -37.39
C ILE E 551 -28.58 -4.30 -36.04
N ILE E 552 -27.58 -4.56 -35.21
CA ILE E 552 -27.78 -4.93 -33.82
C ILE E 552 -27.03 -3.91 -32.98
N PHE E 553 -27.75 -3.21 -32.11
CA PHE E 553 -27.15 -2.15 -31.31
C PHE E 553 -27.17 -2.56 -29.85
N PHE E 554 -25.99 -2.71 -29.26
CA PHE E 554 -25.80 -2.97 -27.83
C PHE E 554 -25.39 -1.66 -27.18
N ASP E 555 -26.25 -1.09 -26.36
CA ASP E 555 -25.94 0.14 -25.66
C ASP E 555 -25.44 -0.17 -24.24
N GLU E 556 -24.49 0.64 -23.77
CA GLU E 556 -23.71 0.40 -22.55
C GLU E 556 -23.13 -1.02 -22.54
N ILE E 557 -22.38 -1.33 -23.59
CA ILE E 557 -21.90 -2.68 -23.85
C ILE E 557 -20.86 -3.15 -22.85
N ASP E 558 -20.25 -2.25 -22.07
CA ASP E 558 -19.38 -2.69 -21.00
C ASP E 558 -20.14 -3.35 -19.86
N GLY E 559 -21.42 -3.03 -19.72
CA GLY E 559 -22.26 -3.69 -18.74
C GLY E 559 -22.70 -5.03 -19.25
N LEU E 560 -22.93 -5.15 -20.56
CA LEU E 560 -23.27 -6.45 -21.12
C LEU E 560 -22.03 -7.33 -21.25
N ALA E 561 -20.92 -6.75 -21.68
CA ALA E 561 -19.70 -7.51 -21.95
C ALA E 561 -18.49 -6.93 -21.22
N PRO E 562 -18.37 -7.15 -19.92
CA PRO E 562 -17.22 -6.65 -19.18
C PRO E 562 -15.96 -7.47 -19.48
N VAL E 563 -14.83 -6.97 -18.98
CA VAL E 563 -13.59 -7.72 -19.06
C VAL E 563 -13.71 -8.98 -18.23
N ARG E 564 -13.36 -10.12 -18.82
CA ARG E 564 -13.55 -11.40 -18.18
C ARG E 564 -12.62 -11.54 -17.00
N SER E 565 -13.17 -11.96 -15.86
CA SER E 565 -12.45 -12.03 -14.60
C SER E 565 -12.89 -13.30 -13.88
N SER E 566 -11.96 -13.94 -13.20
CA SER E 566 -12.29 -15.09 -12.38
C SER E 566 -12.85 -14.71 -11.02
N LYS E 567 -12.70 -13.44 -10.61
CA LYS E 567 -13.30 -12.92 -9.40
C LYS E 567 -14.71 -12.38 -9.63
N GLN E 568 -15.34 -12.71 -10.74
CA GLN E 568 -16.73 -12.36 -11.00
C GLN E 568 -17.53 -13.63 -11.16
N GLU E 569 -18.85 -13.50 -11.20
CA GLU E 569 -19.76 -14.58 -11.52
C GLU E 569 -19.50 -15.08 -12.95
N GLN E 570 -19.82 -16.34 -13.18
CA GLN E 570 -19.51 -16.99 -14.45
C GLN E 570 -20.43 -16.54 -15.58
N ILE E 571 -21.55 -15.90 -15.25
CA ILE E 571 -22.52 -15.49 -16.27
C ILE E 571 -21.93 -14.39 -17.16
N HIS E 572 -21.09 -13.54 -16.63
CA HIS E 572 -20.54 -12.44 -17.43
C HIS E 572 -19.47 -12.94 -18.39
N ALA E 573 -18.61 -13.84 -17.93
CA ALA E 573 -17.63 -14.44 -18.82
C ALA E 573 -18.30 -15.38 -19.82
N SER E 574 -19.40 -16.00 -19.43
CA SER E 574 -20.17 -16.83 -20.33
C SER E 574 -20.85 -16.01 -21.41
N ILE E 575 -21.31 -14.81 -21.07
CA ILE E 575 -21.95 -13.94 -22.05
C ILE E 575 -20.91 -13.39 -23.01
N VAL E 576 -19.72 -13.05 -22.51
CA VAL E 576 -18.64 -12.59 -23.38
C VAL E 576 -18.20 -13.70 -24.33
N SER E 577 -18.10 -14.95 -23.85
CA SER E 577 -17.71 -16.07 -24.71
C SER E 577 -18.78 -16.37 -25.77
N THR E 578 -20.05 -16.33 -25.39
CA THR E 578 -21.13 -16.56 -26.36
C THR E 578 -21.17 -15.45 -27.40
N LEU E 579 -20.89 -14.22 -26.99
CA LEU E 579 -20.86 -13.11 -27.94
C LEU E 579 -19.70 -13.23 -28.90
N LEU E 580 -18.53 -13.63 -28.39
CA LEU E 580 -17.36 -13.84 -29.25
C LEU E 580 -17.62 -14.92 -30.28
N ALA E 581 -18.25 -16.02 -29.86
CA ALA E 581 -18.58 -17.11 -30.79
C ALA E 581 -19.59 -16.67 -31.83
N LEU E 582 -20.64 -15.96 -31.42
CA LEU E 582 -21.68 -15.54 -32.36
C LEU E 582 -21.17 -14.50 -33.34
N MET E 583 -20.27 -13.63 -32.91
CA MET E 583 -19.65 -12.70 -33.83
C MET E 583 -18.70 -13.39 -34.78
N ASP E 584 -17.95 -14.39 -34.30
CA ASP E 584 -17.05 -15.11 -35.18
C ASP E 584 -17.78 -16.02 -36.15
N GLY E 585 -19.05 -16.32 -35.90
CA GLY E 585 -19.83 -17.07 -36.87
C GLY E 585 -20.99 -16.34 -37.52
N MET E 586 -20.80 -15.09 -37.92
CA MET E 586 -21.85 -14.31 -38.58
C MET E 586 -21.90 -14.65 -40.07
N ASP E 587 -22.66 -13.85 -40.84
CA ASP E 587 -22.95 -14.16 -42.24
C ASP E 587 -21.75 -14.04 -43.18
N ASN E 588 -20.74 -13.24 -42.82
CA ASN E 588 -19.52 -12.98 -43.60
C ASN E 588 -19.83 -12.35 -44.96
N ARG E 589 -20.85 -11.49 -45.02
CA ARG E 589 -21.11 -10.71 -46.23
C ARG E 589 -21.44 -9.26 -45.95
N GLY E 590 -21.39 -8.82 -44.70
CA GLY E 590 -21.82 -7.47 -44.36
C GLY E 590 -23.30 -7.32 -44.18
N GLN E 591 -24.00 -8.38 -43.81
CA GLN E 591 -25.45 -8.32 -43.68
C GLN E 591 -25.87 -7.91 -42.28
N VAL E 592 -25.25 -8.48 -41.26
CA VAL E 592 -25.55 -8.14 -39.87
C VAL E 592 -24.43 -7.24 -39.38
N ILE E 593 -24.78 -6.00 -39.08
CA ILE E 593 -23.86 -5.03 -38.50
C ILE E 593 -24.12 -4.99 -37.02
N VAL E 594 -23.07 -5.01 -36.22
CA VAL E 594 -23.20 -4.95 -34.77
C VAL E 594 -22.55 -3.68 -34.27
N ILE E 595 -23.36 -2.78 -33.70
CA ILE E 595 -22.89 -1.47 -33.19
C ILE E 595 -23.01 -1.45 -31.65
N GLY E 596 -21.94 -1.07 -30.97
CA GLY E 596 -21.94 -0.99 -29.49
C GLY E 596 -21.37 0.31 -28.97
N ALA E 597 -22.04 0.94 -28.01
CA ALA E 597 -21.53 2.19 -27.37
C ALA E 597 -21.18 1.85 -25.92
N THR E 598 -19.93 2.08 -25.50
CA THR E 598 -19.51 1.67 -24.13
C THR E 598 -19.30 2.84 -23.19
N ASN E 599 -19.16 4.07 -23.72
CA ASN E 599 -18.87 5.29 -22.94
C ASN E 599 -17.46 5.15 -22.35
N ARG E 600 -17.10 3.94 -21.92
CA ARG E 600 -15.71 3.67 -21.43
C ARG E 600 -15.18 2.45 -22.19
N PRO E 601 -14.22 2.62 -23.12
CA PRO E 601 -13.67 1.51 -23.92
C PRO E 601 -12.88 0.43 -23.15
N ASP E 602 -12.12 0.84 -22.13
CA ASP E 602 -11.25 -0.08 -21.34
C ASP E 602 -12.07 -1.17 -20.65
N ALA E 603 -13.28 -0.85 -20.19
CA ALA E 603 -14.14 -1.83 -19.49
C ALA E 603 -14.46 -3.04 -20.39
N VAL E 604 -14.70 -2.81 -21.68
CA VAL E 604 -15.05 -3.94 -22.61
C VAL E 604 -13.87 -4.91 -22.77
N ASP E 605 -14.18 -6.19 -23.01
CA ASP E 605 -13.18 -7.25 -23.14
C ASP E 605 -12.30 -7.00 -24.36
N PRO E 606 -10.98 -7.15 -24.21
CA PRO E 606 -10.08 -6.93 -25.35
C PRO E 606 -10.25 -7.91 -26.49
N ALA E 607 -10.85 -9.08 -26.23
CA ALA E 607 -11.15 -10.01 -27.31
C ALA E 607 -12.26 -9.51 -28.20
N LEU E 608 -13.18 -8.70 -27.69
CA LEU E 608 -14.22 -8.15 -28.54
C LEU E 608 -13.74 -6.94 -29.33
N ARG E 609 -12.74 -6.23 -28.82
CA ARG E 609 -12.23 -5.05 -29.49
C ARG E 609 -11.12 -5.34 -30.47
N ARG E 610 -10.94 -6.57 -30.87
CA ARG E 610 -9.92 -6.84 -31.87
C ARG E 610 -10.58 -6.97 -33.25
N PRO E 611 -9.86 -6.63 -34.33
CA PRO E 611 -10.44 -6.71 -35.68
C PRO E 611 -10.85 -8.12 -36.05
N GLY E 612 -12.10 -8.23 -36.52
CA GLY E 612 -12.81 -9.48 -36.63
C GLY E 612 -14.12 -9.48 -35.89
N ARG E 613 -14.18 -8.82 -34.74
CA ARG E 613 -15.39 -8.76 -33.92
C ARG E 613 -16.01 -7.37 -33.92
N PHE E 614 -15.30 -6.38 -33.39
CA PHE E 614 -15.66 -4.96 -33.53
C PHE E 614 -14.50 -4.37 -34.30
N ASP E 615 -14.65 -4.25 -35.61
CA ASP E 615 -13.55 -3.83 -36.46
C ASP E 615 -13.21 -2.36 -36.26
N ARG E 616 -14.21 -1.49 -36.27
CA ARG E 616 -13.99 -0.07 -36.20
C ARG E 616 -14.30 0.45 -34.81
N GLU E 617 -13.58 1.46 -34.38
CA GLU E 617 -13.84 2.16 -33.14
C GLU E 617 -13.97 3.64 -33.44
N PHE E 618 -15.20 4.14 -33.36
CA PHE E 618 -15.50 5.55 -33.61
C PHE E 618 -15.36 6.31 -32.31
N TYR E 619 -14.40 7.22 -32.24
CA TYR E 619 -14.25 8.06 -31.08
C TYR E 619 -15.04 9.35 -31.26
N PHE E 620 -16.05 9.53 -30.43
CA PHE E 620 -16.94 10.68 -30.43
C PHE E 620 -16.38 11.67 -29.44
N PRO E 621 -15.63 12.67 -29.86
CA PRO E 621 -14.95 13.54 -28.91
C PRO E 621 -15.88 14.63 -28.39
N LEU E 622 -15.41 15.34 -27.38
CA LEU E 622 -16.05 16.59 -27.02
C LEU E 622 -15.84 17.57 -28.16
N PRO E 623 -16.88 18.30 -28.58
CA PRO E 623 -16.78 19.09 -29.81
C PRO E 623 -15.87 20.29 -29.65
N ASP E 624 -15.12 20.58 -30.70
CA ASP E 624 -14.34 21.81 -30.78
C ASP E 624 -15.23 22.93 -31.34
N VAL E 625 -14.62 24.06 -31.67
CA VAL E 625 -15.36 25.31 -31.80
C VAL E 625 -16.24 25.33 -33.04
N LYS E 626 -15.77 24.76 -34.16
CA LYS E 626 -16.62 24.65 -35.35
C LYS E 626 -17.74 23.65 -35.12
N ALA E 627 -17.44 22.57 -34.42
CA ALA E 627 -18.46 21.58 -34.08
C ALA E 627 -19.44 22.13 -33.06
N ARG E 628 -18.98 22.92 -32.09
CA ARG E 628 -19.89 23.52 -31.13
C ARG E 628 -20.75 24.59 -31.78
N PHE E 629 -20.19 25.32 -32.73
CA PHE E 629 -20.96 26.28 -33.52
C PHE E 629 -22.06 25.58 -34.29
N LYS E 630 -21.73 24.47 -34.96
CA LYS E 630 -22.71 23.74 -35.75
C LYS E 630 -23.79 23.13 -34.87
N ILE E 631 -23.42 22.63 -33.68
CA ILE E 631 -24.38 22.04 -32.75
C ILE E 631 -25.34 23.11 -32.22
N LEU E 632 -24.81 24.26 -31.78
CA LEU E 632 -25.65 25.36 -31.31
C LEU E 632 -26.55 25.90 -32.39
N GLN E 633 -26.08 25.91 -33.63
CA GLN E 633 -26.89 26.32 -34.76
C GLN E 633 -28.00 25.33 -35.06
N ILE E 634 -27.73 24.03 -34.87
CA ILE E 634 -28.79 23.02 -34.96
C ILE E 634 -29.85 23.23 -33.88
N GLN E 635 -29.42 23.56 -32.65
CA GLN E 635 -30.37 23.77 -31.56
C GLN E 635 -31.23 25.01 -31.80
N THR E 636 -30.62 26.10 -32.28
CA THR E 636 -31.31 27.35 -32.48
C THR E 636 -31.73 27.49 -33.94
N ARG E 637 -32.49 26.51 -34.40
CA ARG E 637 -32.86 26.39 -35.80
C ARG E 637 -34.35 26.60 -36.03
N LYS E 638 -35.20 26.00 -35.21
CA LYS E 638 -36.63 26.22 -35.27
C LYS E 638 -37.09 27.38 -34.40
N TRP E 639 -36.17 28.16 -33.87
CA TRP E 639 -36.54 29.34 -33.08
C TRP E 639 -37.03 30.44 -33.99
N SER E 640 -38.09 31.13 -33.55
CA SER E 640 -38.80 32.05 -34.44
C SER E 640 -37.98 33.32 -34.65
N SER E 641 -37.58 33.98 -33.57
CA SER E 641 -36.62 35.06 -33.65
C SER E 641 -35.24 34.43 -33.61
N PRO E 642 -34.52 34.36 -34.73
CA PRO E 642 -33.30 33.55 -34.79
C PRO E 642 -32.15 34.24 -34.08
N LEU E 643 -31.07 33.47 -33.92
CA LEU E 643 -29.81 33.98 -33.42
C LEU E 643 -28.92 34.35 -34.60
N SER E 644 -27.99 35.26 -34.38
CA SER E 644 -27.11 35.66 -35.46
C SER E 644 -26.01 34.63 -35.65
N THR E 645 -25.05 34.98 -36.50
CA THR E 645 -23.89 34.10 -36.67
C THR E 645 -22.74 34.56 -35.79
N ASN E 646 -22.60 35.88 -35.60
CA ASN E 646 -21.54 36.40 -34.76
C ASN E 646 -21.78 36.08 -33.28
N PHE E 647 -23.05 36.01 -32.87
CA PHE E 647 -23.33 35.65 -31.49
C PHE E 647 -23.11 34.17 -31.25
N ILE E 648 -23.45 33.31 -32.21
CA ILE E 648 -23.15 31.90 -32.03
C ILE E 648 -21.64 31.65 -32.17
N ASP E 649 -20.93 32.52 -32.89
CA ASP E 649 -19.47 32.49 -32.85
C ASP E 649 -18.93 32.77 -31.46
N LYS E 650 -19.46 33.81 -30.80
CA LYS E 650 -19.07 34.08 -29.43
C LYS E 650 -19.51 32.97 -28.49
N LEU E 651 -20.68 32.40 -28.74
CA LEU E 651 -21.25 31.38 -27.87
C LEU E 651 -20.52 30.06 -27.99
N ALA E 652 -19.96 29.76 -29.16
CA ALA E 652 -19.14 28.58 -29.33
C ALA E 652 -17.70 28.84 -28.93
N PHE E 653 -17.31 30.10 -28.81
CA PHE E 653 -16.00 30.43 -28.27
C PHE E 653 -15.93 30.22 -26.76
N LEU E 654 -17.04 30.40 -26.05
CA LEU E 654 -17.05 30.39 -24.60
C LEU E 654 -17.44 29.06 -23.98
N THR E 655 -17.90 28.10 -24.76
CA THR E 655 -18.46 26.87 -24.22
C THR E 655 -17.52 25.69 -24.40
N LYS E 656 -16.21 25.91 -24.28
CA LYS E 656 -15.25 24.82 -24.41
C LYS E 656 -15.38 23.85 -23.23
N GLY E 657 -15.42 22.55 -23.53
CA GLY E 657 -15.69 21.55 -22.52
C GLY E 657 -17.12 21.07 -22.51
N TYR E 658 -17.98 21.66 -23.33
CA TYR E 658 -19.37 21.25 -23.41
C TYR E 658 -19.50 20.08 -24.37
N GLY E 659 -20.34 19.13 -24.01
CA GLY E 659 -20.81 18.14 -24.96
C GLY E 659 -21.97 18.71 -25.74
N GLY E 660 -22.55 17.86 -26.57
CA GLY E 660 -23.77 18.26 -27.25
C GLY E 660 -24.94 18.35 -26.31
N ALA E 661 -24.94 17.53 -25.25
CA ALA E 661 -25.97 17.58 -24.23
C ALA E 661 -25.87 18.87 -23.42
N ASP E 662 -24.65 19.33 -23.17
CA ASP E 662 -24.47 20.56 -22.41
C ASP E 662 -24.88 21.78 -23.23
N LEU E 663 -24.62 21.77 -24.54
CA LEU E 663 -25.07 22.87 -25.39
C LEU E 663 -26.59 22.87 -25.56
N ARG E 664 -27.21 21.68 -25.65
CA ARG E 664 -28.66 21.62 -25.72
C ARG E 664 -29.29 22.11 -24.42
N SER E 665 -28.66 21.78 -23.29
CA SER E 665 -29.09 22.34 -22.01
C SER E 665 -28.86 23.84 -21.91
N LEU E 666 -27.83 24.36 -22.57
CA LEU E 666 -27.62 25.81 -22.58
C LEU E 666 -28.73 26.53 -23.31
N CYS E 667 -29.14 26.00 -24.47
CA CYS E 667 -30.30 26.58 -25.14
C CYS E 667 -31.60 26.38 -24.35
N THR E 668 -31.73 25.28 -23.62
CA THR E 668 -32.94 25.03 -22.85
C THR E 668 -33.06 25.99 -21.66
N GLU E 669 -31.99 26.19 -20.90
CA GLU E 669 -32.09 27.09 -19.77
C GLU E 669 -32.07 28.55 -20.21
N ALA E 670 -31.45 28.88 -21.35
CA ALA E 670 -31.60 30.21 -21.93
C ALA E 670 -33.04 30.50 -22.31
N ALA E 671 -33.71 29.52 -22.92
CA ALA E 671 -35.11 29.71 -23.30
C ALA E 671 -36.01 29.81 -22.09
N LEU E 672 -35.71 29.04 -21.03
CA LEU E 672 -36.57 29.08 -19.86
C LEU E 672 -36.34 30.34 -19.02
N ILE E 673 -35.12 30.90 -19.04
CA ILE E 673 -34.89 32.21 -18.44
C ILE E 673 -35.66 33.28 -19.20
N SER E 674 -35.70 33.17 -20.53
CA SER E 674 -36.50 34.09 -21.34
C SER E 674 -37.99 34.00 -21.01
N ILE E 675 -38.51 32.78 -20.84
CA ILE E 675 -39.91 32.61 -20.45
C ILE E 675 -40.14 33.16 -19.06
N GLN E 676 -39.15 33.05 -18.18
CA GLN E 676 -39.26 33.49 -16.79
C GLN E 676 -39.35 35.00 -16.70
N ARG E 677 -38.51 35.71 -17.45
CA ARG E 677 -38.57 37.16 -17.34
C ARG E 677 -39.62 37.77 -18.26
N SER E 678 -39.99 37.10 -19.35
CA SER E 678 -41.06 37.63 -20.19
C SER E 678 -42.42 37.52 -19.51
N PHE E 679 -42.67 36.41 -18.83
CA PHE E 679 -43.97 36.13 -18.21
C PHE E 679 -43.81 35.47 -16.85
N PRO E 680 -43.43 36.22 -15.81
CA PRO E 680 -43.27 35.60 -14.50
C PRO E 680 -44.57 35.39 -13.74
N GLN E 681 -45.73 35.69 -14.31
CA GLN E 681 -46.98 35.39 -13.65
C GLN E 681 -47.39 33.94 -13.82
N ILE E 682 -46.66 33.18 -14.64
CA ILE E 682 -46.91 31.76 -14.81
C ILE E 682 -46.61 31.01 -13.52
N TYR E 683 -45.55 31.42 -12.83
CA TYR E 683 -44.93 30.64 -11.78
C TYR E 683 -45.58 30.80 -10.41
N ARG E 684 -46.63 31.61 -10.29
CA ARG E 684 -47.36 31.74 -9.04
C ARG E 684 -48.86 31.54 -9.26
N SER E 685 -49.21 30.77 -10.28
CA SER E 685 -50.59 30.57 -10.69
C SER E 685 -50.85 29.09 -10.88
N ASN E 686 -51.87 28.57 -10.19
CA ASN E 686 -52.19 27.15 -10.24
C ASN E 686 -53.09 26.78 -11.41
N ASP E 687 -53.50 27.74 -12.23
CA ASP E 687 -54.26 27.44 -13.43
C ASP E 687 -53.78 28.31 -14.58
N LYS E 688 -54.14 27.90 -15.79
CA LYS E 688 -53.44 28.35 -16.98
C LYS E 688 -53.87 29.75 -17.39
N LEU E 689 -53.02 30.73 -17.14
CA LEU E 689 -53.17 32.07 -17.67
C LEU E 689 -52.73 32.08 -19.13
N LEU E 690 -53.43 32.85 -19.95
CA LEU E 690 -53.08 32.94 -21.35
C LEU E 690 -51.85 33.83 -21.52
N VAL E 691 -50.84 33.32 -22.21
CA VAL E 691 -49.69 34.11 -22.61
C VAL E 691 -49.65 34.15 -24.13
N ASP E 692 -48.79 35.00 -24.66
CA ASP E 692 -48.52 35.01 -26.09
C ASP E 692 -47.09 34.55 -26.31
N PRO E 693 -46.88 33.39 -26.93
CA PRO E 693 -45.51 32.91 -27.16
C PRO E 693 -44.70 33.76 -28.12
N SER E 694 -45.34 34.55 -28.98
CA SER E 694 -44.60 35.40 -29.90
C SER E 694 -44.00 36.63 -29.22
N LYS E 695 -44.41 36.93 -27.99
CA LYS E 695 -43.84 38.02 -27.21
C LYS E 695 -42.61 37.61 -26.43
N ILE E 696 -42.11 36.40 -26.63
CA ILE E 696 -40.95 35.89 -25.90
C ILE E 696 -39.81 35.74 -26.90
N LYS E 697 -38.72 36.44 -26.67
CA LYS E 697 -37.53 36.36 -27.50
C LYS E 697 -36.32 36.14 -26.61
N VAL E 698 -35.47 35.19 -27.00
CA VAL E 698 -34.34 34.81 -26.18
C VAL E 698 -33.24 35.85 -26.37
N LYS E 699 -32.88 36.53 -25.30
CA LYS E 699 -31.96 37.64 -25.41
C LYS E 699 -30.54 37.20 -25.12
N VAL E 700 -29.58 38.06 -25.48
CA VAL E 700 -28.17 37.77 -25.26
C VAL E 700 -27.86 37.74 -23.77
N SER E 701 -28.55 38.58 -23.00
CA SER E 701 -28.44 38.55 -21.55
C SER E 701 -28.96 37.26 -20.97
N ASP E 702 -29.97 36.64 -21.60
CA ASP E 702 -30.50 35.38 -21.08
C ASP E 702 -29.53 34.22 -21.31
N PHE E 703 -28.87 34.20 -22.46
CA PHE E 703 -27.82 33.22 -22.71
C PHE E 703 -26.64 33.42 -21.78
N MET E 704 -26.23 34.68 -21.55
CA MET E 704 -25.12 34.95 -20.65
C MET E 704 -25.48 34.63 -19.20
N LEU E 705 -26.76 34.71 -18.85
CA LEU E 705 -27.18 34.29 -17.52
C LEU E 705 -27.25 32.77 -17.42
N ALA E 706 -27.61 32.09 -18.52
CA ALA E 706 -27.64 30.63 -18.52
C ALA E 706 -26.25 30.03 -18.54
N LEU E 707 -25.24 30.76 -19.01
CA LEU E 707 -23.87 30.25 -18.96
C LEU E 707 -23.35 30.16 -17.53
N LYS E 708 -23.77 31.07 -16.67
CA LYS E 708 -23.34 31.04 -15.27
C LYS E 708 -23.99 29.90 -14.50
N LYS E 709 -25.20 29.50 -14.85
CA LYS E 709 -25.95 28.52 -14.07
C LYS E 709 -25.82 27.11 -14.63
N ILE E 710 -24.81 26.86 -15.46
CA ILE E 710 -24.65 25.57 -16.11
C ILE E 710 -23.21 25.12 -15.96
N VAL E 711 -23.02 23.94 -15.39
CA VAL E 711 -21.73 23.26 -15.37
C VAL E 711 -21.79 22.14 -16.40
N PRO E 712 -20.83 22.04 -17.31
CA PRO E 712 -20.83 20.91 -18.24
C PRO E 712 -20.51 19.61 -17.54
N SER E 713 -20.76 18.50 -18.24
CA SER E 713 -20.46 17.19 -17.68
C SER E 713 -18.97 16.99 -17.47
N SER E 714 -18.14 17.57 -18.32
CA SER E 714 -16.70 17.41 -18.21
C SER E 714 -16.09 18.20 -17.06
N ALA E 715 -16.84 19.09 -16.44
CA ALA E 715 -16.31 19.91 -15.35
C ALA E 715 -17.16 19.77 -14.10
N ARG E 716 -18.05 18.78 -14.08
CA ARG E 716 -19.03 18.69 -13.00
C ARG E 716 -18.41 18.12 -11.74
N SER E 717 -17.24 17.52 -11.85
CA SER E 717 -16.50 17.03 -10.69
C SER E 717 -15.03 17.42 -10.71
N THR E 718 -14.58 18.11 -11.74
CA THR E 718 -13.17 18.32 -12.02
C THR E 718 -12.89 19.82 -12.11
N GLY E 719 -11.70 20.15 -12.61
CA GLY E 719 -11.39 21.52 -12.93
C GLY E 719 -11.83 21.89 -14.34
N SER E 720 -12.33 23.12 -14.46
CA SER E 720 -12.86 23.61 -15.73
C SER E 720 -11.73 23.86 -16.73
N SER E 721 -12.13 23.93 -18.00
CA SER E 721 -11.27 24.08 -19.15
C SER E 721 -10.50 25.39 -19.10
N PRO E 722 -9.33 25.46 -19.75
CA PRO E 722 -8.62 26.75 -19.89
C PRO E 722 -9.43 27.71 -20.73
N GLN E 723 -9.67 28.89 -20.17
CA GLN E 723 -10.53 29.89 -20.78
C GLN E 723 -9.71 30.84 -21.64
N PRO E 724 -10.35 31.58 -22.56
CA PRO E 724 -9.61 32.61 -23.32
C PRO E 724 -9.23 33.81 -22.46
N LEU E 725 -8.74 34.86 -23.12
CA LEU E 725 -8.52 36.12 -22.45
C LEU E 725 -9.86 36.63 -21.91
N PRO E 726 -9.98 36.89 -20.61
CA PRO E 726 -11.18 37.54 -20.09
C PRO E 726 -11.33 38.94 -20.67
N GLU E 727 -12.59 39.38 -20.76
CA GLU E 727 -12.97 40.49 -21.62
C GLU E 727 -12.37 41.82 -21.22
N LEU E 728 -12.05 42.03 -19.94
CA LEU E 728 -11.55 43.32 -19.48
C LEU E 728 -10.11 43.56 -19.93
N ILE E 729 -9.29 42.50 -19.93
CA ILE E 729 -7.86 42.66 -20.18
C ILE E 729 -7.49 42.42 -21.62
N LYS E 730 -8.45 42.14 -22.50
CA LYS E 730 -8.19 42.11 -23.93
C LYS E 730 -7.56 43.36 -24.51
N PRO E 731 -7.82 44.59 -24.02
CA PRO E 731 -6.96 45.70 -24.47
C PRO E 731 -5.51 45.57 -24.09
N LEU E 732 -5.21 44.99 -22.94
CA LEU E 732 -3.85 45.06 -22.42
C LEU E 732 -2.92 44.06 -23.08
N LEU E 733 -3.46 43.00 -23.66
CA LEU E 733 -2.64 41.85 -23.99
C LEU E 733 -2.80 41.32 -25.40
N ALA E 734 -3.97 41.53 -26.04
CA ALA E 734 -4.36 40.75 -27.21
C ALA E 734 -3.42 40.92 -28.38
N ASP E 735 -2.99 42.16 -28.66
CA ASP E 735 -2.04 42.40 -29.74
C ASP E 735 -0.73 41.67 -29.49
N GLN E 736 -0.25 41.72 -28.24
CA GLN E 736 0.91 40.95 -27.86
C GLN E 736 0.64 39.46 -27.98
N LEU E 737 -0.55 39.04 -27.57
CA LEU E 737 -0.95 37.66 -27.73
C LEU E 737 -1.04 37.28 -29.20
N ASN E 738 -1.44 38.23 -30.04
CA ASN E 738 -1.53 37.96 -31.47
C ASN E 738 -0.15 37.74 -32.06
N ASN E 739 0.85 38.43 -31.52
CA ASN E 739 2.23 38.19 -31.91
C ASN E 739 2.64 36.76 -31.58
N LEU E 740 2.20 36.27 -30.41
CA LEU E 740 2.41 34.88 -30.04
C LEU E 740 1.72 33.94 -31.01
N LYS E 741 0.51 34.28 -31.43
CA LYS E 741 -0.19 33.40 -32.36
C LYS E 741 0.44 33.44 -33.74
N ASN E 742 1.30 34.40 -34.03
CA ASN E 742 2.06 34.32 -35.26
C ASN E 742 3.33 33.49 -35.06
N LYS E 743 3.96 33.62 -33.91
CA LYS E 743 5.19 32.89 -33.63
C LYS E 743 4.92 31.40 -33.46
N LEU E 744 3.74 31.05 -32.97
CA LEU E 744 3.30 29.67 -32.91
C LEU E 744 2.63 29.21 -34.19
N ASP E 745 2.61 30.05 -35.24
CA ASP E 745 2.11 29.63 -36.52
C ASP E 745 3.22 29.26 -37.48
N TYR E 746 4.33 29.99 -37.43
CA TYR E 746 5.53 29.70 -38.18
C TYR E 746 6.48 28.78 -37.41
N MET E 747 5.97 28.01 -36.47
CA MET E 747 6.79 26.98 -35.85
C MET E 747 6.06 25.68 -35.69
N LEU E 748 4.75 25.64 -35.93
CA LEU E 748 4.00 24.41 -35.84
C LEU E 748 3.16 24.12 -37.06
N ASN E 749 3.07 25.05 -38.02
CA ASN E 749 2.20 24.97 -39.20
C ASN E 749 0.76 24.68 -38.80
N ILE E 750 0.16 25.64 -38.10
CA ILE E 750 -1.17 25.40 -37.49
C ILE E 750 -2.25 25.43 -38.55
N LYS E 751 -2.40 26.56 -39.23
CA LYS E 751 -3.52 26.76 -40.13
C LYS E 751 -3.39 25.99 -41.43
N ASP E 752 -2.18 25.64 -41.83
CA ASP E 752 -1.95 24.97 -43.11
C ASP E 752 -2.40 23.52 -43.10
N THR E 753 -2.19 22.80 -42.00
CA THR E 753 -2.45 21.37 -41.98
C THR E 753 -3.82 21.01 -41.41
N THR E 754 -4.35 21.78 -40.46
CA THR E 754 -5.54 21.41 -39.69
C THR E 754 -6.82 21.96 -40.30
N PHE E 755 -6.86 22.10 -41.63
CA PHE E 755 -8.04 22.62 -42.32
C PHE E 755 -9.13 21.58 -42.42
N GLN E 756 -8.83 20.32 -42.13
CA GLN E 756 -9.82 19.25 -42.11
C GLN E 756 -9.83 18.63 -40.71
N ARG E 757 -10.84 18.97 -39.93
CA ARG E 757 -10.93 18.60 -38.51
C ARG E 757 -12.09 17.63 -38.28
N ASN E 758 -11.77 16.33 -38.33
CA ASN E 758 -12.71 15.21 -38.15
C ASN E 758 -13.80 15.25 -39.23
N THR E 759 -13.48 15.90 -40.34
CA THR E 759 -14.40 16.09 -41.44
C THR E 759 -14.52 14.81 -42.24
N SER E 760 -15.49 14.80 -43.14
CA SER E 760 -15.69 13.66 -44.00
C SER E 760 -14.56 13.54 -45.01
N LEU E 761 -13.96 12.37 -45.08
CA LEU E 761 -13.00 12.06 -46.12
C LEU E 761 -13.68 12.02 -47.48
N LEU E 762 -14.96 11.62 -47.51
CA LEU E 762 -15.71 11.50 -48.76
C LEU E 762 -15.97 12.85 -49.40
N GLN E 763 -16.30 13.87 -48.62
CA GLN E 763 -16.50 15.20 -49.18
C GLN E 763 -15.18 15.86 -49.56
N ASN E 764 -14.08 15.45 -48.93
CA ASN E 764 -12.79 15.93 -49.38
C ASN E 764 -12.41 15.30 -50.71
N PHE E 765 -12.80 14.03 -50.90
CA PHE E 765 -12.54 13.38 -52.17
C PHE E 765 -13.43 13.90 -53.28
N ILE E 766 -14.67 14.27 -52.96
CA ILE E 766 -15.55 14.89 -53.94
C ILE E 766 -15.13 16.31 -54.27
N ASP E 767 -14.68 17.06 -53.25
CA ASP E 767 -14.42 18.48 -53.41
C ASP E 767 -13.02 18.81 -53.91
N TYR E 768 -12.06 17.90 -53.81
CA TYR E 768 -10.69 18.19 -54.17
C TYR E 768 -10.11 17.03 -54.96
N GLU E 769 -9.44 17.34 -56.07
CA GLU E 769 -8.98 16.30 -56.98
C GLU E 769 -7.52 15.97 -56.70
N GLU E 770 -7.21 14.68 -56.81
CA GLU E 770 -5.86 14.21 -56.54
C GLU E 770 -5.03 14.31 -57.82
N TYR E 771 -3.71 14.41 -57.66
CA TYR E 771 -2.86 14.59 -58.82
C TYR E 771 -2.63 13.26 -59.55
N SER E 772 -2.34 12.20 -58.79
CA SER E 772 -2.13 10.82 -59.28
C SER E 772 -1.09 10.70 -60.39
N SER E 792 5.31 6.40 -54.40
CA SER E 792 6.51 6.28 -55.21
C SER E 792 7.25 7.60 -55.24
N TYR E 793 6.51 8.66 -54.91
CA TYR E 793 7.00 10.03 -55.03
C TYR E 793 6.80 10.76 -53.70
N GLU E 794 6.69 9.96 -52.64
CA GLU E 794 6.50 10.45 -51.29
C GLU E 794 7.83 10.81 -50.65
N PHE E 795 8.55 11.74 -51.26
CA PHE E 795 9.55 12.55 -50.58
C PHE E 795 9.01 13.93 -50.29
N PHE E 796 7.88 14.29 -50.87
CA PHE E 796 7.14 15.47 -50.44
C PHE E 796 6.58 15.28 -49.03
N GLU E 797 6.34 14.03 -48.64
CA GLU E 797 6.06 13.74 -47.24
C GLU E 797 7.27 14.05 -46.38
N SER E 798 8.48 13.77 -46.87
CA SER E 798 9.66 14.00 -46.03
C SER E 798 9.99 15.49 -45.90
N MET E 799 9.83 16.27 -46.97
CA MET E 799 9.96 17.71 -46.84
C MET E 799 8.82 18.36 -46.09
N ALA E 800 7.61 17.79 -46.14
CA ALA E 800 6.52 18.32 -45.35
C ALA E 800 6.70 18.02 -43.87
N GLU E 801 7.32 16.89 -43.55
CA GLU E 801 7.67 16.62 -42.17
C GLU E 801 8.88 17.41 -41.70
N SER E 802 9.67 17.92 -42.63
CA SER E 802 10.89 18.62 -42.28
C SER E 802 10.67 20.06 -41.86
N GLN E 803 9.46 20.59 -41.98
CA GLN E 803 9.24 21.96 -41.57
C GLN E 803 9.21 22.10 -40.06
N ILE E 804 8.68 21.11 -39.35
CA ILE E 804 8.78 21.06 -37.90
C ILE E 804 10.19 20.63 -37.56
N CYS E 805 11.02 21.55 -37.08
CA CYS E 805 12.16 21.18 -36.27
C CYS E 805 11.67 21.18 -34.83
N LYS E 806 12.55 21.05 -33.85
CA LYS E 806 12.09 20.84 -32.46
C LYS E 806 11.45 22.09 -31.87
N PRO E 807 10.12 22.12 -31.70
CA PRO E 807 9.44 23.39 -31.38
C PRO E 807 9.43 23.68 -29.89
N ARG E 808 10.10 24.75 -29.49
CA ARG E 808 10.17 25.20 -28.11
C ARG E 808 9.74 26.64 -28.03
N LEU E 809 9.07 27.01 -26.95
CA LEU E 809 8.74 28.42 -26.73
C LEU E 809 8.88 28.76 -25.26
N LEU E 810 9.68 29.77 -24.97
CA LEU E 810 9.81 30.30 -23.63
C LEU E 810 9.26 31.73 -23.64
N ILE E 811 8.04 31.90 -23.17
CA ILE E 811 7.40 33.21 -23.03
C ILE E 811 7.81 33.79 -21.70
N ASN E 812 8.73 34.73 -21.71
CA ASN E 812 9.32 35.26 -20.49
C ASN E 812 9.04 36.75 -20.37
N GLY E 813 8.57 37.17 -19.20
CA GLY E 813 8.25 38.55 -18.96
C GLY E 813 8.43 38.95 -17.51
N PRO E 814 8.00 40.18 -17.16
CA PRO E 814 8.13 40.66 -15.78
C PRO E 814 7.24 39.93 -14.78
N LYS E 815 7.41 40.27 -13.51
CA LYS E 815 6.60 39.67 -12.46
C LYS E 815 5.18 40.19 -12.55
N GLY E 816 4.23 39.29 -12.76
CA GLY E 816 2.87 39.69 -13.07
C GLY E 816 2.64 39.55 -14.55
N ASN E 817 2.21 40.64 -15.18
CA ASN E 817 2.15 40.80 -16.64
C ASN E 817 1.24 39.82 -17.35
N GLY E 818 0.31 39.18 -16.64
CA GLY E 818 -0.74 38.44 -17.30
C GLY E 818 -0.32 37.14 -17.94
N GLN E 819 0.68 36.47 -17.39
CA GLN E 819 1.17 35.24 -17.99
C GLN E 819 0.29 34.05 -17.70
N GLN E 820 -0.54 34.12 -16.65
CA GLN E 820 -1.56 33.10 -16.46
C GLN E 820 -2.64 33.21 -17.52
N TYR E 821 -2.94 34.44 -17.94
CA TYR E 821 -3.93 34.68 -18.97
C TYR E 821 -3.40 34.26 -20.33
N VAL E 822 -2.13 34.53 -20.58
CA VAL E 822 -1.51 34.19 -21.85
C VAL E 822 -1.38 32.68 -21.98
N GLY E 823 -0.99 32.01 -20.90
CA GLY E 823 -0.92 30.55 -20.95
C GLY E 823 -2.27 29.89 -21.15
N ALA E 824 -3.31 30.38 -20.48
CA ALA E 824 -4.64 29.86 -20.70
C ALA E 824 -5.13 30.14 -22.12
N ALA E 825 -4.81 31.32 -22.67
CA ALA E 825 -5.22 31.67 -24.01
C ALA E 825 -4.56 30.79 -25.06
N ILE E 826 -3.28 30.47 -24.86
CA ILE E 826 -2.58 29.63 -25.82
C ILE E 826 -3.08 28.19 -25.74
N LEU E 827 -3.27 27.65 -24.53
CA LEU E 827 -3.81 26.30 -24.42
C LEU E 827 -5.26 26.18 -24.89
N ASN E 828 -6.02 27.28 -24.86
CA ASN E 828 -7.34 27.31 -25.49
C ASN E 828 -7.24 27.42 -27.00
N TYR E 829 -6.18 28.04 -27.51
CA TYR E 829 -5.99 28.22 -28.94
C TYR E 829 -5.52 26.93 -29.63
N LEU E 830 -5.05 25.94 -28.87
CA LEU E 830 -4.43 24.76 -29.45
C LEU E 830 -5.24 23.52 -29.09
N GLU E 831 -6.55 23.58 -29.33
CA GLU E 831 -7.49 22.55 -28.90
C GLU E 831 -7.30 21.20 -29.59
N GLU E 832 -6.62 21.15 -30.74
CA GLU E 832 -6.34 19.86 -31.34
C GLU E 832 -5.13 19.19 -30.71
N PHE E 833 -4.25 19.97 -30.09
CA PHE E 833 -3.07 19.45 -29.44
C PHE E 833 -3.46 18.78 -28.14
N ASN E 834 -2.68 17.81 -27.72
CA ASN E 834 -2.87 17.16 -26.42
C ASN E 834 -1.97 17.84 -25.40
N VAL E 835 -2.55 18.65 -24.55
CA VAL E 835 -1.72 19.36 -23.58
C VAL E 835 -1.36 18.42 -22.44
N GLN E 836 -0.15 18.60 -21.92
CA GLN E 836 0.37 17.82 -20.80
C GLN E 836 0.95 18.82 -19.81
N ASN E 837 0.37 18.88 -18.63
CA ASN E 837 0.64 19.98 -17.71
C ASN E 837 1.67 19.54 -16.67
N LEU E 838 2.86 20.12 -16.73
CA LEU E 838 3.93 19.78 -15.81
C LEU E 838 4.04 20.79 -14.67
N ASP E 839 2.95 21.48 -14.37
CA ASP E 839 2.94 22.28 -13.17
C ASP E 839 2.78 21.37 -11.96
N LEU E 840 3.28 21.83 -10.82
CA LEU E 840 3.25 21.04 -9.60
C LEU E 840 1.86 20.81 -9.05
N ALA E 841 0.83 21.50 -9.55
CA ALA E 841 -0.54 21.20 -9.16
C ALA E 841 -0.98 19.82 -9.66
N SER E 842 -0.28 19.26 -10.64
CA SER E 842 -0.60 17.94 -11.16
C SER E 842 0.49 16.91 -10.88
N LEU E 843 1.73 17.35 -10.68
CA LEU E 843 2.82 16.41 -10.46
C LEU E 843 2.85 15.91 -9.02
N VAL E 844 2.49 16.75 -8.05
CA VAL E 844 2.49 16.31 -6.66
C VAL E 844 1.04 16.10 -6.24
N SER E 845 0.15 15.92 -7.21
CA SER E 845 -1.28 15.78 -6.96
C SER E 845 -1.65 14.37 -6.48
N GLU E 846 -1.44 13.39 -7.36
CA GLU E 846 -1.62 11.98 -6.95
C GLU E 846 -0.30 11.61 -6.28
N SER E 847 -0.28 11.58 -4.95
CA SER E 847 0.95 11.39 -4.20
C SER E 847 1.36 9.91 -4.18
N SER E 848 2.56 9.70 -3.62
CA SER E 848 3.25 8.38 -3.49
C SER E 848 3.60 7.80 -4.87
N ARG E 849 3.03 8.39 -5.93
CA ARG E 849 3.28 7.99 -7.34
C ARG E 849 4.72 8.31 -7.76
N THR E 850 5.31 9.34 -7.14
CA THR E 850 6.66 9.94 -7.37
C THR E 850 6.60 10.96 -8.52
N ILE E 851 7.34 12.06 -8.39
CA ILE E 851 7.31 13.13 -9.44
C ILE E 851 7.84 12.55 -10.76
N GLU E 852 8.90 11.74 -10.69
CA GLU E 852 9.52 11.15 -11.91
C GLU E 852 8.55 10.21 -12.64
N ALA E 853 7.79 9.38 -11.91
CA ALA E 853 6.83 8.48 -12.60
C ALA E 853 5.68 9.29 -13.18
N ALA E 854 5.40 10.47 -12.60
CA ALA E 854 4.41 11.38 -13.15
C ALA E 854 4.96 12.16 -14.33
N VAL E 855 6.21 12.60 -14.23
CA VAL E 855 6.81 13.42 -15.29
C VAL E 855 7.12 12.57 -16.52
N VAL E 856 7.63 11.36 -16.30
CA VAL E 856 7.88 10.42 -17.40
C VAL E 856 6.56 9.97 -18.02
N GLN E 857 5.53 9.71 -17.21
CA GLN E 857 4.22 9.33 -17.78
C GLN E 857 3.63 10.47 -18.58
N SER E 858 3.78 11.71 -18.09
CA SER E 858 3.31 12.89 -18.78
C SER E 858 4.03 13.08 -20.13
N PHE E 859 5.34 12.83 -20.17
CA PHE E 859 6.03 12.84 -21.45
C PHE E 859 5.63 11.65 -22.32
N MET E 860 5.21 10.54 -21.71
CA MET E 860 4.82 9.39 -22.50
C MET E 860 3.47 9.61 -23.18
N GLU E 861 2.56 10.31 -22.54
CA GLU E 861 1.34 10.67 -23.25
C GLU E 861 1.54 11.85 -24.19
N ALA E 862 2.67 12.53 -24.09
CA ALA E 862 2.97 13.60 -25.02
C ALA E 862 3.68 13.12 -26.27
N LYS E 863 4.15 11.89 -26.30
CA LYS E 863 4.79 11.39 -27.50
C LYS E 863 4.06 10.22 -28.14
N LYS E 864 2.84 9.92 -27.70
CA LYS E 864 2.03 8.95 -28.41
C LYS E 864 0.75 9.52 -29.01
N ARG E 865 0.27 10.66 -28.52
CA ARG E 865 -0.98 11.22 -29.00
C ARG E 865 -0.73 12.52 -29.71
N GLN E 866 0.31 12.52 -30.55
CA GLN E 866 0.80 13.74 -31.17
C GLN E 866 -0.21 14.27 -32.19
N PRO E 867 -0.33 15.60 -32.33
CA PRO E 867 0.37 16.75 -31.74
C PRO E 867 0.13 16.96 -30.26
N SER E 868 1.18 17.33 -29.53
CA SER E 868 1.07 17.47 -28.08
C SER E 868 1.82 18.71 -27.65
N VAL E 869 1.49 19.17 -26.44
CA VAL E 869 2.13 20.31 -25.82
C VAL E 869 2.52 19.91 -24.41
N VAL E 870 3.80 19.98 -24.11
CA VAL E 870 4.28 19.84 -22.74
C VAL E 870 4.31 21.24 -22.15
N PHE E 871 3.42 21.51 -21.22
CA PHE E 871 3.15 22.86 -20.75
C PHE E 871 3.72 23.02 -19.34
N ILE E 872 4.65 23.96 -19.19
CA ILE E 872 5.20 24.28 -17.87
C ILE E 872 4.92 25.75 -17.57
N PRO E 873 3.93 26.06 -16.75
CA PRO E 873 3.79 27.43 -16.24
C PRO E 873 4.59 27.61 -14.96
N ASN E 874 4.84 28.87 -14.63
CA ASN E 874 5.69 29.29 -13.51
C ASN E 874 7.05 28.60 -13.55
N LEU E 875 7.76 28.77 -14.67
CA LEU E 875 9.00 28.03 -14.88
C LEU E 875 10.08 28.44 -13.90
N ASP E 876 10.11 29.71 -13.50
CA ASP E 876 11.00 30.15 -12.43
C ASP E 876 10.73 29.44 -11.10
N ILE E 877 9.46 29.23 -10.74
CA ILE E 877 9.14 28.45 -9.56
C ILE E 877 9.38 26.97 -9.80
N TRP E 878 9.16 26.52 -11.04
CA TRP E 878 9.27 25.11 -11.38
C TRP E 878 10.70 24.61 -11.29
N ILE E 879 11.69 25.38 -11.74
CA ILE E 879 13.06 24.88 -11.67
C ILE E 879 13.70 25.08 -10.31
N ASN E 880 12.93 25.46 -9.31
CA ASN E 880 13.37 25.42 -7.92
C ASN E 880 12.60 24.43 -7.07
N THR E 881 11.30 24.29 -7.35
CA THR E 881 10.41 23.38 -6.57
C THR E 881 10.29 22.01 -7.25
N ILE E 882 11.10 21.78 -8.30
CA ILE E 882 11.08 20.47 -9.02
C ILE E 882 12.44 19.80 -8.78
N PRO E 883 12.48 18.49 -8.40
CA PRO E 883 13.75 17.81 -8.13
C PRO E 883 14.66 17.79 -9.37
N GLU E 884 15.96 17.98 -9.15
CA GLU E 884 16.99 18.02 -10.23
C GLU E 884 16.76 16.87 -11.23
N ASN E 885 16.65 15.62 -10.73
CA ASN E 885 16.41 14.48 -11.64
C ASN E 885 15.22 14.74 -12.58
N VAL E 886 14.13 15.39 -12.15
CA VAL E 886 13.01 15.56 -13.12
C VAL E 886 13.49 16.38 -14.32
N ILE E 887 14.22 17.48 -14.08
CA ILE E 887 14.69 18.31 -15.22
C ILE E 887 15.66 17.48 -16.08
N LEU E 888 16.56 16.73 -15.45
CA LEU E 888 17.52 15.88 -16.21
C LEU E 888 16.72 14.79 -16.93
N VAL E 889 15.74 14.18 -16.26
CA VAL E 889 14.92 13.13 -16.92
C VAL E 889 14.09 13.80 -18.01
N LEU E 890 13.67 15.05 -17.80
CA LEU E 890 12.85 15.64 -18.86
C LEU E 890 13.72 16.15 -20.00
N SER E 891 14.87 16.70 -19.67
CA SER E 891 15.81 17.17 -20.69
C SER E 891 16.35 16.03 -21.53
N GLY E 892 16.69 14.90 -20.90
CA GLY E 892 17.13 13.76 -21.66
C GLY E 892 16.02 13.12 -22.45
N LEU E 893 14.79 13.21 -21.94
CA LEU E 893 13.65 12.69 -22.68
C LEU E 893 13.33 13.55 -23.90
N PHE E 894 13.65 14.84 -23.84
CA PHE E 894 13.40 15.69 -25.00
C PHE E 894 14.47 15.53 -26.07
N ARG E 895 15.71 15.27 -25.68
CA ARG E 895 16.76 15.11 -26.68
C ARG E 895 16.87 13.68 -27.17
N SER E 896 15.97 12.80 -26.76
CA SER E 896 15.82 11.49 -27.35
C SER E 896 14.79 11.47 -28.46
N LEU E 897 14.07 12.57 -28.67
CA LEU E 897 13.10 12.69 -29.74
C LEU E 897 13.79 12.97 -31.06
N GLN E 898 13.14 12.58 -32.14
CA GLN E 898 13.57 13.03 -33.45
C GLN E 898 13.25 14.51 -33.61
N SER E 899 13.94 15.16 -34.54
CA SER E 899 13.76 16.60 -34.72
C SER E 899 12.41 16.95 -35.31
N ASN E 900 11.79 16.07 -36.08
CA ASN E 900 10.55 16.39 -36.78
C ASN E 900 9.30 16.04 -35.99
N GLU E 901 9.42 15.85 -34.69
CA GLU E 901 8.32 15.29 -33.91
C GLU E 901 7.59 16.39 -33.16
N LYS E 902 6.29 16.53 -33.44
CA LYS E 902 5.50 17.68 -33.03
C LYS E 902 5.15 17.56 -31.55
N ILE E 903 6.08 17.97 -30.70
CA ILE E 903 5.84 18.07 -29.27
C ILE E 903 6.31 19.45 -28.86
N LEU E 904 5.37 20.36 -28.67
CA LEU E 904 5.70 21.71 -28.28
C LEU E 904 6.10 21.73 -26.81
N LEU E 905 7.22 22.37 -26.52
CA LEU E 905 7.62 22.64 -25.14
C LEU E 905 7.27 24.09 -24.87
N LEU E 906 6.11 24.32 -24.26
CA LEU E 906 5.62 25.65 -23.97
C LEU E 906 5.93 25.99 -22.52
N CYS E 907 6.69 27.06 -22.30
CA CYS E 907 7.16 27.39 -20.96
C CYS E 907 6.91 28.87 -20.70
N LEU E 908 6.35 29.16 -19.54
CA LEU E 908 6.05 30.52 -19.12
C LEU E 908 6.85 30.84 -17.87
N ALA E 909 7.52 31.98 -17.87
CA ALA E 909 8.36 32.35 -16.74
C ALA E 909 8.25 33.84 -16.46
N GLU E 910 8.25 34.18 -15.17
CA GLU E 910 8.22 35.57 -14.71
C GLU E 910 9.60 35.90 -14.20
N ASN E 911 10.27 36.85 -14.87
CA ASN E 911 11.57 37.39 -14.44
C ASN E 911 12.65 36.32 -14.35
N LEU E 912 12.79 35.54 -15.41
CA LEU E 912 13.74 34.43 -15.43
C LEU E 912 15.10 34.93 -15.93
N ASP E 913 16.17 34.31 -15.44
CA ASP E 913 17.52 34.75 -15.80
C ASP E 913 17.92 34.25 -17.17
N ILE E 914 17.96 35.15 -18.16
CA ILE E 914 18.24 34.76 -19.53
C ILE E 914 19.72 34.37 -19.70
N SER E 915 20.58 34.78 -18.77
CA SER E 915 21.97 34.33 -18.82
C SER E 915 22.08 32.89 -18.38
N GLU E 916 21.28 32.45 -17.42
CA GLU E 916 21.24 31.06 -17.01
C GLU E 916 20.13 30.28 -17.71
N VAL E 917 19.75 30.66 -18.93
CA VAL E 917 18.99 29.73 -19.77
C VAL E 917 19.80 29.35 -21.01
N LYS E 918 20.78 30.17 -21.38
CA LYS E 918 21.84 29.70 -22.27
C LYS E 918 22.66 28.63 -21.57
N ASN E 919 23.19 28.98 -20.40
CA ASN E 919 23.81 28.05 -19.47
C ASN E 919 22.76 27.57 -18.47
N GLY E 920 23.21 27.00 -17.36
CA GLY E 920 22.31 26.69 -16.27
C GLY E 920 21.56 25.38 -16.44
N ILE E 921 20.41 25.26 -15.78
CA ILE E 921 19.66 24.02 -15.83
C ILE E 921 18.95 23.86 -17.18
N LEU E 922 18.44 24.96 -17.72
CA LEU E 922 17.74 24.97 -19.00
C LEU E 922 18.70 25.12 -20.17
N SER E 923 19.99 24.87 -19.96
CA SER E 923 20.96 24.89 -21.05
C SER E 923 20.68 23.79 -22.05
N ASP E 924 20.21 22.65 -21.57
CA ASP E 924 20.02 21.44 -22.33
C ASP E 924 18.70 21.43 -23.08
N PHE E 925 17.99 22.55 -23.10
CA PHE E 925 16.84 22.77 -23.97
C PHE E 925 17.19 23.85 -24.99
N ALA E 926 16.56 23.75 -26.15
CA ALA E 926 16.90 24.66 -27.25
C ALA E 926 16.04 25.93 -27.18
N PHE E 927 16.18 26.66 -26.08
CA PHE E 927 15.63 28.01 -25.99
C PHE E 927 16.69 28.99 -26.48
N ASP E 928 16.80 29.05 -27.80
CA ASP E 928 17.88 29.83 -28.41
C ASP E 928 17.37 31.11 -29.07
N LYS E 929 16.48 30.98 -30.05
CA LYS E 929 15.94 32.12 -30.77
C LYS E 929 14.42 32.08 -30.73
N ASN E 930 13.85 31.08 -30.08
CA ASN E 930 12.43 31.05 -29.79
C ASN E 930 12.30 31.26 -28.29
N ILE E 931 12.37 32.53 -27.90
CA ILE E 931 12.09 33.02 -26.57
C ILE E 931 11.30 34.30 -26.79
N PHE E 932 10.05 34.31 -26.35
CA PHE E 932 9.24 35.51 -26.49
C PHE E 932 9.59 36.50 -25.39
N GLN E 933 9.06 37.70 -25.52
CA GLN E 933 9.20 38.72 -24.48
C GLN E 933 7.85 39.39 -24.32
N LEU E 934 7.23 39.18 -23.17
CA LEU E 934 5.97 39.82 -22.84
C LEU E 934 6.28 41.16 -22.20
N HIS E 935 6.49 42.19 -23.00
CA HIS E 935 6.72 43.48 -22.39
C HIS E 935 5.40 44.08 -21.89
N LYS E 936 5.52 45.17 -21.16
CA LYS E 936 4.39 45.75 -20.45
C LYS E 936 3.41 46.38 -21.44
N PRO E 937 2.17 46.64 -21.03
CA PRO E 937 1.23 47.30 -21.95
C PRO E 937 1.65 48.72 -22.30
N SER E 938 1.25 49.14 -23.49
CA SER E 938 1.60 50.45 -24.03
C SER E 938 0.45 51.42 -23.81
N LYS E 939 0.73 52.70 -24.09
CA LYS E 939 -0.19 53.79 -23.76
C LYS E 939 -1.51 53.70 -24.51
N GLU E 940 -1.49 53.26 -25.77
CA GLU E 940 -2.74 53.01 -26.48
C GLU E 940 -3.54 51.92 -25.81
N ASN E 941 -2.85 50.89 -25.33
CA ASN E 941 -3.55 49.74 -24.74
C ASN E 941 -4.02 50.05 -23.33
N ILE E 942 -3.22 50.79 -22.55
CA ILE E 942 -3.65 51.24 -21.23
C ILE E 942 -4.80 52.23 -21.34
N THR E 943 -4.80 53.07 -22.38
CA THR E 943 -5.88 54.02 -22.56
C THR E 943 -7.16 53.35 -23.01
N ARG E 944 -7.06 52.36 -23.90
CA ARG E 944 -8.24 51.58 -24.26
C ARG E 944 -8.72 50.72 -23.10
N TYR E 945 -7.81 50.33 -22.22
CA TYR E 945 -8.17 49.59 -21.01
C TYR E 945 -8.98 50.45 -20.06
N PHE E 946 -8.48 51.63 -19.74
CA PHE E 946 -9.15 52.53 -18.82
C PHE E 946 -10.33 53.27 -19.46
N SER E 947 -10.50 53.17 -20.78
CA SER E 947 -11.64 53.79 -21.45
C SER E 947 -12.92 52.97 -21.38
N ASN E 948 -12.92 51.84 -20.69
CA ASN E 948 -14.17 51.21 -20.30
C ASN E 948 -14.53 51.57 -18.87
N LEU E 949 -13.57 52.10 -18.14
CA LEU E 949 -13.78 52.57 -16.79
C LEU E 949 -14.35 53.98 -16.76
N ILE E 950 -13.99 54.78 -17.76
CA ILE E 950 -14.60 56.10 -17.95
C ILE E 950 -16.04 55.96 -18.42
N GLU E 951 -16.36 54.88 -19.16
CA GLU E 951 -17.75 54.64 -19.55
C GLU E 951 -18.63 54.32 -18.34
N LEU E 952 -18.05 53.81 -17.27
CA LEU E 952 -18.81 53.57 -16.04
C LEU E 952 -19.08 54.87 -15.30
N LEU E 953 -18.22 55.86 -15.48
CA LEU E 953 -18.45 57.18 -14.93
C LEU E 953 -19.54 57.93 -15.67
N LYS E 954 -19.76 57.63 -16.94
CA LYS E 954 -20.75 58.32 -17.77
C LYS E 954 -22.09 57.61 -17.81
N THR E 955 -22.45 56.87 -16.78
CA THR E 955 -23.76 56.26 -16.73
C THR E 955 -24.63 57.00 -15.73
N LYS E 956 -25.80 57.43 -16.18
CA LYS E 956 -26.80 57.93 -15.28
C LYS E 956 -27.36 56.78 -14.46
N PRO E 957 -27.83 57.04 -13.23
CA PRO E 957 -28.48 55.99 -12.45
C PRO E 957 -29.77 55.43 -13.05
N SER E 958 -30.34 56.06 -14.07
CA SER E 958 -31.44 55.50 -14.83
C SER E 958 -30.99 54.71 -16.04
N ASP E 959 -29.68 54.62 -16.27
CA ASP E 959 -29.13 53.80 -17.34
C ASP E 959 -28.70 52.42 -16.85
N ILE E 960 -28.54 52.24 -15.55
CA ILE E 960 -28.08 50.98 -14.97
C ILE E 960 -29.18 49.93 -15.04
N PRO E 961 -28.86 48.69 -15.43
CA PRO E 961 -29.85 47.59 -15.36
C PRO E 961 -29.97 46.98 -13.97
N MET E 962 -29.55 47.72 -12.94
CA MET E 962 -29.60 47.26 -11.55
C MET E 962 -31.03 47.03 -11.07
N LYS E 963 -31.13 46.55 -9.83
CA LYS E 963 -32.40 46.19 -9.24
C LYS E 963 -33.21 47.44 -8.96
N LYS E 964 -34.14 47.75 -9.85
CA LYS E 964 -35.09 48.84 -9.66
C LYS E 964 -36.42 48.25 -9.25
N ARG E 965 -37.03 48.89 -8.25
CA ARG E 965 -38.25 48.38 -7.64
C ARG E 965 -39.43 48.43 -8.59
N ARG E 966 -40.46 47.64 -8.28
CA ARG E 966 -41.70 47.65 -9.05
C ARG E 966 -42.74 48.45 -8.27
N VAL E 967 -43.16 49.55 -8.88
CA VAL E 967 -44.38 50.22 -8.44
C VAL E 967 -45.59 49.70 -9.23
N LYS E 968 -45.45 49.47 -10.53
CA LYS E 968 -46.52 48.98 -11.36
C LYS E 968 -46.56 47.47 -11.30
N PRO E 969 -47.59 46.86 -10.70
CA PRO E 969 -47.59 45.41 -10.51
C PRO E 969 -47.81 44.63 -11.79
N LEU E 970 -47.96 43.31 -11.66
CA LEU E 970 -47.99 42.43 -12.81
C LEU E 970 -49.22 42.66 -13.67
N PRO E 971 -49.08 42.66 -14.99
CA PRO E 971 -50.21 42.94 -15.88
C PRO E 971 -51.35 41.90 -15.90
N GLU E 972 -51.34 40.88 -15.02
CA GLU E 972 -52.53 40.14 -14.57
C GLU E 972 -53.28 39.47 -15.73
N LEU E 973 -52.61 38.47 -16.31
CA LEU E 973 -52.99 37.89 -17.59
C LEU E 973 -54.37 37.26 -17.60
N GLN E 974 -54.95 37.14 -18.80
CA GLN E 974 -56.26 36.52 -18.96
C GLN E 974 -56.19 35.04 -18.62
N LYS E 975 -57.07 34.61 -17.72
CA LYS E 975 -57.12 33.24 -17.25
C LYS E 975 -57.97 32.41 -18.20
N VAL E 976 -57.78 31.09 -18.17
CA VAL E 976 -58.55 30.21 -19.04
C VAL E 976 -59.50 29.33 -18.21
N LYS E 1355 -32.91 62.24 -15.19
CA LYS E 1355 -32.69 63.65 -14.96
C LYS E 1355 -31.52 64.07 -15.87
N GLU E 1356 -30.33 64.27 -15.30
CA GLU E 1356 -29.14 64.65 -16.07
C GLU E 1356 -27.89 64.43 -15.21
N LEU E 1357 -26.87 63.83 -15.81
CA LEU E 1357 -25.63 63.53 -15.11
C LEU E 1357 -24.75 64.78 -15.08
N ILE E 1358 -24.20 65.12 -13.92
CA ILE E 1358 -23.35 66.30 -13.78
C ILE E 1358 -21.90 65.82 -13.87
N LEU E 1359 -21.35 65.82 -15.08
CA LEU E 1359 -19.98 65.41 -15.30
C LEU E 1359 -19.38 66.37 -16.32
N THR E 1360 -18.55 67.26 -15.84
CA THR E 1360 -17.85 68.25 -16.64
C THR E 1360 -16.84 67.54 -17.55
N PRO E 1361 -16.79 67.87 -18.85
CA PRO E 1361 -15.77 67.26 -19.72
C PRO E 1361 -14.33 67.65 -19.40
N GLU E 1362 -14.11 68.65 -18.54
CA GLU E 1362 -12.77 68.88 -18.01
C GLU E 1362 -12.48 68.03 -16.78
N GLN E 1363 -13.51 67.46 -16.17
CA GLN E 1363 -13.29 66.42 -15.16
C GLN E 1363 -13.06 65.06 -15.80
N ILE E 1364 -13.71 64.81 -16.94
CA ILE E 1364 -13.67 63.50 -17.57
C ILE E 1364 -12.32 63.22 -18.21
N LYS E 1365 -11.48 64.25 -18.37
CA LYS E 1365 -10.09 64.05 -18.76
C LYS E 1365 -9.12 64.40 -17.64
N LYS E 1366 -9.59 65.10 -16.60
CA LYS E 1366 -8.84 65.20 -15.36
C LYS E 1366 -8.64 63.84 -14.73
N VAL E 1367 -9.68 62.99 -14.80
CA VAL E 1367 -9.54 61.60 -14.38
C VAL E 1367 -8.52 60.88 -15.25
N SER E 1368 -8.67 60.98 -16.57
CA SER E 1368 -7.95 60.08 -17.47
C SER E 1368 -6.48 60.43 -17.61
N ALA E 1369 -6.12 61.73 -17.57
CA ALA E 1369 -4.73 62.11 -17.70
C ALA E 1369 -3.91 61.66 -16.50
N CYS E 1370 -4.44 61.83 -15.29
CA CYS E 1370 -3.74 61.32 -14.12
C CYS E 1370 -3.89 59.82 -13.98
N LEU E 1371 -4.91 59.23 -14.60
CA LEU E 1371 -5.07 57.79 -14.58
C LEU E 1371 -3.98 57.11 -15.40
N ILE E 1372 -3.66 57.67 -16.55
CA ILE E 1372 -2.52 57.21 -17.34
C ILE E 1372 -1.20 57.59 -16.70
N GLU E 1373 -1.13 58.76 -16.07
CA GLU E 1373 0.13 59.18 -15.44
C GLU E 1373 0.46 58.36 -14.21
N HIS E 1374 -0.55 57.83 -13.51
CA HIS E 1374 -0.29 56.98 -12.36
C HIS E 1374 0.25 55.63 -12.79
N CYS E 1375 -0.30 55.11 -13.89
CA CYS E 1375 0.07 53.77 -14.42
C CYS E 1375 1.30 53.91 -15.34
N GLN E 1376 2.42 54.37 -14.79
CA GLN E 1376 3.67 54.50 -15.59
C GLN E 1376 4.44 53.18 -15.49
N ASN E 1377 4.81 52.61 -16.64
CA ASN E 1377 5.54 51.32 -16.72
C ASN E 1377 4.94 50.28 -15.77
N PHE E 1378 3.60 50.29 -15.61
CA PHE E 1378 2.93 49.29 -14.81
C PHE E 1378 2.79 48.00 -15.60
N THR E 1379 2.73 46.88 -14.90
CA THR E 1379 2.48 45.60 -15.54
C THR E 1379 0.98 45.37 -15.61
N VAL E 1380 0.56 44.18 -16.06
CA VAL E 1380 -0.86 43.89 -16.19
C VAL E 1380 -1.52 43.76 -14.82
N SER E 1381 -0.80 43.23 -13.83
CA SER E 1381 -1.38 43.03 -12.51
C SER E 1381 -1.57 44.33 -11.77
N GLN E 1382 -0.60 45.24 -11.85
CA GLN E 1382 -0.75 46.55 -11.23
C GLN E 1382 -1.80 47.39 -11.92
N LEU E 1383 -1.92 47.24 -13.23
CA LEU E 1383 -2.96 47.94 -13.98
C LEU E 1383 -4.35 47.46 -13.58
N GLU E 1384 -4.54 46.15 -13.43
CA GLU E 1384 -5.87 45.71 -13.05
C GLU E 1384 -6.14 45.88 -11.57
N ASP E 1385 -5.10 46.06 -10.75
CA ASP E 1385 -5.34 46.45 -9.36
C ASP E 1385 -5.83 47.89 -9.28
N VAL E 1386 -5.21 48.79 -10.07
CA VAL E 1386 -5.68 50.18 -10.14
C VAL E 1386 -7.08 50.25 -10.71
N HIS E 1387 -7.36 49.45 -11.73
CA HIS E 1387 -8.69 49.34 -12.31
C HIS E 1387 -9.71 48.85 -11.28
N SER E 1388 -9.31 47.91 -10.42
CA SER E 1388 -10.19 47.38 -9.39
C SER E 1388 -10.53 48.42 -8.34
N SER E 1389 -9.52 49.17 -7.89
CA SER E 1389 -9.75 50.21 -6.90
C SER E 1389 -10.62 51.33 -7.43
N VAL E 1390 -10.33 51.81 -8.64
CA VAL E 1390 -11.13 52.87 -9.23
C VAL E 1390 -12.52 52.37 -9.58
N ALA E 1391 -12.67 51.10 -9.95
CA ALA E 1391 -14.00 50.57 -10.21
C ALA E 1391 -14.82 50.45 -8.94
N LYS E 1392 -14.19 50.16 -7.80
CA LYS E 1392 -14.90 50.22 -6.52
C LYS E 1392 -15.36 51.63 -6.19
N ILE E 1393 -14.47 52.62 -6.38
CA ILE E 1393 -14.81 54.01 -6.12
C ILE E 1393 -15.95 54.49 -7.01
N ILE E 1394 -15.89 54.17 -8.31
CA ILE E 1394 -16.94 54.57 -9.25
C ILE E 1394 -18.24 53.82 -8.98
N TRP E 1395 -18.14 52.56 -8.57
CA TRP E 1395 -19.34 51.77 -8.33
C TRP E 1395 -20.07 52.15 -7.06
N LYS E 1396 -19.37 52.66 -6.05
CA LYS E 1396 -20.08 52.98 -4.81
C LYS E 1396 -20.93 54.23 -4.94
N SER E 1397 -20.55 55.18 -5.79
CA SER E 1397 -21.40 56.32 -6.09
C SER E 1397 -22.06 56.14 -7.46
N LYS E 1398 -22.89 55.12 -7.57
CA LYS E 1398 -23.62 54.85 -8.79
C LYS E 1398 -25.05 55.33 -8.73
N SER E 1399 -25.57 55.63 -7.55
CA SER E 1399 -26.93 56.12 -7.42
C SER E 1399 -27.04 57.62 -7.61
N ALA E 1400 -25.92 58.33 -7.73
CA ALA E 1400 -25.93 59.79 -7.78
C ALA E 1400 -25.86 60.30 -9.22
N TRP E 1401 -26.43 61.48 -9.45
CA TRP E 1401 -26.28 62.13 -10.76
C TRP E 1401 -25.15 63.14 -10.73
N ASP E 1402 -24.84 63.69 -9.56
CA ASP E 1402 -23.66 64.51 -9.39
C ASP E 1402 -22.47 63.60 -9.12
N LYS E 1403 -21.52 63.58 -10.05
CA LYS E 1403 -20.38 62.68 -9.98
C LYS E 1403 -19.08 63.43 -9.75
N THR E 1404 -19.18 64.65 -9.23
CA THR E 1404 -18.00 65.42 -8.85
C THR E 1404 -17.35 64.84 -7.61
N GLY E 1405 -18.14 64.40 -6.64
CA GLY E 1405 -17.59 63.73 -5.48
C GLY E 1405 -17.05 62.34 -5.77
N THR E 1406 -17.36 61.78 -6.93
CA THR E 1406 -16.69 60.58 -7.43
C THR E 1406 -15.36 60.91 -8.08
N VAL E 1407 -15.27 62.04 -8.80
CA VAL E 1407 -14.04 62.40 -9.50
C VAL E 1407 -12.92 62.71 -8.51
N ASP E 1408 -13.20 63.54 -7.52
CA ASP E 1408 -12.15 63.99 -6.61
C ASP E 1408 -11.66 62.86 -5.71
N GLU E 1409 -12.50 61.86 -5.43
CA GLU E 1409 -12.03 60.68 -4.73
C GLU E 1409 -11.10 59.82 -5.59
N ILE E 1410 -11.36 59.73 -6.90
CA ILE E 1410 -10.45 59.04 -7.81
C ILE E 1410 -9.12 59.76 -7.89
N ILE E 1411 -9.14 61.09 -8.05
CA ILE E 1411 -7.89 61.86 -8.13
C ILE E 1411 -7.14 61.81 -6.81
N LYS E 1412 -7.86 61.70 -5.68
CA LYS E 1412 -7.20 61.57 -4.39
C LYS E 1412 -6.61 60.17 -4.22
N PHE E 1413 -7.28 59.14 -4.76
CA PHE E 1413 -6.74 57.78 -4.65
C PHE E 1413 -5.46 57.63 -5.46
N LEU E 1414 -5.45 58.14 -6.69
CA LEU E 1414 -4.32 57.96 -7.59
C LEU E 1414 -3.20 58.95 -7.30
N SER E 1415 -2.80 59.06 -6.04
CA SER E 1415 -1.96 60.14 -5.55
C SER E 1415 -1.46 59.83 -4.15
N ASP F 444 -13.27 -19.81 -41.22
CA ASP F 444 -13.23 -21.18 -41.72
C ASP F 444 -13.04 -21.21 -43.22
N MET F 445 -11.81 -21.48 -43.66
CA MET F 445 -11.53 -21.67 -45.08
C MET F 445 -10.47 -22.76 -45.21
N ASN F 446 -9.95 -22.90 -46.44
CA ASN F 446 -8.84 -23.81 -46.69
C ASN F 446 -7.54 -23.06 -46.42
N VAL F 447 -7.27 -22.87 -45.15
CA VAL F 447 -6.15 -22.08 -44.66
C VAL F 447 -5.13 -23.02 -44.03
N ASN F 448 -3.87 -22.85 -44.40
CA ASN F 448 -2.78 -23.70 -43.94
C ASN F 448 -1.61 -22.80 -43.58
N PHE F 449 -0.43 -23.38 -43.44
CA PHE F 449 0.78 -22.57 -43.37
C PHE F 449 1.08 -22.01 -44.77
N ASP F 450 2.16 -21.21 -44.83
CA ASP F 450 2.42 -20.18 -45.84
C ASP F 450 1.32 -19.13 -45.85
N ASP F 451 0.67 -18.95 -44.70
CA ASP F 451 -0.20 -17.83 -44.41
C ASP F 451 0.10 -17.26 -43.04
N ILE F 452 0.97 -17.90 -42.28
CA ILE F 452 1.26 -17.53 -40.91
C ILE F 452 2.69 -17.01 -40.88
N GLY F 453 2.87 -15.71 -40.99
CA GLY F 453 4.17 -15.10 -40.94
C GLY F 453 4.63 -14.84 -39.52
N GLY F 454 5.94 -14.87 -39.32
CA GLY F 454 6.52 -14.57 -38.04
C GLY F 454 6.42 -15.65 -37.00
N LEU F 455 5.92 -16.82 -37.40
CA LEU F 455 5.76 -17.97 -36.46
C LEU F 455 6.15 -19.29 -37.15
N ASP F 456 7.07 -19.24 -38.11
CA ASP F 456 7.52 -20.47 -38.82
C ASP F 456 8.22 -21.40 -37.82
N ASN F 457 9.03 -20.84 -36.93
CA ASN F 457 9.80 -21.64 -35.92
C ASN F 457 8.82 -22.38 -35.00
N TYR F 458 7.75 -21.72 -34.57
CA TYR F 458 6.76 -22.34 -33.65
C TYR F 458 6.07 -23.54 -34.33
N ILE F 459 5.73 -23.41 -35.62
CA ILE F 459 5.05 -24.52 -36.35
C ILE F 459 5.99 -25.73 -36.39
N ASP F 460 7.27 -25.51 -36.71
CA ASP F 460 8.26 -26.62 -36.75
C ASP F 460 8.41 -27.20 -35.34
N GLN F 461 8.48 -26.31 -34.34
CA GLN F 461 8.61 -26.73 -32.92
C GLN F 461 7.35 -27.52 -32.55
N LEU F 462 6.19 -27.09 -33.05
CA LEU F 462 4.92 -27.80 -32.77
C LEU F 462 4.86 -29.09 -33.59
N LYS F 463 5.28 -29.03 -34.85
CA LYS F 463 5.25 -30.21 -35.76
C LYS F 463 6.17 -31.30 -35.18
N GLU F 464 7.34 -30.91 -34.67
CA GLU F 464 8.29 -31.89 -34.09
C GLU F 464 7.80 -32.27 -32.69
N MET F 465 7.01 -31.40 -32.04
CA MET F 465 6.49 -31.73 -30.73
C MET F 465 5.20 -32.53 -30.80
N VAL F 466 4.37 -32.26 -31.80
CA VAL F 466 3.03 -32.81 -31.89
C VAL F 466 2.88 -33.71 -33.11
N ALA F 467 3.13 -33.18 -34.31
CA ALA F 467 2.68 -33.87 -35.51
C ALA F 467 3.61 -35.02 -35.88
N LEU F 468 4.91 -34.79 -35.83
CA LEU F 468 5.86 -35.82 -36.20
C LEU F 468 6.01 -36.97 -35.20
N PRO F 469 5.92 -36.78 -33.88
CA PRO F 469 5.79 -37.96 -33.01
C PRO F 469 4.50 -38.74 -33.20
N LEU F 470 3.41 -38.09 -33.58
CA LEU F 470 2.18 -38.83 -33.86
C LEU F 470 2.26 -39.55 -35.19
N LEU F 471 3.05 -39.02 -36.12
CA LEU F 471 3.11 -39.55 -37.48
C LEU F 471 4.16 -40.63 -37.64
N TYR F 472 5.34 -40.44 -37.02
CA TYR F 472 6.46 -41.36 -37.14
C TYR F 472 6.82 -41.89 -35.76
N PRO F 473 6.07 -42.84 -35.21
CA PRO F 473 6.49 -43.45 -33.94
C PRO F 473 7.61 -44.45 -34.12
N GLU F 474 7.91 -44.89 -35.34
CA GLU F 474 9.09 -45.71 -35.53
C GLU F 474 10.37 -44.91 -35.28
N LEU F 475 10.33 -43.60 -35.48
CA LEU F 475 11.45 -42.71 -35.23
C LEU F 475 11.50 -42.24 -33.78
N TYR F 476 10.43 -41.61 -33.29
CA TYR F 476 10.44 -40.86 -32.04
C TYR F 476 10.22 -41.71 -30.80
N GLN F 477 9.90 -43.01 -30.94
CA GLN F 477 9.91 -43.89 -29.79
C GLN F 477 11.24 -44.58 -29.59
N ASN F 478 12.21 -44.37 -30.51
CA ASN F 478 13.54 -44.91 -30.32
C ASN F 478 14.25 -44.23 -29.16
N PHE F 479 14.14 -42.92 -29.06
CA PHE F 479 14.47 -42.18 -27.86
C PHE F 479 13.19 -42.07 -27.05
N ASN F 480 13.24 -42.50 -25.79
CA ASN F 480 12.04 -42.48 -24.96
C ASN F 480 11.76 -41.03 -24.52
N ILE F 481 11.21 -40.24 -25.45
CA ILE F 481 10.69 -38.92 -25.14
C ILE F 481 9.19 -38.93 -25.40
N THR F 482 8.42 -38.74 -24.33
CA THR F 482 6.97 -38.87 -24.32
C THR F 482 6.32 -37.62 -24.91
N PRO F 483 5.39 -37.79 -25.82
CA PRO F 483 4.64 -36.64 -26.36
C PRO F 483 3.74 -36.05 -25.30
N PRO F 484 3.42 -34.76 -25.39
CA PRO F 484 2.71 -34.10 -24.29
C PRO F 484 1.23 -34.43 -24.27
N ARG F 485 0.69 -34.54 -23.05
CA ARG F 485 -0.73 -34.77 -22.88
C ARG F 485 -1.53 -33.50 -23.17
N GLY F 486 -1.05 -32.36 -22.70
CA GLY F 486 -1.70 -31.09 -22.96
C GLY F 486 -0.72 -29.98 -23.28
N VAL F 487 -0.94 -29.34 -24.42
CA VAL F 487 -0.12 -28.21 -24.88
C VAL F 487 -0.99 -26.98 -25.05
N LEU F 488 -0.61 -25.90 -24.37
CA LEU F 488 -1.40 -24.67 -24.28
C LEU F 488 -0.79 -23.59 -25.16
N PHE F 489 -1.60 -23.02 -26.06
CA PHE F 489 -1.25 -21.83 -26.83
C PHE F 489 -1.83 -20.63 -26.08
N HIS F 490 -0.98 -19.76 -25.57
CA HIS F 490 -1.45 -18.54 -24.94
C HIS F 490 -0.75 -17.33 -25.55
N GLY F 491 -1.36 -16.16 -25.37
CA GLY F 491 -0.83 -14.94 -25.92
C GLY F 491 -1.85 -13.83 -25.96
N PRO F 492 -1.45 -12.64 -26.42
CA PRO F 492 -2.41 -11.56 -26.65
C PRO F 492 -3.40 -11.90 -27.76
N PRO F 493 -4.53 -11.21 -27.81
CA PRO F 493 -5.49 -11.45 -28.88
C PRO F 493 -4.97 -11.01 -30.25
N GLY F 494 -5.40 -11.72 -31.28
CA GLY F 494 -5.01 -11.41 -32.63
C GLY F 494 -3.63 -11.85 -33.03
N THR F 495 -3.01 -12.75 -32.27
CA THR F 495 -1.63 -13.11 -32.46
C THR F 495 -1.44 -14.38 -33.30
N GLY F 496 -2.52 -15.00 -33.76
CA GLY F 496 -2.44 -16.12 -34.67
C GLY F 496 -2.69 -17.49 -34.08
N LYS F 497 -3.27 -17.58 -32.88
CA LYS F 497 -3.38 -18.85 -32.20
C LYS F 497 -4.45 -19.75 -32.80
N THR F 498 -5.54 -19.17 -33.32
CA THR F 498 -6.53 -19.98 -34.02
C THR F 498 -6.05 -20.34 -35.42
N LEU F 499 -5.16 -19.52 -35.99
CA LEU F 499 -4.54 -19.87 -37.27
C LEU F 499 -3.68 -21.11 -37.17
N MET F 500 -2.97 -21.30 -36.06
CA MET F 500 -2.05 -22.42 -35.98
C MET F 500 -2.80 -23.74 -35.86
N ALA F 501 -3.92 -23.73 -35.15
CA ALA F 501 -4.74 -24.92 -35.09
C ALA F 501 -5.49 -25.16 -36.39
N ARG F 502 -5.92 -24.10 -37.07
CA ARG F 502 -6.55 -24.29 -38.37
C ARG F 502 -5.54 -24.78 -39.41
N ALA F 503 -4.29 -24.38 -39.29
CA ALA F 503 -3.26 -24.87 -40.20
C ALA F 503 -2.87 -26.30 -39.86
N LEU F 504 -2.87 -26.66 -38.58
CA LEU F 504 -2.68 -28.06 -38.22
C LEU F 504 -3.84 -28.93 -38.67
N ALA F 505 -5.06 -28.37 -38.72
CA ALA F 505 -6.19 -29.15 -39.20
C ALA F 505 -6.25 -29.19 -40.72
N ALA F 506 -5.56 -28.27 -41.39
CA ALA F 506 -5.35 -28.46 -42.82
C ALA F 506 -4.18 -29.40 -43.08
N SER F 507 -3.30 -29.58 -42.09
CA SER F 507 -2.37 -30.69 -42.10
C SER F 507 -3.02 -31.99 -41.67
N CYS F 508 -4.30 -31.95 -41.30
CA CYS F 508 -5.17 -33.11 -41.20
C CYS F 508 -5.93 -33.36 -42.51
N SER F 509 -5.85 -32.41 -43.44
CA SER F 509 -6.52 -32.57 -44.75
C SER F 509 -5.92 -33.78 -45.48
N SER F 510 -5.06 -34.53 -44.78
CA SER F 510 -4.37 -35.74 -45.29
C SER F 510 -5.26 -36.98 -45.15
N ASP F 511 -4.75 -38.13 -45.58
CA ASP F 511 -5.50 -39.42 -45.55
C ASP F 511 -5.83 -39.85 -44.11
N GLU F 512 -6.95 -40.57 -43.97
CA GLU F 512 -7.53 -40.99 -42.65
C GLU F 512 -6.65 -42.00 -41.89
N ARG F 513 -6.93 -42.07 -40.57
CA ARG F 513 -6.29 -42.91 -39.51
C ARG F 513 -5.00 -42.25 -39.00
N LYS F 514 -4.69 -41.04 -39.49
CA LYS F 514 -3.48 -40.28 -39.09
C LYS F 514 -3.88 -38.84 -38.74
N ILE F 515 -3.46 -38.37 -37.55
CA ILE F 515 -3.69 -36.96 -37.12
C ILE F 515 -5.17 -36.55 -37.18
N THR F 516 -6.10 -37.39 -36.69
CA THR F 516 -7.53 -36.99 -36.66
C THR F 516 -7.62 -35.69 -35.86
N PHE F 517 -8.32 -34.66 -36.36
CA PHE F 517 -8.32 -33.39 -35.66
C PHE F 517 -9.73 -33.04 -35.22
N PHE F 518 -9.89 -32.74 -33.93
CA PHE F 518 -11.17 -32.36 -33.37
C PHE F 518 -11.13 -30.88 -32.99
N MET F 519 -12.12 -30.12 -33.43
CA MET F 519 -12.12 -28.67 -33.32
C MET F 519 -13.29 -28.25 -32.43
N ARG F 520 -13.04 -28.07 -31.13
CA ARG F 520 -14.10 -27.74 -30.19
C ARG F 520 -13.78 -26.39 -29.55
N LYS F 521 -14.78 -25.80 -28.91
CA LYS F 521 -14.67 -24.48 -28.30
C LYS F 521 -15.04 -24.54 -26.82
N GLY F 522 -14.88 -23.39 -26.14
CA GLY F 522 -15.24 -23.29 -24.72
C GLY F 522 -16.75 -23.21 -24.55
N ALA F 523 -17.44 -23.39 -25.68
CA ALA F 523 -18.91 -23.43 -25.82
C ALA F 523 -19.27 -24.62 -26.71
N ASP F 524 -20.58 -24.84 -26.96
CA ASP F 524 -21.08 -25.97 -27.80
C ASP F 524 -20.61 -27.32 -27.23
N ILE F 525 -20.61 -27.45 -25.90
CA ILE F 525 -20.23 -28.66 -25.12
C ILE F 525 -21.05 -28.54 -23.83
N LEU F 526 -20.94 -27.36 -23.21
CA LEU F 526 -21.73 -26.96 -22.01
C LEU F 526 -23.18 -26.82 -22.47
N SER F 527 -24.13 -27.37 -21.70
CA SER F 527 -25.55 -27.32 -22.10
C SER F 527 -26.46 -27.13 -20.87
N LYS F 528 -27.76 -26.97 -21.11
CA LYS F 528 -28.74 -26.79 -20.05
C LYS F 528 -28.84 -28.02 -19.16
N TRP F 529 -28.68 -29.21 -19.74
CA TRP F 529 -28.75 -30.42 -18.94
C TRP F 529 -27.50 -30.62 -18.10
N VAL F 530 -27.57 -31.62 -17.23
CA VAL F 530 -26.57 -31.84 -16.19
C VAL F 530 -25.56 -32.91 -16.55
N GLY F 531 -25.79 -33.66 -17.62
CA GLY F 531 -24.91 -34.75 -17.94
C GLY F 531 -24.29 -34.63 -19.32
N GLU F 532 -24.98 -33.96 -20.24
CA GLU F 532 -24.62 -34.02 -21.66
C GLU F 532 -23.30 -33.30 -21.93
N ALA F 533 -22.93 -32.37 -21.06
CA ALA F 533 -21.62 -31.73 -21.15
C ALA F 533 -20.50 -32.73 -20.82
N GLU F 534 -20.60 -33.38 -19.66
CA GLU F 534 -19.55 -34.31 -19.25
C GLU F 534 -19.61 -35.61 -20.02
N ARG F 535 -20.83 -36.06 -20.36
CA ARG F 535 -20.98 -37.23 -21.22
C ARG F 535 -20.42 -36.95 -22.61
N GLN F 536 -20.61 -35.72 -23.11
CA GLN F 536 -20.11 -35.40 -24.44
C GLN F 536 -18.59 -35.20 -24.44
N LEU F 537 -18.04 -34.73 -23.32
CA LEU F 537 -16.59 -34.64 -23.22
C LEU F 537 -15.95 -36.04 -23.11
N ARG F 538 -16.58 -36.93 -22.33
CA ARG F 538 -16.11 -38.31 -22.26
C ARG F 538 -16.25 -39.00 -23.62
N LEU F 539 -17.30 -38.69 -24.36
CA LEU F 539 -17.48 -39.27 -25.69
C LEU F 539 -16.48 -38.72 -26.70
N LEU F 540 -16.17 -37.42 -26.64
CA LEU F 540 -15.17 -36.84 -27.51
C LEU F 540 -13.80 -37.45 -27.25
N PHE F 541 -13.48 -37.69 -25.98
CA PHE F 541 -12.24 -38.38 -25.68
C PHE F 541 -12.28 -39.85 -26.08
N GLU F 542 -13.44 -40.50 -26.04
CA GLU F 542 -13.51 -41.90 -26.46
C GLU F 542 -13.37 -42.05 -27.97
N GLU F 543 -13.93 -41.12 -28.74
CA GLU F 543 -13.70 -41.10 -30.17
C GLU F 543 -12.26 -40.69 -30.49
N ALA F 544 -11.63 -39.93 -29.61
CA ALA F 544 -10.20 -39.65 -29.80
C ALA F 544 -9.36 -40.90 -29.55
N LYS F 545 -9.72 -41.72 -28.56
CA LYS F 545 -9.02 -43.00 -28.38
C LYS F 545 -9.31 -43.97 -29.51
N LYS F 546 -10.54 -43.90 -30.05
CA LYS F 546 -10.99 -44.87 -31.09
C LYS F 546 -10.12 -44.77 -32.35
N HIS F 547 -9.72 -43.56 -32.73
CA HIS F 547 -8.90 -43.38 -33.96
C HIS F 547 -7.40 -43.28 -33.59
N GLN F 548 -7.02 -43.80 -32.42
CA GLN F 548 -5.62 -43.81 -31.92
C GLN F 548 -4.97 -42.44 -32.13
N PRO F 549 -4.01 -42.29 -33.10
CA PRO F 549 -3.37 -41.00 -33.36
C PRO F 549 -4.45 -39.95 -33.61
N SER F 550 -4.65 -39.07 -32.62
CA SER F 550 -5.71 -38.02 -32.71
C SER F 550 -5.33 -36.81 -31.86
N ILE F 551 -5.81 -35.62 -32.27
CA ILE F 551 -5.59 -34.35 -31.59
C ILE F 551 -6.95 -33.77 -31.26
N ILE F 552 -7.12 -33.33 -30.03
CA ILE F 552 -8.28 -32.56 -29.62
C ILE F 552 -7.83 -31.13 -29.37
N PHE F 553 -8.45 -30.18 -30.07
CA PHE F 553 -8.15 -28.77 -29.88
C PHE F 553 -9.34 -28.07 -29.24
N PHE F 554 -9.06 -27.36 -28.16
CA PHE F 554 -10.04 -26.58 -27.41
C PHE F 554 -9.71 -25.11 -27.62
N ASP F 555 -10.34 -24.47 -28.60
CA ASP F 555 -10.20 -23.04 -28.70
C ASP F 555 -11.00 -22.40 -27.58
N GLU F 556 -10.46 -21.32 -27.01
CA GLU F 556 -11.03 -20.62 -25.86
C GLU F 556 -11.26 -21.58 -24.69
N ILE F 557 -10.14 -22.13 -24.20
CA ILE F 557 -10.24 -23.15 -23.16
C ILE F 557 -10.61 -22.54 -21.81
N ASP F 558 -10.45 -21.22 -21.66
CA ASP F 558 -10.96 -20.55 -20.47
C ASP F 558 -12.48 -20.51 -20.47
N GLY F 559 -13.10 -20.64 -21.64
CA GLY F 559 -14.55 -20.81 -21.68
C GLY F 559 -15.00 -22.15 -21.17
N LEU F 560 -14.22 -23.20 -21.42
CA LEU F 560 -14.62 -24.54 -20.98
C LEU F 560 -14.10 -24.84 -19.58
N ALA F 561 -12.92 -24.35 -19.24
CA ALA F 561 -12.31 -24.61 -17.93
C ALA F 561 -11.95 -23.30 -17.24
N PRO F 562 -12.91 -22.64 -16.61
CA PRO F 562 -12.59 -21.44 -15.84
C PRO F 562 -12.11 -21.83 -14.45
N VAL F 563 -11.82 -20.82 -13.64
CA VAL F 563 -11.31 -21.05 -12.30
C VAL F 563 -12.47 -21.46 -11.39
N ARG F 564 -12.31 -22.58 -10.70
CA ARG F 564 -13.32 -23.01 -9.75
C ARG F 564 -13.16 -22.25 -8.45
N SER F 565 -14.22 -21.57 -8.04
CA SER F 565 -14.28 -20.85 -6.79
C SER F 565 -15.73 -20.88 -6.31
N SER F 566 -16.06 -20.03 -5.35
CA SER F 566 -17.40 -20.03 -4.82
C SER F 566 -18.31 -18.97 -5.43
N LYS F 567 -17.89 -18.33 -6.53
CA LYS F 567 -18.82 -17.69 -7.45
C LYS F 567 -18.95 -18.47 -8.76
N GLN F 568 -18.37 -19.65 -8.81
CA GLN F 568 -18.40 -20.50 -9.98
C GLN F 568 -19.69 -21.31 -10.00
N GLU F 569 -20.15 -21.63 -11.21
CA GLU F 569 -21.28 -22.52 -11.38
C GLU F 569 -20.89 -23.96 -11.07
N GLN F 570 -21.92 -24.80 -10.92
CA GLN F 570 -21.68 -26.23 -10.74
C GLN F 570 -21.27 -26.91 -12.03
N ILE F 571 -21.87 -26.52 -13.16
CA ILE F 571 -21.75 -27.31 -14.39
C ILE F 571 -20.36 -27.15 -15.01
N HIS F 572 -19.77 -25.95 -14.88
CA HIS F 572 -18.39 -25.77 -15.32
C HIS F 572 -17.41 -26.46 -14.38
N ALA F 573 -17.70 -26.41 -13.08
CA ALA F 573 -16.84 -27.07 -12.09
C ALA F 573 -16.82 -28.57 -12.31
N SER F 574 -17.96 -29.16 -12.70
CA SER F 574 -17.98 -30.57 -13.03
C SER F 574 -17.33 -30.85 -14.39
N ILE F 575 -17.40 -29.91 -15.33
CA ILE F 575 -16.65 -30.05 -16.59
C ILE F 575 -15.14 -30.10 -16.33
N VAL F 576 -14.64 -29.24 -15.43
CA VAL F 576 -13.23 -29.33 -15.04
C VAL F 576 -12.95 -30.64 -14.32
N SER F 577 -13.86 -31.06 -13.44
CA SER F 577 -13.68 -32.31 -12.68
C SER F 577 -13.69 -33.55 -13.57
N THR F 578 -14.32 -33.48 -14.74
CA THR F 578 -14.19 -34.62 -15.64
C THR F 578 -13.06 -34.47 -16.64
N LEU F 579 -12.71 -33.25 -17.05
CA LEU F 579 -11.60 -33.09 -17.99
C LEU F 579 -10.28 -33.45 -17.35
N LEU F 580 -10.14 -33.17 -16.04
CA LEU F 580 -8.95 -33.56 -15.30
C LEU F 580 -8.82 -35.07 -15.19
N ALA F 581 -9.92 -35.75 -14.87
CA ALA F 581 -9.90 -37.20 -14.77
C ALA F 581 -9.72 -37.88 -16.11
N LEU F 582 -10.19 -37.26 -17.21
CA LEU F 582 -9.92 -37.79 -18.54
C LEU F 582 -8.47 -37.60 -18.95
N MET F 583 -7.86 -36.48 -18.56
CA MET F 583 -6.45 -36.25 -18.89
C MET F 583 -5.54 -37.13 -18.06
N ASP F 584 -5.92 -37.45 -16.84
CA ASP F 584 -5.13 -38.40 -16.07
C ASP F 584 -5.38 -39.83 -16.51
N GLY F 585 -6.52 -40.10 -17.16
CA GLY F 585 -6.78 -41.41 -17.71
C GLY F 585 -6.04 -41.72 -18.99
N MET F 586 -5.53 -40.71 -19.69
CA MET F 586 -4.88 -40.94 -20.96
C MET F 586 -3.53 -41.61 -20.75
N ASP F 587 -3.26 -42.65 -21.54
CA ASP F 587 -2.14 -43.54 -21.27
C ASP F 587 -0.80 -42.90 -21.61
N ASN F 588 0.27 -43.62 -21.26
CA ASN F 588 1.61 -43.09 -21.43
C ASN F 588 2.06 -43.11 -22.89
N ARG F 589 1.67 -44.14 -23.64
CA ARG F 589 2.05 -44.24 -25.05
C ARG F 589 1.22 -43.22 -25.82
N GLY F 590 1.71 -41.98 -25.84
CA GLY F 590 0.89 -40.83 -26.18
C GLY F 590 0.46 -40.74 -27.64
N GLN F 591 -0.82 -41.00 -27.86
CA GLN F 591 -1.40 -41.01 -29.19
C GLN F 591 -2.56 -40.05 -29.35
N VAL F 592 -3.04 -39.47 -28.25
CA VAL F 592 -3.98 -38.37 -28.27
C VAL F 592 -3.26 -37.19 -27.65
N ILE F 593 -3.25 -36.07 -28.36
CA ILE F 593 -2.68 -34.83 -27.83
C ILE F 593 -3.77 -33.79 -27.79
N VAL F 594 -3.92 -33.13 -26.64
CA VAL F 594 -4.92 -32.10 -26.47
C VAL F 594 -4.23 -30.74 -26.48
N ILE F 595 -4.47 -29.99 -27.54
CA ILE F 595 -4.04 -28.60 -27.67
C ILE F 595 -5.16 -27.71 -27.18
N GLY F 596 -4.82 -26.66 -26.45
CA GLY F 596 -5.83 -25.72 -26.00
C GLY F 596 -5.37 -24.28 -26.05
N ALA F 597 -6.24 -23.36 -26.47
CA ALA F 597 -5.80 -21.99 -26.72
C ALA F 597 -6.58 -21.03 -25.84
N THR F 598 -5.88 -20.00 -25.38
CA THR F 598 -6.50 -18.99 -24.53
C THR F 598 -5.77 -17.68 -24.74
N ASN F 599 -6.48 -16.57 -24.56
CA ASN F 599 -5.82 -15.28 -24.52
C ASN F 599 -5.62 -14.76 -23.11
N ARG F 600 -6.06 -15.51 -22.09
CA ARG F 600 -5.89 -15.15 -20.69
C ARG F 600 -5.49 -16.41 -19.92
N PRO F 601 -4.19 -16.71 -19.85
CA PRO F 601 -3.78 -18.01 -19.31
C PRO F 601 -4.00 -18.18 -17.82
N ASP F 602 -3.89 -17.12 -17.02
CA ASP F 602 -4.23 -17.24 -15.60
C ASP F 602 -5.70 -16.98 -15.33
N ALA F 603 -6.55 -17.56 -16.17
CA ALA F 603 -7.99 -17.61 -16.00
C ALA F 603 -8.53 -18.98 -16.35
N VAL F 604 -7.73 -19.84 -16.97
CA VAL F 604 -7.95 -21.26 -16.90
C VAL F 604 -7.80 -21.70 -15.46
N ASP F 605 -8.44 -22.84 -15.15
CA ASP F 605 -8.38 -23.44 -13.79
C ASP F 605 -6.94 -23.89 -13.55
N PRO F 606 -6.40 -23.69 -12.32
CA PRO F 606 -5.01 -24.08 -12.00
C PRO F 606 -4.72 -25.58 -12.09
N ALA F 607 -5.73 -26.42 -11.89
CA ALA F 607 -5.55 -27.90 -11.85
C ALA F 607 -4.97 -28.44 -13.16
N LEU F 608 -5.48 -27.97 -14.31
CA LEU F 608 -5.05 -28.50 -15.64
C LEU F 608 -3.63 -28.05 -15.99
N ARG F 609 -3.05 -27.11 -15.24
CA ARG F 609 -1.67 -26.66 -15.54
C ARG F 609 -0.67 -27.50 -14.73
N ARG F 610 -1.17 -28.40 -13.88
CA ARG F 610 -0.31 -29.27 -13.03
C ARG F 610 0.34 -30.37 -13.88
N PRO F 611 1.47 -30.96 -13.43
CA PRO F 611 2.15 -32.03 -14.18
C PRO F 611 1.20 -33.16 -14.60
N GLY F 612 1.34 -33.64 -15.85
CA GLY F 612 0.46 -34.66 -16.37
C GLY F 612 -0.77 -34.11 -17.05
N ARG F 613 -0.75 -32.83 -17.42
CA ARG F 613 -1.89 -32.07 -17.88
C ARG F 613 -1.34 -31.05 -18.88
N PHE F 614 -2.05 -29.94 -19.07
CA PHE F 614 -1.54 -28.90 -19.95
C PHE F 614 -0.29 -28.27 -19.34
N ASP F 615 0.88 -28.72 -19.76
CA ASP F 615 2.11 -28.34 -19.06
C ASP F 615 3.19 -27.78 -19.97
N ARG F 616 3.16 -28.07 -21.27
CA ARG F 616 4.05 -27.42 -22.21
C ARG F 616 3.28 -26.27 -22.84
N GLU F 617 3.87 -25.08 -22.82
CA GLU F 617 3.18 -23.88 -23.25
C GLU F 617 3.86 -23.25 -24.46
N PHE F 618 3.06 -22.57 -25.27
CA PHE F 618 3.57 -21.78 -26.39
C PHE F 618 3.03 -20.36 -26.20
N TYR F 619 3.93 -19.43 -26.00
CA TYR F 619 3.55 -18.03 -25.92
C TYR F 619 3.50 -17.49 -27.33
N PHE F 620 2.47 -16.71 -27.61
CA PHE F 620 2.22 -16.15 -28.93
C PHE F 620 2.26 -14.65 -28.80
N PRO F 621 3.42 -14.02 -28.90
CA PRO F 621 3.51 -12.58 -28.68
C PRO F 621 2.98 -11.79 -29.87
N LEU F 622 2.91 -10.47 -29.65
CA LEU F 622 2.72 -9.56 -30.76
C LEU F 622 3.94 -9.61 -31.66
N PRO F 623 3.77 -9.41 -32.97
CA PRO F 623 4.90 -9.57 -33.89
C PRO F 623 5.91 -8.44 -33.77
N ASP F 624 7.17 -8.74 -34.09
CA ASP F 624 8.19 -7.71 -34.24
C ASP F 624 8.24 -7.28 -35.71
N VAL F 625 9.23 -6.45 -36.07
CA VAL F 625 9.17 -5.66 -37.31
C VAL F 625 9.27 -6.54 -38.55
N LYS F 626 10.15 -7.56 -38.52
CA LYS F 626 10.27 -8.46 -39.66
C LYS F 626 9.06 -9.37 -39.75
N ALA F 627 8.49 -9.74 -38.61
CA ALA F 627 7.26 -10.53 -38.61
C ALA F 627 6.09 -9.75 -39.16
N ARG F 628 5.99 -8.45 -38.83
CA ARG F 628 4.95 -7.62 -39.41
C ARG F 628 5.17 -7.39 -40.89
N PHE F 629 6.43 -7.33 -41.32
CA PHE F 629 6.72 -7.25 -42.75
C PHE F 629 6.20 -8.47 -43.49
N LYS F 630 6.48 -9.66 -42.95
CA LYS F 630 5.99 -10.90 -43.56
C LYS F 630 4.47 -11.00 -43.55
N ILE F 631 3.84 -10.55 -42.47
CA ILE F 631 2.38 -10.57 -42.38
C ILE F 631 1.76 -9.63 -43.41
N LEU F 632 2.29 -8.41 -43.53
CA LEU F 632 1.81 -7.45 -44.51
C LEU F 632 1.98 -7.95 -45.94
N GLN F 633 3.10 -8.64 -46.21
CA GLN F 633 3.28 -9.30 -47.50
C GLN F 633 2.21 -10.35 -47.74
N ILE F 634 1.89 -11.13 -46.70
CA ILE F 634 0.91 -12.21 -46.81
C ILE F 634 -0.49 -11.64 -47.11
N GLN F 635 -0.85 -10.54 -46.45
CA GLN F 635 -2.14 -9.91 -46.72
C GLN F 635 -2.16 -9.27 -48.10
N THR F 636 -1.00 -8.81 -48.57
CA THR F 636 -0.96 -8.05 -49.81
C THR F 636 -1.01 -8.97 -51.03
N ARG F 637 -0.48 -10.22 -50.90
CA ARG F 637 -0.18 -11.17 -51.98
C ARG F 637 -1.07 -11.21 -53.21
N LYS F 638 -2.38 -11.32 -53.02
CA LYS F 638 -3.31 -11.62 -54.11
C LYS F 638 -4.04 -10.36 -54.58
N TRP F 639 -3.37 -9.21 -54.59
CA TRP F 639 -3.99 -8.01 -55.13
C TRP F 639 -3.67 -7.89 -56.61
N SER F 640 -4.58 -7.26 -57.36
CA SER F 640 -4.38 -7.10 -58.80
C SER F 640 -3.25 -6.13 -59.10
N SER F 641 -3.24 -5.00 -58.43
CA SER F 641 -2.15 -4.04 -58.59
C SER F 641 -1.20 -4.13 -57.39
N PRO F 642 0.10 -4.25 -57.62
CA PRO F 642 0.99 -4.72 -56.54
C PRO F 642 1.50 -3.60 -55.66
N LEU F 643 2.21 -4.00 -54.60
CA LEU F 643 2.77 -3.09 -53.61
C LEU F 643 4.27 -3.35 -53.49
N SER F 644 5.06 -2.28 -53.63
CA SER F 644 6.52 -2.41 -53.60
C SER F 644 7.00 -2.74 -52.20
N THR F 645 8.18 -3.37 -52.13
CA THR F 645 8.63 -3.93 -50.87
C THR F 645 9.14 -2.85 -49.92
N ASN F 646 9.51 -1.69 -50.45
CA ASN F 646 9.92 -0.58 -49.59
C ASN F 646 8.76 -0.01 -48.80
N PHE F 647 7.59 0.08 -49.43
CA PHE F 647 6.41 0.57 -48.72
C PHE F 647 5.94 -0.41 -47.67
N ILE F 648 6.07 -1.71 -47.97
CA ILE F 648 5.75 -2.74 -46.98
C ILE F 648 6.73 -2.70 -45.82
N ASP F 649 7.98 -2.32 -46.08
CA ASP F 649 8.94 -2.16 -44.98
C ASP F 649 8.64 -0.91 -44.14
N LYS F 650 8.24 0.18 -44.79
CA LYS F 650 7.85 1.38 -44.05
C LYS F 650 6.61 1.12 -43.20
N LEU F 651 5.62 0.43 -43.77
CA LEU F 651 4.43 0.06 -43.01
C LEU F 651 4.74 -0.94 -41.91
N ALA F 652 5.80 -1.73 -42.07
CA ALA F 652 6.27 -2.56 -40.96
C ALA F 652 6.84 -1.72 -39.84
N PHE F 653 7.61 -0.68 -40.16
CA PHE F 653 8.19 0.13 -39.09
C PHE F 653 7.22 1.09 -38.42
N LEU F 654 6.01 1.24 -38.96
CA LEU F 654 5.03 2.17 -38.40
C LEU F 654 4.04 1.51 -37.47
N THR F 655 4.12 0.20 -37.29
CA THR F 655 3.03 -0.53 -36.66
C THR F 655 3.51 -1.30 -35.44
N LYS F 656 4.39 -0.72 -34.63
CA LYS F 656 4.86 -1.36 -33.40
C LYS F 656 3.69 -1.49 -32.44
N GLY F 657 3.19 -2.72 -32.28
CA GLY F 657 2.03 -3.01 -31.50
C GLY F 657 0.88 -3.67 -32.25
N TYR F 658 1.06 -4.03 -33.51
CA TYR F 658 -0.01 -4.50 -34.38
C TYR F 658 0.09 -6.00 -34.59
N GLY F 659 -0.92 -6.74 -34.15
CA GLY F 659 -1.02 -8.15 -34.47
C GLY F 659 -1.41 -8.36 -35.92
N GLY F 660 -1.52 -9.63 -36.30
CA GLY F 660 -1.86 -9.94 -37.68
C GLY F 660 -3.28 -9.56 -38.04
N ALA F 661 -4.19 -9.60 -37.06
CA ALA F 661 -5.55 -9.12 -37.26
C ALA F 661 -5.57 -7.63 -37.52
N ASP F 662 -4.74 -6.87 -36.78
CA ASP F 662 -4.65 -5.44 -36.96
C ASP F 662 -4.07 -5.08 -38.32
N LEU F 663 -3.08 -5.82 -38.79
CA LEU F 663 -2.49 -5.53 -40.10
C LEU F 663 -3.44 -5.91 -41.22
N ARG F 664 -4.21 -6.98 -41.03
CA ARG F 664 -5.26 -7.33 -41.98
C ARG F 664 -6.32 -6.24 -42.09
N SER F 665 -6.79 -5.72 -40.95
CA SER F 665 -7.78 -4.66 -41.00
C SER F 665 -7.20 -3.33 -41.46
N LEU F 666 -5.90 -3.10 -41.26
CA LEU F 666 -5.23 -1.93 -41.82
C LEU F 666 -5.23 -1.99 -43.34
N CYS F 667 -4.92 -3.16 -43.90
CA CYS F 667 -5.03 -3.34 -45.35
C CYS F 667 -6.47 -3.21 -45.83
N THR F 668 -7.44 -3.68 -45.04
CA THR F 668 -8.84 -3.59 -45.43
C THR F 668 -9.32 -2.14 -45.51
N GLU F 669 -8.99 -1.35 -44.49
CA GLU F 669 -9.35 0.06 -44.52
C GLU F 669 -8.59 0.83 -45.58
N ALA F 670 -7.35 0.42 -45.89
CA ALA F 670 -6.61 1.04 -46.99
C ALA F 670 -7.29 0.80 -48.33
N ALA F 671 -7.75 -0.44 -48.56
CA ALA F 671 -8.52 -0.74 -49.76
C ALA F 671 -9.81 0.06 -49.81
N LEU F 672 -10.49 0.25 -48.67
CA LEU F 672 -11.76 0.96 -48.69
C LEU F 672 -11.56 2.46 -48.89
N ILE F 673 -10.48 3.01 -48.33
CA ILE F 673 -10.13 4.41 -48.56
C ILE F 673 -9.76 4.64 -50.02
N SER F 674 -9.11 3.64 -50.65
CA SER F 674 -8.78 3.77 -52.07
C SER F 674 -10.01 3.68 -52.97
N ILE F 675 -10.95 2.77 -52.66
CA ILE F 675 -12.22 2.71 -53.40
C ILE F 675 -13.00 4.01 -53.21
N GLN F 676 -12.88 4.62 -52.03
CA GLN F 676 -13.56 5.88 -51.76
C GLN F 676 -12.97 7.02 -52.58
N ARG F 677 -11.64 7.09 -52.68
CA ARG F 677 -11.04 8.19 -53.44
C ARG F 677 -11.10 7.97 -54.94
N SER F 678 -11.22 6.73 -55.38
CA SER F 678 -11.26 6.48 -56.82
C SER F 678 -12.66 6.66 -57.39
N PHE F 679 -13.69 6.29 -56.63
CA PHE F 679 -15.09 6.42 -57.08
C PHE F 679 -15.94 6.93 -55.94
N PRO F 680 -15.93 8.24 -55.67
CA PRO F 680 -16.78 8.79 -54.62
C PRO F 680 -18.23 8.95 -55.01
N GLN F 681 -18.65 8.45 -56.16
CA GLN F 681 -20.02 8.55 -56.59
C GLN F 681 -20.82 7.30 -56.26
N ILE F 682 -20.16 6.18 -56.00
CA ILE F 682 -20.86 4.96 -55.63
C ILE F 682 -21.37 5.03 -54.20
N TYR F 683 -20.96 6.03 -53.44
CA TYR F 683 -21.37 6.23 -52.06
C TYR F 683 -22.67 7.00 -51.93
N ARG F 684 -23.01 7.86 -52.89
CA ARG F 684 -24.20 8.69 -52.81
C ARG F 684 -25.21 8.32 -53.89
N SER F 685 -25.41 7.02 -54.10
CA SER F 685 -26.12 6.55 -55.28
C SER F 685 -27.53 6.05 -55.00
N ASN F 686 -27.67 5.09 -54.07
CA ASN F 686 -28.84 4.25 -53.84
C ASN F 686 -29.20 3.39 -55.04
N ASP F 687 -28.27 3.19 -55.98
CA ASP F 687 -28.44 2.31 -57.14
C ASP F 687 -27.08 1.96 -57.71
N LYS F 688 -26.97 0.76 -58.28
CA LYS F 688 -25.66 0.21 -58.60
C LYS F 688 -25.10 0.87 -59.86
N LEU F 689 -23.90 1.43 -59.73
CA LEU F 689 -23.21 2.11 -60.81
C LEU F 689 -22.15 1.20 -61.41
N LEU F 690 -21.94 1.32 -62.71
CA LEU F 690 -20.98 0.46 -63.39
C LEU F 690 -19.57 0.99 -63.13
N VAL F 691 -18.85 0.30 -62.25
CA VAL F 691 -17.50 0.66 -61.84
C VAL F 691 -16.55 -0.45 -62.27
N ASP F 692 -15.45 -0.05 -62.93
CA ASP F 692 -14.40 -0.99 -63.30
C ASP F 692 -13.45 -1.10 -62.12
N PRO F 693 -13.30 -2.29 -61.51
CA PRO F 693 -12.44 -2.42 -60.33
C PRO F 693 -10.97 -2.44 -60.65
N SER F 694 -10.57 -2.31 -61.92
CA SER F 694 -9.17 -2.29 -62.29
C SER F 694 -8.52 -0.94 -62.05
N LYS F 695 -9.28 0.15 -62.14
CA LYS F 695 -8.70 1.48 -61.93
C LYS F 695 -8.55 1.85 -60.47
N ILE F 696 -8.91 0.97 -59.55
CA ILE F 696 -8.72 1.22 -58.12
C ILE F 696 -7.38 0.61 -57.73
N LYS F 697 -6.44 1.46 -57.32
CA LYS F 697 -5.14 1.01 -56.84
C LYS F 697 -4.91 1.60 -55.45
N VAL F 698 -4.55 0.75 -54.50
CA VAL F 698 -4.31 1.20 -53.14
C VAL F 698 -2.92 1.84 -53.08
N LYS F 699 -2.89 3.14 -52.82
CA LYS F 699 -1.66 3.92 -52.83
C LYS F 699 -1.05 3.96 -51.44
N VAL F 700 -0.11 4.86 -51.24
CA VAL F 700 0.52 5.05 -49.94
C VAL F 700 -0.26 6.02 -49.07
N SER F 701 -0.91 7.02 -49.68
CA SER F 701 -1.70 7.97 -48.92
C SER F 701 -2.91 7.31 -48.26
N ASP F 702 -3.45 6.28 -48.92
CA ASP F 702 -4.51 5.47 -48.32
C ASP F 702 -4.03 4.71 -47.10
N PHE F 703 -2.80 4.21 -47.13
CA PHE F 703 -2.27 3.54 -45.95
C PHE F 703 -1.95 4.53 -44.85
N MET F 704 -1.55 5.76 -45.18
CA MET F 704 -1.34 6.76 -44.15
C MET F 704 -2.65 7.25 -43.53
N LEU F 705 -3.74 7.18 -44.29
CA LEU F 705 -5.05 7.48 -43.72
C LEU F 705 -5.61 6.30 -42.92
N ALA F 706 -5.29 5.07 -43.32
CA ALA F 706 -5.75 3.92 -42.56
C ALA F 706 -4.94 3.74 -41.29
N LEU F 707 -3.71 4.28 -41.25
CA LEU F 707 -2.94 4.23 -40.00
C LEU F 707 -3.58 5.05 -38.89
N LYS F 708 -4.16 6.20 -39.22
CA LYS F 708 -4.86 6.95 -38.19
C LYS F 708 -6.31 6.52 -38.05
N LYS F 709 -6.85 5.80 -39.04
CA LYS F 709 -8.19 5.23 -38.95
C LYS F 709 -8.17 3.88 -38.21
N ILE F 710 -7.01 3.41 -37.75
CA ILE F 710 -6.92 2.15 -37.01
C ILE F 710 -6.43 2.42 -35.60
N VAL F 711 -7.22 1.98 -34.62
CA VAL F 711 -6.95 2.08 -33.19
C VAL F 711 -5.66 1.33 -32.85
N PRO F 712 -4.76 1.90 -32.04
CA PRO F 712 -3.42 1.32 -31.88
C PRO F 712 -3.35 -0.02 -31.14
N SER F 713 -4.38 -0.36 -30.35
CA SER F 713 -4.63 -1.70 -29.82
C SER F 713 -3.45 -2.19 -28.94
N SER F 714 -3.19 -1.39 -27.89
CA SER F 714 -2.02 -1.53 -27.02
C SER F 714 -0.72 -1.55 -27.84
N ALA F 715 -0.46 -0.42 -28.51
CA ALA F 715 0.74 -0.31 -29.33
C ALA F 715 1.98 -0.17 -28.45
N ARG F 716 1.87 0.59 -27.35
CA ARG F 716 2.96 0.88 -26.40
C ARG F 716 4.17 1.48 -27.11
N SER F 717 3.95 2.59 -27.83
CA SER F 717 5.03 3.28 -28.53
C SER F 717 5.76 4.17 -27.53
N THR F 718 6.60 3.54 -26.71
CA THR F 718 7.30 4.21 -25.62
C THR F 718 8.81 4.06 -25.78
N GLY F 719 9.54 5.07 -25.35
CA GLY F 719 10.99 5.04 -25.32
C GLY F 719 11.68 4.98 -26.68
N SER F 720 12.78 4.23 -26.76
CA SER F 720 13.58 4.11 -27.97
C SER F 720 13.00 3.05 -28.89
N SER F 721 13.14 3.28 -30.19
CA SER F 721 12.73 2.30 -31.18
C SER F 721 13.88 2.04 -32.15
N PRO F 722 14.34 0.79 -32.26
CA PRO F 722 15.30 0.44 -33.30
C PRO F 722 14.70 0.65 -34.68
N GLN F 723 15.35 1.52 -35.45
CA GLN F 723 14.80 2.04 -36.66
C GLN F 723 15.99 2.52 -37.46
N PRO F 724 16.08 2.19 -38.75
CA PRO F 724 17.24 2.61 -39.54
C PRO F 724 17.23 4.12 -39.72
N LEU F 725 18.40 4.68 -40.03
CA LEU F 725 18.58 6.13 -40.06
C LEU F 725 17.63 6.78 -41.05
N PRO F 726 16.95 7.88 -40.68
CA PRO F 726 15.93 8.44 -41.56
C PRO F 726 16.53 9.00 -42.83
N GLU F 727 15.70 9.02 -43.88
CA GLU F 727 16.20 9.31 -45.24
C GLU F 727 16.67 10.75 -45.38
N LEU F 728 16.20 11.65 -44.53
CA LEU F 728 16.58 13.04 -44.66
C LEU F 728 17.96 13.32 -44.09
N ILE F 729 18.27 12.77 -42.92
CA ILE F 729 19.57 12.94 -42.30
C ILE F 729 20.56 11.87 -42.72
N LYS F 730 20.13 10.87 -43.48
CA LYS F 730 21.04 9.85 -43.98
C LYS F 730 22.26 10.36 -44.75
N PRO F 731 22.23 11.49 -45.49
CA PRO F 731 23.51 12.05 -45.94
C PRO F 731 24.42 12.51 -44.84
N LEU F 732 23.90 12.85 -43.66
CA LEU F 732 24.75 13.45 -42.64
C LEU F 732 25.50 12.42 -41.80
N LEU F 733 24.88 11.28 -41.50
CA LEU F 733 25.47 10.28 -40.62
C LEU F 733 25.56 8.92 -41.28
N ALA F 734 25.93 8.84 -42.55
CA ALA F 734 26.01 7.52 -43.18
C ALA F 734 27.37 6.88 -43.01
N ASP F 735 28.43 7.66 -43.22
CA ASP F 735 29.78 7.13 -43.14
C ASP F 735 30.22 6.92 -41.71
N GLN F 736 29.78 7.78 -40.80
CA GLN F 736 30.07 7.56 -39.38
C GLN F 736 29.34 6.34 -38.85
N LEU F 737 28.09 6.14 -39.28
CA LEU F 737 27.37 4.93 -38.93
C LEU F 737 27.99 3.71 -39.60
N ASN F 738 28.62 3.88 -40.75
CA ASN F 738 29.26 2.74 -41.39
C ASN F 738 30.54 2.34 -40.67
N ASN F 739 31.32 3.33 -40.24
CA ASN F 739 32.47 3.07 -39.37
C ASN F 739 32.06 2.40 -38.07
N LEU F 740 30.95 2.85 -37.48
CA LEU F 740 30.42 2.22 -36.28
C LEU F 740 29.97 0.80 -36.52
N LYS F 741 29.35 0.53 -37.67
CA LYS F 741 28.88 -0.81 -37.97
C LYS F 741 30.05 -1.75 -38.19
N ASN F 742 31.13 -1.26 -38.81
CA ASN F 742 32.31 -2.08 -38.99
C ASN F 742 33.02 -2.34 -37.67
N LYS F 743 33.08 -1.34 -36.80
CA LYS F 743 33.67 -1.53 -35.48
C LYS F 743 32.84 -2.49 -34.63
N LEU F 744 31.52 -2.48 -34.79
CA LEU F 744 30.69 -3.47 -34.09
C LEU F 744 30.81 -4.84 -34.70
N ASP F 745 31.14 -4.93 -35.98
CA ASP F 745 31.35 -6.24 -36.59
C ASP F 745 32.64 -6.87 -36.11
N TYR F 746 33.71 -6.08 -36.01
CA TYR F 746 34.95 -6.60 -35.47
C TYR F 746 34.83 -6.92 -33.99
N MET F 747 34.09 -6.12 -33.25
CA MET F 747 33.97 -6.32 -31.82
C MET F 747 33.07 -7.48 -31.45
N LEU F 748 31.93 -7.63 -32.09
CA LEU F 748 30.94 -8.63 -31.71
C LEU F 748 30.94 -9.82 -32.64
N ASN F 749 31.92 -9.87 -33.55
CA ASN F 749 32.19 -11.01 -34.43
C ASN F 749 31.01 -11.31 -35.35
N ILE F 750 30.30 -10.26 -35.79
CA ILE F 750 29.05 -10.45 -36.53
C ILE F 750 29.31 -10.81 -37.99
N LYS F 751 30.56 -10.74 -38.45
CA LYS F 751 30.85 -11.01 -39.85
C LYS F 751 30.68 -12.49 -40.21
N ASP F 752 30.87 -13.39 -39.25
CA ASP F 752 30.88 -14.80 -39.56
C ASP F 752 29.82 -15.59 -38.82
N THR F 753 29.36 -15.13 -37.65
CA THR F 753 28.23 -15.78 -37.00
C THR F 753 26.91 -15.41 -37.70
N THR F 754 26.53 -14.14 -37.62
CA THR F 754 25.15 -13.65 -37.78
C THR F 754 24.16 -14.59 -37.08
N PHE F 755 24.40 -14.77 -35.78
CA PHE F 755 23.83 -15.86 -34.97
C PHE F 755 24.09 -17.21 -35.64
N GLN F 756 25.39 -17.54 -35.75
CA GLN F 756 25.98 -18.77 -36.29
C GLN F 756 25.35 -19.27 -37.59
N ARG F 757 24.92 -18.33 -38.44
CA ARG F 757 24.16 -18.59 -39.68
C ARG F 757 22.91 -19.42 -39.43
N ASN F 758 22.27 -19.21 -38.29
CA ASN F 758 21.11 -19.99 -37.89
C ASN F 758 20.04 -19.08 -37.32
N THR F 759 18.85 -19.12 -37.91
CA THR F 759 17.65 -18.65 -37.26
C THR F 759 16.61 -19.75 -37.20
N SER F 760 16.69 -20.75 -38.09
CA SER F 760 15.97 -22.00 -37.98
C SER F 760 16.94 -23.12 -38.35
N LEU F 761 17.00 -24.17 -37.54
CA LEU F 761 17.95 -25.26 -37.81
C LEU F 761 17.55 -26.12 -38.99
N LEU F 762 16.26 -26.12 -39.37
CA LEU F 762 15.79 -27.06 -40.38
C LEU F 762 16.28 -26.67 -41.77
N GLN F 763 16.36 -25.38 -42.07
CA GLN F 763 16.86 -24.96 -43.38
C GLN F 763 18.36 -25.20 -43.52
N ASN F 764 19.08 -25.34 -42.40
CA ASN F 764 20.47 -25.75 -42.47
C ASN F 764 20.61 -27.22 -42.90
N PHE F 765 19.76 -28.10 -42.38
CA PHE F 765 20.00 -29.53 -42.55
C PHE F 765 19.64 -30.04 -43.93
N ILE F 766 19.10 -29.21 -44.81
CA ILE F 766 18.80 -29.63 -46.18
C ILE F 766 19.76 -29.02 -47.20
N ASP F 767 20.30 -27.82 -46.96
CA ASP F 767 21.11 -27.13 -47.96
C ASP F 767 22.61 -27.29 -47.77
N TYR F 768 23.05 -27.54 -46.53
CA TYR F 768 24.45 -27.54 -46.17
C TYR F 768 24.87 -28.93 -45.71
N GLU F 769 25.95 -29.45 -46.27
CA GLU F 769 26.47 -30.77 -45.92
C GLU F 769 27.46 -30.64 -44.78
N GLU F 770 27.29 -31.46 -43.75
CA GLU F 770 28.04 -31.38 -42.50
C GLU F 770 29.49 -31.82 -42.70
N TYR F 771 30.31 -31.55 -41.69
CA TYR F 771 31.71 -31.97 -41.70
C TYR F 771 31.83 -33.38 -41.10
N SER F 772 32.59 -34.23 -41.77
CA SER F 772 32.71 -35.62 -41.36
C SER F 772 34.17 -36.10 -41.38
N THR F 787 35.38 -41.31 -28.00
CA THR F 787 35.00 -40.37 -29.05
C THR F 787 36.07 -39.29 -29.21
N SER F 788 36.76 -39.31 -30.35
CA SER F 788 37.84 -38.36 -30.60
C SER F 788 37.35 -37.01 -31.08
N SER F 789 36.04 -36.78 -31.14
CA SER F 789 35.54 -35.50 -31.59
C SER F 789 35.21 -34.56 -30.45
N PHE F 790 35.29 -35.02 -29.20
CA PHE F 790 35.03 -34.11 -28.09
C PHE F 790 36.17 -33.11 -27.94
N ARG F 791 37.41 -33.56 -28.05
CA ARG F 791 38.54 -32.64 -27.93
C ARG F 791 38.56 -31.63 -29.08
N SER F 792 38.20 -32.08 -30.29
CA SER F 792 38.12 -31.20 -31.44
C SER F 792 37.00 -30.19 -31.28
N TYR F 793 35.82 -30.63 -30.83
CA TYR F 793 34.69 -29.71 -30.71
C TYR F 793 34.88 -28.74 -29.54
N GLU F 794 35.50 -29.17 -28.43
CA GLU F 794 35.84 -28.24 -27.37
C GLU F 794 36.87 -27.24 -27.82
N PHE F 795 37.85 -27.67 -28.62
CA PHE F 795 38.89 -26.76 -29.09
C PHE F 795 38.31 -25.70 -30.01
N PHE F 796 37.52 -26.12 -31.00
CA PHE F 796 37.00 -25.16 -31.97
C PHE F 796 35.82 -24.38 -31.42
N GLU F 797 35.22 -24.83 -30.33
CA GLU F 797 34.20 -24.03 -29.68
C GLU F 797 34.82 -23.03 -28.72
N SER F 798 35.89 -23.42 -28.04
CA SER F 798 36.55 -22.50 -27.13
C SER F 798 37.38 -21.49 -27.87
N MET F 799 37.66 -21.75 -29.15
CA MET F 799 38.30 -20.75 -29.98
C MET F 799 37.29 -19.85 -30.68
N ALA F 800 36.08 -20.35 -30.93
CA ALA F 800 35.01 -19.53 -31.47
C ALA F 800 34.40 -18.63 -30.41
N GLU F 801 34.40 -19.04 -29.14
CA GLU F 801 33.92 -18.14 -28.11
C GLU F 801 35.00 -17.22 -27.60
N SER F 802 36.26 -17.50 -27.89
CA SER F 802 37.34 -16.64 -27.46
C SER F 802 37.48 -15.38 -28.30
N GLN F 803 36.68 -15.23 -29.35
CA GLN F 803 36.72 -14.01 -30.14
C GLN F 803 36.16 -12.83 -29.38
N ILE F 804 35.15 -13.14 -28.55
CA ILE F 804 34.40 -12.12 -27.76
C ILE F 804 35.06 -11.91 -26.40
N CYS F 805 35.72 -10.77 -26.20
CA CYS F 805 36.32 -10.48 -24.87
C CYS F 805 35.26 -9.68 -24.09
N LYS F 806 35.53 -8.42 -23.78
CA LYS F 806 34.50 -7.61 -23.10
C LYS F 806 34.02 -6.55 -24.10
N PRO F 807 32.79 -6.65 -24.66
CA PRO F 807 32.31 -5.66 -25.63
C PRO F 807 31.86 -4.39 -24.90
N ARG F 808 32.44 -3.24 -25.30
CA ARG F 808 32.11 -1.93 -24.69
C ARG F 808 32.30 -0.85 -25.75
N LEU F 809 31.25 -0.09 -26.04
CA LEU F 809 31.33 0.97 -27.04
C LEU F 809 30.76 2.24 -26.44
N LEU F 810 31.60 3.25 -26.32
CA LEU F 810 31.18 4.59 -25.94
C LEU F 810 31.22 5.44 -27.20
N ILE F 811 30.06 5.90 -27.63
CA ILE F 811 29.94 6.77 -28.79
C ILE F 811 29.80 8.19 -28.28
N ASN F 812 30.88 8.96 -28.33
CA ASN F 812 30.90 10.32 -27.85
C ASN F 812 30.72 11.28 -29.00
N GLY F 813 30.13 12.43 -28.71
CA GLY F 813 29.96 13.43 -29.74
C GLY F 813 29.76 14.80 -29.17
N PRO F 814 29.64 15.80 -30.05
CA PRO F 814 29.25 17.13 -29.60
C PRO F 814 27.80 17.17 -29.16
N LYS F 815 27.38 18.32 -28.68
CA LYS F 815 26.00 18.49 -28.27
C LYS F 815 25.10 18.53 -29.49
N GLY F 816 24.08 17.68 -29.51
CA GLY F 816 23.14 17.63 -30.60
C GLY F 816 23.73 17.20 -31.93
N ASN F 817 24.52 16.14 -31.94
CA ASN F 817 25.12 15.63 -33.16
C ASN F 817 24.47 14.33 -33.63
N GLY F 818 23.16 14.21 -33.46
CA GLY F 818 22.44 13.08 -34.01
C GLY F 818 22.60 11.78 -33.27
N GLN F 819 22.81 11.82 -31.96
CA GLN F 819 23.03 10.59 -31.20
C GLN F 819 21.77 9.78 -31.02
N GLN F 820 20.61 10.44 -30.96
CA GLN F 820 19.36 9.70 -30.89
C GLN F 820 19.05 8.97 -32.18
N TYR F 821 19.62 9.39 -33.30
CA TYR F 821 19.48 8.70 -34.56
C TYR F 821 20.49 7.57 -34.70
N VAL F 822 21.73 7.84 -34.29
CA VAL F 822 22.81 6.86 -34.37
C VAL F 822 22.53 5.68 -33.46
N GLY F 823 22.02 5.93 -32.26
CA GLY F 823 21.71 4.85 -31.35
C GLY F 823 20.58 3.97 -31.83
N ALA F 824 19.54 4.58 -32.40
CA ALA F 824 18.42 3.81 -32.92
C ALA F 824 18.82 3.03 -34.17
N ALA F 825 19.71 3.58 -35.00
CA ALA F 825 20.14 2.87 -36.19
C ALA F 825 21.07 1.72 -35.84
N ILE F 826 21.89 1.87 -34.79
CA ILE F 826 22.72 0.79 -34.31
C ILE F 826 21.86 -0.31 -33.69
N LEU F 827 20.82 0.05 -32.95
CA LEU F 827 19.96 -0.98 -32.38
C LEU F 827 19.08 -1.63 -33.44
N ASN F 828 18.87 -0.96 -34.57
CA ASN F 828 18.28 -1.63 -35.72
C ASN F 828 19.28 -2.57 -36.37
N TYR F 829 20.57 -2.21 -36.33
CA TYR F 829 21.58 -3.08 -36.93
C TYR F 829 21.78 -4.34 -36.12
N LEU F 830 21.59 -4.27 -34.81
CA LEU F 830 21.65 -5.42 -33.92
C LEU F 830 20.24 -5.91 -33.60
N GLU F 831 19.57 -6.45 -34.61
CA GLU F 831 18.24 -7.03 -34.40
C GLU F 831 18.29 -8.40 -33.77
N GLU F 832 19.32 -9.19 -34.05
CA GLU F 832 19.44 -10.54 -33.52
C GLU F 832 19.92 -10.55 -32.07
N PHE F 833 20.11 -9.38 -31.47
CA PHE F 833 20.50 -9.24 -30.09
C PHE F 833 19.26 -9.04 -29.24
N ASN F 834 19.47 -8.80 -27.97
CA ASN F 834 18.41 -8.52 -27.01
C ASN F 834 18.72 -7.16 -26.43
N VAL F 835 17.80 -6.22 -26.51
CA VAL F 835 18.11 -4.88 -26.05
C VAL F 835 17.49 -4.68 -24.68
N GLN F 836 18.33 -4.32 -23.72
CA GLN F 836 17.89 -3.95 -22.38
C GLN F 836 18.24 -2.47 -22.22
N ASN F 837 17.24 -1.62 -22.40
CA ASN F 837 17.43 -0.18 -22.36
C ASN F 837 17.50 0.28 -20.90
N LEU F 838 18.59 0.95 -20.53
CA LEU F 838 18.77 1.47 -19.18
C LEU F 838 18.60 2.99 -19.11
N ASP F 839 17.79 3.58 -19.99
CA ASP F 839 17.61 5.01 -19.92
C ASP F 839 16.71 5.35 -18.74
N LEU F 840 16.67 6.64 -18.40
CA LEU F 840 16.01 7.07 -17.17
C LEU F 840 14.50 6.85 -17.22
N ALA F 841 13.88 7.05 -18.38
CA ALA F 841 12.43 6.93 -18.47
C ALA F 841 11.93 5.51 -18.33
N SER F 842 12.76 4.52 -18.58
CA SER F 842 12.34 3.14 -18.39
C SER F 842 12.82 2.55 -17.06
N LEU F 843 13.57 3.32 -16.27
CA LEU F 843 13.95 2.86 -14.95
C LEU F 843 13.06 3.46 -13.87
N VAL F 844 12.70 4.74 -14.02
CA VAL F 844 11.81 5.41 -13.08
C VAL F 844 10.35 5.24 -13.48
N SER F 845 10.06 4.26 -14.35
CA SER F 845 8.68 3.97 -14.74
C SER F 845 7.86 3.32 -13.62
N GLU F 846 8.50 2.99 -12.49
CA GLU F 846 7.86 2.75 -11.19
C GLU F 846 6.90 1.57 -11.23
N SER F 847 7.46 0.37 -11.37
CA SER F 847 6.73 -0.88 -11.37
C SER F 847 6.63 -1.51 -9.99
N SER F 848 6.52 -0.68 -8.94
CA SER F 848 6.65 -1.07 -7.54
C SER F 848 7.98 -1.76 -7.27
N ARG F 849 9.07 -1.08 -7.65
CA ARG F 849 10.43 -1.49 -7.32
C ARG F 849 11.34 -0.28 -7.42
N THR F 850 12.37 -0.25 -6.58
CA THR F 850 13.38 0.77 -6.62
C THR F 850 14.22 0.64 -7.90
N ILE F 851 14.98 1.68 -8.21
CA ILE F 851 15.68 1.67 -9.48
C ILE F 851 16.94 0.82 -9.43
N GLU F 852 17.50 0.56 -8.23
CA GLU F 852 18.55 -0.44 -8.09
C GLU F 852 18.05 -1.80 -8.50
N ALA F 853 16.86 -2.17 -8.04
CA ALA F 853 16.23 -3.43 -8.43
C ALA F 853 15.96 -3.48 -9.92
N ALA F 854 15.56 -2.35 -10.51
CA ALA F 854 15.23 -2.36 -11.94
C ALA F 854 16.48 -2.48 -12.80
N VAL F 855 17.57 -1.84 -12.39
CA VAL F 855 18.87 -2.00 -13.05
C VAL F 855 19.34 -3.44 -12.95
N VAL F 856 19.24 -4.02 -11.76
CA VAL F 856 19.72 -5.37 -11.53
C VAL F 856 18.91 -6.38 -12.35
N GLN F 857 17.57 -6.20 -12.41
CA GLN F 857 16.77 -7.12 -13.21
C GLN F 857 16.97 -6.92 -14.71
N SER F 858 17.28 -5.69 -15.16
CA SER F 858 17.63 -5.48 -16.56
C SER F 858 18.93 -6.20 -16.91
N PHE F 859 19.92 -6.15 -16.03
CA PHE F 859 21.16 -6.88 -16.29
C PHE F 859 20.95 -8.38 -16.25
N MET F 860 20.05 -8.87 -15.39
CA MET F 860 19.74 -10.30 -15.38
C MET F 860 19.11 -10.74 -16.69
N GLU F 861 18.20 -9.93 -17.23
CA GLU F 861 17.58 -10.30 -18.51
C GLU F 861 18.56 -10.18 -19.68
N ALA F 862 19.50 -9.24 -19.62
CA ALA F 862 20.55 -9.20 -20.62
C ALA F 862 21.47 -10.40 -20.51
N LYS F 863 21.74 -10.85 -19.29
CA LYS F 863 22.62 -11.99 -19.06
C LYS F 863 21.97 -13.30 -19.43
N LYS F 864 20.64 -13.39 -19.34
CA LYS F 864 19.94 -14.61 -19.68
C LYS F 864 19.87 -14.81 -21.20
N ARG F 865 19.63 -13.74 -21.94
CA ARG F 865 19.26 -13.82 -23.35
C ARG F 865 20.39 -13.44 -24.28
N GLN F 866 21.62 -13.87 -24.00
CA GLN F 866 22.76 -13.55 -24.86
C GLN F 866 22.56 -14.12 -26.26
N PRO F 867 23.00 -13.40 -27.32
CA PRO F 867 23.71 -12.11 -27.35
C PRO F 867 22.77 -10.96 -27.04
N SER F 868 23.25 -9.99 -26.26
CA SER F 868 22.40 -8.92 -25.80
C SER F 868 23.20 -7.63 -25.70
N VAL F 869 22.49 -6.51 -25.67
CA VAL F 869 23.11 -5.22 -25.41
C VAL F 869 22.51 -4.63 -24.15
N VAL F 870 23.33 -3.85 -23.46
CA VAL F 870 22.87 -3.04 -22.35
C VAL F 870 23.04 -1.60 -22.81
N PHE F 871 21.93 -1.01 -23.23
CA PHE F 871 21.95 0.23 -24.01
C PHE F 871 21.64 1.39 -23.08
N ILE F 872 22.62 2.23 -22.84
CA ILE F 872 22.47 3.43 -22.03
C ILE F 872 22.56 4.65 -22.92
N PRO F 873 21.45 5.23 -23.37
CA PRO F 873 21.52 6.50 -24.09
C PRO F 873 21.53 7.66 -23.11
N ASN F 874 22.08 8.78 -23.57
CA ASN F 874 22.28 10.01 -22.79
C ASN F 874 23.12 9.71 -21.54
N LEU F 875 24.36 9.33 -21.79
CA LEU F 875 25.21 8.83 -20.72
C LEU F 875 25.62 9.94 -19.76
N ASP F 876 25.92 11.13 -20.27
CA ASP F 876 26.28 12.25 -19.41
C ASP F 876 25.11 12.72 -18.53
N ILE F 877 23.88 12.44 -18.94
CA ILE F 877 22.73 12.72 -18.10
C ILE F 877 22.45 11.58 -17.14
N TRP F 878 22.64 10.33 -17.59
CA TRP F 878 22.59 9.14 -16.76
C TRP F 878 23.58 9.18 -15.60
N ILE F 879 24.76 9.75 -15.81
CA ILE F 879 25.79 9.84 -14.78
C ILE F 879 25.36 10.76 -13.65
N ASN F 880 24.76 11.91 -13.99
CA ASN F 880 24.33 12.86 -12.98
C ASN F 880 22.98 12.52 -12.38
N THR F 881 22.14 11.79 -13.09
CA THR F 881 20.79 11.53 -12.60
C THR F 881 20.73 10.26 -11.75
N ILE F 882 21.22 9.15 -12.29
CA ILE F 882 21.21 7.86 -11.59
C ILE F 882 22.20 7.91 -10.43
N PRO F 883 21.84 7.43 -9.24
CA PRO F 883 22.72 7.54 -8.06
C PRO F 883 24.01 6.75 -8.22
N GLU F 884 25.03 7.22 -7.52
CA GLU F 884 26.39 6.71 -7.68
C GLU F 884 26.51 5.24 -7.28
N ASN F 885 25.76 4.80 -6.27
CA ASN F 885 25.82 3.41 -5.88
C ASN F 885 25.15 2.51 -6.91
N VAL F 886 24.21 3.02 -7.70
CA VAL F 886 23.60 2.22 -8.76
C VAL F 886 24.59 2.00 -9.89
N ILE F 887 25.38 3.02 -10.20
CA ILE F 887 26.43 2.90 -11.21
C ILE F 887 27.52 1.96 -10.72
N LEU F 888 27.78 1.95 -9.41
CA LEU F 888 28.75 1.01 -8.87
C LEU F 888 28.20 -0.41 -8.79
N VAL F 889 26.89 -0.57 -8.57
CA VAL F 889 26.25 -1.88 -8.68
C VAL F 889 26.38 -2.42 -10.09
N LEU F 890 26.14 -1.59 -11.10
CA LEU F 890 26.27 -2.04 -12.48
C LEU F 890 27.72 -2.32 -12.85
N SER F 891 28.65 -1.54 -12.33
CA SER F 891 30.06 -1.80 -12.57
C SER F 891 30.51 -3.11 -11.94
N GLY F 892 29.96 -3.44 -10.77
CA GLY F 892 30.22 -4.74 -10.19
C GLY F 892 29.57 -5.87 -10.95
N LEU F 893 28.40 -5.61 -11.54
CA LEU F 893 27.76 -6.62 -12.36
C LEU F 893 28.51 -6.88 -13.65
N PHE F 894 29.24 -5.88 -14.15
CA PHE F 894 30.06 -6.10 -15.34
C PHE F 894 31.44 -6.62 -15.01
N ARG F 895 31.90 -6.45 -13.76
CA ARG F 895 33.15 -7.07 -13.33
C ARG F 895 33.00 -8.53 -12.99
N SER F 896 31.79 -8.96 -12.64
CA SER F 896 31.48 -10.34 -12.29
C SER F 896 31.02 -11.13 -13.48
N LEU F 897 31.55 -10.82 -14.64
CA LEU F 897 31.13 -11.38 -15.91
C LEU F 897 32.31 -12.09 -16.54
N GLN F 898 32.07 -13.27 -17.10
CA GLN F 898 33.10 -13.95 -17.86
C GLN F 898 33.39 -13.18 -19.14
N SER F 899 34.62 -13.31 -19.62
CA SER F 899 35.07 -12.62 -20.85
C SER F 899 34.62 -13.38 -22.11
N ASN F 900 33.73 -14.35 -21.97
CA ASN F 900 33.24 -15.09 -23.17
C ASN F 900 31.76 -14.77 -23.39
N GLU F 901 31.22 -13.82 -22.62
CA GLU F 901 29.77 -13.48 -22.72
C GLU F 901 29.54 -12.25 -23.60
N LYS F 902 28.68 -12.41 -24.60
CA LYS F 902 28.24 -11.40 -25.55
C LYS F 902 27.15 -10.54 -24.92
N ILE F 903 27.59 -9.66 -24.02
CA ILE F 903 26.77 -8.59 -23.48
C ILE F 903 27.51 -7.29 -23.81
N LEU F 904 27.12 -6.66 -24.90
CA LEU F 904 27.70 -5.39 -25.30
C LEU F 904 27.17 -4.30 -24.40
N LEU F 905 28.05 -3.48 -23.88
CA LEU F 905 27.65 -2.30 -23.12
C LEU F 905 27.78 -1.12 -24.07
N LEU F 906 26.65 -0.63 -24.55
CA LEU F 906 26.61 0.41 -25.56
C LEU F 906 26.11 1.70 -24.91
N CYS F 907 26.93 2.74 -24.95
CA CYS F 907 26.61 3.99 -24.31
C CYS F 907 26.80 5.15 -25.29
N LEU F 908 25.79 5.99 -25.41
CA LEU F 908 25.89 7.17 -26.27
C LEU F 908 25.88 8.41 -25.40
N ALA F 909 26.85 9.28 -25.61
CA ALA F 909 27.00 10.46 -24.77
C ALA F 909 27.07 11.71 -25.63
N GLU F 910 26.69 12.83 -25.02
CA GLU F 910 26.89 14.15 -25.61
C GLU F 910 27.87 14.89 -24.74
N ASN F 911 29.07 15.15 -25.28
CA ASN F 911 30.09 16.01 -24.66
C ASN F 911 30.55 15.48 -23.31
N LEU F 912 30.64 14.16 -23.19
CA LEU F 912 31.13 13.55 -21.97
C LEU F 912 32.62 13.77 -21.83
N ASP F 913 33.04 14.30 -20.69
CA ASP F 913 34.45 14.55 -20.44
C ASP F 913 35.21 13.23 -20.26
N ILE F 914 36.22 13.04 -21.11
CA ILE F 914 36.98 11.79 -21.20
C ILE F 914 37.76 11.50 -19.90
N SER F 915 37.94 12.50 -19.03
CA SER F 915 38.46 12.24 -17.70
C SER F 915 37.54 11.37 -16.86
N GLU F 916 36.22 11.46 -17.07
CA GLU F 916 35.29 10.70 -16.22
C GLU F 916 35.29 9.21 -16.58
N VAL F 917 35.74 8.85 -17.77
CA VAL F 917 35.84 7.44 -18.14
C VAL F 917 37.24 6.89 -17.97
N LYS F 918 38.23 7.75 -17.73
CA LYS F 918 39.59 7.29 -17.45
C LYS F 918 39.90 7.19 -15.97
N ASN F 919 39.38 8.13 -15.16
CA ASN F 919 39.64 8.11 -13.73
C ASN F 919 38.42 8.50 -12.90
N GLY F 920 37.22 8.47 -13.47
CA GLY F 920 36.03 8.86 -12.75
C GLY F 920 35.14 7.69 -12.41
N ILE F 921 33.82 7.89 -12.47
CA ILE F 921 32.91 6.81 -12.08
C ILE F 921 32.75 5.76 -13.18
N LEU F 922 32.93 6.13 -14.44
CA LEU F 922 32.92 5.14 -15.51
C LEU F 922 34.30 4.58 -15.80
N SER F 923 35.24 4.66 -14.86
CA SER F 923 36.56 4.12 -15.08
C SER F 923 36.60 2.63 -14.84
N ASP F 924 35.75 2.12 -13.96
CA ASP F 924 35.67 0.69 -13.75
C ASP F 924 34.76 0.01 -14.77
N PHE F 925 34.28 0.74 -15.77
CA PHE F 925 33.81 0.16 -17.02
C PHE F 925 34.92 0.22 -18.06
N ALA F 926 35.11 -0.88 -18.79
CA ALA F 926 36.22 -0.98 -19.73
C ALA F 926 35.91 -0.15 -20.97
N PHE F 927 36.20 1.13 -20.89
CA PHE F 927 36.07 2.06 -22.01
C PHE F 927 37.43 2.61 -22.41
N ASP F 928 38.43 1.73 -22.51
CA ASP F 928 39.81 2.18 -22.69
C ASP F 928 40.08 2.62 -24.14
N LYS F 929 39.98 1.70 -25.09
CA LYS F 929 40.22 2.01 -26.49
C LYS F 929 38.93 2.04 -27.29
N ASN F 930 37.79 2.00 -26.61
CA ASN F 930 36.50 1.84 -27.27
C ASN F 930 35.67 3.11 -27.23
N ILE F 931 36.30 4.26 -27.43
CA ILE F 931 35.58 5.51 -27.59
C ILE F 931 35.53 5.81 -29.08
N PHE F 932 34.33 5.80 -29.64
CA PHE F 932 34.08 6.32 -30.98
C PHE F 932 33.66 7.78 -30.83
N GLN F 933 34.25 8.65 -31.64
CA GLN F 933 33.87 10.05 -31.65
C GLN F 933 33.01 10.31 -32.89
N LEU F 934 31.79 10.76 -32.66
CA LEU F 934 30.95 11.28 -33.73
C LEU F 934 31.55 12.62 -34.14
N HIS F 935 31.95 12.73 -35.41
CA HIS F 935 32.42 14.00 -35.90
C HIS F 935 31.23 14.85 -36.32
N LYS F 936 31.44 16.15 -36.34
CA LYS F 936 30.50 17.01 -37.00
C LYS F 936 30.58 16.76 -38.50
N PRO F 937 29.45 16.69 -39.21
CA PRO F 937 29.46 16.30 -40.61
C PRO F 937 30.17 17.32 -41.50
N SER F 938 30.74 16.81 -42.59
CA SER F 938 31.68 17.52 -43.43
C SER F 938 30.97 18.25 -44.57
N LYS F 939 31.76 18.82 -45.49
CA LYS F 939 31.21 19.62 -46.57
C LYS F 939 30.51 18.77 -47.61
N GLU F 940 31.00 17.56 -47.88
CA GLU F 940 30.31 16.68 -48.81
C GLU F 940 28.98 16.23 -48.22
N ASN F 941 28.95 15.94 -46.93
CA ASN F 941 27.71 15.49 -46.29
C ASN F 941 26.69 16.62 -46.21
N ILE F 942 27.13 17.82 -45.87
CA ILE F 942 26.24 18.97 -45.80
C ILE F 942 25.73 19.36 -47.18
N THR F 943 26.60 19.29 -48.19
CA THR F 943 26.22 19.56 -49.57
C THR F 943 25.17 18.57 -50.07
N ARG F 944 25.38 17.28 -49.85
CA ARG F 944 24.37 16.29 -50.24
C ARG F 944 23.11 16.38 -49.39
N TYR F 945 23.22 16.89 -48.15
CA TYR F 945 22.05 17.13 -47.32
C TYR F 945 21.16 18.22 -47.91
N PHE F 946 21.76 19.31 -48.35
CA PHE F 946 20.98 20.43 -48.85
C PHE F 946 20.65 20.31 -50.34
N SER F 947 21.22 19.32 -51.04
CA SER F 947 20.85 19.11 -52.44
C SER F 947 19.39 18.69 -52.59
N ASN F 948 18.82 18.01 -51.59
CA ASN F 948 17.40 17.69 -51.64
C ASN F 948 16.54 18.94 -51.45
N LEU F 949 16.98 19.88 -50.62
CA LEU F 949 16.27 21.15 -50.45
C LEU F 949 16.27 21.93 -51.74
N ILE F 950 17.42 22.00 -52.41
CA ILE F 950 17.48 22.74 -53.66
C ILE F 950 16.75 21.99 -54.77
N GLU F 951 16.67 20.66 -54.69
CA GLU F 951 15.80 19.91 -55.59
C GLU F 951 14.32 20.21 -55.36
N LEU F 952 13.94 20.45 -54.10
CA LEU F 952 12.57 20.90 -53.82
C LEU F 952 12.30 22.30 -54.37
N LEU F 953 13.33 23.16 -54.37
CA LEU F 953 13.20 24.50 -54.91
C LEU F 953 12.86 24.48 -56.40
N LYS F 954 13.69 23.82 -57.22
CA LYS F 954 13.46 23.77 -58.66
C LYS F 954 12.47 22.65 -59.02
N THR F 955 11.27 22.77 -58.46
CA THR F 955 10.19 21.82 -58.69
C THR F 955 8.93 22.61 -58.97
N LYS F 956 8.34 22.39 -60.14
CA LYS F 956 7.35 23.29 -60.67
C LYS F 956 5.99 23.09 -59.98
N PRO F 957 5.19 24.14 -59.87
CA PRO F 957 3.85 24.00 -59.25
C PRO F 957 2.88 23.13 -60.05
N SER F 958 3.21 22.74 -61.28
CA SER F 958 2.50 21.70 -61.99
C SER F 958 3.07 20.31 -61.70
N ASP F 959 3.88 20.18 -60.65
CA ASP F 959 4.46 18.91 -60.27
C ASP F 959 4.37 18.65 -58.77
N ILE F 960 4.05 19.67 -57.97
CA ILE F 960 3.89 19.51 -56.54
C ILE F 960 2.47 19.05 -56.25
N PRO F 961 2.28 17.90 -55.61
CA PRO F 961 0.92 17.43 -55.33
C PRO F 961 0.26 18.25 -54.24
N MET F 962 -0.98 18.66 -54.48
CA MET F 962 -1.75 19.48 -53.56
C MET F 962 -3.23 19.23 -53.83
N LYS F 963 -4.08 20.02 -53.18
CA LYS F 963 -5.53 19.86 -53.23
C LYS F 963 -6.17 21.20 -53.60
N LYS F 964 -6.49 21.36 -54.87
CA LYS F 964 -7.31 22.47 -55.33
C LYS F 964 -8.75 21.97 -55.46
N ARG F 965 -9.67 22.91 -55.64
CA ARG F 965 -11.09 22.56 -55.69
C ARG F 965 -11.42 21.76 -56.93
N ARG F 966 -12.39 20.86 -56.79
CA ARG F 966 -12.89 20.07 -57.92
C ARG F 966 -13.74 20.98 -58.78
N VAL F 967 -13.11 21.60 -59.78
CA VAL F 967 -13.82 22.55 -60.63
C VAL F 967 -14.52 21.88 -61.81
N LYS F 968 -14.20 20.63 -62.08
CA LYS F 968 -14.80 19.83 -63.14
C LYS F 968 -15.91 18.95 -62.58
N PRO F 969 -16.94 18.66 -63.37
CA PRO F 969 -18.00 17.77 -62.89
C PRO F 969 -17.51 16.32 -62.79
N LEU F 970 -18.26 15.54 -62.04
CA LEU F 970 -17.92 14.14 -61.86
C LEU F 970 -18.44 13.36 -63.07
N PRO F 971 -17.84 12.20 -63.38
CA PRO F 971 -18.27 11.44 -64.57
C PRO F 971 -19.70 10.89 -64.53
N GLU F 972 -20.31 10.73 -63.35
CA GLU F 972 -21.74 10.36 -63.19
C GLU F 972 -22.06 9.02 -63.87
N LEU F 973 -21.51 7.96 -63.27
CA LEU F 973 -21.34 6.65 -63.91
C LEU F 973 -22.66 6.02 -64.34
N GLN F 974 -22.56 5.00 -65.20
CA GLN F 974 -23.73 4.36 -65.79
C GLN F 974 -24.44 3.45 -64.79
N LYS F 975 -25.76 3.47 -64.84
CA LYS F 975 -26.59 2.78 -63.85
C LYS F 975 -26.88 1.36 -64.29
N VAL F 976 -26.59 0.40 -63.42
CA VAL F 976 -26.92 -0.99 -63.68
C VAL F 976 -27.84 -1.51 -62.58
N ASP F 1354 4.07 23.09 -70.53
CA ASP F 1354 3.68 24.28 -71.28
C ASP F 1354 3.97 25.56 -70.50
N LYS F 1355 4.48 25.43 -69.28
CA LYS F 1355 4.84 26.60 -68.50
C LYS F 1355 6.13 26.32 -67.76
N GLU F 1356 7.04 27.28 -67.77
CA GLU F 1356 8.37 27.05 -67.23
C GLU F 1356 8.55 27.73 -65.88
N LEU F 1357 9.24 27.02 -64.99
CA LEU F 1357 9.77 27.61 -63.77
C LEU F 1357 10.86 28.60 -64.15
N ILE F 1358 10.69 29.85 -63.72
CA ILE F 1358 11.68 30.88 -64.02
C ILE F 1358 12.69 30.89 -62.88
N LEU F 1359 13.78 30.13 -63.05
CA LEU F 1359 14.78 29.98 -61.99
C LEU F 1359 16.10 29.62 -62.65
N THR F 1360 17.01 30.57 -62.68
CA THR F 1360 18.28 30.47 -63.36
C THR F 1360 19.25 29.59 -62.56
N PRO F 1361 20.19 28.92 -63.24
CA PRO F 1361 21.19 28.10 -62.50
C PRO F 1361 22.17 28.92 -61.69
N GLU F 1362 22.34 30.20 -61.98
CA GLU F 1362 23.24 31.02 -61.17
C GLU F 1362 22.62 31.29 -59.79
N GLN F 1363 21.30 31.34 -59.72
CA GLN F 1363 20.62 31.48 -58.43
C GLN F 1363 20.76 30.23 -57.59
N ILE F 1364 20.64 29.06 -58.23
CA ILE F 1364 20.83 27.76 -57.59
C ILE F 1364 22.25 27.62 -57.07
N LYS F 1365 23.24 27.99 -57.88
CA LYS F 1365 24.63 27.93 -57.47
C LYS F 1365 24.93 28.88 -56.32
N LYS F 1366 24.35 30.08 -56.36
CA LYS F 1366 24.58 31.05 -55.32
C LYS F 1366 23.94 30.63 -54.00
N VAL F 1367 22.73 30.08 -54.06
CA VAL F 1367 22.06 29.68 -52.83
C VAL F 1367 22.70 28.41 -52.26
N SER F 1368 23.30 27.57 -53.11
CA SER F 1368 24.07 26.45 -52.62
C SER F 1368 25.33 26.92 -51.89
N ALA F 1369 26.04 27.88 -52.48
CA ALA F 1369 27.22 28.45 -51.84
C ALA F 1369 26.88 29.15 -50.54
N CYS F 1370 25.72 29.80 -50.45
CA CYS F 1370 25.35 30.49 -49.22
C CYS F 1370 24.91 29.51 -48.14
N LEU F 1371 24.21 28.44 -48.51
CA LEU F 1371 23.89 27.39 -47.55
C LEU F 1371 25.13 26.69 -47.03
N ILE F 1372 26.12 26.46 -47.87
CA ILE F 1372 27.35 25.83 -47.39
C ILE F 1372 28.14 26.78 -46.50
N GLU F 1373 28.19 28.06 -46.85
CA GLU F 1373 28.99 29.00 -46.07
C GLU F 1373 28.33 29.36 -44.75
N HIS F 1374 27.00 29.26 -44.66
CA HIS F 1374 26.34 29.58 -43.39
C HIS F 1374 26.51 28.47 -42.36
N CYS F 1375 26.33 27.22 -42.78
CA CYS F 1375 26.37 26.09 -41.86
C CYS F 1375 27.79 25.54 -41.78
N GLN F 1376 28.65 26.34 -41.19
CA GLN F 1376 30.06 25.99 -41.02
C GLN F 1376 30.27 25.45 -39.61
N ASN F 1377 30.81 24.22 -39.53
CA ASN F 1377 31.02 23.46 -38.29
C ASN F 1377 29.74 23.35 -37.48
N PHE F 1378 28.66 23.04 -38.18
CA PHE F 1378 27.37 22.83 -37.55
C PHE F 1378 27.25 21.34 -37.21
N THR F 1379 26.60 21.07 -36.08
CA THR F 1379 26.23 19.71 -35.72
C THR F 1379 24.96 19.35 -36.47
N VAL F 1380 24.45 18.14 -36.24
CA VAL F 1380 23.33 17.63 -37.01
C VAL F 1380 22.04 18.37 -36.65
N SER F 1381 21.90 18.78 -35.40
CA SER F 1381 20.68 19.45 -34.97
C SER F 1381 20.60 20.87 -35.52
N GLN F 1382 21.69 21.61 -35.47
CA GLN F 1382 21.64 22.95 -36.03
C GLN F 1382 21.74 22.98 -37.55
N LEU F 1383 22.08 21.86 -38.19
CA LEU F 1383 21.86 21.72 -39.62
C LEU F 1383 20.40 21.42 -39.94
N GLU F 1384 19.76 20.60 -39.10
CA GLU F 1384 18.33 20.34 -39.27
C GLU F 1384 17.50 21.59 -39.04
N ASP F 1385 17.95 22.49 -38.17
CA ASP F 1385 17.26 23.75 -37.96
C ASP F 1385 17.29 24.63 -39.21
N VAL F 1386 18.47 24.80 -39.81
CA VAL F 1386 18.62 25.58 -41.04
C VAL F 1386 17.80 24.95 -42.16
N HIS F 1387 17.80 23.62 -42.22
CA HIS F 1387 17.00 22.91 -43.21
C HIS F 1387 15.52 23.14 -43.00
N SER F 1388 15.06 23.15 -41.75
CA SER F 1388 13.64 23.33 -41.48
C SER F 1388 13.19 24.74 -41.82
N SER F 1389 14.04 25.73 -41.52
CA SER F 1389 13.72 27.12 -41.82
C SER F 1389 13.68 27.38 -43.33
N VAL F 1390 14.66 26.86 -44.06
CA VAL F 1390 14.68 27.07 -45.50
C VAL F 1390 13.59 26.25 -46.19
N ALA F 1391 13.24 25.08 -45.64
CA ALA F 1391 12.11 24.34 -46.20
C ALA F 1391 10.79 25.05 -45.95
N LYS F 1392 10.68 25.75 -44.82
CA LYS F 1392 9.51 26.58 -44.56
C LYS F 1392 9.40 27.70 -45.58
N ILE F 1393 10.52 28.37 -45.85
CA ILE F 1393 10.56 29.45 -46.83
C ILE F 1393 10.19 28.95 -48.22
N ILE F 1394 10.79 27.83 -48.65
CA ILE F 1394 10.52 27.26 -49.97
C ILE F 1394 9.07 26.80 -50.09
N TRP F 1395 8.53 26.19 -49.05
CA TRP F 1395 7.15 25.73 -49.10
C TRP F 1395 6.16 26.87 -48.98
N LYS F 1396 6.57 28.04 -48.50
CA LYS F 1396 5.65 29.16 -48.44
C LYS F 1396 5.34 29.69 -49.82
N SER F 1397 6.35 29.82 -50.68
CA SER F 1397 6.14 30.19 -52.07
C SER F 1397 6.10 28.94 -52.96
N LYS F 1398 5.20 28.03 -52.59
CA LYS F 1398 5.07 26.76 -53.27
C LYS F 1398 4.50 26.91 -54.67
N SER F 1399 3.46 27.74 -54.81
CA SER F 1399 2.73 27.86 -56.06
C SER F 1399 3.29 28.93 -56.99
N ALA F 1400 4.36 29.61 -56.61
CA ALA F 1400 4.93 30.65 -57.46
C ALA F 1400 5.68 30.03 -58.63
N TRP F 1401 5.58 30.66 -59.79
CA TRP F 1401 6.29 30.18 -60.97
C TRP F 1401 7.61 30.91 -61.17
N ASP F 1402 7.78 32.04 -60.50
CA ASP F 1402 9.03 32.81 -60.57
C ASP F 1402 9.67 32.80 -59.19
N LYS F 1403 10.59 31.86 -58.96
CA LYS F 1403 11.20 31.69 -57.65
C LYS F 1403 12.42 32.59 -57.52
N THR F 1404 12.16 33.89 -57.56
CA THR F 1404 13.14 34.93 -57.25
C THR F 1404 12.91 35.53 -55.88
N GLY F 1405 11.64 35.75 -55.50
CA GLY F 1405 11.32 36.09 -54.13
C GLY F 1405 11.46 34.95 -53.16
N THR F 1406 11.67 33.73 -53.65
CA THR F 1406 12.09 32.63 -52.79
C THR F 1406 13.58 32.71 -52.50
N VAL F 1407 14.39 32.86 -53.55
CA VAL F 1407 15.84 32.88 -53.39
C VAL F 1407 16.28 34.13 -52.63
N ASP F 1408 15.55 35.24 -52.80
CA ASP F 1408 15.87 36.44 -52.04
C ASP F 1408 15.55 36.26 -50.56
N GLU F 1409 14.43 35.57 -50.26
CA GLU F 1409 14.10 35.23 -48.87
C GLU F 1409 15.14 34.29 -48.25
N ILE F 1410 15.67 33.36 -49.05
CA ILE F 1410 16.59 32.37 -48.49
C ILE F 1410 17.95 33.00 -48.24
N ILE F 1411 18.46 33.77 -49.20
CA ILE F 1411 19.74 34.45 -49.03
C ILE F 1411 19.66 35.48 -47.91
N LYS F 1412 18.50 36.14 -47.77
CA LYS F 1412 18.31 37.08 -46.66
C LYS F 1412 18.22 36.35 -45.32
N PHE F 1413 17.66 35.14 -45.30
CA PHE F 1413 17.54 34.41 -44.03
C PHE F 1413 18.89 34.01 -43.48
N LEU F 1414 19.78 33.52 -44.34
CA LEU F 1414 21.08 33.02 -43.91
C LEU F 1414 22.06 34.16 -43.62
N SER F 1415 21.64 35.09 -42.77
CA SER F 1415 22.39 36.29 -42.42
C SER F 1415 21.91 36.80 -41.07
N LYS G 10 -10.02 -8.01 -1.70
CA LYS G 10 -11.31 -8.06 -2.39
C LYS G 10 -12.06 -9.35 -2.08
N SER G 11 -13.21 -9.20 -1.43
CA SER G 11 -14.00 -10.36 -1.04
C SER G 11 -15.45 -9.97 -1.08
N THR G 12 -16.20 -10.49 -2.05
CA THR G 12 -17.62 -10.20 -2.15
C THR G 12 -18.30 -11.46 -2.70
N GLY G 13 -19.57 -11.63 -2.36
CA GLY G 13 -20.23 -12.89 -2.61
C GLY G 13 -21.19 -12.89 -3.77
N GLY G 14 -21.81 -14.03 -3.97
CA GLY G 14 -22.48 -14.29 -5.21
C GLY G 14 -23.94 -14.64 -5.09
N LYS G 15 -24.56 -14.69 -6.26
CA LYS G 15 -25.96 -15.03 -6.38
C LYS G 15 -26.20 -16.49 -6.01
N ALA G 16 -27.34 -16.75 -5.37
CA ALA G 16 -27.79 -18.12 -5.15
C ALA G 16 -27.96 -18.80 -6.50
N PRO G 17 -27.37 -19.99 -6.70
CA PRO G 17 -27.00 -20.43 -8.05
C PRO G 17 -28.21 -20.66 -8.94
N ARG G 18 -27.96 -20.62 -10.26
CA ARG G 18 -28.98 -20.79 -11.35
C ARG G 18 -29.93 -21.96 -11.03
N LYS G 19 -31.24 -21.70 -11.13
CA LYS G 19 -32.32 -22.66 -10.77
C LYS G 19 -32.37 -23.91 -11.67
N GLN G 20 -31.88 -23.82 -12.92
CA GLN G 20 -31.90 -24.98 -13.86
C GLN G 20 -33.33 -25.55 -13.93
N LEU G 21 -34.26 -24.76 -14.45
CA LEU G 21 -35.68 -25.13 -14.51
C LEU G 21 -35.87 -26.49 -15.17
N ALA G 22 -35.27 -26.68 -16.36
CA ALA G 22 -35.05 -27.99 -17.02
C ALA G 22 -36.32 -28.81 -17.25
N SER G 23 -37.50 -28.17 -17.18
CA SER G 23 -38.75 -28.88 -17.40
C SER G 23 -39.25 -28.77 -18.83
N LYS G 24 -38.89 -27.70 -19.52
CA LYS G 24 -39.21 -27.54 -20.93
C LYS G 24 -37.90 -27.46 -21.71
PB ADP H . 11.77 -27.98 -9.58
O1B ADP H . 10.65 -27.17 -10.17
O2B ADP H . 11.34 -28.92 -8.51
O3B ADP H . 12.97 -27.16 -9.18
PA ADP H . 11.45 -30.08 -11.46
O1A ADP H . 10.23 -29.43 -12.03
O2A ADP H . 11.31 -31.20 -10.48
O3A ADP H . 12.32 -28.92 -10.77
O5' ADP H . 12.33 -30.65 -12.67
C5' ADP H . 11.67 -31.07 -13.87
C4' ADP H . 12.17 -32.40 -14.45
O4' ADP H . 13.59 -32.41 -14.58
C3' ADP H . 11.83 -33.60 -13.59
O3' ADP H . 10.59 -34.20 -13.99
C2' ADP H . 12.98 -34.55 -13.81
O2' ADP H . 12.70 -35.48 -14.87
C1' ADP H . 14.13 -33.68 -14.26
N9 ADP H . 15.03 -33.50 -13.10
C8 ADP H . 15.22 -32.35 -12.45
N7 ADP H . 16.09 -32.50 -11.44
C5 ADP H . 16.47 -33.78 -11.41
C6 ADP H . 17.36 -34.61 -10.58
N6 ADP H . 18.05 -34.08 -9.56
N1 ADP H . 17.47 -35.91 -10.90
C2 ADP H . 16.79 -36.45 -11.92
N3 ADP H . 15.97 -35.76 -12.71
C4 ADP H . 15.76 -34.44 -12.51
PG AGS I . 0.65 -24.06 18.46
S1G AGS I . 0.45 -25.79 17.58
O2G AGS I . -0.62 -23.23 18.14
O3G AGS I . 1.92 -23.32 17.96
PB AGS I . 2.16 -24.71 20.63
O1B AGS I . 3.23 -23.76 20.30
O2B AGS I . 1.91 -24.76 22.12
O3B AGS I . 0.79 -24.24 19.99
PA AGS I . 2.33 -27.44 21.06
O1A AGS I . 3.23 -27.40 22.16
O2A AGS I . 0.85 -27.58 21.38
O3A AGS I . 2.50 -26.17 20.14
O5' AGS I . 2.79 -28.71 20.25
C5' AGS I . 4.10 -29.25 20.52
C4' AGS I . 4.03 -30.62 21.14
O4' AGS I . 5.16 -30.79 22.02
C3' AGS I . 2.79 -30.93 21.97
O3' AGS I . 1.83 -31.57 21.15
C2' AGS I . 3.32 -31.88 23.04
O2' AGS I . 3.25 -33.23 22.60
C1' AGS I . 4.76 -31.38 23.23
N9 AGS I . 4.89 -30.39 24.28
C8 AGS I . 5.03 -29.03 24.11
N7 AGS I . 5.12 -28.37 25.23
C5 AGS I . 5.02 -29.34 26.21
C6 AGS I . 5.04 -29.28 27.61
N6 AGS I . 5.17 -28.14 28.29
N1 AGS I . 4.91 -30.43 28.29
C2 AGS I . 4.79 -31.57 27.61
N3 AGS I . 4.76 -31.76 26.29
C4 AGS I . 4.88 -30.59 25.64
PG AGS J . -17.36 -3.32 25.07
S1G AGS J . -15.84 -4.50 25.08
O2G AGS J . -18.64 -4.07 24.62
O3G AGS J . -17.05 -2.16 24.10
PB AGS J . -19.04 -2.71 27.11
O1B AGS J . -20.05 -3.33 26.26
O2B AGS J . -19.30 -1.22 27.19
O3B AGS J . -17.62 -2.73 26.48
PA AGS J . -20.16 -4.07 29.24
O1A AGS J . -21.33 -3.28 29.22
O2A AGS J . -20.30 -5.42 28.55
O3A AGS J . -18.97 -3.30 28.57
O5' AGS J . -19.74 -4.29 30.73
C5' AGS J . -18.98 -5.42 31.17
C4' AGS J . -19.46 -5.83 32.55
O4' AGS J . -18.81 -5.00 33.53
C3' AGS J . -20.96 -5.67 32.80
O3' AGS J . -21.67 -6.86 32.48
C2' AGS J . -21.01 -5.41 34.31
O2' AGS J . -20.98 -6.60 35.05
C1' AGS J . -19.72 -4.61 34.53
N9 AGS J . -19.89 -3.18 34.47
C8 AGS J . -19.43 -2.35 33.48
N7 AGS J . -19.72 -1.09 33.67
C5 AGS J . -20.44 -1.08 34.84
C6 AGS J . -21.04 -0.05 35.58
N6 AGS J . -21.01 1.23 35.22
N1 AGS J . -21.69 -0.39 36.71
C2 AGS J . -21.72 -1.67 37.09
N3 AGS J . -21.18 -2.73 36.47
C4 AGS J . -20.56 -2.37 35.35
MG MG K . -20.47 -5.04 25.15
PG AGS L . -29.20 13.16 4.92
S1G AGS L . -28.67 12.15 6.51
O2G AGS L . -28.00 13.25 3.95
O3G AGS L . -30.36 12.40 4.27
PB AGS L . -31.07 15.16 4.63
O1B AGS L . -31.86 14.14 3.92
O2B AGS L . -30.64 16.30 3.72
O3B AGS L . -29.71 14.58 5.21
PA AGS L . -33.41 15.99 5.92
O1A AGS L . -34.01 16.57 4.77
O2A AGS L . -34.02 14.63 6.24
O3A AGS L . -31.86 15.84 5.80
O5' AGS L . -33.60 16.99 7.08
C5' AGS L . -33.54 16.61 8.46
C4' AGS L . -34.57 17.42 9.23
O4' AGS L . -34.03 18.71 9.57
C3' AGS L . -35.86 17.71 8.48
O3' AGS L . -36.77 16.64 8.70
C2' AGS L . -36.33 18.99 9.15
O2' AGS L . -36.98 18.73 10.38
C1' AGS L . -35.02 19.71 9.41
N9 AGS L . -34.58 20.59 8.35
C8 AGS L . -33.55 20.36 7.50
N7 AGS L . -33.36 21.31 6.61
C5 AGS L . -34.34 22.23 6.91
C6 AGS L . -34.68 23.48 6.34
N6 AGS L . -34.03 24.01 5.31
N1 AGS L . -35.72 24.15 6.88
C2 AGS L . -36.37 23.61 7.91
N3 AGS L . -36.13 22.46 8.53
C4 AGS L . -35.10 21.81 7.98
MG MG M . -31.74 12.38 2.82
PG AGS N . -23.78 8.68 -22.92
S1G AGS N . -24.17 9.79 -21.39
O2G AGS N . -25.00 7.78 -23.18
O3G AGS N . -22.53 7.82 -22.64
PB AGS N . -24.44 9.69 -25.37
O1B AGS N . -25.11 8.41 -25.60
O2B AGS N . -23.48 10.14 -26.46
O3B AGS N . -23.48 9.57 -24.15
PA AGS N . -26.42 11.28 -26.37
O1A AGS N . -25.75 11.03 -27.61
O2A AGS N . -27.74 10.52 -26.19
O3A AGS N . -25.47 10.87 -25.20
O5' AGS N . -26.65 12.82 -26.27
C5' AGS N . -27.78 13.37 -25.59
C4' AGS N . -28.37 14.49 -26.42
O4' AGS N . -27.37 15.50 -26.66
C3' AGS N . -28.83 14.07 -27.81
O3' AGS N . -30.13 13.51 -27.79
C2' AGS N . -28.78 15.40 -28.57
O2' AGS N . -29.96 16.15 -28.37
C1' AGS N . -27.56 16.08 -27.94
N9 AGS N . -26.33 15.92 -28.70
C8 AGS N . -25.21 15.25 -28.30
N7 AGS N . -24.24 15.25 -29.18
C5 AGS N . -24.76 15.97 -30.24
C6 AGS N . -24.23 16.33 -31.48
N6 AGS N . -23.01 16.01 -31.90
N1 AGS N . -25.02 17.06 -32.31
C2 AGS N . -26.25 17.38 -31.91
N3 AGS N . -26.85 17.11 -30.75
C4 AGS N . -26.05 16.40 -29.96
MG MG O . -26.30 6.80 -24.38
PG AGS P . -8.19 -14.53 -29.90
S1G AGS P . -9.24 -12.92 -29.68
O2G AGS P . -7.55 -14.89 -28.53
O3G AGS P . -9.11 -15.68 -30.38
PB AGS P . -6.53 -15.37 -31.93
O1B AGS P . -7.47 -16.49 -31.96
O2B AGS P . -5.12 -15.74 -31.46
O3B AGS P . -7.04 -14.28 -30.92
PA AGS P . -6.56 -15.46 -34.67
O1A AGS P . -5.68 -16.59 -34.80
O2A AGS P . -8.06 -15.76 -34.75
O3A AGS P . -6.31 -14.70 -33.33
O5' AGS P . -6.15 -14.46 -35.75
C5' AGS P . -7.10 -13.49 -36.19
C4' AGS P . -6.81 -13.16 -37.63
O4' AGS P . -5.61 -12.38 -37.69
C3' AGS P . -6.54 -14.39 -38.50
O3' AGS P . -7.77 -14.88 -38.98
C2' AGS P . -5.66 -13.80 -39.60
O2' AGS P . -6.46 -13.22 -40.61
C1' AGS P . -4.87 -12.72 -38.86
N9 AGS P . -3.54 -13.09 -38.43
C8 AGS P . -3.10 -13.22 -37.14
N7 AGS P . -1.84 -13.56 -37.03
C5 AGS P . -1.42 -13.66 -38.34
C6 AGS P . -0.17 -13.99 -38.91
N6 AGS P . 0.92 -14.29 -38.19
N1 AGS P . -0.08 -13.99 -40.26
C2 AGS P . -1.16 -13.69 -40.97
N3 AGS P . -2.38 -13.37 -40.55
C4 AGS P . -2.44 -13.35 -39.22
MG MG Q . -8.88 -17.75 -30.94
#